data_8RPH
#
_entry.id   8RPH
#
_cell.length_a   173.326
_cell.length_b   118.189
_cell.length_c   201.166
_cell.angle_alpha   90.000
_cell.angle_beta   97.060
_cell.angle_gamma   90.000
#
_symmetry.space_group_name_H-M   'C 1 2 1'
#
loop_
_entity.id
_entity.type
_entity.pdbx_description
1 polymer 'Thiamine pyrophosphate-binding protein'
2 non-polymer 'FLAVIN-ADENINE DINUCLEOTIDE'
3 non-polymer 'MAGNESIUM ION'
4 non-polymer '(2~{S})-2-[3-[(4-azanyl-2-methyl-pyrimidin-5-yl)methyl]-4-methyl-5-[2-[oxidanyl(phosphonooxy)phosphoryl]oxyethyl]-1,3-thiazol-2-yl]-2-oxidanyl-butanoic acid'
5 non-polymer 'TRIETHYLENE GLYCOL'
6 water water
#
_entity_poly.entity_id   1
_entity_poly.type   'polypeptide(L)'
_entity_poly.pdbx_seq_one_letter_code
;MMQDNKVKVAELVAEALENLGIQHAFGIIGAGNVHLFEAIARRGYTEIVCVHHEQAACMAVQTYYRTNGRIAAALLTTGA
GSTNGVTGVVSAWADSIPCIVIAGNENSKFTFPENPLRMWGVQGYDSCQMVERVSKYQMRVTKMERAVYELEKGVHLALE
GRPGPTWIEIPMDIQSGRIDPATLEHYVAPPAPDYLTPAVAAQVDSVLAALAKAERPVLWLGNGIRLAGGERLLKPLLEK
LGSPALVSWAGIDMLDSSHPLVFGRAGVYGQRAANFILQNSDYVLAIGTRLAIPQIGYDLNELARLARIDVVDIDGDEAI
KHAKRTQENIVCDARVFIEALLARLNAADAPAIASKADWVAKCRAYEEQFPWVGAEHADPEGFINSYRFMERLNGFFKDD
QVVVTDMGTALLSGHQVLRFKEGQRFMTSTGLGEMGYGLPAALGVSFANDRGEVMCLNCDGGMMMNLQELQTMVHHNLPI
KLFIFNNDGYLMIKHTQKSLFKSDYVGTDRKSGVSCPDFSRLAAAFDIPAYQIRGWDECDATLAKVQAHTGPVICEVFMH
PQQLFSPKLGVVSRADGTLVSPPLEDLSPLIPRDVLEQAMIGGMHEKSKTLLEHHHHHH
;
_entity_poly.pdbx_strand_id   A,B,C,D,E,F
#
loop_
_chem_comp.id
_chem_comp.type
_chem_comp.name
_chem_comp.formula
A1H2A non-polymer '(2~{S})-2-[3-[(4-azanyl-2-methyl-pyrimidin-5-yl)methyl]-4-methyl-5-[2-[oxidanyl(phosphonooxy)phosphoryl]oxyethyl]-1,3-thiazol-2-yl]-2-oxidanyl-butanoic acid' 'C16 H25 N4 O10 P2 S 1'
FAD non-polymer 'FLAVIN-ADENINE DINUCLEOTIDE' 'C27 H33 N9 O15 P2'
MG non-polymer 'MAGNESIUM ION' 'Mg 2'
PGE non-polymer 'TRIETHYLENE GLYCOL' 'C6 H14 O4'
#
# COMPACT_ATOMS: atom_id res chain seq x y z
N ASP A 4 -12.25 -26.34 40.63
CA ASP A 4 -11.68 -25.36 39.71
C ASP A 4 -10.16 -25.50 39.66
N ASN A 5 -9.66 -26.09 38.56
CA ASN A 5 -8.25 -26.39 38.41
C ASN A 5 -7.50 -25.31 37.63
N LYS A 6 -8.05 -24.11 37.54
CA LYS A 6 -7.45 -23.04 36.77
C LYS A 6 -6.43 -22.27 37.61
N VAL A 7 -5.39 -21.78 36.93
CA VAL A 7 -4.32 -21.02 37.57
C VAL A 7 -4.17 -19.69 36.84
N LYS A 8 -3.83 -18.66 37.60
CA LYS A 8 -3.59 -17.35 37.01
C LYS A 8 -2.42 -17.42 36.04
N VAL A 9 -2.54 -16.70 34.92
CA VAL A 9 -1.48 -16.73 33.92
C VAL A 9 -0.18 -16.18 34.49
N ALA A 10 -0.26 -15.06 35.23
CA ALA A 10 0.93 -14.48 35.81
C ALA A 10 1.68 -15.49 36.67
N GLU A 11 0.94 -16.31 37.43
CA GLU A 11 1.59 -17.31 38.27
C GLU A 11 2.28 -18.39 37.43
N LEU A 12 1.72 -18.72 36.26
CA LEU A 12 2.39 -19.65 35.37
C LEU A 12 3.65 -19.03 34.77
N VAL A 13 3.60 -17.72 34.48
CA VAL A 13 4.79 -17.02 34.03
C VAL A 13 5.88 -17.10 35.10
N ALA A 14 5.51 -16.85 36.35
CA ALA A 14 6.48 -16.95 37.44
C ALA A 14 7.09 -18.35 37.51
N GLU A 15 6.24 -19.38 37.36
CA GLU A 15 6.74 -20.74 37.32
C GLU A 15 7.68 -20.94 36.13
N ALA A 16 7.31 -20.39 34.97
CA ALA A 16 8.14 -20.54 33.78
C ALA A 16 9.51 -19.89 33.96
N LEU A 17 9.55 -18.74 34.65
CA LEU A 17 10.83 -18.08 34.87
C LEU A 17 11.76 -18.96 35.70
N GLU A 18 11.20 -19.70 36.67
CA GLU A 18 12.03 -20.59 37.48
C GLU A 18 12.57 -21.76 36.65
N ASN A 19 11.72 -22.35 35.80
CA ASN A 19 12.18 -23.44 34.95
C ASN A 19 13.22 -22.94 33.93
N LEU A 20 13.14 -21.68 33.53
CA LEU A 20 14.11 -21.12 32.60
C LEU A 20 15.40 -20.69 33.28
N GLY A 21 15.45 -20.71 34.61
CA GLY A 21 16.66 -20.36 35.33
C GLY A 21 16.85 -18.89 35.61
N ILE A 22 15.86 -18.06 35.29
CA ILE A 22 15.95 -16.62 35.50
C ILE A 22 15.76 -16.35 36.99
N GLN A 23 16.84 -15.94 37.66
CA GLN A 23 16.82 -15.73 39.10
C GLN A 23 16.76 -14.26 39.50
N HIS A 24 16.91 -13.34 38.55
CA HIS A 24 16.84 -11.91 38.84
C HIS A 24 16.07 -11.19 37.75
N ALA A 25 15.30 -10.19 38.16
CA ALA A 25 14.51 -9.38 37.24
C ALA A 25 14.59 -7.92 37.67
N PHE A 26 15.01 -7.05 36.76
CA PHE A 26 15.10 -5.62 37.02
C PHE A 26 13.93 -4.90 36.38
N GLY A 27 13.44 -3.85 37.03
CA GLY A 27 12.39 -3.07 36.43
C GLY A 27 11.73 -2.14 37.43
N ILE A 28 10.58 -1.62 36.99
CA ILE A 28 9.74 -0.74 37.79
C ILE A 28 8.31 -1.24 37.71
N ILE A 29 7.58 -1.09 38.81
CA ILE A 29 6.21 -1.60 38.88
C ILE A 29 5.26 -0.59 38.25
N GLY A 30 4.12 -1.10 37.79
CA GLY A 30 3.08 -0.28 37.22
C GLY A 30 1.83 -1.12 37.00
N ALA A 31 0.72 -0.43 36.75
CA ALA A 31 -0.52 -1.14 36.47
C ALA A 31 -0.35 -2.17 35.38
N GLY A 32 0.55 -1.93 34.43
CA GLY A 32 0.74 -2.84 33.31
C GLY A 32 1.40 -4.15 33.66
N ASN A 33 2.15 -4.21 34.77
CA ASN A 33 2.81 -5.44 35.19
C ASN A 33 2.62 -5.72 36.67
N VAL A 34 1.65 -5.07 37.32
CA VAL A 34 1.43 -5.29 38.75
C VAL A 34 1.15 -6.77 39.01
N HIS A 35 0.42 -7.42 38.11
CA HIS A 35 0.12 -8.83 38.28
C HIS A 35 1.37 -9.69 38.20
N LEU A 36 2.33 -9.29 37.36
CA LEU A 36 3.58 -10.05 37.25
C LEU A 36 4.51 -9.78 38.42
N PHE A 37 4.51 -8.56 38.94
CA PHE A 37 5.27 -8.28 40.15
C PHE A 37 4.77 -9.13 41.31
N GLU A 38 3.44 -9.22 41.46
CA GLU A 38 2.86 -9.98 42.56
C GLU A 38 3.19 -11.46 42.43
N ALA A 39 2.96 -12.03 41.25
CA ALA A 39 3.13 -13.48 41.07
C ALA A 39 4.59 -13.90 41.24
N ILE A 40 5.53 -13.07 40.77
CA ILE A 40 6.94 -13.41 40.89
C ILE A 40 7.40 -13.27 42.32
N ALA A 41 6.95 -12.23 43.02
CA ALA A 41 7.34 -12.03 44.40
C ALA A 41 6.84 -13.17 45.28
N ARG A 42 5.56 -13.52 45.13
CA ARG A 42 4.98 -14.56 45.98
C ARG A 42 5.65 -15.91 45.74
N ARG A 43 6.14 -16.17 44.52
CA ARG A 43 6.79 -17.45 44.27
C ARG A 43 8.14 -17.54 44.97
N GLY A 44 8.87 -16.43 45.06
CA GLY A 44 10.08 -16.38 45.84
C GLY A 44 11.31 -17.00 45.20
N TYR A 45 11.28 -17.27 43.89
CA TYR A 45 12.45 -17.78 43.19
C TYR A 45 13.23 -16.70 42.46
N THR A 46 12.53 -15.79 41.78
CA THR A 46 13.18 -14.70 41.06
C THR A 46 13.15 -13.45 41.94
N GLU A 47 14.33 -12.92 42.23
CA GLU A 47 14.42 -11.66 42.97
C GLU A 47 14.16 -10.49 42.02
N ILE A 48 13.27 -9.60 42.41
CA ILE A 48 12.96 -8.41 41.63
C ILE A 48 13.77 -7.25 42.19
N VAL A 49 14.59 -6.64 41.33
CA VAL A 49 15.43 -5.50 41.71
C VAL A 49 14.76 -4.26 41.16
N CYS A 50 14.26 -3.41 42.05
CA CYS A 50 13.56 -2.20 41.65
C CYS A 50 14.57 -1.09 41.36
N VAL A 51 14.56 -0.60 40.12
CA VAL A 51 15.40 0.50 39.72
C VAL A 51 14.55 1.77 39.66
N HIS A 52 15.20 2.92 39.48
CA HIS A 52 14.51 4.20 39.44
C HIS A 52 14.40 4.77 38.03
N HIS A 53 14.82 4.02 37.02
CA HIS A 53 14.58 4.39 35.63
C HIS A 53 14.71 3.14 34.79
N GLU A 54 13.66 2.83 34.01
CA GLU A 54 13.63 1.55 33.30
C GLU A 54 14.88 1.35 32.46
N GLN A 55 15.50 2.43 32.00
CA GLN A 55 16.73 2.31 31.21
C GLN A 55 17.77 1.49 31.97
N ALA A 56 17.95 1.78 33.27
CA ALA A 56 18.94 1.06 34.05
C ALA A 56 18.62 -0.42 34.13
N ALA A 57 17.33 -0.79 34.05
CA ALA A 57 16.95 -2.19 34.11
C ALA A 57 17.39 -2.93 32.87
N CYS A 58 17.19 -2.34 31.69
CA CYS A 58 17.58 -2.99 30.44
C CYS A 58 19.09 -2.97 30.23
N MET A 59 19.82 -2.18 31.01
CA MET A 59 21.28 -2.20 30.97
C MET A 59 21.86 -3.24 31.93
N ALA A 60 21.30 -3.34 33.14
CA ALA A 60 21.86 -4.25 34.14
C ALA A 60 21.76 -5.71 33.70
N VAL A 61 20.69 -6.06 33.00
CA VAL A 61 20.52 -7.45 32.57
C VAL A 61 21.64 -7.88 31.64
N GLN A 62 22.31 -6.93 30.98
CA GLN A 62 23.41 -7.26 30.08
C GLN A 62 24.62 -7.76 30.87
N THR A 63 25.21 -6.89 31.69
CA THR A 63 26.37 -7.30 32.48
C THR A 63 26.02 -8.45 33.42
N TYR A 64 24.76 -8.52 33.86
CA TYR A 64 24.33 -9.66 34.67
C TYR A 64 24.62 -10.97 33.94
N TYR A 65 24.25 -11.05 32.65
CA TYR A 65 24.53 -12.26 31.90
C TYR A 65 26.02 -12.44 31.64
N ARG A 66 26.71 -11.35 31.30
CA ARG A 66 28.14 -11.45 31.02
C ARG A 66 28.95 -11.89 32.21
N THR A 67 28.38 -11.82 33.42
CA THR A 67 29.15 -12.17 34.62
C THR A 67 29.29 -13.68 34.75
N ASN A 68 28.18 -14.41 34.84
CA ASN A 68 28.20 -15.86 35.02
C ASN A 68 27.44 -16.61 33.95
N GLY A 69 26.91 -15.93 32.93
CA GLY A 69 26.24 -16.61 31.84
C GLY A 69 24.77 -16.93 32.08
N ARG A 70 24.17 -16.40 33.14
CA ARG A 70 22.76 -16.60 33.42
C ARG A 70 21.97 -15.41 32.91
N ILE A 71 20.97 -15.67 32.07
CA ILE A 71 20.18 -14.59 31.51
C ILE A 71 19.33 -13.94 32.59
N ALA A 72 19.05 -12.66 32.41
CA ALA A 72 18.18 -11.90 33.30
C ALA A 72 17.03 -11.30 32.51
N ALA A 73 15.95 -11.00 33.22
CA ALA A 73 14.75 -10.43 32.62
C ALA A 73 14.57 -8.98 33.07
N ALA A 74 14.08 -8.14 32.18
CA ALA A 74 13.70 -6.77 32.50
C ALA A 74 12.18 -6.69 32.51
N LEU A 75 11.63 -6.17 33.60
CA LEU A 75 10.18 -6.18 33.83
C LEU A 75 9.68 -4.75 33.73
N LEU A 76 9.14 -4.40 32.56
CA LEU A 76 8.68 -3.06 32.26
C LEU A 76 7.15 -3.02 32.21
N THR A 77 6.61 -1.83 32.42
CA THR A 77 5.17 -1.64 32.42
C THR A 77 4.73 -0.86 31.18
N THR A 78 3.46 -0.50 31.15
CA THR A 78 2.84 0.14 30.00
C THR A 78 3.43 1.52 29.75
N GLY A 79 3.35 1.96 28.50
CA GLY A 79 3.66 3.34 28.17
C GLY A 79 5.11 3.69 28.44
N ALA A 80 5.31 4.71 29.28
CA ALA A 80 6.66 5.20 29.55
C ALA A 80 7.55 4.11 30.11
N GLY A 81 6.98 3.16 30.85
CA GLY A 81 7.79 2.05 31.35
C GLY A 81 8.54 1.35 30.23
N SER A 82 7.90 1.17 29.09
CA SER A 82 8.54 0.50 27.96
C SER A 82 9.50 1.44 27.24
N THR A 83 9.08 2.67 26.96
CA THR A 83 9.92 3.58 26.19
C THR A 83 11.22 3.88 26.92
N ASN A 84 11.19 3.96 28.26
CA ASN A 84 12.38 4.29 29.03
C ASN A 84 13.45 3.21 28.93
N GLY A 85 13.13 2.01 28.45
CA GLY A 85 14.09 0.95 28.32
C GLY A 85 14.71 0.78 26.95
N VAL A 86 14.33 1.59 25.98
CA VAL A 86 14.77 1.35 24.60
C VAL A 86 16.27 1.48 24.47
N THR A 87 16.87 2.47 25.16
CA THR A 87 18.32 2.63 25.08
C THR A 87 19.05 1.35 25.49
N GLY A 88 18.58 0.71 26.58
CA GLY A 88 19.22 -0.52 27.01
C GLY A 88 19.11 -1.64 26.00
N VAL A 89 17.95 -1.72 25.32
CA VAL A 89 17.78 -2.75 24.30
C VAL A 89 18.78 -2.56 23.18
N VAL A 90 18.95 -1.32 22.72
CA VAL A 90 19.84 -1.06 21.59
C VAL A 90 21.27 -1.41 21.95
N SER A 91 21.67 -1.19 23.20
CA SER A 91 23.05 -1.47 23.60
C SER A 91 23.32 -2.97 23.68
N ALA A 92 22.36 -3.75 24.18
CA ALA A 92 22.49 -5.20 24.11
C ALA A 92 22.42 -5.68 22.66
N TRP A 93 21.51 -5.11 21.88
CA TRP A 93 21.43 -5.42 20.45
C TRP A 93 22.77 -5.18 19.77
N ALA A 94 23.43 -4.07 20.10
CA ALA A 94 24.68 -3.71 19.42
C ALA A 94 25.85 -4.55 19.92
N ASP A 95 25.83 -4.98 21.17
CA ASP A 95 26.94 -5.74 21.75
C ASP A 95 26.68 -7.25 21.77
N SER A 96 25.55 -7.71 21.21
CA SER A 96 25.30 -9.13 21.07
C SER A 96 25.17 -9.81 22.43
N ILE A 97 24.46 -9.17 23.34
CA ILE A 97 24.29 -9.65 24.71
C ILE A 97 22.86 -10.16 24.86
N PRO A 98 22.65 -11.40 25.31
CA PRO A 98 21.29 -11.92 25.43
C PRO A 98 20.59 -11.41 26.68
N CYS A 99 19.30 -11.13 26.52
CA CYS A 99 18.44 -10.71 27.62
C CYS A 99 17.01 -10.72 27.09
N ILE A 100 16.05 -10.72 28.01
CA ILE A 100 14.63 -10.77 27.66
C ILE A 100 13.93 -9.64 28.39
N VAL A 101 13.14 -8.87 27.65
CA VAL A 101 12.28 -7.83 28.21
C VAL A 101 10.86 -8.38 28.28
N ILE A 102 10.25 -8.27 29.44
CA ILE A 102 8.84 -8.62 29.65
C ILE A 102 8.13 -7.31 29.93
N ALA A 103 7.35 -6.84 28.96
CA ALA A 103 6.72 -5.53 29.02
C ALA A 103 5.21 -5.70 29.06
N GLY A 104 4.56 -5.00 29.99
CA GLY A 104 3.12 -4.98 30.06
C GLY A 104 2.52 -3.94 29.13
N ASN A 105 1.20 -3.97 29.02
CA ASN A 105 0.48 -3.04 28.16
C ASN A 105 -0.98 -3.01 28.59
N GLU A 106 -1.77 -2.22 27.85
CA GLU A 106 -3.19 -2.08 28.14
C GLU A 106 -3.93 -3.38 27.84
N ASN A 107 -5.23 -3.39 28.12
N ASN A 107 -5.23 -3.39 28.13
CA ASN A 107 -6.07 -4.53 27.79
CA ASN A 107 -6.04 -4.56 27.82
C ASN A 107 -5.89 -4.91 26.32
C ASN A 107 -5.93 -4.92 26.34
N SER A 108 -5.83 -6.22 26.06
CA SER A 108 -5.57 -6.69 24.71
C SER A 108 -6.57 -6.17 23.68
N LYS A 109 -7.75 -5.72 24.11
CA LYS A 109 -8.74 -5.22 23.16
C LYS A 109 -8.32 -3.91 22.51
N PHE A 110 -7.32 -3.22 23.07
CA PHE A 110 -6.78 -2.01 22.46
C PHE A 110 -5.48 -2.25 21.69
N THR A 111 -4.78 -3.37 21.96
CA THR A 111 -3.40 -3.56 21.53
C THR A 111 -3.36 -4.28 20.20
N PHE A 112 -3.53 -3.53 19.11
CA PHE A 112 -3.35 -4.08 17.77
C PHE A 112 -2.99 -2.96 16.81
N PRO A 113 -2.10 -3.20 15.85
CA PRO A 113 -1.57 -2.08 15.04
C PRO A 113 -2.63 -1.35 14.23
N GLU A 114 -3.75 -1.99 13.91
CA GLU A 114 -4.79 -1.31 13.13
C GLU A 114 -5.57 -0.28 13.94
N ASN A 115 -5.29 -0.14 15.23
CA ASN A 115 -5.98 0.85 16.05
C ASN A 115 -5.77 2.23 15.47
N PRO A 116 -6.84 2.93 15.05
CA PRO A 116 -6.66 4.23 14.38
C PRO A 116 -6.19 5.36 15.31
N LEU A 117 -6.21 5.16 16.62
CA LEU A 117 -5.92 6.23 17.56
C LEU A 117 -4.42 6.33 17.84
N ARG A 118 -4.00 7.52 18.28
CA ARG A 118 -2.58 7.77 18.51
C ARG A 118 -2.00 6.87 19.59
N MET A 119 -2.79 6.53 20.60
CA MET A 119 -2.34 5.70 21.70
C MET A 119 -3.36 4.58 21.92
N TRP A 120 -2.95 3.59 22.72
CA TRP A 120 -3.77 2.42 22.99
C TRP A 120 -4.36 2.54 24.39
N GLY A 121 -5.69 2.44 24.47
CA GLY A 121 -6.34 2.50 25.77
C GLY A 121 -6.06 3.82 26.48
N VAL A 122 -5.47 3.72 27.67
CA VAL A 122 -5.19 4.89 28.49
C VAL A 122 -3.85 5.51 28.11
N GLN A 123 -2.78 4.70 28.06
CA GLN A 123 -1.46 5.25 27.81
C GLN A 123 -0.52 4.24 27.13
N GLY A 124 -1.06 3.26 26.40
CA GLY A 124 -0.24 2.25 25.79
C GLY A 124 0.13 2.58 24.35
N TYR A 125 1.01 1.76 23.80
CA TYR A 125 1.50 1.93 22.43
C TYR A 125 2.09 0.59 21.99
N ASP A 126 2.55 0.55 20.73
CA ASP A 126 3.10 -0.68 20.16
C ASP A 126 4.58 -0.77 20.53
N SER A 127 4.83 -1.30 21.73
CA SER A 127 6.21 -1.47 22.19
C SER A 127 6.99 -2.46 21.31
N CYS A 128 6.30 -3.35 20.61
CA CYS A 128 7.00 -4.29 19.74
C CYS A 128 7.56 -3.59 18.51
N GLN A 129 6.75 -2.74 17.87
CA GLN A 129 7.21 -2.04 16.68
C GLN A 129 8.40 -1.13 16.98
N MET A 130 8.47 -0.60 18.21
CA MET A 130 9.49 0.39 18.51
C MET A 130 10.88 -0.25 18.59
N VAL A 131 10.96 -1.51 19.02
CA VAL A 131 12.22 -2.24 19.06
C VAL A 131 12.31 -3.25 17.92
N GLU A 132 11.53 -3.05 16.86
CA GLU A 132 11.46 -4.02 15.77
C GLU A 132 12.77 -4.16 15.03
N ARG A 133 13.57 -3.09 14.99
CA ARG A 133 14.83 -3.08 14.25
C ARG A 133 16.04 -3.11 15.17
N VAL A 134 15.84 -3.28 16.48
CA VAL A 134 16.95 -3.34 17.43
C VAL A 134 16.71 -4.45 18.44
N SER A 135 16.13 -5.57 17.99
CA SER A 135 15.92 -6.73 18.83
C SER A 135 15.74 -7.95 17.94
N LYS A 136 16.11 -9.11 18.47
CA LYS A 136 16.07 -10.35 17.68
C LYS A 136 14.66 -10.88 17.49
N TYR A 137 13.75 -10.59 18.42
CA TYR A 137 12.42 -11.17 18.36
C TYR A 137 11.47 -10.31 19.17
N GLN A 138 10.29 -10.06 18.62
CA GLN A 138 9.24 -9.34 19.31
C GLN A 138 7.93 -10.09 19.09
N MET A 139 7.13 -10.20 20.15
CA MET A 139 5.85 -10.87 20.06
C MET A 139 4.93 -10.29 21.12
N ARG A 140 3.68 -10.08 20.75
CA ARG A 140 2.63 -9.67 21.69
C ARG A 140 1.78 -10.89 21.98
N VAL A 141 1.84 -11.38 23.23
CA VAL A 141 1.02 -12.50 23.63
C VAL A 141 -0.44 -12.07 23.63
N THR A 142 -1.24 -12.67 22.76
CA THR A 142 -2.67 -12.38 22.68
C THR A 142 -3.55 -13.50 23.21
N LYS A 143 -3.01 -14.70 23.37
CA LYS A 143 -3.74 -15.84 23.92
C LYS A 143 -3.07 -16.28 25.20
N MET A 144 -3.87 -16.50 26.25
CA MET A 144 -3.32 -16.89 27.54
C MET A 144 -2.49 -18.17 27.42
N GLU A 145 -2.93 -19.10 26.60
CA GLU A 145 -2.26 -20.39 26.49
C GLU A 145 -0.87 -20.28 25.86
N ARG A 146 -0.52 -19.12 25.30
CA ARG A 146 0.76 -18.93 24.64
C ARG A 146 1.73 -18.07 25.45
N ALA A 147 1.36 -17.65 26.66
CA ALA A 147 2.23 -16.80 27.44
C ALA A 147 3.54 -17.49 27.78
N VAL A 148 3.47 -18.73 28.29
CA VAL A 148 4.70 -19.44 28.62
C VAL A 148 5.44 -19.82 27.34
N TYR A 149 4.70 -20.12 26.26
CA TYR A 149 5.33 -20.48 25.00
C TYR A 149 6.27 -19.37 24.52
N GLU A 150 5.80 -18.12 24.55
CA GLU A 150 6.58 -17.03 23.99
C GLU A 150 7.77 -16.66 24.86
N LEU A 151 7.66 -16.86 26.19
CA LEU A 151 8.81 -16.61 27.05
C LEU A 151 9.91 -17.64 26.80
N GLU A 152 9.55 -18.92 26.69
CA GLU A 152 10.54 -19.94 26.35
C GLU A 152 11.16 -19.64 24.99
N LYS A 153 10.32 -19.34 23.99
CA LYS A 153 10.84 -18.96 22.68
C LYS A 153 11.68 -17.69 22.78
N GLY A 154 11.21 -16.69 23.54
CA GLY A 154 11.97 -15.46 23.67
C GLY A 154 13.36 -15.69 24.24
N VAL A 155 13.46 -16.53 25.26
CA VAL A 155 14.76 -16.78 25.88
C VAL A 155 15.67 -17.54 24.93
N HIS A 156 15.11 -18.50 24.18
CA HIS A 156 15.94 -19.29 23.27
C HIS A 156 16.50 -18.43 22.15
N LEU A 157 15.64 -17.61 21.52
CA LEU A 157 16.10 -16.77 20.43
C LEU A 157 17.10 -15.73 20.92
N ALA A 158 17.04 -15.35 22.19
CA ALA A 158 18.01 -14.40 22.72
C ALA A 158 19.41 -15.02 22.80
N LEU A 159 19.48 -16.30 23.16
CA LEU A 159 20.76 -16.99 23.29
C LEU A 159 21.21 -17.64 21.98
N GLU A 160 20.30 -17.80 21.02
CA GLU A 160 20.62 -18.52 19.80
C GLU A 160 21.59 -17.71 18.94
N GLY A 161 22.48 -18.43 18.25
CA GLY A 161 23.39 -17.83 17.28
C GLY A 161 24.09 -16.61 17.80
N ARG A 162 23.90 -15.48 17.13
CA ARG A 162 24.42 -14.21 17.64
C ARG A 162 23.47 -13.71 18.70
N PRO A 163 23.86 -13.71 19.98
CA PRO A 163 22.91 -13.35 21.04
C PRO A 163 22.40 -11.93 20.90
N GLY A 164 21.36 -11.63 21.66
CA GLY A 164 20.73 -10.32 21.64
C GLY A 164 19.44 -10.28 22.43
N PRO A 165 18.84 -9.09 22.53
CA PRO A 165 17.61 -8.95 23.31
C PRO A 165 16.37 -9.36 22.55
N THR A 166 15.39 -9.86 23.30
CA THR A 166 14.07 -10.19 22.78
C THR A 166 13.03 -9.41 23.57
N TRP A 167 11.92 -9.08 22.92
CA TRP A 167 10.86 -8.26 23.50
C TRP A 167 9.56 -9.06 23.49
N ILE A 168 9.08 -9.46 24.66
CA ILE A 168 7.81 -10.17 24.80
C ILE A 168 6.85 -9.23 25.53
N GLU A 169 5.77 -8.86 24.86
CA GLU A 169 4.74 -8.00 25.43
C GLU A 169 3.55 -8.86 25.85
N ILE A 170 3.13 -8.72 27.09
CA ILE A 170 1.99 -9.46 27.64
C ILE A 170 0.96 -8.45 28.11
N PRO A 171 -0.13 -8.27 27.35
CA PRO A 171 -1.18 -7.32 27.78
C PRO A 171 -1.63 -7.55 29.21
N MET A 172 -2.31 -6.55 29.75
CA MET A 172 -2.76 -6.59 31.14
C MET A 172 -3.71 -7.75 31.39
N ASP A 173 -4.79 -7.83 30.60
CA ASP A 173 -5.80 -8.85 30.83
C ASP A 173 -5.28 -10.27 30.58
N ILE A 174 -4.18 -10.41 29.85
CA ILE A 174 -3.59 -11.73 29.67
C ILE A 174 -2.87 -12.19 30.93
N GLN A 175 -2.31 -11.26 31.69
CA GLN A 175 -1.63 -11.63 32.94
C GLN A 175 -2.63 -12.06 34.00
N SER A 176 -3.75 -11.34 34.10
CA SER A 176 -4.75 -11.62 35.12
C SER A 176 -5.67 -12.79 34.76
N GLY A 177 -5.60 -13.29 33.54
CA GLY A 177 -6.44 -14.40 33.14
C GLY A 177 -6.12 -15.68 33.89
N ARG A 178 -7.06 -16.62 33.80
CA ARG A 178 -6.95 -17.91 34.47
C ARG A 178 -7.22 -19.03 33.47
N ILE A 179 -6.34 -20.02 33.43
CA ILE A 179 -6.47 -21.15 32.52
C ILE A 179 -6.01 -22.42 33.22
N ASP A 180 -6.38 -23.56 32.63
CA ASP A 180 -5.92 -24.84 33.14
C ASP A 180 -4.47 -25.04 32.76
N PRO A 181 -3.56 -25.29 33.72
CA PRO A 181 -2.14 -25.42 33.37
C PRO A 181 -1.89 -26.44 32.27
N ALA A 182 -2.78 -27.41 32.10
CA ALA A 182 -2.59 -28.43 31.08
C ALA A 182 -2.75 -27.88 29.66
N THR A 183 -3.43 -26.75 29.50
CA THR A 183 -3.60 -26.14 28.19
C THR A 183 -2.44 -25.25 27.77
N LEU A 184 -1.41 -25.12 28.61
CA LEU A 184 -0.25 -24.32 28.26
C LEU A 184 0.52 -24.98 27.14
N GLU A 185 0.78 -24.22 26.08
CA GLU A 185 1.67 -24.69 25.02
C GLU A 185 3.12 -24.40 25.42
N HIS A 186 4.02 -25.24 24.94
CA HIS A 186 5.43 -25.14 25.29
C HIS A 186 6.28 -25.16 24.03
N TYR A 187 7.25 -24.25 23.98
CA TYR A 187 8.14 -24.12 22.84
C TYR A 187 9.28 -25.12 22.98
N VAL A 188 9.59 -25.82 21.89
CA VAL A 188 10.70 -26.75 21.85
C VAL A 188 11.72 -26.20 20.85
N ALA A 189 12.94 -26.00 21.32
CA ALA A 189 13.97 -25.42 20.48
C ALA A 189 14.42 -26.43 19.43
N PRO A 190 14.63 -26.01 18.18
CA PRO A 190 15.12 -26.94 17.16
C PRO A 190 16.55 -27.38 17.47
N PRO A 191 17.02 -28.45 16.85
CA PRO A 191 18.40 -28.88 17.08
C PRO A 191 19.38 -27.83 16.61
N ALA A 192 20.43 -27.63 17.41
CA ALA A 192 21.43 -26.63 17.07
C ALA A 192 22.02 -26.95 15.69
N PRO A 193 22.33 -25.94 14.89
CA PRO A 193 22.95 -26.20 13.59
C PRO A 193 24.37 -26.74 13.77
N ASP A 194 24.77 -27.61 12.85
CA ASP A 194 26.11 -28.18 12.83
C ASP A 194 26.93 -27.39 11.81
N TYR A 195 27.83 -26.54 12.31
CA TYR A 195 28.54 -25.60 11.44
C TYR A 195 29.66 -26.24 10.63
N LEU A 196 30.06 -27.48 10.94
CA LEU A 196 31.19 -28.11 10.25
C LEU A 196 30.70 -28.94 9.07
N THR A 197 30.23 -28.24 8.05
CA THR A 197 29.93 -28.87 6.78
C THR A 197 31.24 -29.17 6.07
N PRO A 198 31.21 -29.92 4.97
CA PRO A 198 32.44 -30.10 4.19
C PRO A 198 33.03 -28.78 3.73
N ALA A 199 32.17 -27.80 3.40
CA ALA A 199 32.66 -26.51 2.94
C ALA A 199 33.37 -25.76 4.06
N VAL A 200 32.81 -25.79 5.27
CA VAL A 200 33.42 -25.11 6.41
C VAL A 200 34.66 -25.85 6.90
N ALA A 201 34.63 -27.18 6.84
CA ALA A 201 35.82 -27.96 7.20
C ALA A 201 36.97 -27.65 6.26
N ALA A 202 36.67 -27.34 5.00
CA ALA A 202 37.72 -26.96 4.05
C ALA A 202 38.28 -25.58 4.38
N GLN A 203 37.45 -24.70 4.95
CA GLN A 203 37.96 -23.39 5.37
C GLN A 203 38.91 -23.54 6.55
N VAL A 204 38.58 -24.38 7.53
CA VAL A 204 39.48 -24.61 8.65
C VAL A 204 40.83 -25.11 8.13
N ASP A 205 40.81 -26.04 7.18
CA ASP A 205 42.05 -26.54 6.61
C ASP A 205 42.83 -25.44 5.91
N SER A 206 42.13 -24.48 5.30
CA SER A 206 42.81 -23.37 4.66
C SER A 206 43.42 -22.43 5.69
N VAL A 207 42.71 -22.21 6.81
CA VAL A 207 43.25 -21.40 7.89
C VAL A 207 44.46 -22.07 8.51
N LEU A 208 44.37 -23.39 8.74
CA LEU A 208 45.51 -24.10 9.33
C LEU A 208 46.70 -24.10 8.40
N ALA A 209 46.47 -24.17 7.08
CA ALA A 209 47.57 -24.14 6.13
C ALA A 209 48.25 -22.77 6.11
N ALA A 210 47.49 -21.70 6.31
CA ALA A 210 48.09 -20.38 6.36
C ALA A 210 48.83 -20.15 7.68
N LEU A 211 48.23 -20.56 8.80
CA LEU A 211 48.90 -20.40 10.09
C LEU A 211 50.23 -21.12 10.11
N ALA A 212 50.27 -22.35 9.58
CA ALA A 212 51.52 -23.11 9.59
C ALA A 212 52.59 -22.44 8.75
N LYS A 213 52.21 -21.74 7.68
CA LYS A 213 53.18 -21.12 6.78
C LYS A 213 53.52 -19.68 7.18
N ALA A 214 52.56 -18.94 7.73
CA ALA A 214 52.79 -17.54 8.04
C ALA A 214 54.00 -17.37 8.94
N GLU A 215 54.82 -16.37 8.64
CA GLU A 215 55.97 -16.04 9.47
C GLU A 215 55.63 -15.01 10.55
N ARG A 216 54.62 -14.17 10.31
CA ARG A 216 54.24 -13.10 11.22
C ARG A 216 52.72 -13.11 11.41
N PRO A 217 52.18 -14.17 12.00
CA PRO A 217 50.73 -14.25 12.20
C PRO A 217 50.27 -13.42 13.39
N VAL A 218 48.99 -13.06 13.36
CA VAL A 218 48.35 -12.34 14.46
C VAL A 218 46.89 -12.77 14.57
N LEU A 219 46.52 -13.34 15.70
CA LEU A 219 45.14 -13.68 15.99
C LEU A 219 44.46 -12.51 16.69
N TRP A 220 43.26 -12.15 16.22
CA TRP A 220 42.50 -11.03 16.78
C TRP A 220 41.25 -11.62 17.43
N LEU A 221 41.30 -11.76 18.75
CA LEU A 221 40.27 -12.47 19.51
C LEU A 221 39.24 -11.49 20.06
N GLY A 222 37.96 -11.85 19.93
CA GLY A 222 36.87 -10.98 20.30
C GLY A 222 35.92 -11.65 21.27
N ASN A 223 34.93 -10.85 21.71
CA ASN A 223 33.98 -11.31 22.70
C ASN A 223 33.08 -12.42 22.20
N GLY A 224 32.96 -12.59 20.87
CA GLY A 224 32.21 -13.73 20.36
C GLY A 224 32.70 -15.04 20.91
N ILE A 225 34.00 -15.14 21.20
CA ILE A 225 34.56 -16.35 21.78
C ILE A 225 33.95 -16.61 23.15
N ARG A 226 33.89 -15.57 23.99
CA ARG A 226 33.30 -15.73 25.31
C ARG A 226 31.81 -16.04 25.23
N LEU A 227 31.09 -15.36 24.33
CA LEU A 227 29.67 -15.65 24.15
C LEU A 227 29.46 -17.09 23.69
N ALA A 228 30.38 -17.62 22.89
CA ALA A 228 30.30 -19.01 22.44
C ALA A 228 30.76 -20.00 23.50
N GLY A 229 31.41 -19.54 24.56
CA GLY A 229 31.82 -20.42 25.63
C GLY A 229 33.12 -21.16 25.36
N GLY A 230 34.06 -20.54 24.65
CA GLY A 230 35.31 -21.20 24.34
C GLY A 230 36.54 -20.41 24.73
N GLU A 231 36.40 -19.49 25.68
CA GLU A 231 37.54 -18.68 26.09
C GLU A 231 38.62 -19.50 26.79
N ARG A 232 38.26 -20.68 27.30
CA ARG A 232 39.24 -21.56 27.91
C ARG A 232 40.10 -22.30 26.89
N LEU A 233 39.69 -22.30 25.62
CA LEU A 233 40.46 -22.93 24.56
C LEU A 233 41.56 -22.03 24.01
N LEU A 234 41.64 -20.78 24.47
CA LEU A 234 42.57 -19.83 23.85
C LEU A 234 44.01 -20.07 24.28
N LYS A 235 44.24 -20.38 25.54
CA LYS A 235 45.59 -20.71 25.99
C LYS A 235 46.17 -21.89 25.22
N PRO A 236 45.54 -23.07 25.21
CA PRO A 236 46.11 -24.18 24.44
C PRO A 236 46.23 -23.88 22.95
N LEU A 237 45.38 -23.00 22.41
CA LEU A 237 45.47 -22.68 21.00
C LEU A 237 46.67 -21.79 20.70
N LEU A 238 46.87 -20.74 21.50
CA LEU A 238 47.99 -19.83 21.23
C LEU A 238 49.33 -20.52 21.45
N GLU A 239 49.43 -21.34 22.49
CA GLU A 239 50.69 -22.01 22.77
C GLU A 239 50.96 -23.13 21.77
N LYS A 240 49.91 -23.73 21.20
CA LYS A 240 50.10 -24.74 20.17
C LYS A 240 50.42 -24.13 18.81
N LEU A 241 50.06 -22.87 18.60
CA LEU A 241 50.41 -22.16 17.37
C LEU A 241 51.65 -21.29 17.53
N GLY A 242 51.95 -20.84 18.75
CA GLY A 242 53.08 -19.95 18.96
C GLY A 242 52.95 -18.63 18.26
N SER A 243 51.71 -18.19 17.97
CA SER A 243 51.50 -16.93 17.27
C SER A 243 51.10 -15.83 18.24
N PRO A 244 51.53 -14.59 18.01
CA PRO A 244 51.00 -13.48 18.81
C PRO A 244 49.51 -13.32 18.62
N ALA A 245 48.88 -12.61 19.55
CA ALA A 245 47.44 -12.42 19.54
C ALA A 245 47.11 -11.07 20.13
N LEU A 246 46.15 -10.40 19.50
CA LEU A 246 45.56 -9.17 20.03
C LEU A 246 44.15 -9.47 20.50
N VAL A 247 43.69 -8.69 21.48
CA VAL A 247 42.33 -8.84 22.01
C VAL A 247 41.58 -7.54 21.75
N SER A 248 40.31 -7.68 21.37
CA SER A 248 39.44 -6.53 21.24
C SER A 248 39.10 -5.97 22.62
N TRP A 249 38.64 -4.71 22.64
CA TRP A 249 38.26 -4.09 23.90
C TRP A 249 37.22 -4.94 24.63
N ALA A 250 36.27 -5.52 23.90
CA ALA A 250 35.24 -6.32 24.55
C ALA A 250 35.77 -7.65 25.06
N GLY A 251 36.83 -8.18 24.44
CA GLY A 251 37.37 -9.45 24.83
C GLY A 251 38.71 -9.35 25.55
N ILE A 252 38.89 -8.28 26.32
CA ILE A 252 40.16 -8.07 27.01
C ILE A 252 40.38 -9.13 28.08
N ASP A 253 39.33 -9.46 28.83
CA ASP A 253 39.46 -10.36 29.97
C ASP A 253 39.42 -11.83 29.60
N MET A 254 39.45 -12.18 28.32
CA MET A 254 39.48 -13.59 27.94
C MET A 254 40.85 -14.23 28.13
N LEU A 255 41.92 -13.42 28.11
CA LEU A 255 43.28 -13.91 28.28
C LEU A 255 44.05 -12.96 29.18
N ASP A 256 44.93 -13.53 30.01
CA ASP A 256 45.77 -12.71 30.87
C ASP A 256 46.57 -11.72 30.03
N SER A 257 46.40 -10.43 30.33
CA SER A 257 47.08 -9.39 29.57
C SER A 257 48.59 -9.54 29.58
N SER A 258 49.14 -10.31 30.52
CA SER A 258 50.58 -10.52 30.63
C SER A 258 51.02 -11.86 30.05
N HIS A 259 50.14 -12.56 29.34
CA HIS A 259 50.54 -13.81 28.70
C HIS A 259 51.67 -13.55 27.71
N PRO A 260 52.62 -14.48 27.56
CA PRO A 260 53.77 -14.21 26.69
C PRO A 260 53.39 -13.94 25.24
N LEU A 261 52.17 -14.25 24.82
CA LEU A 261 51.76 -14.13 23.42
C LEU A 261 50.63 -13.16 23.19
N VAL A 262 50.12 -12.49 24.23
CA VAL A 262 49.09 -11.48 24.10
C VAL A 262 49.77 -10.11 24.12
N PHE A 263 49.49 -9.29 23.11
CA PHE A 263 50.19 -8.03 22.91
C PHE A 263 49.23 -6.85 22.84
N GLY A 264 48.15 -6.90 23.60
CA GLY A 264 47.29 -5.74 23.76
C GLY A 264 46.15 -5.67 22.76
N ARG A 265 45.68 -4.44 22.57
CA ARG A 265 44.53 -4.15 21.73
C ARG A 265 44.90 -3.06 20.74
N ALA A 266 44.43 -3.20 19.50
CA ALA A 266 44.70 -2.25 18.44
C ALA A 266 43.42 -1.56 18.01
N GLY A 267 43.57 -0.46 17.29
CA GLY A 267 42.44 0.23 16.70
C GLY A 267 42.70 1.73 16.61
N VAL A 268 41.60 2.48 16.51
CA VAL A 268 41.69 3.93 16.46
C VAL A 268 42.23 4.48 17.78
N TYR A 269 41.77 3.94 18.90
CA TYR A 269 42.34 4.21 20.21
C TYR A 269 43.20 3.05 20.70
N GLY A 270 43.86 2.35 19.77
CA GLY A 270 44.69 1.24 20.15
C GLY A 270 46.00 1.66 20.77
N GLN A 271 46.75 0.67 21.22
CA GLN A 271 48.08 0.90 21.75
C GLN A 271 49.08 0.93 20.61
N ARG A 272 50.06 1.84 20.70
CA ARG A 272 51.05 1.98 19.64
C ARG A 272 51.68 0.64 19.30
N ALA A 273 52.10 -0.11 20.32
CA ALA A 273 52.73 -1.40 20.08
C ALA A 273 51.77 -2.35 19.37
N ALA A 274 50.50 -2.35 19.77
CA ALA A 274 49.53 -3.27 19.17
C ALA A 274 49.25 -2.92 17.71
N ASN A 275 49.18 -1.63 17.39
CA ASN A 275 48.91 -1.22 16.01
C ASN A 275 50.07 -1.61 15.09
N PHE A 276 51.31 -1.46 15.57
CA PHE A 276 52.46 -1.86 14.77
C PHE A 276 52.48 -3.38 14.55
N ILE A 277 52.09 -4.15 15.57
CA ILE A 277 52.06 -5.60 15.41
C ILE A 277 50.99 -5.98 14.39
N LEU A 278 49.85 -5.28 14.40
CA LEU A 278 48.78 -5.58 13.45
C LEU A 278 49.20 -5.20 12.03
N GLN A 279 49.74 -4.00 11.86
CA GLN A 279 50.01 -3.47 10.53
C GLN A 279 51.24 -4.09 9.86
N ASN A 280 52.07 -4.83 10.59
CA ASN A 280 53.27 -5.43 10.03
C ASN A 280 53.17 -6.94 9.90
N SER A 281 52.00 -7.52 10.14
CA SER A 281 51.84 -8.97 10.05
C SER A 281 51.71 -9.41 8.59
N ASP A 282 51.82 -10.71 8.38
CA ASP A 282 51.59 -11.32 7.08
C ASP A 282 50.36 -12.23 7.08
N TYR A 283 49.67 -12.35 8.20
CA TYR A 283 48.44 -13.12 8.28
C TYR A 283 47.68 -12.72 9.55
N VAL A 284 46.38 -12.49 9.41
CA VAL A 284 45.53 -12.11 10.53
C VAL A 284 44.32 -13.03 10.55
N LEU A 285 44.04 -13.62 11.70
CA LEU A 285 42.90 -14.53 11.88
C LEU A 285 41.99 -13.95 12.95
N ALA A 286 40.89 -13.34 12.52
CA ALA A 286 39.93 -12.72 13.43
C ALA A 286 38.90 -13.76 13.85
N ILE A 287 38.77 -13.97 15.15
CA ILE A 287 37.85 -14.96 15.72
C ILE A 287 36.98 -14.26 16.75
N GLY A 288 35.66 -14.30 16.54
CA GLY A 288 34.73 -13.73 17.49
C GLY A 288 34.76 -12.22 17.61
N THR A 289 35.51 -11.52 16.78
CA THR A 289 35.59 -10.07 16.81
C THR A 289 34.92 -9.49 15.58
N ARG A 290 34.20 -8.38 15.76
CA ARG A 290 33.38 -7.78 14.71
C ARG A 290 34.17 -6.90 13.77
N LEU A 291 35.43 -6.61 14.07
CA LEU A 291 36.25 -5.74 13.24
C LEU A 291 35.51 -4.45 12.92
N ALA A 292 35.00 -3.82 13.96
CA ALA A 292 34.26 -2.57 13.80
C ALA A 292 35.20 -1.46 13.34
N ILE A 293 34.63 -0.27 13.12
CA ILE A 293 35.37 0.86 12.57
C ILE A 293 36.43 1.32 13.55
N PRO A 294 36.13 1.47 14.84
CA PRO A 294 37.19 1.83 15.79
C PRO A 294 38.32 0.81 15.88
N GLN A 295 38.13 -0.40 15.33
CA GLN A 295 39.17 -1.42 15.36
C GLN A 295 40.07 -1.40 14.14
N ILE A 296 39.51 -1.23 12.95
CA ILE A 296 40.27 -1.36 11.71
C ILE A 296 40.57 -0.02 11.04
N GLY A 297 40.01 1.08 11.54
CA GLY A 297 40.24 2.36 10.90
C GLY A 297 39.15 2.76 9.93
N TYR A 298 39.53 3.42 8.83
CA TYR A 298 38.56 3.94 7.88
C TYR A 298 38.88 3.59 6.42
N ASP A 299 39.81 2.66 6.19
CA ASP A 299 40.15 2.27 4.82
C ASP A 299 40.72 0.86 4.87
N LEU A 300 39.96 -0.12 4.38
CA LEU A 300 40.43 -1.49 4.38
C LEU A 300 41.74 -1.64 3.62
N ASN A 301 41.95 -0.81 2.59
CA ASN A 301 43.19 -0.88 1.81
C ASN A 301 44.42 -0.48 2.61
N GLU A 302 44.24 0.08 3.81
CA GLU A 302 45.35 0.46 4.67
C GLU A 302 45.51 -0.44 5.88
N LEU A 303 44.71 -1.50 5.98
CA LEU A 303 44.73 -2.38 7.13
C LEU A 303 45.63 -3.59 6.86
N ALA A 304 46.72 -3.70 7.62
CA ALA A 304 47.65 -4.82 7.52
C ALA A 304 47.97 -5.13 6.07
N ARG A 305 48.53 -4.13 5.40
CA ARG A 305 48.69 -4.17 3.95
C ARG A 305 49.54 -5.33 3.47
N LEU A 306 50.29 -6.00 4.35
CA LEU A 306 51.15 -7.11 3.97
C LEU A 306 50.54 -8.47 4.26
N ALA A 307 49.33 -8.53 4.79
CA ALA A 307 48.78 -9.75 5.35
C ALA A 307 47.49 -10.17 4.67
N ARG A 308 47.30 -11.49 4.59
CA ARG A 308 46.00 -12.07 4.31
C ARG A 308 45.16 -12.06 5.58
N ILE A 309 43.87 -11.77 5.44
CA ILE A 309 42.97 -11.64 6.57
C ILE A 309 41.83 -12.65 6.43
N ASP A 310 41.65 -13.47 7.46
CA ASP A 310 40.52 -14.38 7.55
C ASP A 310 39.69 -13.99 8.77
N VAL A 311 38.38 -14.18 8.66
CA VAL A 311 37.44 -13.75 9.68
C VAL A 311 36.53 -14.93 10.05
N VAL A 312 36.26 -15.07 11.34
CA VAL A 312 35.35 -16.07 11.85
C VAL A 312 34.28 -15.36 12.66
N ASP A 313 33.01 -15.61 12.33
CA ASP A 313 31.90 -14.90 12.94
C ASP A 313 30.63 -15.70 12.70
N ILE A 314 29.79 -15.82 13.73
CA ILE A 314 28.59 -16.62 13.61
C ILE A 314 27.53 -15.92 12.76
N ASP A 315 27.65 -14.60 12.59
CA ASP A 315 26.70 -13.82 11.81
C ASP A 315 27.20 -13.70 10.38
N GLY A 316 26.42 -14.23 9.43
CA GLY A 316 26.86 -14.24 8.04
C GLY A 316 27.12 -12.85 7.48
N ASP A 317 26.32 -11.86 7.92
CA ASP A 317 26.51 -10.50 7.42
C ASP A 317 27.78 -9.88 7.99
N GLU A 318 28.03 -10.06 9.28
CA GLU A 318 29.28 -9.55 9.86
C GLU A 318 30.49 -10.24 9.26
N ALA A 319 30.32 -11.49 8.80
CA ALA A 319 31.46 -12.27 8.34
C ALA A 319 31.97 -11.81 6.98
N ILE A 320 31.09 -11.27 6.14
CA ILE A 320 31.44 -10.93 4.77
C ILE A 320 31.44 -9.43 4.52
N LYS A 321 31.21 -8.60 5.55
CA LYS A 321 31.13 -7.16 5.33
C LYS A 321 32.46 -6.58 4.84
N HIS A 322 33.57 -7.31 5.01
CA HIS A 322 34.88 -6.89 4.56
C HIS A 322 35.39 -7.77 3.42
N ALA A 323 34.47 -8.34 2.64
CA ALA A 323 34.82 -9.34 1.63
C ALA A 323 35.71 -8.78 0.52
N LYS A 324 35.74 -7.47 0.34
CA LYS A 324 36.67 -6.89 -0.63
C LYS A 324 38.12 -7.02 -0.17
N ARG A 325 38.34 -7.15 1.12
CA ARG A 325 39.68 -7.20 1.71
C ARG A 325 40.04 -8.57 2.28
N THR A 326 39.08 -9.27 2.87
CA THR A 326 39.36 -10.55 3.51
C THR A 326 39.35 -11.68 2.48
N GLN A 327 39.83 -12.85 2.91
CA GLN A 327 39.92 -14.03 2.06
C GLN A 327 38.92 -15.10 2.52
N GLU A 328 39.21 -15.79 3.61
CA GLU A 328 38.30 -16.80 4.13
C GLU A 328 37.31 -16.14 5.08
N ASN A 329 36.03 -16.16 4.70
CA ASN A 329 34.95 -15.64 5.52
C ASN A 329 34.18 -16.84 6.06
N ILE A 330 34.45 -17.21 7.30
CA ILE A 330 33.92 -18.42 7.91
C ILE A 330 32.73 -18.04 8.79
N VAL A 331 31.57 -18.57 8.46
CA VAL A 331 30.35 -18.34 9.26
C VAL A 331 30.21 -19.55 10.18
N CYS A 332 30.78 -19.43 11.38
CA CYS A 332 30.81 -20.56 12.29
C CYS A 332 30.91 -20.07 13.73
N ASP A 333 30.36 -20.87 14.64
CA ASP A 333 30.47 -20.58 16.07
C ASP A 333 31.94 -20.56 16.49
N ALA A 334 32.27 -19.63 17.38
CA ALA A 334 33.67 -19.41 17.73
C ALA A 334 34.26 -20.61 18.46
N ARG A 335 33.46 -21.26 19.32
CA ARG A 335 33.96 -22.44 20.02
C ARG A 335 34.12 -23.61 19.06
N VAL A 336 33.10 -23.87 18.24
CA VAL A 336 33.17 -24.97 17.28
C VAL A 336 34.38 -24.81 16.38
N PHE A 337 34.62 -23.59 15.88
CA PHE A 337 35.77 -23.37 15.00
C PHE A 337 37.08 -23.64 15.72
N ILE A 338 37.20 -23.19 16.98
CA ILE A 338 38.45 -23.39 17.71
C ILE A 338 38.64 -24.88 18.03
N GLU A 339 37.57 -25.58 18.37
CA GLU A 339 37.67 -27.02 18.59
C GLU A 339 38.12 -27.73 17.32
N ALA A 340 37.53 -27.36 16.17
CA ALA A 340 37.94 -27.97 14.92
C ALA A 340 39.38 -27.65 14.58
N LEU A 341 39.84 -26.44 14.91
CA LEU A 341 41.21 -26.07 14.64
C LEU A 341 42.18 -26.76 15.59
N LEU A 342 41.74 -27.05 16.82
CA LEU A 342 42.56 -27.81 17.75
C LEU A 342 42.59 -29.29 17.37
N ALA A 343 41.46 -29.83 16.93
CA ALA A 343 41.43 -31.23 16.51
C ALA A 343 42.44 -31.50 15.41
N ARG A 344 42.54 -30.58 14.45
CA ARG A 344 43.49 -30.73 13.35
C ARG A 344 44.93 -30.46 13.76
N LEU A 345 45.14 -29.70 14.83
CA LEU A 345 46.49 -29.48 15.33
C LEU A 345 47.01 -30.69 16.10
N ASN A 346 46.14 -31.34 16.87
CA ASN A 346 46.51 -32.51 17.63
C ASN A 346 46.49 -33.80 16.82
N ALA A 347 46.07 -33.73 15.56
CA ALA A 347 46.01 -34.94 14.74
C ALA A 347 47.39 -35.52 14.53
N ALA A 348 47.45 -36.84 14.33
CA ALA A 348 48.71 -37.48 13.99
C ALA A 348 49.25 -36.97 12.66
N ASP A 349 48.36 -36.62 11.72
CA ASP A 349 48.75 -36.08 10.43
C ASP A 349 48.74 -34.56 10.41
N ALA A 350 48.98 -33.92 11.55
CA ALA A 350 48.96 -32.47 11.60
C ALA A 350 50.15 -31.89 10.82
N PRO A 351 49.97 -30.77 10.14
CA PRO A 351 51.08 -30.19 9.38
C PRO A 351 52.13 -29.55 10.29
N ALA A 352 53.31 -29.35 9.72
CA ALA A 352 54.42 -28.77 10.46
C ALA A 352 54.24 -27.26 10.57
N ILE A 353 54.29 -26.74 11.78
CA ILE A 353 54.09 -25.32 12.05
C ILE A 353 55.45 -24.63 12.00
N ALA A 354 55.63 -23.74 11.02
CA ALA A 354 56.87 -22.98 10.94
C ALA A 354 57.04 -22.10 12.16
N SER A 355 58.29 -21.93 12.58
CA SER A 355 58.58 -21.16 13.78
C SER A 355 58.23 -19.70 13.59
N LYS A 356 57.60 -19.10 14.61
CA LYS A 356 57.31 -17.68 14.64
C LYS A 356 58.21 -16.93 15.61
N ALA A 357 59.31 -17.57 16.05
CA ALA A 357 60.13 -17.01 17.12
C ALA A 357 60.57 -15.59 16.79
N ASP A 358 61.07 -15.38 15.56
CA ASP A 358 61.55 -14.06 15.20
C ASP A 358 60.44 -13.02 15.26
N TRP A 359 59.21 -13.40 14.88
CA TRP A 359 58.09 -12.47 14.93
C TRP A 359 57.70 -12.18 16.38
N VAL A 360 57.59 -13.22 17.21
CA VAL A 360 57.27 -13.01 18.61
C VAL A 360 58.28 -12.05 19.24
N ALA A 361 59.57 -12.26 18.95
CA ALA A 361 60.60 -11.37 19.49
C ALA A 361 60.39 -9.94 19.01
N LYS A 362 60.02 -9.76 17.74
CA LYS A 362 59.77 -8.42 17.24
C LYS A 362 58.54 -7.79 17.90
N CYS A 363 57.58 -8.61 18.30
CA CYS A 363 56.41 -8.08 19.00
C CYS A 363 56.80 -7.57 20.38
N ARG A 364 57.65 -8.29 21.10
CA ARG A 364 58.13 -7.81 22.40
C ARG A 364 58.89 -6.51 22.24
N ALA A 365 59.77 -6.44 21.24
CA ALA A 365 60.51 -5.20 21.00
C ALA A 365 59.56 -4.03 20.76
N TYR A 366 58.43 -4.27 20.11
CA TYR A 366 57.45 -3.20 19.91
C TYR A 366 56.93 -2.69 21.24
N GLU A 367 56.66 -3.60 22.18
CA GLU A 367 56.22 -3.16 23.51
C GLU A 367 57.34 -2.46 24.27
N GLU A 368 58.58 -2.88 24.03
CA GLU A 368 59.72 -2.19 24.65
C GLU A 368 59.79 -0.74 24.19
N GLN A 369 59.78 -0.53 22.88
CA GLN A 369 59.92 0.82 22.33
C GLN A 369 58.68 1.68 22.55
N PHE A 370 57.52 1.06 22.75
CA PHE A 370 56.25 1.79 22.91
C PHE A 370 55.48 1.19 24.08
N PRO A 371 55.78 1.61 25.30
CA PRO A 371 55.00 1.15 26.45
C PRO A 371 53.63 1.81 26.48
N TRP A 372 52.67 1.10 27.09
CA TRP A 372 51.29 1.57 27.07
C TRP A 372 51.15 2.94 27.72
N VAL A 373 51.87 3.18 28.82
CA VAL A 373 51.89 4.48 29.48
C VAL A 373 53.28 5.06 29.24
N GLY A 374 53.38 5.98 28.28
CA GLY A 374 54.65 6.54 27.86
C GLY A 374 54.78 8.01 28.18
N ALA A 375 55.84 8.61 27.61
CA ALA A 375 56.14 10.01 27.89
C ALA A 375 54.98 10.93 27.54
N GLU A 376 54.17 10.54 26.56
CA GLU A 376 53.00 11.32 26.19
C GLU A 376 51.97 11.41 27.31
N HIS A 377 52.09 10.60 28.35
CA HIS A 377 51.10 10.55 29.42
C HIS A 377 51.60 11.24 30.69
N ALA A 378 52.54 12.16 30.56
CA ALA A 378 53.06 12.87 31.71
C ALA A 378 51.94 13.64 32.42
N ASP A 379 52.19 14.00 33.66
CA ASP A 379 51.23 14.76 34.45
C ASP A 379 51.18 16.20 33.95
N PRO A 380 50.07 16.66 33.36
CA PRO A 380 50.06 18.02 32.81
C PRO A 380 49.73 19.09 33.84
N GLU A 381 50.63 20.06 33.98
CA GLU A 381 50.36 21.30 34.71
C GLU A 381 49.90 21.04 36.15
N GLY A 382 50.51 20.05 36.80
CA GLY A 382 50.20 19.77 38.19
C GLY A 382 48.99 18.89 38.42
N PHE A 383 48.34 18.41 37.37
CA PHE A 383 47.24 17.47 37.49
C PHE A 383 47.74 16.03 37.31
N ILE A 384 46.99 15.09 37.86
CA ILE A 384 47.25 13.68 37.64
C ILE A 384 46.77 13.31 36.24
N ASN A 385 47.61 12.62 35.49
CA ASN A 385 47.24 12.12 34.18
C ASN A 385 46.39 10.85 34.35
N SER A 386 45.23 10.82 33.67
CA SER A 386 44.31 9.71 33.85
C SER A 386 44.95 8.37 33.46
N TYR A 387 45.85 8.39 32.47
CA TYR A 387 46.49 7.14 32.06
C TYR A 387 47.41 6.61 33.15
N ARG A 388 48.18 7.50 33.79
CA ARG A 388 49.02 7.07 34.89
C ARG A 388 48.18 6.61 36.08
N PHE A 389 47.09 7.33 36.38
CA PHE A 389 46.22 6.91 37.47
C PHE A 389 45.71 5.50 37.25
N MET A 390 45.27 5.18 36.02
CA MET A 390 44.79 3.83 35.74
C MET A 390 45.88 2.80 36.00
N GLU A 391 47.12 3.10 35.62
CA GLU A 391 48.21 2.17 35.88
C GLU A 391 48.41 1.99 37.38
N ARG A 392 48.28 3.07 38.15
CA ARG A 392 48.36 2.95 39.59
C ARG A 392 47.14 2.22 40.15
N LEU A 393 45.95 2.57 39.68
CA LEU A 393 44.75 1.87 40.14
C LEU A 393 44.83 0.39 39.83
N ASN A 394 45.46 0.02 38.72
CA ASN A 394 45.55 -1.38 38.34
C ASN A 394 46.17 -2.21 39.45
N GLY A 395 47.18 -1.68 40.13
CA GLY A 395 47.87 -2.42 41.17
C GLY A 395 46.99 -2.76 42.36
N PHE A 396 45.82 -2.13 42.50
CA PHE A 396 44.92 -2.37 43.61
C PHE A 396 43.77 -3.32 43.25
N PHE A 397 43.84 -3.97 42.08
CA PHE A 397 42.82 -4.92 41.72
C PHE A 397 42.83 -6.12 42.66
N LYS A 398 41.64 -6.60 43.00
CA LYS A 398 41.51 -7.83 43.76
C LYS A 398 41.61 -9.04 42.84
N ASP A 399 41.86 -10.20 43.44
CA ASP A 399 42.12 -11.39 42.63
C ASP A 399 40.93 -11.76 41.75
N ASP A 400 39.71 -11.47 42.20
CA ASP A 400 38.50 -11.68 41.43
C ASP A 400 37.85 -10.37 41.03
N GLN A 401 38.66 -9.34 40.79
CA GLN A 401 38.15 -8.01 40.52
C GLN A 401 37.26 -8.01 39.28
N VAL A 402 36.22 -7.17 39.31
CA VAL A 402 35.39 -6.91 38.14
C VAL A 402 35.33 -5.40 37.94
N VAL A 403 35.61 -4.96 36.71
CA VAL A 403 35.67 -3.55 36.38
C VAL A 403 34.66 -3.28 35.26
N VAL A 404 33.73 -2.37 35.52
CA VAL A 404 32.85 -1.83 34.50
C VAL A 404 33.22 -0.36 34.32
N THR A 405 32.90 0.17 33.14
CA THR A 405 33.23 1.55 32.84
C THR A 405 32.07 2.24 32.13
N ASP A 406 32.00 3.56 32.33
CA ASP A 406 31.15 4.42 31.53
C ASP A 406 31.90 4.76 30.25
N MET A 407 31.61 5.91 29.65
CA MET A 407 32.29 6.36 28.45
C MET A 407 33.44 7.30 28.85
N GLY A 408 33.83 8.18 27.93
CA GLY A 408 34.80 9.21 28.27
C GLY A 408 36.11 8.66 28.78
N THR A 409 36.67 9.34 29.78
CA THR A 409 38.00 9.00 30.28
C THR A 409 38.06 7.57 30.80
N ALA A 410 37.03 7.15 31.54
CA ALA A 410 37.04 5.80 32.09
C ALA A 410 37.16 4.77 30.98
N LEU A 411 36.46 4.97 29.86
CA LEU A 411 36.53 4.03 28.75
C LEU A 411 37.89 4.06 28.07
N LEU A 412 38.35 5.26 27.67
CA LEU A 412 39.55 5.36 26.85
C LEU A 412 40.80 5.05 27.67
N SER A 413 41.00 5.76 28.79
CA SER A 413 42.14 5.46 29.64
C SER A 413 42.06 4.05 30.21
N GLY A 414 40.84 3.54 30.41
CA GLY A 414 40.70 2.21 30.98
C GLY A 414 41.16 1.13 30.03
N HIS A 415 40.61 1.10 28.82
CA HIS A 415 40.91 0.05 27.86
C HIS A 415 42.29 0.19 27.22
N GLN A 416 42.96 1.31 27.41
CA GLN A 416 44.28 1.52 26.84
C GLN A 416 45.41 1.21 27.80
N VAL A 417 45.09 0.94 29.08
CA VAL A 417 46.12 0.81 30.11
C VAL A 417 45.90 -0.43 30.95
N LEU A 418 44.67 -0.61 31.45
CA LEU A 418 44.42 -1.63 32.46
C LEU A 418 44.80 -3.02 31.95
N ARG A 419 45.40 -3.81 32.84
CA ARG A 419 45.72 -5.21 32.58
C ARG A 419 44.88 -6.10 33.48
N PHE A 420 44.61 -7.32 33.02
CA PHE A 420 43.75 -8.25 33.74
C PHE A 420 44.36 -9.63 33.77
N LYS A 421 44.10 -10.35 34.86
CA LYS A 421 44.50 -11.73 35.04
C LYS A 421 43.28 -12.64 34.94
N GLU A 422 43.55 -13.95 34.82
CA GLU A 422 42.48 -14.93 34.85
C GLU A 422 41.69 -14.81 36.14
N GLY A 423 40.37 -14.71 36.01
CA GLY A 423 39.50 -14.50 37.14
C GLY A 423 39.04 -13.08 37.32
N GLN A 424 39.59 -12.14 36.55
CA GLN A 424 39.12 -10.76 36.53
C GLN A 424 38.30 -10.52 35.27
N ARG A 425 37.45 -9.49 35.32
CA ARG A 425 36.49 -9.22 34.25
C ARG A 425 36.48 -7.74 33.93
N PHE A 426 36.16 -7.44 32.67
CA PHE A 426 36.19 -6.06 32.17
C PHE A 426 35.05 -5.90 31.17
N MET A 427 34.04 -5.12 31.55
CA MET A 427 32.82 -4.96 30.76
C MET A 427 32.52 -3.49 30.53
N THR A 428 31.75 -3.23 29.47
CA THR A 428 31.25 -1.90 29.15
C THR A 428 30.48 -2.03 27.84
N SER A 429 29.72 -0.97 27.51
CA SER A 429 28.94 -0.93 26.28
C SER A 429 29.76 -0.21 25.22
N THR A 430 30.21 -0.95 24.20
CA THR A 430 31.01 -0.39 23.13
C THR A 430 30.27 -0.33 21.80
N GLY A 431 29.26 -1.17 21.58
CA GLY A 431 28.52 -1.10 20.34
C GLY A 431 27.72 0.18 20.19
N LEU A 432 26.99 0.55 21.25
CA LEU A 432 26.24 1.80 21.27
C LEU A 432 27.01 2.94 21.92
N GLY A 433 27.90 2.64 22.86
CA GLY A 433 28.71 3.67 23.48
C GLY A 433 27.92 4.74 24.18
N GLU A 434 26.87 4.35 24.90
CA GLU A 434 26.00 5.33 25.53
C GLU A 434 26.59 5.80 26.85
N MET A 435 26.34 7.07 27.18
CA MET A 435 26.67 7.58 28.50
C MET A 435 25.68 7.02 29.52
N GLY A 436 26.14 6.93 30.77
CA GLY A 436 25.29 6.43 31.83
C GLY A 436 25.17 4.93 31.90
N TYR A 437 26.09 4.19 31.29
CA TYR A 437 26.08 2.74 31.35
C TYR A 437 26.80 2.20 32.57
N GLY A 438 27.70 2.98 33.16
CA GLY A 438 28.51 2.51 34.28
C GLY A 438 27.71 2.04 35.47
N LEU A 439 26.91 2.93 36.07
CA LEU A 439 26.16 2.55 37.26
C LEU A 439 25.26 1.34 37.00
N PRO A 440 24.33 1.37 36.05
CA PRO A 440 23.53 0.17 35.79
C PRO A 440 24.38 -1.06 35.51
N ALA A 441 25.56 -0.88 34.91
CA ALA A 441 26.44 -2.02 34.68
C ALA A 441 26.95 -2.60 35.98
N ALA A 442 27.28 -1.74 36.95
CA ALA A 442 27.71 -2.23 38.25
C ALA A 442 26.58 -2.93 39.00
N LEU A 443 25.33 -2.50 38.77
CA LEU A 443 24.19 -3.15 39.41
C LEU A 443 24.05 -4.58 38.92
N GLY A 444 24.12 -4.79 37.60
CA GLY A 444 23.93 -6.13 37.07
C GLY A 444 25.02 -7.10 37.52
N VAL A 445 26.27 -6.65 37.49
CA VAL A 445 27.37 -7.49 37.98
C VAL A 445 27.19 -7.79 39.45
N SER A 446 26.84 -6.78 40.25
CA SER A 446 26.75 -6.98 41.69
C SER A 446 25.70 -8.03 42.05
N PHE A 447 24.48 -7.87 41.52
CA PHE A 447 23.44 -8.86 41.76
C PHE A 447 23.77 -10.21 41.14
N ALA A 448 24.60 -10.23 40.09
CA ALA A 448 24.94 -11.50 39.45
C ALA A 448 25.82 -12.36 40.34
N ASN A 449 26.59 -11.74 41.24
CA ASN A 449 27.49 -12.45 42.15
C ASN A 449 27.01 -12.38 43.59
N ASP A 450 25.69 -12.40 43.79
CA ASP A 450 25.08 -12.33 45.12
C ASP A 450 25.57 -11.07 45.85
N ARG A 451 25.26 -9.92 45.26
CA ARG A 451 25.62 -8.62 45.81
C ARG A 451 27.14 -8.53 46.00
N GLY A 452 27.87 -8.85 44.93
CA GLY A 452 29.32 -8.86 44.98
C GLY A 452 29.93 -7.51 44.66
N GLU A 453 31.25 -7.44 44.84
CA GLU A 453 31.98 -6.18 44.69
C GLU A 453 32.25 -5.90 43.23
N VAL A 454 32.08 -4.63 42.84
CA VAL A 454 32.30 -4.19 41.47
C VAL A 454 33.00 -2.83 41.51
N MET A 455 33.93 -2.63 40.59
CA MET A 455 34.61 -1.34 40.44
C MET A 455 34.06 -0.64 39.21
N CYS A 456 33.39 0.49 39.42
CA CYS A 456 32.77 1.26 38.35
C CYS A 456 33.64 2.49 38.08
N LEU A 457 34.23 2.54 36.89
CA LEU A 457 35.01 3.70 36.46
C LEU A 457 34.09 4.61 35.64
N ASN A 458 33.70 5.72 36.24
CA ASN A 458 32.69 6.60 35.67
C ASN A 458 33.28 7.98 35.42
N CYS A 459 32.41 8.91 35.00
CA CYS A 459 32.84 10.25 34.64
C CYS A 459 31.78 11.25 35.08
N ASP A 460 32.22 12.51 35.24
CA ASP A 460 31.33 13.55 35.73
C ASP A 460 30.10 13.70 34.84
N GLY A 461 30.26 13.52 33.53
CA GLY A 461 29.14 13.65 32.61
C GLY A 461 28.27 12.41 32.57
N GLY A 462 28.88 11.25 32.34
CA GLY A 462 28.12 10.02 32.27
C GLY A 462 27.38 9.70 33.56
N MET A 463 27.90 10.20 34.69
CA MET A 463 27.23 9.96 35.97
C MET A 463 25.81 10.53 35.99
N MET A 464 25.56 11.58 35.20
CA MET A 464 24.29 12.29 35.30
C MET A 464 23.14 11.56 34.61
N MET A 465 23.42 10.81 33.54
CA MET A 465 22.34 10.14 32.82
C MET A 465 21.53 9.25 33.75
N ASN A 466 22.19 8.40 34.53
CA ASN A 466 21.54 7.48 35.45
C ASN A 466 21.97 7.76 36.88
N LEU A 467 22.04 9.05 37.23
CA LEU A 467 22.41 9.43 38.59
C LEU A 467 21.49 8.82 39.62
N GLN A 468 20.21 8.63 39.28
CA GLN A 468 19.23 8.14 40.24
C GLN A 468 19.57 6.76 40.78
N GLU A 469 20.40 5.99 40.07
CA GLU A 469 20.70 4.63 40.52
C GLU A 469 21.64 4.61 41.72
N LEU A 470 22.12 5.76 42.18
CA LEU A 470 22.81 5.82 43.46
C LEU A 470 21.89 5.38 44.59
N GLN A 471 20.59 5.67 44.48
CA GLN A 471 19.65 5.24 45.51
C GLN A 471 19.52 3.73 45.53
N THR A 472 19.39 3.12 44.36
CA THR A 472 19.36 1.66 44.28
C THR A 472 20.61 1.05 44.92
N MET A 473 21.76 1.69 44.75
N MET A 473 21.76 1.71 44.77
CA MET A 473 22.99 1.17 45.32
CA MET A 473 23.00 1.19 45.30
C MET A 473 22.96 1.19 46.85
C MET A 473 23.01 1.22 46.82
N VAL A 474 22.53 2.31 47.42
CA VAL A 474 22.48 2.42 48.87
C VAL A 474 21.37 1.55 49.44
N HIS A 475 20.24 1.44 48.72
CA HIS A 475 19.13 0.64 49.20
C HIS A 475 19.56 -0.79 49.47
N HIS A 476 20.30 -1.40 48.53
CA HIS A 476 20.74 -2.77 48.64
C HIS A 476 22.14 -2.90 49.23
N ASN A 477 22.75 -1.79 49.65
CA ASN A 477 24.08 -1.80 50.26
C ASN A 477 25.09 -2.52 49.38
N LEU A 478 25.01 -2.28 48.07
CA LEU A 478 25.89 -2.98 47.14
C LEU A 478 27.32 -2.48 47.28
N PRO A 479 28.31 -3.38 47.40
CA PRO A 479 29.71 -2.93 47.46
C PRO A 479 30.23 -2.49 46.10
N ILE A 480 29.73 -1.37 45.60
CA ILE A 480 30.15 -0.83 44.30
C ILE A 480 31.12 0.31 44.56
N LYS A 481 32.35 0.17 44.08
CA LYS A 481 33.38 1.17 44.25
C LYS A 481 33.37 2.09 43.03
N LEU A 482 32.85 3.30 43.21
CA LEU A 482 32.54 4.20 42.10
C LEU A 482 33.59 5.30 42.01
N PHE A 483 34.43 5.24 40.98
CA PHE A 483 35.39 6.29 40.67
C PHE A 483 34.81 7.23 39.62
N ILE A 484 34.96 8.53 39.85
CA ILE A 484 34.42 9.55 38.97
C ILE A 484 35.56 10.46 38.53
N PHE A 485 35.75 10.58 37.22
CA PHE A 485 36.79 11.45 36.65
C PHE A 485 36.19 12.83 36.39
N ASN A 486 36.63 13.81 37.15
CA ASN A 486 36.15 15.18 37.01
C ASN A 486 37.08 15.95 36.07
N ASN A 487 36.50 16.51 35.00
CA ASN A 487 37.27 17.27 34.02
C ASN A 487 36.47 18.43 33.45
N ASP A 488 35.55 18.99 34.24
CA ASP A 488 34.76 20.15 33.82
C ASP A 488 34.01 19.87 32.52
N GLY A 489 33.28 18.76 32.49
CA GLY A 489 32.35 18.50 31.40
C GLY A 489 32.76 17.38 30.45
N TYR A 490 32.43 17.57 29.18
CA TYR A 490 32.58 16.52 28.16
C TYR A 490 33.96 16.64 27.51
N LEU A 491 34.97 16.14 28.21
CA LEU A 491 36.35 16.26 27.72
C LEU A 491 36.49 15.63 26.34
N MET A 492 35.80 14.52 26.10
CA MET A 492 35.94 13.82 24.83
C MET A 492 35.39 14.65 23.68
N ILE A 493 34.31 15.39 23.92
CA ILE A 493 33.76 16.27 22.89
C ILE A 493 34.60 17.53 22.75
N LYS A 494 35.24 17.98 23.83
CA LYS A 494 36.14 19.13 23.75
C LYS A 494 37.19 18.91 22.66
N HIS A 495 37.80 17.73 22.64
CA HIS A 495 38.81 17.45 21.63
C HIS A 495 38.19 17.34 20.24
N THR A 496 36.92 16.96 20.16
CA THR A 496 36.24 16.89 18.87
C THR A 496 36.06 18.28 18.28
N GLN A 497 35.38 19.16 19.02
CA GLN A 497 35.10 20.50 18.51
C GLN A 497 36.35 21.38 18.47
N LYS A 498 37.40 21.03 19.23
CA LYS A 498 38.65 21.78 19.11
C LYS A 498 39.43 21.39 17.86
N SER A 499 39.29 20.14 17.41
CA SER A 499 39.95 19.71 16.19
C SER A 499 39.29 20.30 14.96
N LEU A 500 37.97 20.48 14.99
CA LEU A 500 37.21 20.92 13.84
C LEU A 500 37.16 22.44 13.70
N PHE A 501 37.08 23.17 14.81
CA PHE A 501 36.84 24.61 14.77
C PHE A 501 37.94 25.44 15.39
N LYS A 502 38.71 24.89 16.33
CA LYS A 502 39.80 25.63 16.97
C LYS A 502 39.32 26.98 17.47
N SER A 503 38.26 26.95 18.27
CA SER A 503 37.69 28.16 18.85
C SER A 503 37.24 27.84 20.28
N ASP A 504 36.32 28.63 20.80
CA ASP A 504 35.84 28.42 22.17
C ASP A 504 34.92 27.21 22.24
N TYR A 505 34.93 26.56 23.40
CA TYR A 505 34.09 25.39 23.59
C TYR A 505 32.61 25.77 23.55
N VAL A 506 31.79 24.79 23.18
CA VAL A 506 30.35 24.99 23.04
C VAL A 506 29.65 23.78 23.65
N GLY A 507 28.85 24.01 24.68
CA GLY A 507 28.10 22.93 25.32
C GLY A 507 28.95 21.76 25.81
N THR A 508 30.15 22.05 26.33
CA THR A 508 31.03 20.99 26.81
C THR A 508 31.67 21.26 28.17
N ASP A 509 31.58 22.47 28.70
CA ASP A 509 32.14 22.78 30.01
C ASP A 509 31.22 23.78 30.71
N ARG A 510 31.62 24.19 31.91
CA ARG A 510 30.76 25.05 32.72
C ARG A 510 30.45 26.35 32.00
N LYS A 511 31.47 27.00 31.44
CA LYS A 511 31.27 28.29 30.79
C LYS A 511 30.44 28.18 29.51
N SER A 512 30.35 26.99 28.92
CA SER A 512 29.61 26.80 27.68
C SER A 512 28.26 26.11 27.91
N GLY A 513 27.86 25.90 29.17
CA GLY A 513 26.50 25.49 29.48
C GLY A 513 26.36 24.11 30.12
N VAL A 514 27.46 23.43 30.45
CA VAL A 514 27.42 22.07 30.99
C VAL A 514 28.25 22.05 32.27
N SER A 515 27.57 21.92 33.40
CA SER A 515 28.23 21.80 34.70
C SER A 515 27.77 20.52 35.38
N CYS A 516 28.58 20.07 36.34
CA CYS A 516 28.31 18.85 37.10
C CYS A 516 28.41 19.13 38.59
N PRO A 517 27.64 18.42 39.41
CA PRO A 517 27.64 18.70 40.85
C PRO A 517 28.87 18.13 41.55
N ASP A 518 29.09 18.59 42.78
CA ASP A 518 30.14 18.07 43.65
C ASP A 518 29.72 16.69 44.13
N PHE A 519 30.28 15.65 43.50
CA PHE A 519 29.82 14.29 43.77
C PHE A 519 30.16 13.83 45.19
N SER A 520 31.18 14.42 45.82
CA SER A 520 31.44 14.10 47.22
C SER A 520 30.30 14.58 48.09
N ARG A 521 29.93 15.85 47.96
CA ARG A 521 28.76 16.35 48.70
C ARG A 521 27.52 15.56 48.37
N LEU A 522 27.29 15.29 47.08
CA LEU A 522 26.15 14.49 46.68
C LEU A 522 26.19 13.12 47.36
N ALA A 523 27.37 12.49 47.39
CA ALA A 523 27.50 11.21 48.07
C ALA A 523 27.07 11.30 49.52
N ALA A 524 27.50 12.36 50.22
CA ALA A 524 27.11 12.54 51.61
C ALA A 524 25.60 12.56 51.76
N ALA A 525 24.89 13.14 50.78
CA ALA A 525 23.44 13.16 50.84
C ALA A 525 22.86 11.75 50.75
N PHE A 526 23.45 10.90 49.91
CA PHE A 526 23.04 9.51 49.76
C PHE A 526 23.63 8.59 50.84
N ASP A 527 24.28 9.13 51.86
CA ASP A 527 24.90 8.31 52.90
C ASP A 527 25.95 7.36 52.33
N ILE A 528 26.76 7.87 51.41
CA ILE A 528 27.81 7.09 50.76
C ILE A 528 29.15 7.70 51.13
N PRO A 529 30.09 6.96 51.71
CA PRO A 529 31.41 7.53 51.99
C PRO A 529 32.08 7.98 50.71
N ALA A 530 32.77 9.13 50.78
CA ALA A 530 33.36 9.75 49.60
C ALA A 530 34.81 10.13 49.88
N TYR A 531 35.64 10.01 48.85
CA TYR A 531 37.03 10.39 48.89
C TYR A 531 37.37 11.20 47.64
N GLN A 532 38.48 11.93 47.71
CA GLN A 532 38.97 12.72 46.58
C GLN A 532 40.45 12.44 46.38
N ILE A 533 40.86 12.32 45.12
CA ILE A 533 42.26 12.11 44.75
C ILE A 533 42.64 13.23 43.81
N ARG A 534 43.46 14.16 44.31
CA ARG A 534 43.96 15.27 43.50
C ARG A 534 45.45 15.17 43.20
N GLY A 535 46.24 14.64 44.13
CA GLY A 535 47.66 14.46 43.93
C GLY A 535 48.09 13.04 44.20
N TRP A 536 49.38 12.78 43.93
CA TRP A 536 49.94 11.45 44.14
C TRP A 536 50.22 11.15 45.60
N ASP A 537 50.29 12.17 46.46
CA ASP A 537 50.63 11.93 47.86
C ASP A 537 49.58 11.07 48.54
N GLU A 538 48.30 11.40 48.35
CA GLU A 538 47.21 10.69 49.01
C GLU A 538 46.64 9.56 48.18
N CYS A 539 47.25 9.25 47.03
CA CYS A 539 46.64 8.33 46.08
C CYS A 539 46.59 6.91 46.64
N ASP A 540 47.75 6.35 47.03
CA ASP A 540 47.79 4.96 47.45
C ASP A 540 46.97 4.72 48.71
N ALA A 541 47.01 5.67 49.66
CA ALA A 541 46.24 5.50 50.88
C ALA A 541 44.74 5.53 50.58
N THR A 542 44.33 6.38 49.64
CA THR A 542 42.90 6.47 49.31
C THR A 542 42.43 5.22 48.58
N LEU A 543 43.20 4.77 47.59
CA LEU A 543 42.82 3.57 46.86
C LEU A 543 42.69 2.36 47.79
N ALA A 544 43.53 2.30 48.82
CA ALA A 544 43.45 1.18 49.76
C ALA A 544 42.19 1.24 50.61
N LYS A 545 41.77 2.45 51.00
CA LYS A 545 40.55 2.58 51.79
C LYS A 545 39.32 2.30 50.94
N VAL A 546 39.32 2.75 49.68
CA VAL A 546 38.18 2.48 48.80
C VAL A 546 37.99 0.97 48.65
N GLN A 547 39.07 0.24 48.33
CA GLN A 547 38.95 -1.19 48.13
C GLN A 547 38.56 -1.92 49.41
N ALA A 548 38.98 -1.40 50.56
CA ALA A 548 38.74 -2.09 51.84
C ALA A 548 37.30 -1.96 52.30
N HIS A 549 36.58 -0.92 51.89
CA HIS A 549 35.20 -0.74 52.32
C HIS A 549 34.37 -1.98 52.01
N THR A 550 33.29 -2.14 52.76
CA THR A 550 32.34 -3.22 52.56
C THR A 550 31.11 -2.80 51.78
N GLY A 551 30.76 -1.52 51.81
CA GLY A 551 29.59 -1.02 51.11
C GLY A 551 29.97 -0.10 49.98
N PRO A 552 29.00 0.66 49.46
CA PRO A 552 29.29 1.55 48.34
C PRO A 552 30.24 2.66 48.74
N VAL A 553 31.06 3.07 47.78
CA VAL A 553 32.03 4.15 47.96
C VAL A 553 32.08 4.99 46.71
N ILE A 554 32.30 6.28 46.87
CA ILE A 554 32.53 7.20 45.78
C ILE A 554 33.93 7.80 45.92
N CYS A 555 34.64 7.94 44.80
CA CYS A 555 36.00 8.47 44.80
C CYS A 555 36.17 9.39 43.60
N GLU A 556 36.14 10.69 43.83
CA GLU A 556 36.40 11.66 42.78
C GLU A 556 37.88 11.68 42.44
N VAL A 557 38.18 11.67 41.14
CA VAL A 557 39.56 11.78 40.66
C VAL A 557 39.61 13.00 39.74
N PHE A 558 40.37 14.02 40.15
CA PHE A 558 40.41 15.29 39.44
C PHE A 558 41.56 15.29 38.44
N MET A 559 41.25 15.55 37.18
CA MET A 559 42.22 15.58 36.11
C MET A 559 42.17 16.93 35.40
N HIS A 560 43.12 17.14 34.49
CA HIS A 560 43.18 18.40 33.77
C HIS A 560 41.94 18.56 32.90
N PRO A 561 41.26 19.71 32.94
CA PRO A 561 40.01 19.86 32.16
C PRO A 561 40.22 19.77 30.65
N GLN A 562 41.46 19.72 30.16
CA GLN A 562 41.74 19.66 28.73
C GLN A 562 42.81 18.62 28.43
N GLN A 563 42.96 17.61 29.28
CA GLN A 563 43.95 16.58 29.06
C GLN A 563 43.69 15.87 27.73
N LEU A 564 44.78 15.51 27.05
CA LEU A 564 44.68 14.81 25.78
C LEU A 564 44.34 13.34 26.00
N PHE A 565 43.66 12.76 25.00
CA PHE A 565 43.47 11.33 24.92
C PHE A 565 44.42 10.81 23.84
N SER A 566 45.44 10.07 24.26
CA SER A 566 46.42 9.53 23.32
C SER A 566 46.90 8.18 23.85
N PRO A 567 47.41 7.32 22.97
CA PRO A 567 47.52 7.48 21.51
C PRO A 567 46.15 7.43 20.84
N LYS A 568 46.01 8.06 19.67
CA LYS A 568 44.73 8.15 18.98
C LYS A 568 45.00 8.43 17.51
N LEU A 569 44.19 7.82 16.65
CA LEU A 569 44.28 8.05 15.20
C LEU A 569 43.44 9.28 14.88
N GLY A 570 44.10 10.43 14.72
CA GLY A 570 43.44 11.68 14.50
C GLY A 570 43.87 12.32 13.18
N VAL A 571 43.10 13.31 12.76
CA VAL A 571 43.39 14.02 11.52
C VAL A 571 44.54 14.98 11.76
N VAL A 572 45.45 15.04 10.80
CA VAL A 572 46.64 15.89 10.88
C VAL A 572 46.65 16.82 9.68
N SER A 573 47.01 18.08 9.91
CA SER A 573 47.15 19.05 8.83
C SER A 573 48.54 18.90 8.22
N ARG A 574 48.57 18.71 6.90
CA ARG A 574 49.82 18.50 6.18
C ARG A 574 50.65 19.79 6.15
N THR A 578 46.73 20.95 3.71
CA THR A 578 45.59 20.06 3.53
C THR A 578 45.49 19.08 4.70
N LEU A 579 44.31 18.52 4.89
CA LEU A 579 44.08 17.55 5.96
C LEU A 579 44.28 16.13 5.44
N VAL A 580 44.78 15.26 6.32
CA VAL A 580 45.07 13.88 5.97
C VAL A 580 44.63 12.98 7.13
N SER A 581 43.95 11.89 6.80
CA SER A 581 43.64 10.84 7.77
C SER A 581 44.73 9.78 7.66
N PRO A 582 45.71 9.76 8.56
CA PRO A 582 46.86 8.87 8.38
C PRO A 582 46.44 7.41 8.45
N PRO A 583 47.32 6.49 8.06
CA PRO A 583 47.02 5.07 8.22
C PRO A 583 46.93 4.69 9.69
N LEU A 584 46.51 3.44 9.92
CA LEU A 584 46.19 3.01 11.28
C LEU A 584 47.42 3.05 12.17
N GLU A 585 48.61 2.73 11.62
CA GLU A 585 49.81 2.66 12.44
C GLU A 585 50.32 4.02 12.88
N ASP A 586 49.82 5.11 12.31
CA ASP A 586 50.37 6.44 12.56
C ASP A 586 49.43 7.17 13.53
N LEU A 587 49.57 6.82 14.80
CA LEU A 587 48.75 7.41 15.85
C LEU A 587 49.30 8.76 16.28
N SER A 588 48.40 9.62 16.76
CA SER A 588 48.74 10.97 17.23
C SER A 588 48.84 10.99 18.74
N PRO A 589 49.81 11.72 19.33
CA PRO A 589 50.84 12.57 18.71
C PRO A 589 51.79 11.76 17.83
N LEU A 590 52.21 12.33 16.71
CA LEU A 590 52.98 11.61 15.72
C LEU A 590 54.44 11.44 16.17
N ILE A 591 54.96 10.24 15.98
CA ILE A 591 56.36 9.94 16.29
C ILE A 591 57.23 10.48 15.15
N PRO A 592 58.53 10.67 15.37
CA PRO A 592 59.39 11.12 14.28
C PRO A 592 59.32 10.18 13.09
N ARG A 593 59.34 10.77 11.89
CA ARG A 593 59.21 9.97 10.67
C ARG A 593 60.29 8.90 10.60
N ASP A 594 61.52 9.24 10.98
CA ASP A 594 62.59 8.25 10.92
C ASP A 594 62.34 7.10 11.89
N VAL A 595 61.59 7.36 12.97
CA VAL A 595 61.23 6.29 13.90
C VAL A 595 60.15 5.41 13.29
N LEU A 596 59.15 6.02 12.66
CA LEU A 596 58.08 5.25 12.02
C LEU A 596 58.63 4.41 10.87
N GLU A 597 59.59 4.95 10.12
CA GLU A 597 60.20 4.19 9.03
C GLU A 597 60.80 2.89 9.55
N GLN A 598 61.60 2.98 10.62
CA GLN A 598 62.25 1.78 11.16
C GLN A 598 61.22 0.82 11.75
N ALA A 599 60.10 1.33 12.24
CA ALA A 599 59.08 0.48 12.84
C ALA A 599 58.25 -0.29 11.82
N MET A 600 58.23 0.15 10.57
CA MET A 600 57.42 -0.48 9.53
C MET A 600 58.29 -1.42 8.70
N ILE A 601 57.87 -2.68 8.60
CA ILE A 601 58.68 -3.69 7.91
C ILE A 601 58.93 -3.29 6.46
N GLY A 602 57.89 -2.79 5.78
CA GLY A 602 58.02 -2.34 4.42
C GLY A 602 58.19 -0.85 4.23
N GLY A 603 58.43 -0.10 5.30
CA GLY A 603 58.50 1.34 5.21
C GLY A 603 57.14 2.00 5.34
N MET A 604 57.17 3.29 5.67
CA MET A 604 55.93 3.98 6.02
C MET A 604 55.06 4.17 4.78
N HIS A 605 53.76 4.35 5.04
CA HIS A 605 52.78 4.58 3.99
C HIS A 605 53.01 5.94 3.33
N GLU A 606 52.54 6.07 2.09
CA GLU A 606 52.72 7.31 1.34
C GLU A 606 52.11 8.50 2.08
N LYS A 607 51.04 8.28 2.84
CA LYS A 607 50.41 9.37 3.57
C LYS A 607 51.29 9.88 4.71
N SER A 608 52.05 8.99 5.34
CA SER A 608 52.81 9.36 6.53
C SER A 608 54.07 10.16 6.22
N LYS A 609 54.53 10.16 4.97
CA LYS A 609 55.82 10.77 4.64
C LYS A 609 55.80 12.29 4.73
N THR A 610 54.63 12.92 4.64
CA THR A 610 54.53 14.37 4.57
C THR A 610 54.06 15.00 5.87
N LEU A 611 53.86 14.21 6.92
CA LEU A 611 53.34 14.74 8.18
C LEU A 611 54.46 15.29 9.06
N ASP B 4 34.80 30.96 -4.12
CA ASP B 4 34.16 29.92 -3.33
C ASP B 4 32.93 30.48 -2.62
N ASN B 5 31.79 30.45 -3.30
CA ASN B 5 30.54 31.03 -2.80
C ASN B 5 29.67 29.97 -2.13
N LYS B 6 30.25 29.10 -1.30
CA LYS B 6 29.53 28.02 -0.66
C LYS B 6 29.48 28.23 0.86
N VAL B 7 28.38 27.81 1.46
CA VAL B 7 28.14 27.97 2.88
C VAL B 7 27.93 26.61 3.51
N LYS B 8 28.38 26.47 4.76
CA LYS B 8 28.19 25.23 5.50
C LYS B 8 26.72 24.97 5.74
N VAL B 9 26.28 23.74 5.50
CA VAL B 9 24.87 23.40 5.67
C VAL B 9 24.41 23.69 7.09
N ALA B 10 25.25 23.38 8.08
CA ALA B 10 24.89 23.66 9.47
C ALA B 10 24.59 25.14 9.67
N GLU B 11 25.35 26.01 9.00
CA GLU B 11 25.10 27.44 9.13
C GLU B 11 23.76 27.81 8.51
N LEU B 12 23.38 27.17 7.41
CA LEU B 12 22.07 27.43 6.81
C LEU B 12 20.95 26.94 7.72
N VAL B 13 21.18 25.86 8.45
CA VAL B 13 20.19 25.36 9.40
C VAL B 13 20.01 26.35 10.54
N ALA B 14 21.12 26.83 11.10
CA ALA B 14 21.02 27.85 12.15
C ALA B 14 20.24 29.06 11.65
N GLU B 15 20.57 29.54 10.45
CA GLU B 15 19.83 30.65 9.86
C GLU B 15 18.35 30.30 9.74
N ALA B 16 18.04 29.09 9.25
CA ALA B 16 16.66 28.69 9.12
C ALA B 16 15.94 28.73 10.46
N LEU B 17 16.60 28.27 11.52
CA LEU B 17 15.97 28.27 12.83
C LEU B 17 15.59 29.67 13.27
N GLU B 18 16.42 30.66 12.94
CA GLU B 18 16.06 32.04 13.25
C GLU B 18 14.85 32.48 12.43
N ASN B 19 14.84 32.17 11.13
CA ASN B 19 13.71 32.53 10.29
C ASN B 19 12.43 31.83 10.72
N LEU B 20 12.53 30.68 11.39
CA LEU B 20 11.36 29.98 11.89
C LEU B 20 10.96 30.41 13.29
N GLY B 21 11.70 31.33 13.91
CA GLY B 21 11.35 31.86 15.21
C GLY B 21 11.71 30.97 16.38
N ILE B 22 12.55 29.97 16.16
CA ILE B 22 12.93 29.03 17.22
C ILE B 22 14.05 29.68 18.03
N GLN B 23 13.74 30.09 19.26
CA GLN B 23 14.68 30.84 20.09
C GLN B 23 15.36 29.97 21.15
N HIS B 24 14.89 28.74 21.37
CA HIS B 24 15.50 27.85 22.35
C HIS B 24 15.59 26.45 21.77
N ALA B 25 16.71 25.79 22.07
CA ALA B 25 16.94 24.41 21.66
C ALA B 25 17.48 23.65 22.85
N PHE B 26 16.89 22.50 23.14
CA PHE B 26 17.30 21.63 24.23
C PHE B 26 17.97 20.39 23.67
N GLY B 27 18.96 19.87 24.38
CA GLY B 27 19.61 18.66 23.94
C GLY B 27 20.96 18.47 24.62
N ILE B 28 21.72 17.54 24.04
CA ILE B 28 23.07 17.23 24.49
C ILE B 28 23.95 17.11 23.26
N ILE B 29 25.19 17.57 23.38
CA ILE B 29 26.09 17.58 22.24
C ILE B 29 26.66 16.18 22.02
N GLY B 30 27.10 15.95 20.78
CA GLY B 30 27.81 14.73 20.43
C GLY B 30 28.43 14.91 19.07
N ALA B 31 29.23 13.93 18.68
CA ALA B 31 29.84 13.99 17.36
C ALA B 31 28.78 14.08 16.26
N GLY B 32 27.59 13.53 16.51
CA GLY B 32 26.56 13.52 15.49
C GLY B 32 25.92 14.87 15.24
N ASN B 33 26.08 15.82 16.15
CA ASN B 33 25.52 17.16 15.95
C ASN B 33 26.48 18.25 16.41
N VAL B 34 27.77 17.98 16.50
CA VAL B 34 28.72 18.99 16.94
C VAL B 34 28.76 20.15 15.97
N HIS B 35 28.48 19.90 14.68
CA HIS B 35 28.47 20.98 13.70
C HIS B 35 27.23 21.85 13.84
N LEU B 36 26.11 21.29 14.29
CA LEU B 36 24.92 22.10 14.53
C LEU B 36 25.07 22.94 15.78
N PHE B 37 25.62 22.35 16.85
CA PHE B 37 25.91 23.12 18.06
C PHE B 37 26.79 24.32 17.74
N GLU B 38 27.85 24.11 16.94
CA GLU B 38 28.75 25.21 16.60
C GLU B 38 28.00 26.29 15.82
N ALA B 39 27.28 25.90 14.77
CA ALA B 39 26.62 26.88 13.92
C ALA B 39 25.54 27.64 14.67
N ILE B 40 24.75 26.95 15.50
CA ILE B 40 23.71 27.63 16.26
C ILE B 40 24.31 28.60 17.26
N ALA B 41 25.39 28.19 17.93
CA ALA B 41 26.03 29.06 18.91
C ALA B 41 26.60 30.30 18.25
N ARG B 42 27.40 30.12 17.20
CA ARG B 42 28.06 31.25 16.57
C ARG B 42 27.08 32.25 15.97
N ARG B 43 25.85 31.82 15.68
CA ARG B 43 24.86 32.78 15.19
C ARG B 43 24.26 33.58 16.33
N GLY B 44 24.08 32.96 17.49
CA GLY B 44 23.64 33.67 18.67
C GLY B 44 22.16 33.93 18.79
N TYR B 45 21.35 33.50 17.81
CA TYR B 45 19.91 33.76 17.90
C TYR B 45 19.21 32.75 18.78
N THR B 46 19.49 31.47 18.59
CA THR B 46 18.86 30.40 19.36
C THR B 46 19.75 30.03 20.54
N GLU B 47 19.16 30.01 21.73
CA GLU B 47 19.88 29.61 22.93
C GLU B 47 19.83 28.09 23.07
N ILE B 48 20.99 27.47 23.21
CA ILE B 48 21.08 26.02 23.44
C ILE B 48 21.10 25.79 24.94
N VAL B 49 20.05 25.17 25.45
CA VAL B 49 20.00 24.72 26.84
C VAL B 49 20.52 23.29 26.88
N CYS B 50 21.60 23.08 27.63
CA CYS B 50 22.23 21.76 27.69
C CYS B 50 21.67 21.00 28.90
N VAL B 51 20.99 19.89 28.62
CA VAL B 51 20.42 19.05 29.66
C VAL B 51 21.38 17.89 29.93
N HIS B 52 21.04 17.06 30.92
CA HIS B 52 21.86 15.91 31.28
C HIS B 52 21.18 14.59 30.93
N HIS B 53 20.02 14.62 30.29
CA HIS B 53 19.41 13.42 29.71
C HIS B 53 18.53 13.86 28.56
N GLU B 54 18.76 13.29 27.37
CA GLU B 54 18.00 13.69 26.20
C GLU B 54 16.50 13.54 26.40
N GLN B 55 16.07 12.72 27.36
CA GLN B 55 14.64 12.63 27.67
C GLN B 55 14.11 13.96 28.17
N ALA B 56 14.91 14.68 28.96
CA ALA B 56 14.47 15.97 29.47
C ALA B 56 14.34 17.00 28.35
N ALA B 57 15.18 16.90 27.32
CA ALA B 57 15.12 17.85 26.22
C ALA B 57 13.82 17.70 25.43
N CYS B 58 13.38 16.46 25.22
CA CYS B 58 12.15 16.20 24.48
C CYS B 58 10.90 16.41 25.30
N MET B 59 11.02 16.58 26.62
CA MET B 59 9.89 16.97 27.45
C MET B 59 9.83 18.48 27.65
N ALA B 60 10.98 19.14 27.76
CA ALA B 60 10.99 20.58 27.98
C ALA B 60 10.35 21.33 26.81
N VAL B 61 10.64 20.90 25.58
CA VAL B 61 10.10 21.59 24.41
C VAL B 61 8.57 21.62 24.45
N GLN B 62 7.95 20.65 25.09
CA GLN B 62 6.49 20.61 25.15
C GLN B 62 5.94 21.79 25.94
N THR B 63 6.23 21.84 27.24
CA THR B 63 5.74 22.94 28.06
C THR B 63 6.32 24.29 27.64
N TYR B 64 7.48 24.28 26.98
CA TYR B 64 7.99 25.51 26.40
C TYR B 64 6.98 26.10 25.43
N TYR B 65 6.39 25.26 24.58
CA TYR B 65 5.40 25.74 23.62
C TYR B 65 4.10 26.12 24.31
N ARG B 66 3.63 25.27 25.23
CA ARG B 66 2.35 25.52 25.88
C ARG B 66 2.34 26.85 26.64
N THR B 67 3.51 27.41 26.92
CA THR B 67 3.58 28.63 27.71
C THR B 67 3.18 29.85 26.88
N ASN B 68 3.87 30.09 25.76
CA ASN B 68 3.63 31.28 24.95
C ASN B 68 3.36 30.98 23.49
N GLY B 69 3.35 29.71 23.08
CA GLY B 69 3.02 29.36 21.71
C GLY B 69 4.19 29.39 20.75
N ARG B 70 5.43 29.41 21.24
CA ARG B 70 6.60 29.38 20.39
C ARG B 70 7.21 27.98 20.42
N ILE B 71 7.40 27.40 19.23
CA ILE B 71 7.92 26.05 19.16
C ILE B 71 9.40 26.04 19.53
N ALA B 72 9.83 24.95 20.17
CA ALA B 72 11.23 24.73 20.49
C ALA B 72 11.71 23.48 19.77
N ALA B 73 13.03 23.35 19.70
CA ALA B 73 13.65 22.19 19.07
C ALA B 73 14.40 21.38 20.12
N ALA B 74 14.48 20.08 19.90
CA ALA B 74 15.35 19.21 20.68
C ALA B 74 16.50 18.79 19.79
N LEU B 75 17.72 18.96 20.29
CA LEU B 75 18.94 18.76 19.50
C LEU B 75 19.67 17.55 20.04
N LEU B 76 19.43 16.39 19.43
CA LEU B 76 19.98 15.12 19.86
C LEU B 76 21.13 14.69 18.95
N THR B 77 21.86 13.68 19.39
CA THR B 77 23.02 13.17 18.65
C THR B 77 22.80 11.70 18.30
N THR B 78 23.83 11.13 17.66
CA THR B 78 23.78 9.76 17.18
C THR B 78 23.51 8.78 18.33
N GLY B 79 22.84 7.68 18.00
CA GLY B 79 22.71 6.56 18.90
C GLY B 79 21.90 6.81 20.15
N ALA B 80 22.55 6.71 21.30
CA ALA B 80 21.86 6.88 22.57
C ALA B 80 21.32 8.29 22.76
N GLY B 81 21.92 9.29 22.09
CA GLY B 81 21.33 10.62 22.11
C GLY B 81 19.90 10.63 21.61
N SER B 82 19.62 9.82 20.60
CA SER B 82 18.28 9.77 20.02
C SER B 82 17.36 8.84 20.79
N THR B 83 17.84 7.65 21.16
CA THR B 83 16.98 6.71 21.88
C THR B 83 16.58 7.25 23.24
N ASN B 84 17.42 8.09 23.84
CA ASN B 84 17.09 8.68 25.15
C ASN B 84 15.94 9.67 25.07
N GLY B 85 15.63 10.18 23.88
CA GLY B 85 14.54 11.12 23.71
C GLY B 85 13.21 10.51 23.32
N VAL B 86 13.14 9.20 23.12
CA VAL B 86 11.92 8.59 22.61
C VAL B 86 10.75 8.83 23.57
N THR B 87 11.00 8.76 24.88
CA THR B 87 9.92 8.93 25.84
C THR B 87 9.27 10.30 25.71
N GLY B 88 10.07 11.36 25.57
CA GLY B 88 9.50 12.69 25.41
C GLY B 88 8.71 12.85 24.14
N VAL B 89 9.12 12.17 23.07
CA VAL B 89 8.38 12.23 21.82
C VAL B 89 7.00 11.59 21.99
N VAL B 90 6.93 10.49 22.73
CA VAL B 90 5.65 9.78 22.89
C VAL B 90 4.68 10.61 23.74
N SER B 91 5.18 11.37 24.71
CA SER B 91 4.30 12.20 25.52
C SER B 91 3.71 13.34 24.69
N ALA B 92 4.55 14.02 23.91
CA ALA B 92 4.02 15.08 23.04
C ALA B 92 3.10 14.52 21.98
N TRP B 93 3.37 13.30 21.52
CA TRP B 93 2.48 12.63 20.58
C TRP B 93 1.11 12.40 21.19
N ALA B 94 1.07 12.08 22.49
CA ALA B 94 -0.19 11.74 23.16
C ALA B 94 -0.94 12.96 23.67
N ASP B 95 -0.25 14.06 23.97
CA ASP B 95 -0.87 15.29 24.41
C ASP B 95 -1.07 16.30 23.30
N SER B 96 -0.73 15.95 22.05
CA SER B 96 -0.95 16.81 20.90
C SER B 96 -0.23 18.14 21.04
N ILE B 97 1.05 18.06 21.43
CA ILE B 97 1.89 19.23 21.65
C ILE B 97 2.89 19.31 20.50
N PRO B 98 3.05 20.47 19.86
CA PRO B 98 4.01 20.56 18.76
C PRO B 98 5.44 20.78 19.24
N CYS B 99 6.38 20.29 18.43
CA CYS B 99 7.80 20.39 18.71
C CYS B 99 8.55 19.60 17.64
N ILE B 100 9.81 19.95 17.40
CA ILE B 100 10.60 19.31 16.36
C ILE B 100 11.89 18.78 16.98
N VAL B 101 12.30 17.59 16.55
CA VAL B 101 13.54 16.96 16.99
C VAL B 101 14.51 16.97 15.82
N ILE B 102 15.71 17.48 16.05
CA ILE B 102 16.76 17.51 15.05
C ILE B 102 17.87 16.59 15.55
N ALA B 103 17.88 15.35 15.09
CA ALA B 103 18.79 14.32 15.57
C ALA B 103 19.87 14.05 14.54
N GLY B 104 21.13 14.02 14.98
CA GLY B 104 22.22 13.65 14.11
C GLY B 104 22.35 12.15 13.95
N ASN B 105 23.24 11.75 13.05
CA ASN B 105 23.49 10.32 12.82
C ASN B 105 24.84 10.18 12.12
N GLU B 106 25.20 8.93 11.81
CA GLU B 106 26.47 8.62 11.19
C GLU B 106 26.53 9.21 9.78
N ASN B 107 27.65 8.95 9.10
N ASN B 107 27.65 8.97 9.09
CA ASN B 107 27.78 9.39 7.71
CA ASN B 107 27.78 9.43 7.72
C ASN B 107 26.65 8.81 6.88
C ASN B 107 26.70 8.79 6.85
N SER B 108 26.16 9.59 5.91
CA SER B 108 25.00 9.16 5.14
C SER B 108 25.25 7.86 4.37
N LYS B 109 26.50 7.47 4.17
CA LYS B 109 26.76 6.22 3.46
C LYS B 109 26.38 5.00 4.29
N PHE B 110 26.18 5.16 5.59
CA PHE B 110 25.74 4.07 6.45
C PHE B 110 24.24 4.10 6.76
N THR B 111 23.56 5.21 6.46
CA THR B 111 22.20 5.43 6.96
C THR B 111 21.19 5.09 5.86
N PHE B 112 20.93 3.78 5.71
CA PHE B 112 19.89 3.32 4.81
C PHE B 112 19.32 2.03 5.38
N PRO B 113 18.00 1.85 5.37
CA PRO B 113 17.42 0.66 6.02
C PRO B 113 17.86 -0.66 5.42
N GLU B 114 18.27 -0.68 4.15
CA GLU B 114 18.73 -1.93 3.56
C GLU B 114 20.06 -2.40 4.14
N ASN B 115 20.65 -1.63 5.05
CA ASN B 115 21.93 -2.02 5.66
C ASN B 115 21.78 -3.35 6.37
N PRO B 116 22.52 -4.39 5.97
CA PRO B 116 22.33 -5.71 6.59
C PRO B 116 22.91 -5.85 7.99
N LEU B 117 23.67 -4.87 8.48
CA LEU B 117 24.29 -4.95 9.79
C LEU B 117 23.32 -4.47 10.87
N ARG B 118 23.57 -4.92 12.10
CA ARG B 118 22.70 -4.54 13.21
C ARG B 118 22.73 -3.05 13.49
N MET B 119 23.88 -2.41 13.30
CA MET B 119 24.04 -1.00 13.59
C MET B 119 24.65 -0.28 12.40
N TRP B 120 24.41 1.03 12.34
CA TRP B 120 24.89 1.88 11.27
C TRP B 120 26.20 2.54 11.69
N GLY B 121 27.21 2.44 10.84
CA GLY B 121 28.47 3.09 11.12
C GLY B 121 29.04 2.64 12.45
N VAL B 122 29.38 3.61 13.29
CA VAL B 122 30.04 3.31 14.56
C VAL B 122 29.02 2.98 15.65
N GLN B 123 27.90 3.69 15.69
CA GLN B 123 26.95 3.51 16.78
C GLN B 123 25.58 4.10 16.45
N GLY B 124 25.17 4.01 15.19
CA GLY B 124 23.95 4.63 14.71
C GLY B 124 22.86 3.61 14.42
N TYR B 125 21.67 4.15 14.15
CA TYR B 125 20.51 3.33 13.87
C TYR B 125 19.44 4.21 13.22
N ASP B 126 18.39 3.56 12.71
CA ASP B 126 17.30 4.25 12.05
C ASP B 126 16.43 4.92 13.11
N SER B 127 16.78 6.14 13.47
CA SER B 127 16.01 6.87 14.47
C SER B 127 14.65 7.32 13.94
N CYS B 128 14.45 7.29 12.62
CA CYS B 128 13.14 7.62 12.07
C CYS B 128 12.16 6.47 12.22
N GLN B 129 12.64 5.23 12.00
CA GLN B 129 11.76 4.08 12.14
C GLN B 129 11.30 3.90 13.58
N MET B 130 12.12 4.28 14.56
CA MET B 130 11.77 4.03 15.96
C MET B 130 10.60 4.88 16.41
N VAL B 131 10.46 6.11 15.89
CA VAL B 131 9.37 7.00 16.26
C VAL B 131 8.33 7.10 15.14
N GLU B 132 8.34 6.15 14.20
CA GLU B 132 7.41 6.18 13.07
C GLU B 132 5.95 6.23 13.52
N ARG B 133 5.62 5.57 14.63
CA ARG B 133 4.24 5.45 15.09
C ARG B 133 3.94 6.36 16.27
N VAL B 134 4.85 7.28 16.62
CA VAL B 134 4.63 8.19 17.74
C VAL B 134 5.08 9.59 17.37
N SER B 135 4.95 9.94 16.09
CA SER B 135 5.28 11.27 15.62
C SER B 135 4.56 11.49 14.30
N LYS B 136 4.28 12.76 13.99
CA LYS B 136 3.49 13.07 12.81
C LYS B 136 4.29 12.98 11.53
N TYR B 137 5.61 13.09 11.60
CA TYR B 137 6.44 13.15 10.40
C TYR B 137 7.86 12.78 10.78
N GLN B 138 8.53 12.04 9.90
CA GLN B 138 9.94 11.69 10.07
C GLN B 138 10.62 11.72 8.72
N MET B 139 11.80 12.34 8.67
CA MET B 139 12.56 12.39 7.43
C MET B 139 14.04 12.46 7.72
N ARG B 140 14.81 11.69 6.96
CA ARG B 140 16.27 11.75 6.96
C ARG B 140 16.72 12.55 5.74
N VAL B 141 17.54 13.57 5.97
CA VAL B 141 18.03 14.44 4.92
C VAL B 141 19.25 13.78 4.29
N THR B 142 19.12 13.33 3.03
CA THR B 142 20.22 12.72 2.30
C THR B 142 20.79 13.62 1.22
N LYS B 143 20.17 14.76 0.94
CA LYS B 143 20.72 15.76 0.04
C LYS B 143 20.88 17.06 0.82
N MET B 144 22.05 17.68 0.70
CA MET B 144 22.31 18.91 1.42
C MET B 144 21.28 19.99 1.07
N GLU B 145 20.88 20.06 -0.20
CA GLU B 145 20.00 21.13 -0.65
C GLU B 145 18.62 21.08 -0.02
N ARG B 146 18.25 19.97 0.62
CA ARG B 146 16.93 19.82 1.22
C ARG B 146 16.99 19.79 2.75
N ALA B 147 18.09 20.24 3.33
CA ALA B 147 18.19 20.28 4.79
C ALA B 147 17.20 21.29 5.37
N VAL B 148 17.25 22.54 4.88
CA VAL B 148 16.33 23.55 5.37
C VAL B 148 14.90 23.22 4.95
N TYR B 149 14.72 22.63 3.78
CA TYR B 149 13.39 22.23 3.35
C TYR B 149 12.70 21.39 4.40
N GLU B 150 13.35 20.32 4.85
CA GLU B 150 12.71 19.39 5.79
C GLU B 150 12.51 20.02 7.16
N LEU B 151 13.33 21.00 7.54
CA LEU B 151 13.12 21.68 8.81
C LEU B 151 11.88 22.56 8.76
N GLU B 152 11.70 23.30 7.67
CA GLU B 152 10.49 24.10 7.51
C GLU B 152 9.26 23.20 7.42
N LYS B 153 9.37 22.10 6.68
CA LYS B 153 8.27 21.13 6.60
C LYS B 153 8.01 20.50 7.97
N GLY B 154 9.07 20.09 8.67
CA GLY B 154 8.90 19.48 9.97
C GLY B 154 8.19 20.39 10.95
N VAL B 155 8.48 21.71 10.88
CA VAL B 155 7.83 22.64 11.80
C VAL B 155 6.37 22.85 11.42
N HIS B 156 6.09 22.97 10.11
CA HIS B 156 4.70 23.18 9.70
C HIS B 156 3.84 21.96 10.02
N LEU B 157 4.36 20.76 9.78
CA LEU B 157 3.57 19.57 10.08
C LEU B 157 3.38 19.38 11.57
N ALA B 158 4.33 19.83 12.39
CA ALA B 158 4.17 19.72 13.83
C ALA B 158 3.03 20.61 14.33
N LEU B 159 2.78 21.73 13.65
CA LEU B 159 1.78 22.70 14.09
C LEU B 159 0.43 22.54 13.40
N GLU B 160 0.36 21.94 12.23
CA GLU B 160 -0.90 21.87 11.52
C GLU B 160 -1.83 20.85 12.18
N GLY B 161 -3.13 20.99 11.89
CA GLY B 161 -4.11 20.03 12.34
C GLY B 161 -4.01 19.76 13.83
N ARG B 162 -4.00 18.47 14.18
CA ARG B 162 -3.75 18.06 15.56
C ARG B 162 -2.25 18.08 15.81
N PRO B 163 -1.74 19.01 16.62
CA PRO B 163 -0.28 19.15 16.75
C PRO B 163 0.38 17.90 17.27
N GLY B 164 1.70 17.84 17.08
CA GLY B 164 2.49 16.72 17.55
C GLY B 164 3.96 16.89 17.22
N PRO B 165 4.78 15.93 17.62
CA PRO B 165 6.21 16.01 17.36
C PRO B 165 6.59 15.55 15.96
N THR B 166 7.67 16.13 15.45
CA THR B 166 8.27 15.70 14.19
C THR B 166 9.75 15.42 14.41
N TRP B 167 10.29 14.52 13.59
CA TRP B 167 11.63 13.98 13.76
C TRP B 167 12.41 14.17 12.47
N ILE B 168 13.37 15.09 12.48
CA ILE B 168 14.22 15.35 11.32
C ILE B 168 15.62 14.88 11.66
N GLU B 169 16.10 13.87 10.92
CA GLU B 169 17.44 13.34 11.10
C GLU B 169 18.37 13.91 10.04
N ILE B 170 19.52 14.44 10.47
CA ILE B 170 20.52 14.96 9.55
C ILE B 170 21.86 14.29 9.82
N PRO B 171 22.33 13.42 8.93
CA PRO B 171 23.65 12.80 9.13
C PRO B 171 24.77 13.82 9.19
N MET B 172 25.87 13.41 9.84
CA MET B 172 27.02 14.30 10.04
C MET B 172 27.46 14.97 8.74
N ASP B 173 27.79 14.14 7.75
CA ASP B 173 28.38 14.68 6.52
C ASP B 173 27.45 15.67 5.84
N ILE B 174 26.14 15.52 6.04
CA ILE B 174 25.20 16.51 5.52
C ILE B 174 25.34 17.81 6.30
N GLN B 175 25.68 17.73 7.59
CA GLN B 175 25.84 18.94 8.40
C GLN B 175 27.10 19.70 8.03
N SER B 176 28.19 18.98 7.81
CA SER B 176 29.48 19.58 7.50
C SER B 176 29.65 19.93 6.03
N GLY B 177 28.68 19.57 5.19
CA GLY B 177 28.78 19.88 3.78
C GLY B 177 28.62 21.36 3.51
N ARG B 178 29.03 21.76 2.30
CA ARG B 178 28.98 23.15 1.85
C ARG B 178 28.27 23.22 0.51
N ILE B 179 27.35 24.17 0.35
CA ILE B 179 26.61 24.37 -0.88
C ILE B 179 26.41 25.85 -1.14
N ASP B 180 26.13 26.18 -2.38
CA ASP B 180 25.75 27.53 -2.77
C ASP B 180 24.39 27.86 -2.17
N PRO B 181 24.29 28.84 -1.25
CA PRO B 181 22.99 29.11 -0.61
C PRO B 181 21.85 29.26 -1.62
N ALA B 182 22.20 29.61 -2.85
CA ALA B 182 21.19 29.78 -3.90
C ALA B 182 20.50 28.48 -4.26
N THR B 183 21.14 27.33 -4.03
CA THR B 183 20.55 26.04 -4.34
C THR B 183 19.73 25.48 -3.19
N LEU B 184 19.44 26.28 -2.17
CA LEU B 184 18.68 25.80 -1.02
C LEU B 184 17.19 25.76 -1.37
N GLU B 185 16.60 24.58 -1.27
CA GLU B 185 15.17 24.43 -1.49
C GLU B 185 14.41 24.86 -0.23
N HIS B 186 13.19 25.33 -0.44
CA HIS B 186 12.35 25.80 0.65
C HIS B 186 10.95 25.19 0.52
N TYR B 187 10.30 24.99 1.67
CA TYR B 187 9.05 24.27 1.74
C TYR B 187 7.88 25.25 1.75
N VAL B 188 7.00 25.13 0.75
CA VAL B 188 5.81 25.95 0.64
C VAL B 188 4.65 25.16 1.24
N ALA B 189 4.09 25.65 2.34
CA ALA B 189 3.02 24.93 3.01
C ALA B 189 1.75 25.01 2.18
N PRO B 190 1.03 23.90 2.00
CA PRO B 190 -0.23 23.95 1.24
C PRO B 190 -1.23 24.86 1.91
N PRO B 191 -2.32 25.20 1.22
CA PRO B 191 -3.32 26.11 1.80
C PRO B 191 -4.01 25.49 3.01
N ALA B 192 -4.24 26.31 4.02
CA ALA B 192 -4.87 25.81 5.25
C ALA B 192 -6.31 25.37 4.95
N PRO B 193 -6.78 24.31 5.59
CA PRO B 193 -8.10 23.78 5.24
C PRO B 193 -9.23 24.66 5.74
N ASP B 194 -10.35 24.62 5.02
CA ASP B 194 -11.56 25.34 5.38
C ASP B 194 -12.51 24.34 6.04
N TYR B 195 -12.46 24.27 7.37
CA TYR B 195 -13.24 23.26 8.08
C TYR B 195 -14.74 23.52 7.99
N LEU B 196 -15.15 24.76 7.79
CA LEU B 196 -16.57 25.12 7.89
C LEU B 196 -17.26 24.88 6.55
N THR B 197 -17.36 23.59 6.22
CA THR B 197 -18.06 23.15 5.01
C THR B 197 -19.56 23.21 5.22
N PRO B 198 -20.35 23.06 4.15
CA PRO B 198 -21.80 23.01 4.33
C PRO B 198 -22.25 21.93 5.30
N ALA B 199 -21.60 20.76 5.28
CA ALA B 199 -21.97 19.70 6.20
C ALA B 199 -21.66 20.10 7.64
N VAL B 200 -20.44 20.58 7.89
CA VAL B 200 -20.07 20.99 9.24
C VAL B 200 -20.95 22.16 9.69
N ALA B 201 -21.20 23.11 8.80
CA ALA B 201 -22.07 24.23 9.13
C ALA B 201 -23.45 23.76 9.56
N ALA B 202 -23.92 22.65 8.98
CA ALA B 202 -25.22 22.10 9.38
C ALA B 202 -25.13 21.43 10.75
N GLN B 203 -23.96 20.90 11.09
CA GLN B 203 -23.79 20.33 12.43
C GLN B 203 -23.77 21.42 13.48
N VAL B 204 -23.16 22.57 13.17
CA VAL B 204 -23.20 23.70 14.10
C VAL B 204 -24.64 24.15 14.32
N ASP B 205 -25.45 24.14 13.26
CA ASP B 205 -26.87 24.47 13.42
C ASP B 205 -27.55 23.48 14.34
N SER B 206 -27.26 22.18 14.17
CA SER B 206 -27.87 21.16 15.02
C SER B 206 -27.44 21.34 16.47
N VAL B 207 -26.20 21.75 16.70
CA VAL B 207 -25.74 21.98 18.07
C VAL B 207 -26.46 23.18 18.68
N LEU B 208 -26.68 24.24 17.89
CA LEU B 208 -27.34 25.42 18.43
C LEU B 208 -28.81 25.15 18.71
N ALA B 209 -29.43 24.22 17.99
CA ALA B 209 -30.82 23.87 18.26
C ALA B 209 -30.93 23.06 19.55
N ALA B 210 -29.96 22.20 19.81
CA ALA B 210 -29.98 21.42 21.05
C ALA B 210 -29.68 22.30 22.26
N LEU B 211 -28.72 23.23 22.13
CA LEU B 211 -28.40 24.11 23.23
C LEU B 211 -29.59 25.00 23.59
N ALA B 212 -30.28 25.53 22.59
CA ALA B 212 -31.46 26.36 22.86
C ALA B 212 -32.56 25.55 23.54
N LYS B 213 -32.69 24.28 23.20
CA LYS B 213 -33.75 23.44 23.72
C LYS B 213 -33.37 22.75 25.02
N ALA B 214 -32.09 22.46 25.24
CA ALA B 214 -31.68 21.68 26.38
C ALA B 214 -32.00 22.40 27.69
N GLU B 215 -32.59 21.67 28.63
CA GLU B 215 -32.85 22.21 29.96
C GLU B 215 -31.67 22.05 30.89
N ARG B 216 -30.84 21.04 30.67
CA ARG B 216 -29.70 20.74 31.53
C ARG B 216 -28.45 20.49 30.68
N PRO B 217 -27.97 21.52 29.99
CA PRO B 217 -26.78 21.34 29.15
C PRO B 217 -25.49 21.46 29.94
N VAL B 218 -24.45 20.81 29.41
CA VAL B 218 -23.12 20.83 30.03
C VAL B 218 -22.09 20.81 28.92
N LEU B 219 -21.25 21.84 28.85
CA LEU B 219 -20.16 21.91 27.89
C LEU B 219 -18.88 21.36 28.53
N TRP B 220 -18.18 20.48 27.81
CA TRP B 220 -16.94 19.89 28.27
C TRP B 220 -15.81 20.45 27.42
N LEU B 221 -15.04 21.36 28.01
CA LEU B 221 -14.00 22.09 27.29
C LEU B 221 -12.64 21.45 27.54
N GLY B 222 -11.84 21.31 26.47
CA GLY B 222 -10.56 20.65 26.55
C GLY B 222 -9.45 21.49 25.95
N ASN B 223 -8.21 21.03 26.17
CA ASN B 223 -7.02 21.73 25.72
C ASN B 223 -6.99 21.92 24.20
N GLY B 224 -7.82 21.20 23.45
CA GLY B 224 -7.92 21.45 22.02
C GLY B 224 -8.37 22.85 21.70
N ILE B 225 -9.04 23.52 22.66
CA ILE B 225 -9.40 24.91 22.47
C ILE B 225 -8.16 25.80 22.58
N ARG B 226 -7.39 25.63 23.65
CA ARG B 226 -6.18 26.42 23.81
C ARG B 226 -5.21 26.18 22.66
N LEU B 227 -5.11 24.94 22.19
CA LEU B 227 -4.24 24.63 21.07
C LEU B 227 -4.73 25.32 19.79
N ALA B 228 -6.03 25.56 19.68
CA ALA B 228 -6.59 26.26 18.53
C ALA B 228 -6.57 27.78 18.70
N GLY B 229 -6.12 28.27 19.86
CA GLY B 229 -6.09 29.70 20.08
C GLY B 229 -7.46 30.33 20.19
N GLY B 230 -8.39 29.67 20.88
CA GLY B 230 -9.72 30.19 21.05
C GLY B 230 -10.18 30.21 22.49
N GLU B 231 -9.24 30.18 23.43
CA GLU B 231 -9.62 30.14 24.84
C GLU B 231 -10.30 31.44 25.26
N ARG B 232 -10.00 32.54 24.58
CA ARG B 232 -10.61 33.83 24.90
C ARG B 232 -12.07 33.90 24.45
N LEU B 233 -12.58 32.89 23.75
CA LEU B 233 -13.96 32.84 23.32
C LEU B 233 -14.87 32.05 24.25
N LEU B 234 -14.32 31.52 25.35
CA LEU B 234 -15.12 30.68 26.24
C LEU B 234 -15.97 31.51 27.18
N LYS B 235 -15.40 32.56 27.77
CA LYS B 235 -16.16 33.40 28.69
C LYS B 235 -17.39 34.02 28.02
N PRO B 236 -17.29 34.61 26.83
CA PRO B 236 -18.53 35.13 26.19
C PRO B 236 -19.45 34.04 25.70
N LEU B 237 -18.93 32.86 25.36
CA LEU B 237 -19.79 31.78 24.90
C LEU B 237 -20.67 31.24 26.02
N LEU B 238 -20.07 30.91 27.17
CA LEU B 238 -20.84 30.38 28.28
C LEU B 238 -21.87 31.39 28.77
N GLU B 239 -21.50 32.66 28.85
CA GLU B 239 -22.42 33.68 29.33
C GLU B 239 -23.55 33.92 28.34
N LYS B 240 -23.29 33.76 27.04
CA LYS B 240 -24.33 33.94 26.04
C LYS B 240 -25.28 32.74 26.03
N LEU B 241 -24.80 31.56 26.40
CA LEU B 241 -25.63 30.36 26.44
C LEU B 241 -26.27 30.13 27.80
N GLY B 242 -25.68 30.65 28.87
CA GLY B 242 -26.16 30.35 30.21
C GLY B 242 -26.04 28.90 30.59
N SER B 243 -25.07 28.18 29.98
CA SER B 243 -24.93 26.75 30.16
C SER B 243 -23.75 26.44 31.07
N PRO B 244 -23.94 25.64 32.13
CA PRO B 244 -22.78 25.21 32.94
C PRO B 244 -21.71 24.57 32.07
N ALA B 245 -20.48 24.51 32.57
CA ALA B 245 -19.37 23.97 31.81
C ALA B 245 -18.44 23.19 32.72
N LEU B 246 -17.92 22.08 32.20
CA LEU B 246 -16.84 21.33 32.82
C LEU B 246 -15.58 21.50 31.98
N VAL B 247 -14.43 21.39 32.64
CA VAL B 247 -13.13 21.51 31.98
C VAL B 247 -12.37 20.22 32.20
N SER B 248 -11.59 19.82 31.18
CA SER B 248 -10.73 18.67 31.33
C SER B 248 -9.50 19.05 32.15
N TRP B 249 -8.84 18.02 32.70
CA TRP B 249 -7.64 18.25 33.48
C TRP B 249 -6.62 19.09 32.71
N ALA B 250 -6.53 18.88 31.39
CA ALA B 250 -5.56 19.61 30.59
C ALA B 250 -5.99 21.04 30.31
N GLY B 251 -7.29 21.31 30.34
CA GLY B 251 -7.80 22.65 30.05
C GLY B 251 -8.38 23.33 31.27
N ILE B 252 -7.81 23.05 32.44
CA ILE B 252 -8.28 23.69 33.67
C ILE B 252 -7.99 25.19 33.62
N ASP B 253 -6.84 25.57 33.07
CA ASP B 253 -6.39 26.96 33.10
C ASP B 253 -6.97 27.80 31.96
N MET B 254 -7.94 27.28 31.21
CA MET B 254 -8.56 28.06 30.14
C MET B 254 -9.63 29.00 30.67
N LEU B 255 -10.25 28.66 31.80
CA LEU B 255 -11.27 29.49 32.42
C LEU B 255 -10.98 29.64 33.89
N ASP B 256 -11.55 30.70 34.48
CA ASP B 256 -11.46 30.90 35.92
C ASP B 256 -12.27 29.82 36.62
N SER B 257 -11.61 29.02 37.46
CA SER B 257 -12.29 27.95 38.16
C SER B 257 -13.45 28.46 39.01
N SER B 258 -13.42 29.73 39.41
CA SER B 258 -14.48 30.34 40.20
C SER B 258 -15.52 31.05 39.34
N HIS B 259 -15.50 30.84 38.03
CA HIS B 259 -16.48 31.48 37.17
C HIS B 259 -17.88 30.91 37.44
N PRO B 260 -18.92 31.74 37.45
CA PRO B 260 -20.24 31.26 37.90
C PRO B 260 -20.77 30.08 37.10
N LEU B 261 -20.22 29.81 35.92
CA LEU B 261 -20.71 28.73 35.06
C LEU B 261 -19.69 27.62 34.87
N VAL B 262 -18.57 27.66 35.59
CA VAL B 262 -17.57 26.60 35.55
C VAL B 262 -17.73 25.77 36.82
N PHE B 263 -17.94 24.46 36.66
CA PHE B 263 -18.28 23.57 37.76
C PHE B 263 -17.30 22.43 37.89
N GLY B 264 -16.03 22.66 37.58
CA GLY B 264 -14.99 21.72 37.90
C GLY B 264 -14.73 20.67 36.84
N ARG B 265 -14.13 19.57 37.29
CA ARG B 265 -13.58 18.54 36.44
C ARG B 265 -14.21 17.20 36.80
N ALA B 266 -14.61 16.44 35.77
CA ALA B 266 -15.23 15.13 35.96
C ALA B 266 -14.32 14.04 35.42
N GLY B 267 -14.53 12.83 35.91
CA GLY B 267 -13.80 11.67 35.44
C GLY B 267 -13.72 10.60 36.50
N VAL B 268 -12.86 9.61 36.23
CA VAL B 268 -12.63 8.54 37.20
C VAL B 268 -11.97 9.11 38.46
N TYR B 269 -11.22 10.19 38.32
CA TYR B 269 -10.71 10.97 39.44
C TYR B 269 -11.36 12.34 39.51
N GLY B 270 -12.60 12.45 39.03
CA GLY B 270 -13.30 13.71 39.02
C GLY B 270 -13.86 14.07 40.38
N GLN B 271 -14.45 15.26 40.44
CA GLN B 271 -15.04 15.77 41.65
C GLN B 271 -16.50 15.34 41.75
N ARG B 272 -16.95 15.07 42.98
CA ARG B 272 -18.28 14.50 43.18
C ARG B 272 -19.35 15.36 42.54
N ALA B 273 -19.28 16.69 42.76
CA ALA B 273 -20.26 17.58 42.17
C ALA B 273 -20.15 17.62 40.65
N ALA B 274 -18.94 17.50 40.11
CA ALA B 274 -18.77 17.49 38.66
C ALA B 274 -19.38 16.24 38.04
N ASN B 275 -19.16 15.08 38.65
CA ASN B 275 -19.70 13.84 38.09
C ASN B 275 -21.22 13.84 38.13
N PHE B 276 -21.82 14.38 39.19
CA PHE B 276 -23.28 14.45 39.26
C PHE B 276 -23.84 15.40 38.20
N ILE B 277 -23.15 16.52 37.96
CA ILE B 277 -23.59 17.44 36.90
C ILE B 277 -23.53 16.74 35.55
N LEU B 278 -22.42 16.05 35.27
CA LEU B 278 -22.27 15.37 33.99
C LEU B 278 -23.31 14.28 33.81
N GLN B 279 -23.49 13.44 34.83
CA GLN B 279 -24.32 12.26 34.68
C GLN B 279 -25.81 12.58 34.69
N ASN B 280 -26.21 13.77 35.11
CA ASN B 280 -27.62 14.15 35.14
C ASN B 280 -28.01 15.12 34.02
N SER B 281 -27.08 15.47 33.13
CA SER B 281 -27.41 16.39 32.05
C SER B 281 -28.33 15.72 31.03
N ASP B 282 -28.95 16.55 30.19
CA ASP B 282 -29.72 16.08 29.05
C ASP B 282 -29.04 16.37 27.73
N TYR B 283 -27.89 17.04 27.74
CA TYR B 283 -27.14 17.32 26.53
C TYR B 283 -25.71 17.67 26.91
N VAL B 284 -24.74 17.03 26.26
CA VAL B 284 -23.32 17.26 26.51
C VAL B 284 -22.68 17.69 25.20
N LEU B 285 -21.88 18.75 25.24
CA LEU B 285 -21.19 19.28 24.05
C LEU B 285 -19.71 19.36 24.38
N ALA B 286 -18.96 18.37 23.89
CA ALA B 286 -17.52 18.31 24.10
C ALA B 286 -16.82 19.10 23.00
N ILE B 287 -15.98 20.06 23.40
CA ILE B 287 -15.25 20.90 22.46
C ILE B 287 -13.77 20.84 22.80
N GLY B 288 -12.97 20.28 21.90
CA GLY B 288 -11.53 20.23 22.08
C GLY B 288 -11.06 19.31 23.18
N THR B 289 -11.90 18.41 23.68
CA THR B 289 -11.51 17.42 24.67
C THR B 289 -11.56 16.03 24.06
N ARG B 290 -10.57 15.20 24.40
CA ARG B 290 -10.42 13.90 23.79
C ARG B 290 -11.39 12.86 24.35
N LEU B 291 -12.07 13.16 25.46
CA LEU B 291 -12.97 12.20 26.10
C LEU B 291 -12.25 10.86 26.30
N ALA B 292 -11.03 10.94 26.82
CA ALA B 292 -10.24 9.76 27.08
C ALA B 292 -10.90 8.89 28.15
N ILE B 293 -10.37 7.68 28.31
CA ILE B 293 -10.93 6.75 29.30
C ILE B 293 -11.02 7.40 30.69
N PRO B 294 -9.96 8.00 31.23
CA PRO B 294 -10.07 8.62 32.56
C PRO B 294 -11.15 9.68 32.66
N GLN B 295 -11.72 10.16 31.55
CA GLN B 295 -12.76 11.17 31.61
C GLN B 295 -14.16 10.57 31.64
N ILE B 296 -14.41 9.51 30.85
CA ILE B 296 -15.75 8.99 30.64
C ILE B 296 -15.98 7.64 31.30
N GLY B 297 -14.95 7.04 31.89
CA GLY B 297 -15.12 5.75 32.53
C GLY B 297 -14.88 4.58 31.60
N TYR B 298 -15.53 3.44 31.86
CA TYR B 298 -15.29 2.20 31.14
C TYR B 298 -16.51 1.68 30.40
N ASP B 299 -17.58 2.48 30.29
CA ASP B 299 -18.79 2.02 29.61
C ASP B 299 -19.51 3.24 29.06
N LEU B 300 -19.58 3.34 27.73
CA LEU B 300 -20.29 4.46 27.11
C LEU B 300 -21.77 4.43 27.45
N ASN B 301 -22.36 3.25 27.60
CA ASN B 301 -23.78 3.16 27.91
C ASN B 301 -24.10 3.71 29.29
N GLU B 302 -23.10 3.84 30.17
CA GLU B 302 -23.30 4.40 31.50
C GLU B 302 -22.95 5.87 31.58
N LEU B 303 -22.52 6.48 30.47
CA LEU B 303 -22.12 7.88 30.46
C LEU B 303 -23.32 8.76 30.14
N ALA B 304 -23.58 9.74 31.01
CA ALA B 304 -24.67 10.69 30.86
C ALA B 304 -25.92 10.01 30.30
N ARG B 305 -26.52 9.14 31.10
CA ARG B 305 -27.57 8.25 30.63
C ARG B 305 -28.86 8.97 30.25
N LEU B 306 -28.94 10.30 30.42
CA LEU B 306 -30.12 11.06 30.07
C LEU B 306 -29.85 12.08 28.97
N ALA B 307 -28.67 12.04 28.34
CA ALA B 307 -28.23 13.14 27.48
C ALA B 307 -27.76 12.66 26.12
N ARG B 308 -28.00 13.51 25.12
CA ARG B 308 -27.34 13.38 23.83
C ARG B 308 -25.95 14.00 23.93
N ILE B 309 -24.98 13.41 23.24
CA ILE B 309 -23.58 13.81 23.35
C ILE B 309 -23.04 14.14 21.97
N ASP B 310 -22.59 15.38 21.79
CA ASP B 310 -21.94 15.83 20.57
C ASP B 310 -20.47 16.11 20.85
N VAL B 311 -19.61 15.81 19.88
CA VAL B 311 -18.16 15.90 20.05
C VAL B 311 -17.59 16.75 18.92
N VAL B 312 -16.69 17.67 19.29
CA VAL B 312 -15.97 18.52 18.34
C VAL B 312 -14.49 18.25 18.53
N ASP B 313 -13.84 17.76 17.48
CA ASP B 313 -12.43 17.41 17.56
C ASP B 313 -11.81 17.50 16.18
N ILE B 314 -10.62 18.10 16.10
CA ILE B 314 -9.95 18.28 14.82
C ILE B 314 -9.38 17.00 14.26
N ASP B 315 -9.31 15.94 15.07
CA ASP B 315 -8.84 14.63 14.64
C ASP B 315 -10.05 13.77 14.32
N GLY B 316 -10.22 13.43 13.04
CA GLY B 316 -11.38 12.65 12.65
C GLY B 316 -11.48 11.32 13.38
N ASP B 317 -10.33 10.70 13.65
CA ASP B 317 -10.34 9.42 14.36
C ASP B 317 -10.82 9.59 15.80
N GLU B 318 -10.37 10.67 16.47
CA GLU B 318 -10.82 10.91 17.83
C GLU B 318 -12.29 11.31 17.86
N ALA B 319 -12.77 12.01 16.84
CA ALA B 319 -14.12 12.54 16.87
C ALA B 319 -15.19 11.46 16.74
N ILE B 320 -14.85 10.31 16.17
CA ILE B 320 -15.82 9.26 15.91
C ILE B 320 -15.59 8.02 16.76
N LYS B 321 -14.54 8.00 17.59
CA LYS B 321 -14.24 6.81 18.38
C LYS B 321 -15.37 6.44 19.33
N HIS B 322 -16.24 7.38 19.69
CA HIS B 322 -17.40 7.11 20.52
C HIS B 322 -18.70 7.17 19.72
N ALA B 323 -18.63 6.81 18.43
CA ALA B 323 -19.76 7.01 17.54
C ALA B 323 -20.96 6.16 17.94
N LYS B 324 -20.74 4.99 18.55
CA LYS B 324 -21.85 4.16 19.00
C LYS B 324 -22.75 4.92 19.96
N ARG B 325 -22.20 5.90 20.69
CA ARG B 325 -22.92 6.62 21.73
C ARG B 325 -23.21 8.07 21.39
N THR B 326 -22.33 8.74 20.66
CA THR B 326 -22.51 10.16 20.34
C THR B 326 -23.36 10.33 19.09
N GLN B 327 -23.87 11.54 18.91
CA GLN B 327 -24.72 11.87 17.76
C GLN B 327 -23.95 12.68 16.74
N GLU B 328 -23.70 13.96 17.03
CA GLU B 328 -23.01 14.85 16.10
C GLU B 328 -21.51 14.74 16.33
N ASN B 329 -20.80 14.11 15.40
CA ASN B 329 -19.34 14.03 15.42
C ASN B 329 -18.83 15.10 14.47
N ILE B 330 -18.42 16.23 15.02
CA ILE B 330 -18.02 17.40 14.25
C ILE B 330 -16.50 17.41 14.17
N VAL B 331 -15.96 17.19 12.97
CA VAL B 331 -14.52 17.24 12.74
C VAL B 331 -14.21 18.68 12.30
N CYS B 332 -13.70 19.48 13.25
CA CYS B 332 -13.48 20.88 12.97
C CYS B 332 -12.53 21.44 14.02
N ASP B 333 -11.88 22.55 13.67
CA ASP B 333 -11.02 23.25 14.60
C ASP B 333 -11.85 23.89 15.70
N ALA B 334 -11.36 23.83 16.93
CA ALA B 334 -12.16 24.28 18.08
C ALA B 334 -12.46 25.76 17.97
N ARG B 335 -11.47 26.58 17.58
CA ARG B 335 -11.71 28.01 17.45
C ARG B 335 -12.71 28.30 16.34
N VAL B 336 -12.53 27.68 15.17
CA VAL B 336 -13.45 27.91 14.07
C VAL B 336 -14.86 27.51 14.49
N PHE B 337 -15.00 26.40 15.21
CA PHE B 337 -16.32 25.96 15.64
C PHE B 337 -16.95 26.96 16.61
N ILE B 338 -16.18 27.40 17.60
CA ILE B 338 -16.72 28.35 18.57
C ILE B 338 -17.12 29.64 17.89
N GLU B 339 -16.28 30.15 16.98
CA GLU B 339 -16.64 31.35 16.26
C GLU B 339 -17.88 31.14 15.40
N ALA B 340 -17.99 29.96 14.78
CA ALA B 340 -19.17 29.66 13.97
C ALA B 340 -20.42 29.51 14.84
N LEU B 341 -20.25 29.10 16.09
CA LEU B 341 -21.39 29.00 17.01
C LEU B 341 -21.75 30.35 17.61
N LEU B 342 -20.76 31.22 17.82
CA LEU B 342 -21.05 32.57 18.33
C LEU B 342 -21.68 33.44 17.26
N ALA B 343 -21.34 33.21 16.00
CA ALA B 343 -22.00 33.95 14.91
C ALA B 343 -23.48 33.58 14.83
N ARG B 344 -23.78 32.28 14.85
CA ARG B 344 -25.16 31.84 14.73
C ARG B 344 -26.01 32.22 15.93
N LEU B 345 -25.38 32.54 17.07
CA LEU B 345 -26.12 33.04 18.22
C LEU B 345 -26.60 34.48 18.00
N ASN B 346 -26.02 35.19 17.05
CA ASN B 346 -26.42 36.55 16.70
C ASN B 346 -27.11 36.61 15.35
N ALA B 347 -27.35 35.45 14.71
CA ALA B 347 -27.99 35.42 13.41
C ALA B 347 -29.40 36.00 13.49
N ALA B 348 -29.93 36.37 12.32
CA ALA B 348 -31.29 36.86 12.26
C ALA B 348 -32.28 35.79 12.69
N ASP B 349 -32.06 34.54 12.26
CA ASP B 349 -32.92 33.41 12.60
C ASP B 349 -32.38 32.61 13.78
N ALA B 350 -31.76 33.28 14.74
CA ALA B 350 -31.19 32.58 15.89
C ALA B 350 -32.30 32.15 16.84
N PRO B 351 -32.38 30.87 17.21
CA PRO B 351 -33.49 30.43 18.07
C PRO B 351 -33.41 31.04 19.45
N ALA B 352 -34.55 31.08 20.12
CA ALA B 352 -34.60 31.58 21.49
C ALA B 352 -34.00 30.54 22.43
N ILE B 353 -33.08 30.99 23.30
CA ILE B 353 -32.38 30.10 24.22
C ILE B 353 -33.26 29.92 25.46
N ALA B 354 -33.72 28.69 25.68
CA ALA B 354 -34.55 28.41 26.84
C ALA B 354 -33.72 28.56 28.12
N SER B 355 -34.37 29.01 29.18
CA SER B 355 -33.67 29.29 30.42
C SER B 355 -33.11 28.02 31.02
N LYS B 356 -31.88 28.11 31.55
CA LYS B 356 -31.25 27.03 32.29
C LYS B 356 -31.08 27.37 33.77
N ALA B 357 -31.85 28.34 34.27
CA ALA B 357 -31.68 28.78 35.65
C ALA B 357 -31.80 27.61 36.62
N ASP B 358 -32.88 26.83 36.49
CA ASP B 358 -33.08 25.72 37.42
C ASP B 358 -31.92 24.74 37.39
N TRP B 359 -31.30 24.56 36.22
CA TRP B 359 -30.16 23.65 36.11
C TRP B 359 -28.92 24.24 36.74
N VAL B 360 -28.67 25.54 36.52
CA VAL B 360 -27.52 26.19 37.14
C VAL B 360 -27.67 26.19 38.66
N ALA B 361 -28.90 26.33 39.15
CA ALA B 361 -29.12 26.27 40.59
C ALA B 361 -28.84 24.87 41.13
N LYS B 362 -29.26 23.84 40.40
CA LYS B 362 -28.97 22.47 40.84
C LYS B 362 -27.49 22.16 40.75
N CYS B 363 -26.77 22.80 39.82
CA CYS B 363 -25.32 22.61 39.78
C CYS B 363 -24.67 23.20 41.02
N ARG B 364 -25.07 24.41 41.41
CA ARG B 364 -24.50 25.03 42.61
C ARG B 364 -24.89 24.26 43.86
N ALA B 365 -26.12 23.72 43.90
CA ALA B 365 -26.49 22.85 45.02
C ALA B 365 -25.55 21.66 45.13
N TYR B 366 -25.23 21.03 43.99
CA TYR B 366 -24.29 19.92 44.00
C TYR B 366 -22.97 20.33 44.64
N GLU B 367 -22.45 21.51 44.29
CA GLU B 367 -21.17 21.95 44.83
C GLU B 367 -21.29 22.26 46.33
N GLU B 368 -22.42 22.81 46.76
CA GLU B 368 -22.63 23.03 48.19
C GLU B 368 -22.71 21.69 48.93
N GLN B 369 -23.23 20.66 48.27
CA GLN B 369 -23.39 19.37 48.93
C GLN B 369 -22.09 18.57 48.93
N PHE B 370 -21.27 18.71 47.89
CA PHE B 370 -20.04 17.93 47.73
C PHE B 370 -18.89 18.89 47.44
N PRO B 371 -18.30 19.50 48.46
CA PRO B 371 -17.14 20.35 48.24
C PRO B 371 -15.95 19.55 47.75
N TRP B 372 -15.03 20.26 47.07
CA TRP B 372 -13.86 19.57 46.53
C TRP B 372 -13.01 18.98 47.64
N VAL B 373 -12.80 19.72 48.73
CA VAL B 373 -12.08 19.24 49.89
C VAL B 373 -13.10 19.01 50.99
N GLY B 374 -13.50 17.75 51.20
CA GLY B 374 -14.53 17.40 52.14
C GLY B 374 -14.01 16.61 53.32
N ALA B 375 -14.93 15.98 54.04
CA ALA B 375 -14.57 15.21 55.22
C ALA B 375 -13.67 14.03 54.87
N GLU B 376 -13.88 13.42 53.70
CA GLU B 376 -13.05 12.30 53.28
C GLU B 376 -11.56 12.65 53.25
N HIS B 377 -11.23 13.93 53.17
CA HIS B 377 -9.84 14.38 53.12
C HIS B 377 -9.33 14.85 54.48
N ALA B 378 -9.80 14.23 55.56
CA ALA B 378 -9.32 14.56 56.89
C ALA B 378 -7.87 14.13 57.05
N ASP B 379 -7.13 14.87 57.87
CA ASP B 379 -5.73 14.56 58.13
C ASP B 379 -5.62 13.15 58.71
N PRO B 380 -5.02 12.22 57.97
CA PRO B 380 -4.92 10.83 58.48
C PRO B 380 -3.87 10.70 59.57
N GLU B 381 -4.31 10.37 60.79
CA GLU B 381 -3.40 10.15 61.91
C GLU B 381 -2.48 11.35 62.14
N GLY B 382 -2.99 12.55 61.87
CA GLY B 382 -2.26 13.77 62.12
C GLY B 382 -1.37 14.24 60.98
N PHE B 383 -1.10 13.40 60.00
CA PHE B 383 -0.32 13.82 58.85
C PHE B 383 -1.05 14.91 58.08
N ILE B 384 -0.29 15.65 57.28
CA ILE B 384 -0.90 16.58 56.34
C ILE B 384 -1.58 15.80 55.24
N ASN B 385 -2.82 16.17 54.94
CA ASN B 385 -3.58 15.57 53.83
C ASN B 385 -3.29 16.33 52.56
N SER B 386 -2.83 15.62 51.53
CA SER B 386 -2.38 16.28 50.31
C SER B 386 -3.46 17.20 49.75
N TYR B 387 -4.72 16.74 49.76
CA TYR B 387 -5.80 17.57 49.22
C TYR B 387 -5.96 18.85 50.02
N ARG B 388 -5.86 18.77 51.35
CA ARG B 388 -5.92 19.98 52.17
C ARG B 388 -4.70 20.86 51.96
N PHE B 389 -3.54 20.25 51.73
CA PHE B 389 -2.34 21.03 51.44
C PHE B 389 -2.48 21.76 50.11
N MET B 390 -3.09 21.12 49.11
CA MET B 390 -3.29 21.78 47.82
C MET B 390 -4.21 22.99 47.99
N GLU B 391 -5.23 22.86 48.83
CA GLU B 391 -6.14 23.99 49.06
C GLU B 391 -5.42 25.15 49.72
N ARG B 392 -4.54 24.85 50.67
CA ARG B 392 -3.78 25.92 51.34
C ARG B 392 -2.74 26.51 50.40
N LEU B 393 -1.98 25.66 49.70
CA LEU B 393 -1.00 26.15 48.75
C LEU B 393 -1.66 27.04 47.70
N ASN B 394 -2.91 26.76 47.35
CA ASN B 394 -3.59 27.54 46.32
C ASN B 394 -3.59 29.02 46.66
N GLY B 395 -3.76 29.37 47.94
CA GLY B 395 -3.83 30.76 48.35
C GLY B 395 -2.53 31.52 48.22
N PHE B 396 -1.43 30.83 47.92
CA PHE B 396 -0.13 31.46 47.74
C PHE B 396 0.23 31.62 46.28
N PHE B 397 -0.68 31.30 45.36
CA PHE B 397 -0.41 31.48 43.94
C PHE B 397 -0.22 32.95 43.62
N LYS B 398 0.80 33.26 42.84
CA LYS B 398 0.99 34.60 42.34
C LYS B 398 0.02 34.88 41.19
N ASP B 399 -0.11 36.15 40.82
CA ASP B 399 -1.08 36.52 39.79
C ASP B 399 -0.74 35.88 38.45
N ASP B 400 0.54 35.64 38.18
CA ASP B 400 0.99 35.00 36.95
C ASP B 400 1.55 33.61 37.19
N GLN B 401 1.02 32.91 38.20
CA GLN B 401 1.60 31.63 38.61
C GLN B 401 1.48 30.60 37.49
N VAL B 402 2.54 29.82 37.30
CA VAL B 402 2.54 28.69 36.39
C VAL B 402 2.87 27.44 37.19
N VAL B 403 1.96 26.46 37.17
CA VAL B 403 2.10 25.24 37.96
C VAL B 403 2.26 24.07 37.00
N VAL B 404 3.34 23.31 37.19
CA VAL B 404 3.55 22.05 36.48
C VAL B 404 3.62 20.95 37.52
N THR B 405 3.14 19.76 37.15
CA THR B 405 3.09 18.64 38.07
C THR B 405 3.71 17.40 37.45
N ASP B 406 4.12 16.47 38.32
CA ASP B 406 4.51 15.13 37.91
C ASP B 406 3.28 14.24 38.04
N MET B 407 3.46 12.97 38.36
CA MET B 407 2.35 12.04 38.50
C MET B 407 1.96 11.93 39.97
N GLY B 408 1.31 10.83 40.35
CA GLY B 408 1.09 10.52 41.75
C GLY B 408 0.29 11.59 42.47
N THR B 409 0.75 11.94 43.67
CA THR B 409 0.01 12.87 44.52
C THR B 409 -0.10 14.24 43.88
N ALA B 410 0.99 14.73 43.29
CA ALA B 410 0.95 16.04 42.65
C ALA B 410 -0.12 16.11 41.57
N LEU B 411 -0.16 15.09 40.69
CA LEU B 411 -1.16 15.06 39.63
C LEU B 411 -2.58 14.99 40.21
N LEU B 412 -2.84 13.97 41.03
CA LEU B 412 -4.19 13.73 41.51
C LEU B 412 -4.68 14.86 42.40
N SER B 413 -3.98 15.11 43.51
CA SER B 413 -4.41 16.17 44.42
C SER B 413 -4.44 17.52 43.73
N GLY B 414 -3.49 17.78 42.83
CA GLY B 414 -3.44 19.05 42.15
C GLY B 414 -4.68 19.29 41.30
N HIS B 415 -4.97 18.36 40.39
CA HIS B 415 -6.07 18.57 39.45
C HIS B 415 -7.45 18.43 40.07
N GLN B 416 -7.55 17.88 41.28
CA GLN B 416 -8.83 17.70 41.94
C GLN B 416 -9.19 18.82 42.90
N VAL B 417 -8.26 19.76 43.17
CA VAL B 417 -8.48 20.77 44.19
C VAL B 417 -8.11 22.14 43.65
N LEU B 418 -6.92 22.26 43.07
CA LEU B 418 -6.39 23.57 42.72
C LEU B 418 -7.35 24.34 41.83
N ARG B 419 -7.43 25.64 42.08
CA ARG B 419 -8.22 26.58 41.28
C ARG B 419 -7.28 27.56 40.61
N PHE B 420 -7.70 28.07 39.45
CA PHE B 420 -6.87 28.99 38.68
C PHE B 420 -7.75 30.13 38.15
N LYS B 421 -7.10 31.25 37.88
CA LYS B 421 -7.73 32.42 37.29
C LYS B 421 -6.92 32.84 36.07
N GLU B 422 -7.52 33.72 35.26
CA GLU B 422 -6.83 34.22 34.08
C GLU B 422 -5.47 34.80 34.46
N GLY B 423 -4.46 34.46 33.65
CA GLY B 423 -3.09 34.82 33.93
C GLY B 423 -2.27 33.70 34.53
N GLN B 424 -2.92 32.65 35.04
CA GLN B 424 -2.25 31.50 35.61
C GLN B 424 -2.37 30.31 34.67
N ARG B 425 -1.42 29.38 34.78
CA ARG B 425 -1.34 28.24 33.89
C ARG B 425 -1.11 26.95 34.68
N PHE B 426 -1.61 25.85 34.12
CA PHE B 426 -1.51 24.54 34.74
C PHE B 426 -1.14 23.55 33.65
N MET B 427 -0.02 22.85 33.82
CA MET B 427 0.49 21.94 32.80
C MET B 427 0.94 20.64 33.45
N THR B 428 0.89 19.57 32.64
CA THR B 428 1.41 18.26 33.01
C THR B 428 1.20 17.34 31.81
N SER B 429 1.79 16.16 31.87
CA SER B 429 1.70 15.17 30.80
C SER B 429 0.68 14.11 31.22
N THR B 430 -0.51 14.16 30.61
CA THR B 430 -1.57 13.22 30.93
C THR B 430 -1.79 12.16 29.85
N GLY B 431 -1.45 12.44 28.60
CA GLY B 431 -1.60 11.46 27.55
C GLY B 431 -0.79 10.21 27.83
N LEU B 432 0.51 10.38 28.01
CA LEU B 432 1.38 9.26 28.39
C LEU B 432 1.45 9.08 29.89
N GLY B 433 1.37 10.16 30.66
CA GLY B 433 1.41 10.07 32.11
C GLY B 433 2.69 9.47 32.64
N GLU B 434 3.83 9.97 32.17
CA GLU B 434 5.11 9.39 32.53
C GLU B 434 5.66 10.04 33.79
N MET B 435 6.37 9.25 34.58
CA MET B 435 7.04 9.78 35.75
C MET B 435 8.30 10.53 35.33
N GLY B 436 8.64 11.55 36.09
CA GLY B 436 9.78 12.37 35.76
C GLY B 436 9.51 13.48 34.77
N TYR B 437 8.25 13.89 34.62
CA TYR B 437 7.90 14.99 33.74
C TYR B 437 7.91 16.33 34.44
N GLY B 438 7.82 16.35 35.78
CA GLY B 438 7.73 17.61 36.50
C GLY B 438 8.91 18.51 36.26
N LEU B 439 10.13 17.99 36.48
CA LEU B 439 11.32 18.84 36.36
C LEU B 439 11.53 19.31 34.93
N PRO B 440 11.63 18.43 33.92
CA PRO B 440 11.77 18.94 32.55
C PRO B 440 10.64 19.87 32.14
N ALA B 441 9.44 19.68 32.68
CA ALA B 441 8.34 20.59 32.38
C ALA B 441 8.63 21.99 32.91
N ALA B 442 9.23 22.08 34.11
CA ALA B 442 9.54 23.38 34.68
C ALA B 442 10.67 24.07 33.94
N LEU B 443 11.62 23.31 33.41
CA LEU B 443 12.67 23.92 32.59
C LEU B 443 12.10 24.57 31.34
N GLY B 444 11.14 23.91 30.68
CA GLY B 444 10.55 24.47 29.48
C GLY B 444 9.80 25.76 29.75
N VAL B 445 8.99 25.77 30.82
CA VAL B 445 8.23 26.97 31.16
C VAL B 445 9.17 28.10 31.55
N SER B 446 10.24 27.78 32.28
CA SER B 446 11.14 28.82 32.76
C SER B 446 11.84 29.51 31.60
N PHE B 447 12.39 28.74 30.66
CA PHE B 447 13.09 29.34 29.53
C PHE B 447 12.13 30.04 28.58
N ALA B 448 10.88 29.58 28.51
CA ALA B 448 9.91 30.25 27.64
C ALA B 448 9.56 31.63 28.17
N ASN B 449 9.58 31.82 29.49
CA ASN B 449 9.36 33.12 30.10
C ASN B 449 10.67 33.80 30.51
N ASP B 450 11.74 33.58 29.75
CA ASP B 450 13.03 34.21 30.01
C ASP B 450 13.44 34.01 31.47
N ARG B 451 13.64 32.76 31.82
CA ARG B 451 14.01 32.35 33.15
C ARG B 451 13.00 32.68 34.18
N GLY B 452 11.73 32.55 33.81
CA GLY B 452 10.63 32.92 34.68
C GLY B 452 10.42 31.94 35.82
N GLU B 453 9.53 32.34 36.73
CA GLU B 453 9.21 31.51 37.89
C GLU B 453 8.24 30.41 37.50
N VAL B 454 8.40 29.25 38.12
CA VAL B 454 7.53 28.09 37.88
C VAL B 454 7.41 27.31 39.17
N MET B 455 6.19 26.88 39.49
CA MET B 455 5.94 26.01 40.63
C MET B 455 5.80 24.58 40.14
N CYS B 456 6.61 23.69 40.69
CA CYS B 456 6.66 22.29 40.28
C CYS B 456 6.21 21.42 41.44
N LEU B 457 5.06 20.77 41.28
CA LEU B 457 4.55 19.81 42.26
C LEU B 457 5.02 18.42 41.86
N ASN B 458 5.88 17.83 42.68
CA ASN B 458 6.55 16.59 42.33
C ASN B 458 6.42 15.60 43.49
N CYS B 459 6.90 14.38 43.23
CA CYS B 459 6.77 13.28 44.18
C CYS B 459 8.12 12.63 44.38
N ASP B 460 8.27 11.94 45.52
CA ASP B 460 9.53 11.27 45.82
C ASP B 460 9.88 10.26 44.74
N GLY B 461 8.88 9.58 44.18
CA GLY B 461 9.13 8.58 43.15
C GLY B 461 9.44 9.20 41.80
N GLY B 462 8.61 10.16 41.39
CA GLY B 462 8.83 10.79 40.09
C GLY B 462 10.09 11.62 40.04
N MET B 463 10.52 12.15 41.18
CA MET B 463 11.75 12.94 41.23
C MET B 463 12.96 12.16 40.72
N MET B 464 12.90 10.83 40.76
CA MET B 464 14.09 10.04 40.47
C MET B 464 14.31 9.83 38.98
N MET B 465 13.24 9.80 38.17
CA MET B 465 13.40 9.50 36.76
C MET B 465 14.30 10.52 36.06
N ASN B 466 14.18 11.79 36.42
CA ASN B 466 15.02 12.86 35.89
C ASN B 466 15.60 13.68 37.03
N LEU B 467 16.18 13.00 38.01
CA LEU B 467 16.81 13.68 39.13
C LEU B 467 18.01 14.51 38.68
N GLN B 468 18.64 14.14 37.58
CA GLN B 468 19.84 14.84 37.13
C GLN B 468 19.56 16.27 36.71
N GLU B 469 18.31 16.60 36.37
CA GLU B 469 18.00 17.95 35.93
C GLU B 469 18.03 18.98 37.04
N LEU B 470 18.24 18.56 38.29
CA LEU B 470 18.51 19.55 39.34
C LEU B 470 19.77 20.34 39.01
N GLN B 471 20.77 19.67 38.43
CA GLN B 471 21.99 20.38 38.05
C GLN B 471 21.71 21.44 37.01
N THR B 472 20.86 21.15 36.03
CA THR B 472 20.49 22.16 35.04
C THR B 472 19.73 23.32 35.70
N MET B 473 18.93 23.01 36.71
CA MET B 473 18.19 24.04 37.43
C MET B 473 19.13 24.96 38.20
N VAL B 474 20.21 24.40 38.75
CA VAL B 474 21.17 25.19 39.52
C VAL B 474 22.09 25.96 38.59
N HIS B 475 22.52 25.34 37.49
CA HIS B 475 23.49 25.97 36.59
C HIS B 475 22.96 27.30 36.07
N HIS B 476 21.67 27.36 35.74
CA HIS B 476 21.05 28.54 35.16
C HIS B 476 20.29 29.37 36.18
N ASN B 477 20.27 28.95 37.45
CA ASN B 477 19.63 29.72 38.51
C ASN B 477 18.16 29.96 38.21
N LEU B 478 17.46 28.88 37.85
CA LEU B 478 16.07 29.00 37.47
C LEU B 478 15.19 29.11 38.71
N PRO B 479 14.30 30.10 38.79
CA PRO B 479 13.43 30.24 39.96
C PRO B 479 12.34 29.17 40.01
N ILE B 480 12.73 27.91 40.10
CA ILE B 480 11.79 26.79 40.12
C ILE B 480 11.51 26.42 41.57
N LYS B 481 10.26 26.58 42.00
CA LYS B 481 9.83 26.22 43.34
C LYS B 481 9.37 24.77 43.31
N LEU B 482 10.22 23.86 43.79
CA LEU B 482 10.01 22.43 43.64
C LEU B 482 9.44 21.87 44.95
N PHE B 483 8.18 21.46 44.92
CA PHE B 483 7.53 20.77 46.02
C PHE B 483 7.58 19.27 45.77
N ILE B 484 7.98 18.51 46.79
CA ILE B 484 8.14 17.06 46.69
C ILE B 484 7.27 16.43 47.77
N PHE B 485 6.34 15.57 47.33
CA PHE B 485 5.45 14.87 48.26
C PHE B 485 6.07 13.53 48.62
N ASN B 486 6.53 13.41 49.86
CA ASN B 486 7.13 12.18 50.36
C ASN B 486 6.06 11.29 50.98
N ASN B 487 6.01 10.03 50.54
CA ASN B 487 5.01 9.09 51.06
C ASN B 487 5.53 7.66 51.06
N ASP B 488 6.85 7.48 51.21
CA ASP B 488 7.46 6.15 51.29
C ASP B 488 7.16 5.33 50.04
N GLY B 489 7.41 5.94 48.89
CA GLY B 489 7.38 5.22 47.63
C GLY B 489 6.23 5.54 46.70
N TYR B 490 5.73 4.52 46.00
CA TYR B 490 4.73 4.68 44.94
C TYR B 490 3.34 4.52 45.53
N LEU B 491 2.85 5.59 46.17
CA LEU B 491 1.53 5.54 46.81
C LEU B 491 0.44 5.19 45.80
N MET B 492 0.57 5.67 44.57
CA MET B 492 -0.44 5.40 43.55
C MET B 492 -0.53 3.90 43.26
N ILE B 493 0.61 3.20 43.28
CA ILE B 493 0.60 1.77 43.01
C ILE B 493 0.23 0.98 44.27
N LYS B 494 0.52 1.51 45.46
CA LYS B 494 0.11 0.83 46.68
C LYS B 494 -1.39 0.54 46.66
N HIS B 495 -2.19 1.55 46.31
CA HIS B 495 -3.64 1.37 46.26
C HIS B 495 -4.03 0.38 45.17
N THR B 496 -3.31 0.39 44.04
CA THR B 496 -3.65 -0.52 42.95
C THR B 496 -3.49 -1.97 43.37
N GLN B 497 -2.32 -2.32 43.91
CA GLN B 497 -2.06 -3.71 44.29
C GLN B 497 -2.78 -4.10 45.58
N LYS B 498 -3.13 -3.12 46.44
CA LYS B 498 -3.90 -3.45 47.63
C LYS B 498 -5.35 -3.76 47.28
N SER B 499 -5.89 -3.13 46.24
CA SER B 499 -7.25 -3.44 45.82
C SER B 499 -7.31 -4.77 45.08
N LEU B 500 -6.22 -5.15 44.39
CA LEU B 500 -6.23 -6.37 43.60
C LEU B 500 -5.96 -7.61 44.45
N PHE B 501 -5.02 -7.51 45.39
CA PHE B 501 -4.50 -8.68 46.09
C PHE B 501 -4.71 -8.66 47.61
N LYS B 502 -4.87 -7.48 48.21
CA LYS B 502 -5.14 -7.39 49.64
C LYS B 502 -4.10 -8.17 50.44
N SER B 503 -2.84 -7.90 50.13
CA SER B 503 -1.71 -8.53 50.80
C SER B 503 -0.64 -7.48 51.02
N ASP B 504 0.60 -7.91 51.23
CA ASP B 504 1.69 -6.99 51.48
C ASP B 504 2.13 -6.31 50.18
N TYR B 505 2.70 -5.12 50.33
CA TYR B 505 3.16 -4.33 49.19
C TYR B 505 4.35 -5.01 48.51
N VAL B 506 4.42 -4.85 47.19
CA VAL B 506 5.46 -5.46 46.38
C VAL B 506 6.03 -4.37 45.48
N GLY B 507 7.30 -4.02 45.70
CA GLY B 507 7.99 -3.05 44.84
C GLY B 507 7.38 -1.67 44.87
N THR B 508 6.92 -1.21 46.05
CA THR B 508 6.26 0.08 46.14
C THR B 508 6.66 0.91 47.35
N ASP B 509 7.35 0.36 48.35
CA ASP B 509 7.82 1.12 49.50
C ASP B 509 9.19 0.58 49.92
N ARG B 510 9.76 1.21 50.96
CA ARG B 510 11.11 0.84 51.40
C ARG B 510 11.19 -0.61 51.82
N LYS B 511 10.14 -1.13 52.47
CA LYS B 511 10.17 -2.53 52.91
C LYS B 511 10.09 -3.48 51.73
N SER B 512 9.46 -3.07 50.62
CA SER B 512 9.27 -3.93 49.47
C SER B 512 10.24 -3.62 48.33
N GLY B 513 11.28 -2.84 48.58
CA GLY B 513 12.37 -2.68 47.65
C GLY B 513 12.44 -1.37 46.88
N VAL B 514 11.72 -0.33 47.31
CA VAL B 514 11.72 0.96 46.64
C VAL B 514 11.85 2.04 47.70
N SER B 515 13.03 2.67 47.77
CA SER B 515 13.27 3.75 48.71
C SER B 515 13.75 4.98 47.96
N CYS B 516 13.62 6.14 48.59
CA CYS B 516 13.97 7.41 47.99
C CYS B 516 14.82 8.23 48.94
N PRO B 517 15.74 9.04 48.42
CA PRO B 517 16.68 9.76 49.29
C PRO B 517 16.03 10.95 49.97
N ASP B 518 16.75 11.49 50.94
CA ASP B 518 16.36 12.73 51.61
C ASP B 518 16.61 13.89 50.66
N PHE B 519 15.54 14.45 50.09
CA PHE B 519 15.71 15.50 49.09
C PHE B 519 16.18 16.82 49.69
N SER B 520 15.95 17.04 50.99
CA SER B 520 16.54 18.22 51.62
C SER B 520 18.05 18.12 51.66
N ARG B 521 18.59 16.91 51.88
CA ARG B 521 20.03 16.72 51.91
C ARG B 521 20.62 16.70 50.51
N LEU B 522 19.84 16.27 49.50
CA LEU B 522 20.27 16.43 48.12
C LEU B 522 20.25 17.89 47.71
N ALA B 523 19.25 18.64 48.18
CA ALA B 523 19.17 20.06 47.87
C ALA B 523 20.43 20.78 48.35
N ALA B 524 20.88 20.46 49.57
CA ALA B 524 22.10 21.05 50.07
C ALA B 524 23.29 20.73 49.17
N ALA B 525 23.34 19.49 48.65
CA ALA B 525 24.46 19.09 47.81
C ALA B 525 24.48 19.88 46.50
N PHE B 526 23.30 20.19 45.95
CA PHE B 526 23.18 20.99 44.75
C PHE B 526 23.17 22.48 45.03
N ASP B 527 23.46 22.90 46.26
CA ASP B 527 23.41 24.32 46.64
C ASP B 527 22.02 24.90 46.43
N ILE B 528 21.00 24.15 46.85
CA ILE B 528 19.60 24.53 46.69
C ILE B 528 18.99 24.73 48.08
N PRO B 529 18.47 25.91 48.40
CA PRO B 529 17.76 26.05 49.68
C PRO B 529 16.59 25.08 49.77
N ALA B 530 16.43 24.46 50.94
CA ALA B 530 15.44 23.42 51.14
C ALA B 530 14.69 23.63 52.44
N TYR B 531 13.37 23.44 52.39
CA TYR B 531 12.50 23.51 53.54
C TYR B 531 11.77 22.18 53.70
N GLN B 532 11.12 22.02 54.86
N GLN B 532 11.11 22.03 54.85
CA GLN B 532 10.34 20.82 55.14
CA GLN B 532 10.34 20.82 55.14
C GLN B 532 9.05 21.21 55.82
C GLN B 532 9.04 21.22 55.81
N ILE B 533 7.94 20.67 55.32
CA ILE B 533 6.60 20.93 55.86
C ILE B 533 6.06 19.60 56.35
N ARG B 534 6.29 19.29 57.62
CA ARG B 534 5.80 18.05 58.22
C ARG B 534 4.44 18.20 58.88
N GLY B 535 4.06 19.43 59.27
CA GLY B 535 2.78 19.67 59.91
C GLY B 535 2.30 21.08 59.62
N TRP B 536 1.06 21.35 59.99
CA TRP B 536 0.46 22.66 59.76
C TRP B 536 1.13 23.77 60.54
N ASP B 537 1.99 23.44 61.51
CA ASP B 537 2.56 24.47 62.37
C ASP B 537 3.42 25.45 61.58
N GLU B 538 4.29 24.93 60.71
CA GLU B 538 5.21 25.75 59.93
C GLU B 538 4.77 25.89 58.48
N CYS B 539 3.49 25.62 58.19
CA CYS B 539 3.05 25.55 56.80
C CYS B 539 3.03 26.93 56.15
N ASP B 540 2.23 27.85 56.69
CA ASP B 540 2.05 29.15 56.03
C ASP B 540 3.35 29.95 56.01
N ALA B 541 4.13 29.91 57.09
CA ALA B 541 5.39 30.65 57.10
C ALA B 541 6.36 30.10 56.08
N THR B 542 6.32 28.79 55.81
CA THR B 542 7.22 28.18 54.85
C THR B 542 6.79 28.53 53.42
N LEU B 543 5.51 28.34 53.10
CA LEU B 543 5.03 28.62 51.75
C LEU B 543 5.32 30.07 51.36
N ALA B 544 5.20 31.00 52.30
CA ALA B 544 5.48 32.40 52.00
C ALA B 544 6.95 32.61 51.67
N LYS B 545 7.85 31.87 52.32
CA LYS B 545 9.27 31.97 52.01
C LYS B 545 9.58 31.35 50.66
N VAL B 546 8.99 30.19 50.38
CA VAL B 546 9.23 29.52 49.09
C VAL B 546 8.82 30.42 47.93
N GLN B 547 7.66 31.08 48.06
CA GLN B 547 7.21 31.99 47.01
C GLN B 547 8.08 33.24 46.94
N ALA B 548 8.70 33.63 48.06
CA ALA B 548 9.51 34.84 48.11
C ALA B 548 10.92 34.62 47.59
N HIS B 549 11.35 33.38 47.42
CA HIS B 549 12.68 33.13 46.86
C HIS B 549 12.76 33.61 45.42
N THR B 550 13.97 34.06 45.05
CA THR B 550 14.24 34.50 43.69
C THR B 550 14.92 33.43 42.84
N GLY B 551 15.57 32.46 43.47
CA GLY B 551 16.21 31.39 42.75
C GLY B 551 15.58 30.05 43.09
N PRO B 552 16.23 28.96 42.68
CA PRO B 552 15.64 27.63 42.91
C PRO B 552 15.52 27.32 44.38
N VAL B 553 14.50 26.52 44.72
CA VAL B 553 14.22 26.17 46.11
C VAL B 553 13.45 24.86 46.11
N ILE B 554 13.69 24.06 47.14
CA ILE B 554 13.02 22.77 47.32
C ILE B 554 12.26 22.80 48.64
N CYS B 555 11.14 22.10 48.66
CA CYS B 555 10.31 22.02 49.87
C CYS B 555 9.67 20.64 49.91
N GLU B 556 10.09 19.82 50.86
CA GLU B 556 9.51 18.50 51.04
C GLU B 556 8.21 18.59 51.82
N VAL B 557 7.17 17.94 51.31
CA VAL B 557 5.87 17.86 51.98
C VAL B 557 5.66 16.41 52.38
N PHE B 558 5.52 16.16 53.68
CA PHE B 558 5.37 14.81 54.22
C PHE B 558 3.91 14.51 54.45
N MET B 559 3.43 13.44 53.81
CA MET B 559 2.06 12.97 53.93
C MET B 559 2.07 11.56 54.50
N HIS B 560 0.87 11.03 54.76
CA HIS B 560 0.76 9.68 55.29
C HIS B 560 1.14 8.68 54.20
N PRO B 561 2.01 7.70 54.50
CA PRO B 561 2.47 6.77 53.47
C PRO B 561 1.39 5.87 52.91
N GLN B 562 0.15 5.97 53.39
CA GLN B 562 -0.97 5.19 52.86
C GLN B 562 -2.22 6.04 52.73
N GLN B 563 -2.07 7.37 52.67
CA GLN B 563 -3.24 8.23 52.48
C GLN B 563 -3.99 7.80 51.23
N LEU B 564 -5.32 7.89 51.30
CA LEU B 564 -6.16 7.52 50.18
C LEU B 564 -6.14 8.60 49.10
N PHE B 565 -6.46 8.18 47.89
CA PHE B 565 -6.74 9.09 46.78
C PHE B 565 -8.24 9.02 46.53
N SER B 566 -8.94 10.10 46.85
CA SER B 566 -10.38 10.16 46.68
C SER B 566 -10.78 11.59 46.36
N PRO B 567 -11.92 11.79 45.67
CA PRO B 567 -12.84 10.77 45.15
C PRO B 567 -12.23 9.98 44.01
N LYS B 568 -12.62 8.72 43.84
CA LYS B 568 -12.08 7.88 42.79
C LYS B 568 -13.11 6.81 42.46
N LEU B 569 -13.29 6.55 41.17
CA LEU B 569 -14.11 5.44 40.72
C LEU B 569 -13.30 4.17 40.86
N GLY B 570 -13.67 3.32 41.82
CA GLY B 570 -12.94 2.10 42.09
C GLY B 570 -13.89 0.93 42.22
N VAL B 571 -13.28 -0.23 42.11
CA VAL B 571 -13.96 -1.50 42.20
C VAL B 571 -14.44 -1.81 43.62
N SER B 581 -17.08 -2.52 39.61
CA SER B 581 -16.86 -1.35 38.78
C SER B 581 -18.19 -0.65 38.68
N PRO B 582 -18.46 0.31 39.55
CA PRO B 582 -19.75 0.99 39.51
C PRO B 582 -19.82 2.09 38.49
N PRO B 583 -20.99 2.69 38.26
CA PRO B 583 -21.04 3.79 37.30
C PRO B 583 -20.20 5.03 37.59
N LEU B 584 -20.18 5.91 36.65
CA LEU B 584 -19.25 7.03 36.81
C LEU B 584 -19.63 7.94 37.97
N GLU B 585 -20.92 8.10 38.27
CA GLU B 585 -21.33 9.00 39.32
C GLU B 585 -21.08 8.44 40.72
N ASP B 586 -20.85 7.14 40.84
CA ASP B 586 -20.79 6.48 42.15
C ASP B 586 -19.33 6.34 42.57
N LEU B 587 -18.74 7.46 42.94
CA LEU B 587 -17.33 7.52 43.31
C LEU B 587 -17.12 7.01 44.72
N SER B 588 -15.92 6.39 44.95
CA SER B 588 -15.55 5.91 46.28
C SER B 588 -14.76 6.98 47.02
N PRO B 589 -14.85 7.03 48.35
CA PRO B 589 -15.69 6.21 49.25
C PRO B 589 -17.18 6.47 49.00
N LEU B 590 -17.97 5.40 48.85
CA LEU B 590 -19.35 5.56 48.41
C LEU B 590 -20.15 6.37 49.41
N ILE B 591 -21.06 7.19 48.88
CA ILE B 591 -21.98 7.97 49.71
C ILE B 591 -23.16 7.08 50.02
N PRO B 592 -23.90 7.32 51.10
CA PRO B 592 -25.05 6.47 51.41
C PRO B 592 -26.02 6.40 50.24
N ARG B 593 -26.68 5.25 50.11
CA ARG B 593 -27.55 5.03 48.96
C ARG B 593 -28.71 6.01 48.93
N ASP B 594 -29.33 6.28 50.08
CA ASP B 594 -30.48 7.19 50.10
C ASP B 594 -30.08 8.58 49.62
N VAL B 595 -28.81 8.95 49.77
CA VAL B 595 -28.35 10.25 49.29
C VAL B 595 -28.10 10.21 47.79
N LEU B 596 -27.55 9.10 47.29
CA LEU B 596 -27.33 8.97 45.85
C LEU B 596 -28.65 8.92 45.09
N GLU B 597 -29.65 8.22 45.64
CA GLU B 597 -30.97 8.18 45.02
C GLU B 597 -31.51 9.58 44.78
N GLN B 598 -31.41 10.46 45.78
CA GLN B 598 -31.91 11.81 45.64
C GLN B 598 -31.06 12.66 44.71
N ALA B 599 -29.78 12.33 44.54
CA ALA B 599 -28.90 13.12 43.70
C ALA B 599 -29.04 12.79 42.22
N MET B 600 -29.66 11.67 41.88
CA MET B 600 -29.80 11.23 40.49
C MET B 600 -31.24 11.44 40.04
N ILE B 601 -31.41 12.04 38.87
CA ILE B 601 -32.74 12.43 38.40
C ILE B 601 -33.62 11.19 38.25
N GLY B 602 -33.19 10.23 37.44
CA GLY B 602 -33.97 9.04 37.23
C GLY B 602 -33.67 7.93 38.22
N GLY B 603 -33.31 8.29 39.45
CA GLY B 603 -32.90 7.31 40.43
C GLY B 603 -31.52 6.77 40.15
N MET B 604 -31.00 6.00 41.10
CA MET B 604 -29.65 5.49 40.95
C MET B 604 -29.61 4.35 39.93
N HIS B 605 -28.40 4.03 39.49
CA HIS B 605 -28.18 2.94 38.56
C HIS B 605 -28.30 1.59 39.27
N GLU B 606 -28.75 0.59 38.52
CA GLU B 606 -28.99 -0.73 39.12
C GLU B 606 -27.74 -1.31 39.77
N LYS B 607 -26.56 -0.94 39.27
CA LYS B 607 -25.32 -1.39 39.90
C LYS B 607 -25.17 -0.82 41.31
N SER B 608 -25.58 0.43 41.51
CA SER B 608 -25.39 1.11 42.79
C SER B 608 -26.42 0.71 43.84
N LYS B 609 -27.44 -0.06 43.48
CA LYS B 609 -28.47 -0.40 44.46
C LYS B 609 -28.01 -1.46 45.45
N THR B 610 -27.12 -2.36 45.04
CA THR B 610 -26.65 -3.46 45.89
C THR B 610 -25.20 -3.27 46.34
N LEU B 611 -24.73 -2.03 46.40
CA LEU B 611 -23.36 -1.75 46.84
C LEU B 611 -23.31 -1.41 48.32
N ASP C 4 59.04 25.20 -41.11
CA ASP C 4 57.90 24.92 -40.24
C ASP C 4 57.77 23.42 -40.00
N ASN C 5 58.12 22.98 -38.78
CA ASN C 5 58.11 21.56 -38.44
C ASN C 5 56.83 21.14 -37.72
N LYS C 6 55.75 21.90 -37.87
CA LYS C 6 54.51 21.61 -37.17
C LYS C 6 53.61 20.72 -38.00
N VAL C 7 52.91 19.82 -37.32
CA VAL C 7 52.00 18.88 -37.95
C VAL C 7 50.61 19.09 -37.37
N LYS C 8 49.60 18.84 -38.19
CA LYS C 8 48.22 18.92 -37.72
C LYS C 8 47.96 17.85 -36.68
N VAL C 9 47.25 18.22 -35.61
CA VAL C 9 46.95 17.28 -34.54
C VAL C 9 46.12 16.13 -35.07
N ALA C 10 45.10 16.42 -35.89
CA ALA C 10 44.29 15.37 -36.48
C ALA C 10 45.16 14.38 -37.24
N GLU C 11 46.22 14.87 -37.90
CA GLU C 11 47.13 13.96 -38.58
C GLU C 11 47.93 13.12 -37.58
N LEU C 12 48.32 13.72 -36.45
CA LEU C 12 49.03 12.96 -35.43
C LEU C 12 48.14 11.92 -34.78
N VAL C 13 46.82 12.16 -34.75
CA VAL C 13 45.89 11.17 -34.24
C VAL C 13 45.83 9.97 -35.18
N ALA C 14 45.73 10.22 -36.48
CA ALA C 14 45.70 9.13 -37.45
C ALA C 14 46.96 8.27 -37.34
N GLU C 15 48.09 8.89 -37.04
CA GLU C 15 49.32 8.13 -36.86
C GLU C 15 49.28 7.31 -35.57
N ALA C 16 48.67 7.86 -34.52
CA ALA C 16 48.53 7.11 -33.28
C ALA C 16 47.63 5.89 -33.48
N LEU C 17 46.55 6.07 -34.25
CA LEU C 17 45.64 4.96 -34.48
C LEU C 17 46.33 3.80 -35.19
N GLU C 18 47.24 4.11 -36.12
CA GLU C 18 48.01 3.06 -36.79
C GLU C 18 48.96 2.36 -35.82
N ASN C 19 49.66 3.15 -35.00
CA ASN C 19 50.58 2.57 -34.03
C ASN C 19 49.85 1.75 -32.96
N LEU C 20 48.56 2.00 -32.77
CA LEU C 20 47.76 1.23 -31.82
C LEU C 20 47.10 0.02 -32.47
N GLY C 21 47.27 -0.18 -33.78
CA GLY C 21 46.70 -1.30 -34.47
C GLY C 21 45.25 -1.14 -34.87
N ILE C 22 44.64 0.00 -34.57
CA ILE C 22 43.24 0.23 -34.94
C ILE C 22 43.17 0.34 -36.46
N GLN C 23 42.56 -0.66 -37.10
CA GLN C 23 42.45 -0.71 -38.55
C GLN C 23 41.06 -0.39 -39.06
N HIS C 24 40.07 -0.20 -38.18
CA HIS C 24 38.72 0.15 -38.58
C HIS C 24 38.15 1.16 -37.59
N ALA C 25 37.26 2.01 -38.10
CA ALA C 25 36.59 3.01 -37.29
C ALA C 25 35.17 3.18 -37.83
N PHE C 26 34.18 3.11 -36.94
CA PHE C 26 32.79 3.29 -37.30
C PHE C 26 32.29 4.61 -36.74
N GLY C 27 31.50 5.33 -37.52
CA GLY C 27 30.97 6.60 -37.06
C GLY C 27 30.23 7.33 -38.16
N ILE C 28 29.92 8.58 -37.87
CA ILE C 28 29.27 9.48 -38.82
C ILE C 28 30.01 10.81 -38.79
N ILE C 29 30.20 11.40 -39.97
CA ILE C 29 30.98 12.63 -40.07
C ILE C 29 30.14 13.81 -39.61
N GLY C 30 30.84 14.87 -39.23
CA GLY C 30 30.22 16.12 -38.85
C GLY C 30 31.30 17.16 -38.67
N ALA C 31 30.86 18.41 -38.51
CA ALA C 31 31.82 19.48 -38.31
C ALA C 31 32.74 19.22 -37.13
N GLY C 32 32.26 18.48 -36.12
CA GLY C 32 33.05 18.22 -34.94
C GLY C 32 34.17 17.22 -35.14
N ASN C 33 34.12 16.44 -36.22
CA ASN C 33 35.18 15.46 -36.49
C ASN C 33 35.57 15.43 -37.97
N VAL C 34 35.29 16.50 -38.73
CA VAL C 34 35.65 16.51 -40.14
C VAL C 34 37.16 16.46 -40.30
N HIS C 35 37.90 17.09 -39.37
CA HIS C 35 39.36 17.08 -39.46
C HIS C 35 39.93 15.70 -39.20
N LEU C 36 39.29 14.91 -38.32
CA LEU C 36 39.73 13.54 -38.11
C LEU C 36 39.37 12.66 -39.30
N PHE C 37 38.15 12.79 -39.81
CA PHE C 37 37.76 12.06 -41.00
C PHE C 37 38.72 12.33 -42.15
N GLU C 38 39.23 13.56 -42.25
CA GLU C 38 40.15 13.91 -43.32
C GLU C 38 41.54 13.32 -43.05
N ALA C 39 41.99 13.38 -41.81
CA ALA C 39 43.34 12.90 -41.50
C ALA C 39 43.42 11.38 -41.57
N ILE C 40 42.37 10.69 -41.14
CA ILE C 40 42.39 9.23 -41.13
C ILE C 40 42.25 8.68 -42.56
N ALA C 41 41.45 9.34 -43.40
CA ALA C 41 41.24 8.84 -44.75
C ALA C 41 42.47 9.07 -45.62
N ARG C 42 43.15 10.20 -45.43
CA ARG C 42 44.33 10.49 -46.25
C ARG C 42 45.52 9.61 -45.88
N ARG C 43 45.60 9.16 -44.62
CA ARG C 43 46.70 8.29 -44.24
C ARG C 43 46.52 6.90 -44.84
N GLY C 44 45.31 6.37 -44.82
CA GLY C 44 45.00 5.14 -45.53
C GLY C 44 45.22 3.86 -44.76
N TYR C 45 45.51 3.94 -43.47
CA TYR C 45 45.68 2.72 -42.68
C TYR C 45 44.37 2.26 -42.05
N THR C 46 43.62 3.18 -41.46
CA THR C 46 42.38 2.87 -40.77
C THR C 46 41.22 3.09 -41.74
N GLU C 47 40.49 2.02 -42.04
CA GLU C 47 39.29 2.15 -42.85
C GLU C 47 38.17 2.76 -42.01
N ILE C 48 37.50 3.76 -42.57
CA ILE C 48 36.34 4.37 -41.93
C ILE C 48 35.10 3.73 -42.50
N VAL C 49 34.22 3.25 -41.62
CA VAL C 49 32.94 2.67 -42.01
C VAL C 49 31.85 3.67 -41.62
N CYS C 50 31.19 4.25 -42.62
CA CYS C 50 30.12 5.21 -42.38
C CYS C 50 28.83 4.46 -42.12
N VAL C 51 28.29 4.62 -40.92
CA VAL C 51 27.01 4.05 -40.57
C VAL C 51 25.94 5.13 -40.72
N HIS C 52 24.68 4.75 -40.57
CA HIS C 52 23.57 5.69 -40.67
C HIS C 52 22.94 6.00 -39.32
N HIS C 53 23.53 5.52 -38.23
CA HIS C 53 23.13 5.93 -36.90
C HIS C 53 24.29 5.63 -35.96
N GLU C 54 24.70 6.63 -35.19
CA GLU C 54 25.90 6.48 -34.36
C GLU C 54 25.78 5.31 -33.41
N GLN C 55 24.56 4.98 -32.97
CA GLN C 55 24.36 3.81 -32.13
C GLN C 55 25.03 2.58 -32.74
N ALA C 56 24.79 2.35 -34.04
CA ALA C 56 25.36 1.19 -34.70
C ALA C 56 26.88 1.21 -34.68
N ALA C 57 27.48 2.40 -34.67
CA ALA C 57 28.94 2.48 -34.63
C ALA C 57 29.48 2.00 -33.29
N CYS C 58 28.83 2.39 -32.20
CA CYS C 58 29.29 1.97 -30.88
C CYS C 58 28.94 0.51 -30.59
N MET C 59 28.03 -0.09 -31.35
CA MET C 59 27.75 -1.51 -31.22
C MET C 59 28.68 -2.37 -32.07
N ALA C 60 28.98 -1.93 -33.30
CA ALA C 60 29.80 -2.73 -34.19
C ALA C 60 31.21 -2.94 -33.62
N VAL C 61 31.75 -1.92 -32.95
CA VAL C 61 33.10 -2.04 -32.39
C VAL C 61 33.18 -3.17 -31.37
N GLN C 62 32.04 -3.59 -30.82
CA GLN C 62 32.05 -4.66 -29.82
C GLN C 62 32.33 -6.00 -30.48
N THR C 63 31.43 -6.46 -31.35
CA THR C 63 31.63 -7.73 -32.03
C THR C 63 32.87 -7.71 -32.91
N TYR C 64 33.30 -6.52 -33.36
CA TYR C 64 34.54 -6.43 -34.12
C TYR C 64 35.72 -6.92 -33.30
N TYR C 65 35.80 -6.51 -32.03
CA TYR C 65 36.88 -6.95 -31.18
C TYR C 65 36.74 -8.42 -30.80
N ARG C 66 35.53 -8.83 -30.40
CA ARG C 66 35.31 -10.22 -30.01
C ARG C 66 35.65 -11.20 -31.12
N THR C 67 35.74 -10.74 -32.37
CA THR C 67 36.03 -11.65 -33.47
C THR C 67 37.49 -12.09 -33.46
N ASN C 68 38.41 -11.14 -33.65
CA ASN C 68 39.83 -11.45 -33.79
C ASN C 68 40.70 -10.77 -32.75
N GLY C 69 40.12 -10.07 -31.77
CA GLY C 69 40.88 -9.49 -30.69
C GLY C 69 41.49 -8.13 -30.98
N ARG C 70 41.13 -7.50 -32.09
CA ARG C 70 41.65 -6.18 -32.44
C ARG C 70 40.60 -5.14 -32.08
N ILE C 71 41.01 -4.12 -31.32
CA ILE C 71 40.09 -3.09 -30.88
C ILE C 71 39.75 -2.18 -32.06
N ALA C 72 38.53 -1.65 -32.04
CA ALA C 72 38.09 -0.66 -33.01
C ALA C 72 37.71 0.63 -32.30
N ALA C 73 37.46 1.67 -33.10
CA ALA C 73 37.20 3.00 -32.58
C ALA C 73 35.91 3.54 -33.18
N ALA C 74 35.06 4.11 -32.32
CA ALA C 74 33.86 4.80 -32.77
C ALA C 74 34.17 6.27 -32.93
N LEU C 75 33.91 6.82 -34.11
CA LEU C 75 34.27 8.19 -34.45
C LEU C 75 33.00 9.03 -34.52
N LEU C 76 32.68 9.70 -33.42
CA LEU C 76 31.46 10.47 -33.29
C LEU C 76 31.75 11.96 -33.39
N THR C 77 30.69 12.73 -33.65
CA THR C 77 30.78 14.17 -33.82
C THR C 77 30.01 14.87 -32.69
N THR C 78 29.90 16.18 -32.80
CA THR C 78 29.29 16.99 -31.75
C THR C 78 27.80 16.71 -31.62
N GLY C 79 27.26 17.00 -30.44
CA GLY C 79 25.81 16.99 -30.25
C GLY C 79 25.23 15.61 -30.43
N ALA C 80 24.23 15.50 -31.30
CA ALA C 80 23.52 14.24 -31.48
C ALA C 80 24.44 13.13 -31.95
N GLY C 81 25.59 13.47 -32.54
CA GLY C 81 26.56 12.43 -32.89
C GLY C 81 27.05 11.67 -31.68
N SER C 82 27.16 12.33 -30.53
CA SER C 82 27.60 11.66 -29.32
C SER C 82 26.44 11.04 -28.54
N THR C 83 25.29 11.71 -28.48
CA THR C 83 24.16 11.15 -27.74
C THR C 83 23.62 9.89 -28.42
N ASN C 84 23.65 9.84 -29.75
CA ASN C 84 23.16 8.67 -30.45
C ASN C 84 23.97 7.41 -30.16
N GLY C 85 25.22 7.56 -29.71
CA GLY C 85 26.07 6.42 -29.46
C GLY C 85 26.00 5.85 -28.06
N VAL C 86 25.20 6.47 -27.18
CA VAL C 86 25.26 6.12 -25.76
C VAL C 86 24.80 4.70 -25.51
N THR C 87 23.77 4.24 -26.22
CA THR C 87 23.28 2.88 -25.99
C THR C 87 24.35 1.85 -26.32
N GLY C 88 25.14 2.11 -27.36
CA GLY C 88 26.22 1.19 -27.69
C GLY C 88 27.28 1.12 -26.60
N VAL C 89 27.60 2.27 -26.00
CA VAL C 89 28.59 2.30 -24.93
C VAL C 89 28.12 1.45 -23.76
N VAL C 90 26.85 1.58 -23.37
CA VAL C 90 26.35 0.87 -22.20
C VAL C 90 26.38 -0.64 -22.45
N SER C 91 26.09 -1.07 -23.67
CA SER C 91 26.10 -2.51 -23.95
C SER C 91 27.52 -3.07 -23.88
N ALA C 92 28.52 -2.31 -24.30
CA ALA C 92 29.90 -2.74 -24.12
C ALA C 92 30.32 -2.65 -22.66
N TRP C 93 29.85 -1.63 -21.95
CA TRP C 93 30.08 -1.54 -20.52
C TRP C 93 29.53 -2.75 -19.80
N ALA C 94 28.34 -3.21 -20.19
CA ALA C 94 27.69 -4.31 -19.49
C ALA C 94 28.27 -5.67 -19.87
N ASP C 95 28.79 -5.81 -21.09
CA ASP C 95 29.36 -7.07 -21.56
C ASP C 95 30.87 -7.14 -21.45
N SER C 96 31.50 -6.12 -20.86
CA SER C 96 32.94 -6.15 -20.63
C SER C 96 33.70 -6.31 -21.95
N ILE C 97 33.33 -5.50 -22.92
CA ILE C 97 33.90 -5.55 -24.27
C ILE C 97 34.71 -4.28 -24.49
N PRO C 98 35.97 -4.38 -24.91
CA PRO C 98 36.79 -3.17 -25.06
C PRO C 98 36.58 -2.47 -26.38
N CYS C 99 36.74 -1.15 -26.34
CA CYS C 99 36.61 -0.27 -27.50
C CYS C 99 36.84 1.15 -27.00
N ILE C 100 37.06 2.06 -27.94
CA ILE C 100 37.35 3.46 -27.63
C ILE C 100 36.48 4.34 -28.51
N VAL C 101 35.83 5.33 -27.91
CA VAL C 101 35.02 6.30 -28.62
C VAL C 101 35.80 7.61 -28.71
N ILE C 102 35.96 8.12 -29.92
CA ILE C 102 36.63 9.38 -30.18
C ILE C 102 35.56 10.35 -30.67
N ALA C 103 35.15 11.28 -29.81
CA ALA C 103 34.04 12.17 -30.09
C ALA C 103 34.55 13.61 -30.16
N GLY C 104 34.18 14.31 -31.23
CA GLY C 104 34.46 15.73 -31.33
C GLY C 104 33.54 16.55 -30.45
N ASN C 105 33.75 17.86 -30.50
CA ASN C 105 32.91 18.79 -29.76
C ASN C 105 33.26 20.19 -30.21
N GLU C 106 32.50 21.17 -29.71
CA GLU C 106 32.67 22.56 -30.08
C GLU C 106 34.08 23.05 -29.77
N ASN C 107 34.38 24.31 -30.11
N ASN C 107 34.38 24.30 -30.11
CA ASN C 107 35.66 24.89 -29.77
CA ASN C 107 35.69 24.85 -29.80
C ASN C 107 35.92 24.75 -28.27
C ASN C 107 35.93 24.80 -28.29
N SER C 108 37.18 24.50 -27.92
CA SER C 108 37.51 24.25 -26.52
C SER C 108 37.16 25.41 -25.60
N LYS C 109 37.01 26.62 -26.13
CA LYS C 109 36.65 27.75 -25.28
C LYS C 109 35.25 27.63 -24.70
N PHE C 110 34.41 26.77 -25.26
CA PHE C 110 33.08 26.52 -24.72
C PHE C 110 33.00 25.28 -23.85
N THR C 111 33.93 24.34 -24.00
CA THR C 111 33.78 23.01 -23.42
C THR C 111 34.39 22.98 -22.02
N PHE C 112 33.57 23.28 -21.01
CA PHE C 112 33.99 23.15 -19.63
C PHE C 112 32.75 23.12 -18.76
N PRO C 113 32.69 22.26 -17.73
CA PRO C 113 31.43 22.10 -16.98
C PRO C 113 30.90 23.40 -16.41
N GLU C 114 31.78 24.35 -16.08
CA GLU C 114 31.37 25.60 -15.45
C GLU C 114 30.63 26.53 -16.41
N ASN C 115 30.41 26.13 -17.65
CA ASN C 115 29.68 26.96 -18.60
C ASN C 115 28.25 27.13 -18.13
N PRO C 116 27.78 28.34 -17.83
CA PRO C 116 26.45 28.49 -17.24
C PRO C 116 25.29 28.19 -18.19
N LEU C 117 25.55 28.07 -19.49
CA LEU C 117 24.48 27.91 -20.46
C LEU C 117 24.09 26.44 -20.60
N ARG C 118 22.88 26.22 -21.12
CA ARG C 118 22.39 24.85 -21.29
C ARG C 118 23.28 24.06 -22.23
N MET C 119 23.76 24.69 -23.31
CA MET C 119 24.53 24.02 -24.34
C MET C 119 25.84 24.75 -24.57
N TRP C 120 26.84 24.00 -25.03
CA TRP C 120 28.15 24.54 -25.35
C TRP C 120 28.21 24.97 -26.80
N GLY C 121 28.72 26.17 -27.05
CA GLY C 121 28.86 26.63 -28.42
C GLY C 121 27.54 26.60 -29.16
N VAL C 122 27.54 25.98 -30.33
CA VAL C 122 26.35 25.94 -31.17
C VAL C 122 25.43 24.81 -30.76
N GLN C 123 25.98 23.60 -30.57
CA GLN C 123 25.16 22.43 -30.32
C GLN C 123 25.94 21.35 -29.58
N GLY C 124 26.79 21.76 -28.64
CA GLY C 124 27.61 20.82 -27.90
C GLY C 124 27.18 20.64 -26.47
N TYR C 125 27.65 19.56 -25.83
CA TYR C 125 27.34 19.29 -24.44
C TYR C 125 28.51 18.52 -23.84
N ASP C 126 28.42 18.24 -22.54
CA ASP C 126 29.45 17.49 -21.83
C ASP C 126 29.25 16.02 -22.13
N SER C 127 29.95 15.53 -23.17
CA SER C 127 29.79 14.14 -23.57
C SER C 127 30.46 13.19 -22.59
N CYS C 128 31.50 13.64 -21.90
CA CYS C 128 32.13 12.81 -20.88
C CYS C 128 31.19 12.54 -19.72
N GLN C 129 30.53 13.60 -19.23
CA GLN C 129 29.65 13.45 -18.08
C GLN C 129 28.50 12.50 -18.36
N MET C 130 28.05 12.41 -19.62
CA MET C 130 26.87 11.62 -19.92
C MET C 130 27.16 10.12 -19.85
N VAL C 131 28.41 9.72 -20.08
CA VAL C 131 28.81 8.32 -20.01
C VAL C 131 29.72 8.07 -18.82
N GLU C 132 29.65 8.93 -17.80
CA GLU C 132 30.59 8.88 -16.68
C GLU C 132 30.43 7.60 -15.87
N ARG C 133 29.20 7.12 -15.72
CA ARG C 133 28.92 5.95 -14.91
C ARG C 133 28.83 4.66 -15.72
N VAL C 134 28.94 4.74 -17.05
CA VAL C 134 28.80 3.57 -17.91
C VAL C 134 30.01 3.43 -18.81
N SER C 135 31.17 3.89 -18.35
CA SER C 135 32.42 3.72 -19.07
C SER C 135 33.56 3.70 -18.08
N LYS C 136 34.70 3.16 -18.53
CA LYS C 136 35.85 3.00 -17.64
C LYS C 136 36.68 4.27 -17.50
N TYR C 137 36.64 5.18 -18.47
CA TYR C 137 37.51 6.34 -18.46
C TYR C 137 36.98 7.36 -19.45
N GLN C 138 36.86 8.61 -19.00
CA GLN C 138 36.44 9.71 -19.85
C GLN C 138 37.42 10.86 -19.68
N MET C 139 37.77 11.50 -20.78
CA MET C 139 38.70 12.63 -20.73
C MET C 139 38.46 13.52 -21.94
N ARG C 140 38.52 14.83 -21.71
CA ARG C 140 38.41 15.83 -22.75
C ARG C 140 39.80 16.43 -22.97
N VAL C 141 40.28 16.36 -24.20
CA VAL C 141 41.62 16.84 -24.54
C VAL C 141 41.58 18.35 -24.67
N THR C 142 42.21 19.05 -23.72
CA THR C 142 42.25 20.51 -23.72
C THR C 142 43.62 21.06 -24.10
N LYS C 143 44.63 20.21 -24.25
CA LYS C 143 45.95 20.61 -24.70
C LYS C 143 46.36 19.75 -25.88
N MET C 144 46.77 20.40 -26.96
CA MET C 144 47.08 19.66 -28.18
C MET C 144 48.13 18.58 -27.92
N GLU C 145 49.13 18.88 -27.10
CA GLU C 145 50.23 17.95 -26.87
C GLU C 145 49.80 16.65 -26.20
N ARG C 146 48.59 16.60 -25.65
CA ARG C 146 48.10 15.43 -24.94
C ARG C 146 47.08 14.63 -25.74
N ALA C 147 46.89 14.96 -27.03
CA ALA C 147 45.88 14.27 -27.82
C ALA C 147 46.25 12.80 -28.01
N VAL C 148 47.48 12.52 -28.44
CA VAL C 148 47.88 11.13 -28.61
C VAL C 148 48.00 10.46 -27.25
N TYR C 149 48.36 11.21 -26.21
CA TYR C 149 48.51 10.61 -24.88
C TYR C 149 47.22 9.97 -24.41
N GLU C 150 46.09 10.67 -24.57
CA GLU C 150 44.82 10.17 -24.04
C GLU C 150 44.27 9.03 -24.89
N LEU C 151 44.57 9.01 -26.20
CA LEU C 151 44.15 7.88 -27.02
C LEU C 151 44.88 6.62 -26.61
N GLU C 152 46.19 6.70 -26.38
CA GLU C 152 46.94 5.55 -25.91
C GLU C 152 46.47 5.10 -24.54
N LYS C 153 46.18 6.06 -23.65
CA LYS C 153 45.67 5.73 -22.33
C LYS C 153 44.24 5.19 -22.43
N GLY C 154 43.44 5.71 -23.36
CA GLY C 154 42.08 5.23 -23.52
C GLY C 154 42.03 3.81 -24.05
N VAL C 155 42.99 3.44 -24.90
CA VAL C 155 43.03 2.07 -25.42
C VAL C 155 43.51 1.11 -24.33
N HIS C 156 44.53 1.51 -23.57
CA HIS C 156 45.03 0.63 -22.52
C HIS C 156 43.97 0.37 -21.47
N LEU C 157 43.33 1.43 -20.97
CA LEU C 157 42.31 1.26 -19.94
C LEU C 157 41.09 0.51 -20.45
N ALA C 158 40.83 0.55 -21.76
CA ALA C 158 39.74 -0.24 -22.32
C ALA C 158 40.05 -1.73 -22.26
N LEU C 159 41.32 -2.12 -22.42
CA LEU C 159 41.72 -3.51 -22.42
C LEU C 159 42.19 -4.00 -21.05
N GLU C 160 42.46 -3.10 -20.12
CA GLU C 160 43.02 -3.49 -18.83
C GLU C 160 41.97 -4.16 -17.95
N GLY C 161 42.43 -5.08 -17.10
CA GLY C 161 41.55 -5.73 -16.14
C GLY C 161 40.27 -6.23 -16.77
N ARG C 162 39.14 -5.79 -16.23
CA ARG C 162 37.84 -6.07 -16.82
C ARG C 162 37.64 -5.12 -17.99
N PRO C 163 37.66 -5.58 -19.23
CA PRO C 163 37.60 -4.66 -20.36
C PRO C 163 36.30 -3.87 -20.40
N GLY C 164 36.34 -2.74 -21.10
CA GLY C 164 35.19 -1.87 -21.23
C GLY C 164 35.45 -0.69 -22.15
N PRO C 165 34.42 0.12 -22.39
CA PRO C 165 34.59 1.26 -23.29
C PRO C 165 35.21 2.47 -22.60
N THR C 166 35.96 3.23 -23.38
CA THR C 166 36.54 4.49 -22.95
C THR C 166 36.09 5.60 -23.89
N TRP C 167 35.95 6.82 -23.35
CA TRP C 167 35.37 7.96 -24.05
C TRP C 167 36.38 9.10 -24.09
N ILE C 168 36.97 9.33 -25.26
CA ILE C 168 37.94 10.40 -25.45
C ILE C 168 37.31 11.47 -26.31
N GLU C 169 37.14 12.66 -25.75
CA GLU C 169 36.55 13.79 -26.45
C GLU C 169 37.66 14.74 -26.89
N ILE C 170 37.68 15.07 -28.18
CA ILE C 170 38.69 15.97 -28.73
C ILE C 170 37.97 17.17 -29.34
N PRO C 171 38.02 18.35 -28.72
CA PRO C 171 37.33 19.50 -29.28
C PRO C 171 37.81 19.84 -30.69
N MET C 172 36.99 20.65 -31.36
CA MET C 172 37.19 20.94 -32.78
C MET C 172 38.52 21.63 -33.03
N ASP C 173 38.79 22.72 -32.30
CA ASP C 173 40.03 23.47 -32.52
C ASP C 173 41.26 22.63 -32.17
N ILE C 174 41.13 21.69 -31.23
CA ILE C 174 42.27 20.85 -30.89
C ILE C 174 42.64 19.97 -32.08
N GLN C 175 41.64 19.48 -32.82
CA GLN C 175 41.92 18.64 -33.97
C GLN C 175 42.70 19.40 -35.04
N SER C 176 42.32 20.66 -35.29
CA SER C 176 42.91 21.46 -36.35
C SER C 176 44.16 22.22 -35.90
N GLY C 177 44.59 22.05 -34.65
CA GLY C 177 45.79 22.72 -34.19
C GLY C 177 47.04 22.12 -34.81
N ARG C 178 48.12 22.90 -34.75
CA ARG C 178 49.40 22.51 -35.32
C ARG C 178 50.48 22.62 -34.26
N ILE C 179 51.24 21.54 -34.06
CA ILE C 179 52.31 21.47 -33.08
C ILE C 179 53.47 20.69 -33.66
N ASP C 180 54.62 20.81 -33.00
CA ASP C 180 55.81 20.07 -33.40
C ASP C 180 55.72 18.64 -32.87
N PRO C 181 55.80 17.61 -33.72
CA PRO C 181 55.59 16.23 -33.23
C PRO C 181 56.45 15.86 -32.04
N ALA C 182 57.63 16.48 -31.90
CA ALA C 182 58.50 16.15 -30.76
C ALA C 182 57.89 16.54 -29.43
N THR C 183 56.94 17.48 -29.42
CA THR C 183 56.30 17.91 -28.18
C THR C 183 55.18 16.98 -27.75
N LEU C 184 54.84 15.97 -28.54
CA LEU C 184 53.78 15.04 -28.15
C LEU C 184 54.18 14.25 -26.92
N GLU C 185 53.24 14.14 -25.97
CA GLU C 185 53.41 13.29 -24.81
C GLU C 185 52.84 11.91 -25.12
N HIS C 186 53.46 10.89 -24.52
CA HIS C 186 53.08 9.50 -24.75
C HIS C 186 52.80 8.82 -23.42
N TYR C 187 51.84 7.91 -23.43
CA TYR C 187 51.42 7.18 -22.24
C TYR C 187 52.13 5.83 -22.19
N VAL C 188 52.73 5.52 -21.05
CA VAL C 188 53.43 4.26 -20.82
C VAL C 188 52.62 3.47 -19.80
N ALA C 189 52.08 2.33 -20.23
CA ALA C 189 51.23 1.54 -19.36
C ALA C 189 52.06 0.98 -18.20
N PRO C 190 51.55 0.99 -16.97
CA PRO C 190 52.27 0.39 -15.86
C PRO C 190 52.39 -1.11 -16.05
N PRO C 191 53.28 -1.78 -15.31
CA PRO C 191 53.39 -3.23 -15.43
C PRO C 191 52.09 -3.91 -15.02
N ALA C 192 51.74 -4.96 -15.75
CA ALA C 192 50.51 -5.69 -15.44
C ALA C 192 50.58 -6.22 -14.02
N PRO C 193 49.46 -6.23 -13.29
CA PRO C 193 49.50 -6.78 -11.93
C PRO C 193 49.75 -8.27 -11.96
N ASP C 194 50.36 -8.76 -10.88
CA ASP C 194 50.60 -10.20 -10.70
C ASP C 194 49.53 -10.71 -9.74
N TYR C 195 48.51 -11.35 -10.29
CA TYR C 195 47.42 -11.85 -9.46
C TYR C 195 47.84 -13.05 -8.62
N LEU C 196 48.81 -13.83 -9.10
CA LEU C 196 49.27 -15.01 -8.38
C LEU C 196 50.13 -14.57 -7.19
N THR C 197 49.45 -14.13 -6.14
CA THR C 197 50.09 -13.87 -4.85
C THR C 197 50.00 -15.11 -3.98
N PRO C 198 50.74 -15.17 -2.88
CA PRO C 198 50.55 -16.28 -1.94
C PRO C 198 49.12 -16.38 -1.41
N ALA C 199 48.43 -15.25 -1.28
CA ALA C 199 47.03 -15.29 -0.87
C ALA C 199 46.16 -15.92 -1.95
N VAL C 200 46.38 -15.53 -3.21
CA VAL C 200 45.62 -16.14 -4.31
C VAL C 200 46.03 -17.60 -4.49
N ALA C 201 47.32 -17.89 -4.41
CA ALA C 201 47.79 -19.27 -4.58
C ALA C 201 47.14 -20.19 -3.55
N ALA C 202 46.95 -19.71 -2.32
CA ALA C 202 46.26 -20.50 -1.31
C ALA C 202 44.84 -20.83 -1.75
N GLN C 203 44.18 -19.88 -2.41
CA GLN C 203 42.83 -20.15 -2.92
C GLN C 203 42.86 -21.22 -4.00
N VAL C 204 43.85 -21.17 -4.90
CA VAL C 204 43.97 -22.18 -5.94
C VAL C 204 44.13 -23.56 -5.32
N ASP C 205 45.01 -23.67 -4.32
CA ASP C 205 45.20 -24.95 -3.64
C ASP C 205 43.94 -25.42 -2.93
N SER C 206 43.10 -24.49 -2.49
CA SER C 206 41.82 -24.88 -1.87
C SER C 206 40.83 -25.35 -2.91
N VAL C 207 40.86 -24.74 -4.10
CA VAL C 207 39.98 -25.17 -5.19
C VAL C 207 40.40 -26.54 -5.68
N LEU C 208 41.70 -26.74 -5.92
CA LEU C 208 42.18 -28.04 -6.37
C LEU C 208 41.85 -29.13 -5.37
N ALA C 209 41.99 -28.84 -4.07
CA ALA C 209 41.64 -29.83 -3.07
C ALA C 209 40.17 -30.20 -3.15
N ALA C 210 39.30 -29.22 -3.37
CA ALA C 210 37.87 -29.49 -3.50
C ALA C 210 37.58 -30.27 -4.78
N LEU C 211 38.25 -29.91 -5.88
CA LEU C 211 38.04 -30.64 -7.13
C LEU C 211 38.45 -32.10 -6.99
N ALA C 212 39.60 -32.35 -6.35
CA ALA C 212 40.08 -33.72 -6.21
C ALA C 212 39.11 -34.58 -5.41
N LYS C 213 38.47 -34.00 -4.40
CA LYS C 213 37.58 -34.74 -3.51
C LYS C 213 36.13 -34.76 -4.01
N ALA C 214 35.74 -33.77 -4.81
CA ALA C 214 34.34 -33.66 -5.22
C ALA C 214 33.91 -34.86 -6.06
N GLU C 215 32.74 -35.40 -5.75
CA GLU C 215 32.19 -36.52 -6.50
C GLU C 215 31.32 -36.06 -7.66
N ARG C 216 30.71 -34.89 -7.56
CA ARG C 216 29.80 -34.37 -8.59
C ARG C 216 30.14 -32.91 -8.89
N PRO C 217 31.35 -32.65 -9.41
CA PRO C 217 31.75 -31.27 -9.67
C PRO C 217 31.18 -30.75 -10.98
N VAL C 218 31.04 -29.42 -11.04
CA VAL C 218 30.56 -28.73 -12.23
C VAL C 218 31.33 -27.43 -12.37
N LEU C 219 31.99 -27.23 -13.51
CA LEU C 219 32.66 -25.98 -13.83
C LEU C 219 31.75 -25.13 -14.70
N TRP C 220 31.55 -23.87 -14.30
CA TRP C 220 30.72 -22.92 -15.04
C TRP C 220 31.65 -21.92 -15.72
N LEU C 221 31.78 -22.03 -17.04
CA LEU C 221 32.75 -21.25 -17.81
C LEU C 221 32.03 -20.13 -18.55
N GLY C 222 32.62 -18.92 -18.48
CA GLY C 222 32.01 -17.74 -19.05
C GLY C 222 32.97 -16.99 -19.95
N ASN C 223 32.44 -15.94 -20.59
CA ASN C 223 33.19 -15.20 -21.59
C ASN C 223 34.43 -14.54 -21.03
N GLY C 224 34.55 -14.43 -19.69
CA GLY C 224 35.76 -13.87 -19.11
C GLY C 224 37.00 -14.67 -19.45
N ILE C 225 36.83 -15.97 -19.74
CA ILE C 225 37.96 -16.79 -20.14
C ILE C 225 38.48 -16.38 -21.52
N ARG C 226 37.55 -16.08 -22.44
CA ARG C 226 37.96 -15.66 -23.77
C ARG C 226 38.56 -14.26 -23.76
N LEU C 227 37.97 -13.36 -22.96
CA LEU C 227 38.54 -12.02 -22.83
C LEU C 227 39.96 -12.08 -22.25
N ALA C 228 40.24 -13.08 -21.41
CA ALA C 228 41.57 -13.27 -20.86
C ALA C 228 42.47 -14.07 -21.79
N GLY C 229 41.95 -14.58 -22.89
CA GLY C 229 42.77 -15.32 -23.84
C GLY C 229 43.18 -16.70 -23.39
N GLY C 230 42.35 -17.36 -22.56
CA GLY C 230 42.69 -18.67 -22.05
C GLY C 230 41.67 -19.73 -22.42
N GLU C 231 40.92 -19.51 -23.50
CA GLU C 231 39.91 -20.48 -23.91
C GLU C 231 40.53 -21.74 -24.47
N ARG C 232 41.80 -21.70 -24.85
CA ARG C 232 42.48 -22.91 -25.34
C ARG C 232 42.91 -23.84 -24.21
N LEU C 233 42.94 -23.32 -22.97
CA LEU C 233 43.30 -24.13 -21.81
C LEU C 233 42.12 -24.90 -21.24
N LEU C 234 40.94 -24.86 -21.87
CA LEU C 234 39.76 -25.46 -21.28
C LEU C 234 39.68 -26.95 -21.56
N LYS C 235 40.04 -27.36 -22.78
CA LYS C 235 40.06 -28.79 -23.10
C LYS C 235 41.04 -29.55 -22.22
N PRO C 236 42.31 -29.13 -22.10
CA PRO C 236 43.22 -29.87 -21.21
C PRO C 236 42.80 -29.81 -19.75
N LEU C 237 42.07 -28.76 -19.34
CA LEU C 237 41.64 -28.65 -17.95
C LEU C 237 40.49 -29.60 -17.65
N LEU C 238 39.47 -29.62 -18.51
CA LEU C 238 38.31 -30.48 -18.27
C LEU C 238 38.69 -31.95 -18.36
N GLU C 239 39.60 -32.29 -19.28
CA GLU C 239 39.99 -33.69 -19.44
C GLU C 239 40.93 -34.15 -18.33
N LYS C 240 41.79 -33.25 -17.84
CA LYS C 240 42.65 -33.62 -16.73
C LYS C 240 41.87 -33.78 -15.43
N LEU C 241 40.81 -33.00 -15.25
CA LEU C 241 39.96 -33.12 -14.08
C LEU C 241 38.87 -34.18 -14.25
N GLY C 242 38.42 -34.42 -15.47
CA GLY C 242 37.32 -35.32 -15.70
C GLY C 242 35.99 -34.84 -15.16
N SER C 243 35.82 -33.54 -14.96
CA SER C 243 34.61 -32.97 -14.39
C SER C 243 33.71 -32.39 -15.47
N PRO C 244 32.39 -32.56 -15.36
CA PRO C 244 31.49 -31.90 -16.32
C PRO C 244 31.61 -30.39 -16.24
N ALA C 245 31.17 -29.73 -17.31
CA ALA C 245 31.29 -28.29 -17.44
C ALA C 245 30.05 -27.71 -18.10
N LEU C 246 29.60 -26.58 -17.57
CA LEU C 246 28.55 -25.78 -18.16
C LEU C 246 29.16 -24.49 -18.70
N VAL C 247 28.59 -23.98 -19.79
CA VAL C 247 29.04 -22.73 -20.40
C VAL C 247 27.92 -21.71 -20.28
N SER C 248 28.31 -20.45 -20.09
CA SER C 248 27.36 -19.37 -20.10
C SER C 248 26.90 -19.08 -21.52
N TRP C 249 25.83 -18.29 -21.64
CA TRP C 249 25.33 -17.92 -22.96
C TRP C 249 26.37 -17.11 -23.74
N ALA C 250 27.18 -16.32 -23.04
CA ALA C 250 28.22 -15.55 -23.70
C ALA C 250 29.45 -16.38 -24.03
N GLY C 251 29.66 -17.50 -23.34
CA GLY C 251 30.83 -18.33 -23.56
C GLY C 251 30.53 -19.65 -24.24
N ILE C 252 29.40 -19.71 -24.96
CA ILE C 252 29.00 -20.97 -25.60
C ILE C 252 30.05 -21.43 -26.61
N ASP C 253 30.66 -20.49 -27.34
CA ASP C 253 31.58 -20.83 -28.41
C ASP C 253 33.01 -21.04 -27.94
N MET C 254 33.24 -21.15 -26.62
CA MET C 254 34.58 -21.41 -26.13
C MET C 254 34.95 -22.89 -26.24
N LEU C 255 33.97 -23.78 -26.09
CA LEU C 255 34.19 -25.22 -26.16
C LEU C 255 33.16 -25.85 -27.09
N ASP C 256 33.56 -26.95 -27.73
CA ASP C 256 32.65 -27.69 -28.61
C ASP C 256 31.44 -28.14 -27.81
N SER C 257 30.25 -27.78 -28.31
CA SER C 257 29.02 -28.13 -27.59
C SER C 257 28.83 -29.63 -27.46
N SER C 258 29.54 -30.43 -28.24
CA SER C 258 29.42 -31.88 -28.21
C SER C 258 30.58 -32.56 -27.50
N HIS C 259 31.48 -31.79 -26.88
CA HIS C 259 32.58 -32.38 -26.12
C HIS C 259 31.99 -33.35 -25.09
N PRO C 260 32.71 -34.42 -24.73
CA PRO C 260 32.14 -35.39 -23.78
C PRO C 260 31.92 -34.85 -22.38
N LEU C 261 32.43 -33.65 -22.06
CA LEU C 261 32.30 -33.09 -20.71
C LEU C 261 31.56 -31.76 -20.68
N VAL C 262 31.03 -31.29 -21.81
CA VAL C 262 30.25 -30.06 -21.87
C VAL C 262 28.78 -30.43 -21.94
N PHE C 263 27.98 -29.87 -21.03
CA PHE C 263 26.58 -30.29 -20.86
C PHE C 263 25.62 -29.12 -20.91
N GLY C 264 25.91 -28.11 -21.71
CA GLY C 264 24.95 -27.07 -22.00
C GLY C 264 25.02 -25.87 -21.06
N ARG C 265 23.93 -25.11 -21.04
CA ARG C 265 23.85 -23.85 -20.33
C ARG C 265 22.64 -23.84 -19.41
N ALA C 266 22.83 -23.38 -18.18
CA ALA C 266 21.78 -23.31 -17.19
C ALA C 266 21.37 -21.87 -16.93
N GLY C 267 20.24 -21.70 -16.26
CA GLY C 267 19.76 -20.39 -15.87
C GLY C 267 18.25 -20.33 -15.91
N VAL C 268 17.74 -19.09 -15.99
CA VAL C 268 16.30 -18.86 -16.05
C VAL C 268 15.74 -19.35 -17.39
N TYR C 269 16.51 -19.20 -18.46
CA TYR C 269 16.20 -19.80 -19.76
C TYR C 269 17.16 -20.94 -20.06
N GLY C 270 17.55 -21.69 -19.02
CA GLY C 270 18.48 -22.78 -19.20
C GLY C 270 17.82 -24.02 -19.76
N GLN C 271 18.65 -25.00 -20.09
CA GLN C 271 18.17 -26.30 -20.55
C GLN C 271 17.87 -27.18 -19.35
N ARG C 272 16.79 -27.97 -19.46
CA ARG C 272 16.35 -28.80 -18.34
C ARG C 272 17.49 -29.69 -17.84
N ALA C 273 18.20 -30.35 -18.76
CA ALA C 273 19.31 -31.22 -18.34
C ALA C 273 20.41 -30.43 -17.66
N ALA C 274 20.70 -29.23 -18.16
CA ALA C 274 21.79 -28.43 -17.58
C ALA C 274 21.44 -27.94 -16.18
N ASN C 275 20.17 -27.59 -15.96
CA ASN C 275 19.76 -27.12 -14.64
C ASN C 275 19.82 -28.25 -13.61
N PHE C 276 19.45 -29.46 -14.00
CA PHE C 276 19.54 -30.58 -13.07
C PHE C 276 21.00 -30.89 -12.73
N ILE C 277 21.91 -30.74 -13.70
CA ILE C 277 23.31 -30.98 -13.43
C ILE C 277 23.85 -29.94 -12.44
N LEU C 278 23.47 -28.68 -12.65
CA LEU C 278 23.90 -27.62 -11.73
C LEU C 278 23.33 -27.82 -10.34
N GLN C 279 22.02 -28.04 -10.26
CA GLN C 279 21.34 -28.06 -8.97
C GLN C 279 21.67 -29.30 -8.16
N ASN C 280 22.20 -30.35 -8.78
CA ASN C 280 22.52 -31.59 -8.09
C ASN C 280 24.02 -31.83 -7.94
N SER C 281 24.83 -30.80 -8.16
CA SER C 281 26.26 -30.92 -7.92
C SER C 281 26.57 -30.76 -6.44
N ASP C 282 27.78 -31.20 -6.07
CA ASP C 282 28.31 -30.97 -4.73
C ASP C 282 29.44 -29.96 -4.73
N TYR C 283 29.83 -29.44 -5.89
CA TYR C 283 30.85 -28.41 -5.98
C TYR C 283 30.71 -27.70 -7.32
N VAL C 284 30.74 -26.37 -7.28
CA VAL C 284 30.59 -25.54 -8.47
C VAL C 284 31.75 -24.56 -8.52
N LEU C 285 32.48 -24.57 -9.62
CA LEU C 285 33.62 -23.67 -9.85
C LEU C 285 33.26 -22.76 -11.01
N ALA C 286 33.08 -21.47 -10.72
CA ALA C 286 32.72 -20.48 -11.72
C ALA C 286 33.98 -19.74 -12.16
N ILE C 287 34.32 -19.85 -13.44
CA ILE C 287 35.52 -19.23 -14.01
C ILE C 287 35.08 -18.27 -15.10
N GLY C 288 35.27 -16.98 -14.87
CA GLY C 288 35.01 -15.98 -15.90
C GLY C 288 33.56 -15.74 -16.20
N THR C 289 32.65 -16.21 -15.36
CA THR C 289 31.22 -15.99 -15.55
C THR C 289 30.69 -15.11 -14.42
N ARG C 290 29.84 -14.15 -14.78
CA ARG C 290 29.39 -13.13 -13.84
C ARG C 290 28.34 -13.63 -12.85
N LEU C 291 27.78 -14.82 -13.08
CA LEU C 291 26.69 -15.32 -12.26
C LEU C 291 25.59 -14.27 -12.14
N ALA C 292 25.14 -13.80 -13.30
CA ALA C 292 24.07 -12.82 -13.37
C ALA C 292 22.76 -13.43 -12.89
N ILE C 293 21.76 -12.57 -12.69
CA ILE C 293 20.45 -13.04 -12.27
C ILE C 293 19.90 -14.09 -13.22
N PRO C 294 19.91 -13.89 -14.54
CA PRO C 294 19.36 -14.91 -15.44
C PRO C 294 20.09 -16.24 -15.38
N GLN C 295 21.26 -16.31 -14.74
CA GLN C 295 22.02 -17.55 -14.65
C GLN C 295 21.70 -18.31 -13.36
N ILE C 296 21.55 -17.60 -12.24
CA ILE C 296 21.43 -18.22 -10.93
C ILE C 296 20.03 -18.13 -10.36
N GLY C 297 19.13 -17.36 -10.96
CA GLY C 297 17.79 -17.26 -10.44
C GLY C 297 17.61 -16.09 -9.50
N TYR C 298 16.73 -16.24 -8.51
CA TYR C 298 16.37 -15.13 -7.63
C TYR C 298 16.56 -15.45 -6.14
N ASP C 299 17.24 -16.54 -5.80
CA ASP C 299 17.50 -16.85 -4.40
C ASP C 299 18.77 -17.69 -4.33
N LEU C 300 19.82 -17.11 -3.75
CA LEU C 300 21.08 -17.83 -3.62
C LEU C 300 20.95 -19.06 -2.72
N ASN C 301 19.99 -19.06 -1.81
CA ASN C 301 19.77 -20.20 -0.93
C ASN C 301 19.16 -21.40 -1.66
N GLU C 302 18.70 -21.22 -2.88
CA GLU C 302 18.14 -22.30 -3.69
C GLU C 302 19.10 -22.75 -4.78
N LEU C 303 20.28 -22.16 -4.87
CA LEU C 303 21.24 -22.44 -5.93
C LEU C 303 22.16 -23.57 -5.49
N ALA C 304 22.13 -24.68 -6.24
CA ALA C 304 23.03 -25.81 -6.00
C ALA C 304 23.11 -26.14 -4.51
N ARG C 305 21.93 -26.32 -3.91
CA ARG C 305 21.80 -26.40 -2.46
C ARG C 305 22.71 -27.45 -1.83
N LEU C 306 23.28 -28.36 -2.61
CA LEU C 306 24.18 -29.39 -2.08
C LEU C 306 25.65 -29.07 -2.31
N ALA C 307 25.97 -27.94 -2.93
CA ALA C 307 27.33 -27.70 -3.44
C ALA C 307 27.96 -26.47 -2.82
N ARG C 308 29.25 -26.59 -2.54
CA ARG C 308 30.10 -25.44 -2.30
C ARG C 308 30.38 -24.74 -3.63
N ILE C 309 30.33 -23.41 -3.63
CA ILE C 309 30.46 -22.63 -4.84
C ILE C 309 31.67 -21.70 -4.70
N ASP C 310 32.65 -21.88 -5.60
CA ASP C 310 33.78 -20.98 -5.72
C ASP C 310 33.66 -20.18 -7.01
N VAL C 311 34.12 -18.93 -6.96
CA VAL C 311 33.98 -18.01 -8.08
C VAL C 311 35.34 -17.38 -8.37
N VAL C 312 35.65 -17.25 -9.66
CA VAL C 312 36.85 -16.57 -10.14
C VAL C 312 36.41 -15.45 -11.07
N ASP C 313 36.88 -14.24 -10.81
CA ASP C 313 36.44 -13.07 -11.55
C ASP C 313 37.46 -11.95 -11.33
N ILE C 314 37.87 -11.30 -12.41
CA ILE C 314 38.89 -10.26 -12.32
C ILE C 314 38.37 -8.98 -11.68
N ASP C 315 37.04 -8.84 -11.58
CA ASP C 315 36.41 -7.69 -10.95
C ASP C 315 36.11 -8.05 -9.49
N GLY C 316 36.77 -7.39 -8.55
CA GLY C 316 36.57 -7.70 -7.15
C GLY C 316 35.12 -7.57 -6.73
N ASP C 317 34.43 -6.55 -7.25
CA ASP C 317 33.02 -6.36 -6.91
C ASP C 317 32.16 -7.49 -7.43
N GLU C 318 32.44 -8.00 -8.63
CA GLU C 318 31.69 -9.12 -9.15
C GLU C 318 32.02 -10.41 -8.41
N ALA C 319 33.24 -10.54 -7.90
CA ALA C 319 33.67 -11.78 -7.28
C ALA C 319 33.07 -12.00 -5.90
N ILE C 320 32.63 -10.94 -5.22
CA ILE C 320 32.15 -11.05 -3.84
C ILE C 320 30.67 -10.73 -3.71
N LYS C 321 29.97 -10.44 -4.81
CA LYS C 321 28.57 -10.05 -4.70
C LYS C 321 27.70 -11.16 -4.16
N HIS C 322 28.12 -12.41 -4.29
CA HIS C 322 27.41 -13.57 -3.75
C HIS C 322 28.11 -14.14 -2.52
N ALA C 323 28.85 -13.30 -1.80
CA ALA C 323 29.70 -13.78 -0.71
C ALA C 323 28.92 -14.47 0.40
N LYS C 324 27.61 -14.22 0.50
CA LYS C 324 26.80 -14.94 1.48
C LYS C 324 26.69 -16.42 1.14
N ARG C 325 26.76 -16.76 -0.14
CA ARG C 325 26.59 -18.13 -0.62
C ARG C 325 27.88 -18.79 -1.05
N THR C 326 28.80 -18.04 -1.65
CA THR C 326 30.06 -18.60 -2.13
C THR C 326 31.11 -18.59 -1.02
N GLN C 327 32.13 -19.43 -1.19
CA GLN C 327 33.20 -19.57 -0.21
C GLN C 327 34.48 -18.92 -0.71
N GLU C 328 35.14 -19.49 -1.71
CA GLU C 328 36.38 -18.92 -2.25
C GLU C 328 36.01 -17.90 -3.32
N ASN C 329 36.32 -16.64 -3.06
CA ASN C 329 36.03 -15.54 -3.98
C ASN C 329 37.38 -15.03 -4.49
N ILE C 330 37.79 -15.55 -5.64
CA ILE C 330 39.14 -15.36 -6.16
C ILE C 330 39.12 -14.19 -7.16
N VAL C 331 39.87 -13.14 -6.85
CA VAL C 331 39.99 -11.98 -7.74
C VAL C 331 41.26 -12.19 -8.55
N CYS C 332 41.11 -12.82 -9.70
CA CYS C 332 42.26 -13.18 -10.52
C CYS C 332 41.84 -13.31 -11.97
N ASP C 333 42.79 -13.01 -12.86
CA ASP C 333 42.56 -13.16 -14.30
C ASP C 333 42.26 -14.62 -14.63
N ALA C 334 41.31 -14.82 -15.56
CA ALA C 334 40.84 -16.17 -15.86
C ALA C 334 41.95 -17.04 -16.42
N ARG C 335 42.81 -16.47 -17.26
CA ARG C 335 43.91 -17.25 -17.83
C ARG C 335 44.98 -17.55 -16.78
N VAL C 336 45.32 -16.55 -15.96
CA VAL C 336 46.32 -16.77 -14.92
C VAL C 336 45.85 -17.87 -13.97
N PHE C 337 44.56 -17.87 -13.63
CA PHE C 337 44.04 -18.87 -12.70
C PHE C 337 44.10 -20.27 -13.30
N ILE C 338 43.67 -20.42 -14.55
CA ILE C 338 43.67 -21.75 -15.18
C ILE C 338 45.09 -22.25 -15.35
N GLU C 339 46.01 -21.38 -15.78
CA GLU C 339 47.41 -21.77 -15.85
C GLU C 339 47.92 -22.22 -14.48
N ALA C 340 47.62 -21.43 -13.44
CA ALA C 340 48.01 -21.82 -12.09
C ALA C 340 47.40 -23.16 -11.70
N LEU C 341 46.14 -23.39 -12.09
CA LEU C 341 45.47 -24.64 -11.73
C LEU C 341 46.02 -25.82 -12.51
N LEU C 342 46.44 -25.60 -13.76
CA LEU C 342 47.03 -26.69 -14.53
C LEU C 342 48.44 -27.00 -14.03
N ALA C 343 49.20 -25.98 -13.65
CA ALA C 343 50.54 -26.21 -13.12
C ALA C 343 50.48 -27.15 -11.91
N ARG C 344 49.51 -26.95 -11.03
CA ARG C 344 49.38 -27.81 -9.86
C ARG C 344 48.83 -29.18 -10.21
N LEU C 345 48.09 -29.29 -11.32
CA LEU C 345 47.63 -30.60 -11.79
C LEU C 345 48.75 -31.40 -12.44
N ASN C 346 49.70 -30.74 -13.08
CA ASN C 346 50.82 -31.39 -13.73
C ASN C 346 52.04 -31.55 -12.82
N ALA C 347 51.97 -31.01 -11.60
CA ALA C 347 53.12 -31.11 -10.69
C ALA C 347 53.33 -32.56 -10.28
N ALA C 348 54.58 -32.89 -9.95
CA ALA C 348 54.90 -34.24 -9.50
C ALA C 348 54.15 -34.57 -8.22
N ASP C 349 54.01 -33.58 -7.32
CA ASP C 349 53.27 -33.74 -6.07
C ASP C 349 51.79 -33.45 -6.22
N ALA C 350 51.24 -33.62 -7.42
CA ALA C 350 49.84 -33.32 -7.64
C ALA C 350 48.96 -34.28 -6.84
N PRO C 351 47.89 -33.78 -6.21
CA PRO C 351 47.03 -34.67 -5.43
C PRO C 351 46.28 -35.65 -6.32
N ALA C 352 45.78 -36.71 -5.70
CA ALA C 352 45.00 -37.71 -6.40
C ALA C 352 43.59 -37.19 -6.63
N ILE C 353 43.13 -37.26 -7.88
CA ILE C 353 41.80 -36.79 -8.25
C ILE C 353 40.84 -37.97 -8.17
N ALA C 354 39.85 -37.86 -7.29
CA ALA C 354 38.83 -38.91 -7.20
C ALA C 354 38.07 -39.03 -8.52
N SER C 355 37.49 -40.20 -8.73
CA SER C 355 36.79 -40.48 -9.98
C SER C 355 35.41 -39.85 -9.96
N LYS C 356 35.07 -39.15 -11.04
CA LYS C 356 33.75 -38.60 -11.26
C LYS C 356 32.93 -39.43 -12.24
N ALA C 357 33.40 -40.64 -12.57
CA ALA C 357 32.80 -41.41 -13.64
C ALA C 357 31.30 -41.60 -13.44
N ASP C 358 30.87 -41.86 -12.21
CA ASP C 358 29.45 -42.02 -11.94
C ASP C 358 28.69 -40.73 -12.24
N TRP C 359 29.25 -39.60 -11.80
CA TRP C 359 28.59 -38.31 -12.02
C TRP C 359 28.43 -38.02 -13.51
N VAL C 360 29.53 -38.10 -14.26
CA VAL C 360 29.46 -37.84 -15.69
C VAL C 360 28.39 -38.72 -16.34
N ALA C 361 28.34 -39.99 -15.96
CA ALA C 361 27.33 -40.89 -16.50
C ALA C 361 25.93 -40.39 -16.16
N LYS C 362 25.74 -39.84 -14.96
CA LYS C 362 24.44 -39.30 -14.58
C LYS C 362 24.13 -38.02 -15.34
N CYS C 363 25.16 -37.29 -15.77
CA CYS C 363 24.93 -36.10 -16.60
C CYS C 363 24.46 -36.49 -18.00
N ARG C 364 25.06 -37.54 -18.57
CA ARG C 364 24.60 -38.02 -19.87
C ARG C 364 23.15 -38.52 -19.78
N ALA C 365 22.80 -39.17 -18.67
CA ALA C 365 21.42 -39.61 -18.49
C ALA C 365 20.47 -38.43 -18.47
N TYR C 366 20.87 -37.34 -17.81
CA TYR C 366 20.03 -36.14 -17.79
C TYR C 366 19.73 -35.65 -19.20
N GLU C 367 20.75 -35.60 -20.06
CA GLU C 367 20.52 -35.18 -21.44
C GLU C 367 19.67 -36.21 -22.18
N GLU C 368 19.96 -37.50 -21.98
CA GLU C 368 19.11 -38.54 -22.56
C GLU C 368 17.64 -38.32 -22.19
N GLN C 369 17.37 -38.05 -20.91
CA GLN C 369 16.00 -37.91 -20.46
C GLN C 369 15.39 -36.58 -20.89
N PHE C 370 16.20 -35.51 -20.95
CA PHE C 370 15.72 -34.16 -21.25
C PHE C 370 16.53 -33.60 -22.41
N PRO C 371 16.15 -33.91 -23.65
CA PRO C 371 16.84 -33.32 -24.79
C PRO C 371 16.52 -31.84 -24.91
N TRP C 372 17.42 -31.11 -25.57
CA TRP C 372 17.27 -29.67 -25.72
C TRP C 372 15.98 -29.34 -26.49
N VAL C 373 15.74 -30.05 -27.59
CA VAL C 373 14.50 -29.92 -28.34
C VAL C 373 13.67 -31.16 -28.02
N GLY C 374 12.61 -30.97 -27.23
CA GLY C 374 11.77 -32.06 -26.78
C GLY C 374 10.32 -31.89 -27.16
N ALA C 375 9.46 -32.73 -26.59
CA ALA C 375 8.04 -32.72 -26.96
C ALA C 375 7.41 -31.35 -26.74
N GLU C 376 7.92 -30.59 -25.77
CA GLU C 376 7.38 -29.25 -25.52
C GLU C 376 7.51 -28.32 -26.72
N HIS C 377 8.37 -28.66 -27.68
CA HIS C 377 8.66 -27.80 -28.81
C HIS C 377 8.00 -28.31 -30.11
N ALA C 378 6.85 -28.95 -29.99
CA ALA C 378 6.15 -29.43 -31.17
C ALA C 378 5.65 -28.27 -32.00
N ASP C 379 5.52 -28.51 -33.31
CA ASP C 379 5.03 -27.49 -34.22
C ASP C 379 3.61 -27.08 -33.82
N PRO C 380 3.36 -25.82 -33.45
CA PRO C 380 2.03 -25.45 -32.96
C PRO C 380 1.09 -25.00 -34.05
N GLU C 381 -0.07 -25.66 -34.18
CA GLU C 381 -1.15 -25.22 -35.06
C GLU C 381 -0.64 -24.94 -36.47
N GLY C 382 0.21 -25.82 -36.97
CA GLY C 382 0.68 -25.72 -38.34
C GLY C 382 1.82 -24.74 -38.56
N PHE C 383 2.27 -24.03 -37.53
CA PHE C 383 3.45 -23.19 -37.64
C PHE C 383 4.69 -24.00 -37.29
N ILE C 384 5.81 -23.63 -37.91
CA ILE C 384 7.09 -24.18 -37.50
C ILE C 384 7.43 -23.67 -36.10
N ASN C 385 7.99 -24.55 -35.28
CA ASN C 385 8.43 -24.17 -33.95
C ASN C 385 9.85 -23.60 -34.03
N SER C 386 10.03 -22.41 -33.46
CA SER C 386 11.32 -21.73 -33.57
C SER C 386 12.47 -22.56 -33.02
N TYR C 387 12.18 -23.42 -32.03
CA TYR C 387 13.24 -24.26 -31.47
C TYR C 387 13.61 -25.38 -32.43
N ARG C 388 12.62 -25.98 -33.09
CA ARG C 388 12.92 -27.01 -34.09
C ARG C 388 13.64 -26.41 -35.29
N PHE C 389 13.26 -25.18 -35.67
CA PHE C 389 13.94 -24.52 -36.78
C PHE C 389 15.40 -24.27 -36.46
N MET C 390 15.71 -23.86 -35.23
CA MET C 390 17.10 -23.67 -34.83
C MET C 390 17.89 -24.96 -34.98
N GLU C 391 17.30 -26.09 -34.59
CA GLU C 391 17.99 -27.36 -34.72
C GLU C 391 18.28 -27.66 -36.18
N ARG C 392 17.29 -27.46 -37.05
CA ARG C 392 17.50 -27.66 -38.48
C ARG C 392 18.55 -26.70 -39.02
N LEU C 393 18.38 -25.41 -38.76
CA LEU C 393 19.34 -24.41 -39.24
C LEU C 393 20.75 -24.74 -38.79
N ASN C 394 20.91 -25.25 -37.56
CA ASN C 394 22.23 -25.59 -37.06
C ASN C 394 22.96 -26.54 -38.00
N GLY C 395 22.22 -27.46 -38.64
CA GLY C 395 22.85 -28.41 -39.54
C GLY C 395 23.53 -27.77 -40.73
N PHE C 396 23.17 -26.53 -41.05
CA PHE C 396 23.70 -25.84 -42.22
C PHE C 396 24.88 -24.93 -41.89
N PHE C 397 25.33 -24.89 -40.64
CA PHE C 397 26.46 -24.04 -40.29
C PHE C 397 27.68 -24.39 -41.13
N LYS C 398 28.46 -23.37 -41.47
CA LYS C 398 29.73 -23.56 -42.15
C LYS C 398 30.83 -23.83 -41.13
N ASP C 399 31.92 -24.43 -41.60
CA ASP C 399 32.97 -24.85 -40.68
C ASP C 399 33.51 -23.67 -39.87
N ASP C 400 33.43 -22.46 -40.41
CA ASP C 400 33.86 -21.25 -39.72
C ASP C 400 32.69 -20.28 -39.54
N GLN C 401 31.51 -20.83 -39.28
CA GLN C 401 30.32 -20.01 -39.15
C GLN C 401 30.45 -19.05 -37.97
N VAL C 402 29.95 -17.82 -38.15
CA VAL C 402 29.80 -16.85 -37.06
C VAL C 402 28.32 -16.46 -37.00
N VAL C 403 27.76 -16.48 -35.80
CA VAL C 403 26.35 -16.24 -35.59
C VAL C 403 26.20 -15.13 -34.56
N VAL C 404 25.47 -14.08 -34.92
CA VAL C 404 25.09 -13.02 -33.99
C VAL C 404 23.57 -13.01 -33.91
N THR C 405 23.05 -12.50 -32.79
CA THR C 405 21.60 -12.50 -32.57
C THR C 405 21.14 -11.20 -31.96
N ASP C 406 19.91 -10.82 -32.29
CA ASP C 406 19.21 -9.76 -31.59
C ASP C 406 18.58 -10.36 -30.33
N MET C 407 17.50 -9.77 -29.84
CA MET C 407 16.81 -10.30 -28.67
C MET C 407 15.67 -11.21 -29.12
N GLY C 408 14.61 -11.31 -28.32
CA GLY C 408 13.44 -12.06 -28.74
C GLY C 408 13.76 -13.50 -29.11
N THR C 409 13.04 -13.99 -30.11
CA THR C 409 13.11 -15.40 -30.48
C THR C 409 14.53 -15.82 -30.84
N ALA C 410 15.26 -14.95 -31.54
CA ALA C 410 16.62 -15.29 -31.94
C ALA C 410 17.53 -15.49 -30.74
N LEU C 411 17.29 -14.76 -29.65
CA LEU C 411 18.13 -14.89 -28.46
C LEU C 411 17.78 -16.14 -27.68
N LEU C 412 16.49 -16.38 -27.43
CA LEU C 412 16.09 -17.47 -26.55
C LEU C 412 16.21 -18.82 -27.24
N SER C 413 15.56 -18.97 -28.40
CA SER C 413 15.64 -20.25 -29.12
C SER C 413 17.06 -20.56 -29.54
N GLY C 414 17.88 -19.55 -29.82
CA GLY C 414 19.22 -19.81 -30.31
C GLY C 414 20.15 -20.33 -29.23
N HIS C 415 20.22 -19.61 -28.12
CA HIS C 415 21.11 -20.03 -27.03
C HIS C 415 20.64 -21.30 -26.35
N GLN C 416 19.38 -21.70 -26.54
CA GLN C 416 18.83 -22.89 -25.92
C GLN C 416 18.94 -24.13 -26.79
N VAL C 417 19.43 -24.01 -28.02
CA VAL C 417 19.38 -25.11 -28.98
C VAL C 417 20.70 -25.23 -29.73
N LEU C 418 21.23 -24.10 -30.20
CA LEU C 418 22.33 -24.13 -31.15
C LEU C 418 23.59 -24.74 -30.54
N ARG C 419 24.26 -25.58 -31.33
CA ARG C 419 25.53 -26.20 -30.97
C ARG C 419 26.63 -25.65 -31.86
N PHE C 420 27.83 -25.52 -31.30
CA PHE C 420 28.96 -24.93 -32.00
C PHE C 420 30.21 -25.78 -31.83
N LYS C 421 30.99 -25.88 -32.91
CA LYS C 421 32.28 -26.55 -32.88
C LYS C 421 33.41 -25.54 -32.79
N GLU C 422 34.63 -26.05 -32.65
CA GLU C 422 35.80 -25.18 -32.67
C GLU C 422 35.91 -24.49 -34.02
N GLY C 423 36.20 -23.19 -33.99
CA GLY C 423 36.26 -22.38 -35.18
C GLY C 423 34.98 -21.64 -35.51
N GLN C 424 33.89 -21.94 -34.80
CA GLN C 424 32.65 -21.19 -34.90
C GLN C 424 32.53 -20.25 -33.71
N ARG C 425 31.72 -19.20 -33.89
CA ARG C 425 31.56 -18.17 -32.88
C ARG C 425 30.08 -17.85 -32.71
N PHE C 426 29.75 -17.34 -31.51
CA PHE C 426 28.39 -16.98 -31.15
C PHE C 426 28.46 -15.72 -30.31
N MET C 427 27.74 -14.67 -30.72
CA MET C 427 27.84 -13.38 -30.09
C MET C 427 26.48 -12.70 -30.00
N THR C 428 26.29 -11.91 -28.97
CA THR C 428 25.11 -11.07 -28.80
C THR C 428 25.34 -10.19 -27.57
N SER C 429 24.38 -9.30 -27.30
CA SER C 429 24.49 -8.33 -26.22
C SER C 429 23.56 -8.77 -25.09
N THR C 430 24.13 -9.36 -24.05
CA THR C 430 23.34 -9.94 -22.96
C THR C 430 23.36 -9.11 -21.69
N GLY C 431 24.39 -8.31 -21.46
CA GLY C 431 24.40 -7.44 -20.30
C GLY C 431 23.30 -6.41 -20.34
N LEU C 432 23.20 -5.68 -21.47
CA LEU C 432 22.14 -4.70 -21.65
C LEU C 432 20.93 -5.25 -22.38
N GLY C 433 21.13 -6.25 -23.25
CA GLY C 433 20.02 -6.88 -23.93
C GLY C 433 19.14 -5.90 -24.70
N GLU C 434 19.76 -5.08 -25.53
CA GLU C 434 19.02 -4.05 -26.27
C GLU C 434 18.55 -4.59 -27.61
N MET C 435 17.38 -4.13 -28.04
CA MET C 435 16.88 -4.47 -29.37
C MET C 435 17.65 -3.68 -30.41
N GLY C 436 17.80 -4.29 -31.59
CA GLY C 436 18.57 -3.66 -32.65
C GLY C 436 20.06 -3.85 -32.53
N TYR C 437 20.51 -4.87 -31.80
CA TYR C 437 21.92 -5.22 -31.75
C TYR C 437 22.33 -6.16 -32.87
N GLY C 438 21.39 -6.92 -33.43
CA GLY C 438 21.69 -7.88 -34.46
C GLY C 438 22.42 -7.31 -35.65
N LEU C 439 21.81 -6.35 -36.34
CA LEU C 439 22.46 -5.78 -37.52
C LEU C 439 23.80 -5.14 -37.18
N PRO C 440 23.87 -4.15 -36.28
CA PRO C 440 25.20 -3.58 -35.97
C PRO C 440 26.22 -4.62 -35.55
N ALA C 441 25.76 -5.72 -34.95
CA ALA C 441 26.68 -6.78 -34.55
C ALA C 441 27.28 -7.47 -35.77
N ALA C 442 26.46 -7.70 -36.80
CA ALA C 442 26.96 -8.35 -38.00
C ALA C 442 27.95 -7.47 -38.74
N LEU C 443 27.76 -6.15 -38.72
CA LEU C 443 28.70 -5.24 -39.36
C LEU C 443 30.09 -5.38 -38.76
N GLY C 444 30.19 -5.43 -37.43
CA GLY C 444 31.48 -5.53 -36.78
C GLY C 444 32.22 -6.81 -37.13
N VAL C 445 31.51 -7.94 -37.06
CA VAL C 445 32.13 -9.22 -37.41
C VAL C 445 32.62 -9.20 -38.85
N SER C 446 31.75 -8.80 -39.78
CA SER C 446 32.10 -8.81 -41.20
C SER C 446 33.37 -8.01 -41.44
N PHE C 447 33.40 -6.75 -41.00
CA PHE C 447 34.58 -5.93 -41.23
C PHE C 447 35.79 -6.45 -40.47
N ALA C 448 35.56 -7.18 -39.38
CA ALA C 448 36.68 -7.77 -38.64
C ALA C 448 37.36 -8.86 -39.45
N ASN C 449 36.59 -9.62 -40.22
CA ASN C 449 37.12 -10.74 -41.01
C ASN C 449 37.29 -10.37 -42.48
N ASP C 450 37.59 -9.10 -42.76
CA ASP C 450 37.79 -8.63 -44.13
C ASP C 450 36.52 -8.83 -44.96
N ARG C 451 35.43 -8.27 -44.43
CA ARG C 451 34.10 -8.41 -45.05
C ARG C 451 33.74 -9.88 -45.19
N GLY C 452 33.82 -10.60 -44.06
CA GLY C 452 33.50 -12.01 -44.03
C GLY C 452 32.02 -12.26 -43.82
N GLU C 453 31.65 -13.53 -43.85
CA GLU C 453 30.26 -13.94 -43.76
C GLU C 453 29.81 -14.05 -42.31
N VAL C 454 28.61 -13.57 -42.04
CA VAL C 454 28.03 -13.60 -40.71
C VAL C 454 26.56 -13.96 -40.85
N MET C 455 26.07 -14.83 -39.96
CA MET C 455 24.67 -15.17 -39.89
C MET C 455 24.04 -14.36 -38.76
N CYS C 456 22.99 -13.62 -39.09
CA CYS C 456 22.31 -12.77 -38.13
C CYS C 456 20.93 -13.33 -37.88
N LEU C 457 20.66 -13.71 -36.64
CA LEU C 457 19.34 -14.18 -36.23
C LEU C 457 18.62 -13.01 -35.57
N ASN C 458 17.66 -12.44 -36.28
CA ASN C 458 16.98 -11.22 -35.87
C ASN C 458 15.48 -11.48 -35.83
N CYS C 459 14.74 -10.45 -35.45
CA CYS C 459 13.30 -10.55 -35.25
C CYS C 459 12.60 -9.38 -35.90
N ASP C 460 11.28 -9.51 -36.06
CA ASP C 460 10.51 -8.45 -36.69
C ASP C 460 10.57 -7.16 -35.88
N GLY C 461 10.53 -7.27 -34.55
CA GLY C 461 10.61 -6.09 -33.72
C GLY C 461 12.03 -5.54 -33.64
N GLY C 462 13.00 -6.42 -33.37
CA GLY C 462 14.39 -5.97 -33.22
C GLY C 462 14.99 -5.42 -34.49
N MET C 463 14.46 -5.82 -35.65
CA MET C 463 14.95 -5.28 -36.91
C MET C 463 14.71 -3.78 -37.03
N MET C 464 13.72 -3.25 -36.33
CA MET C 464 13.29 -1.87 -36.53
C MET C 464 14.22 -0.86 -35.88
N MET C 465 14.87 -1.23 -34.76
CA MET C 465 15.67 -0.25 -34.03
C MET C 465 16.79 0.31 -34.93
N ASN C 466 17.54 -0.57 -35.59
CA ASN C 466 18.60 -0.13 -36.49
C ASN C 466 18.33 -0.63 -37.92
N LEU C 467 17.10 -0.45 -38.38
CA LEU C 467 16.74 -0.86 -39.73
C LEU C 467 17.62 -0.17 -40.78
N GLN C 468 18.07 1.05 -40.50
CA GLN C 468 18.81 1.82 -41.49
C GLN C 468 20.13 1.16 -41.89
N GLU C 469 20.64 0.22 -41.08
CA GLU C 469 21.93 -0.38 -41.38
C GLU C 469 21.86 -1.39 -42.52
N LEU C 470 20.67 -1.71 -43.02
CA LEU C 470 20.57 -2.46 -44.26
C LEU C 470 21.27 -1.72 -45.39
N GLN C 471 21.18 -0.39 -45.41
CA GLN C 471 21.85 0.39 -46.44
C GLN C 471 23.36 0.23 -46.33
N THR C 472 23.90 0.27 -45.11
CA THR C 472 25.31 -0.01 -44.91
C THR C 472 25.68 -1.40 -45.40
N MET C 473 24.76 -2.36 -45.25
N MET C 473 24.75 -2.35 -45.27
CA MET C 473 25.04 -3.72 -45.69
CA MET C 473 25.03 -3.73 -45.68
C MET C 473 25.15 -3.79 -47.21
C MET C 473 25.12 -3.83 -47.19
N VAL C 474 24.17 -3.23 -47.90
CA VAL C 474 24.19 -3.28 -49.37
C VAL C 474 25.34 -2.43 -49.92
N HIS C 475 25.62 -1.30 -49.25
CA HIS C 475 26.65 -0.39 -49.74
C HIS C 475 27.99 -1.10 -49.87
N HIS C 476 28.38 -1.88 -48.87
CA HIS C 476 29.63 -2.62 -48.88
C HIS C 476 29.46 -4.05 -49.37
N ASN C 477 28.25 -4.44 -49.77
CA ASN C 477 27.98 -5.78 -50.28
C ASN C 477 28.46 -6.85 -49.30
N LEU C 478 28.11 -6.67 -48.03
CA LEU C 478 28.57 -7.54 -46.96
C LEU C 478 27.79 -8.86 -46.97
N PRO C 479 28.47 -10.01 -46.98
CA PRO C 479 27.74 -11.29 -46.99
C PRO C 479 27.08 -11.59 -45.66
N ILE C 480 26.05 -10.84 -45.32
CA ILE C 480 25.33 -11.01 -44.06
C ILE C 480 24.04 -11.75 -44.36
N LYS C 481 23.89 -12.93 -43.76
CA LYS C 481 22.71 -13.76 -43.94
C LYS C 481 21.74 -13.45 -42.81
N LEU C 482 20.68 -12.71 -43.12
CA LEU C 482 19.78 -12.16 -42.12
C LEU C 482 18.52 -13.01 -42.06
N PHE C 483 18.32 -13.68 -40.93
CA PHE C 483 17.10 -14.41 -40.63
C PHE C 483 16.23 -13.53 -39.73
N ILE C 484 14.97 -13.37 -40.09
CA ILE C 484 14.03 -12.54 -39.34
C ILE C 484 12.87 -13.43 -38.91
N PHE C 485 12.63 -13.48 -37.60
CA PHE C 485 11.50 -14.23 -37.05
C PHE C 485 10.30 -13.32 -36.97
N ASN C 486 9.28 -13.59 -37.77
CA ASN C 486 8.04 -12.83 -37.76
C ASN C 486 7.05 -13.49 -36.83
N ASN C 487 6.59 -12.76 -35.81
CA ASN C 487 5.63 -13.30 -34.85
C ASN C 487 4.66 -12.23 -34.38
N ASP C 488 4.27 -11.33 -35.29
CA ASP C 488 3.25 -10.32 -35.01
C ASP C 488 3.60 -9.51 -33.77
N GLY C 489 4.82 -8.96 -33.75
CA GLY C 489 5.20 -8.01 -32.73
C GLY C 489 6.14 -8.55 -31.66
N TYR C 490 5.94 -8.08 -30.43
CA TYR C 490 6.87 -8.35 -29.33
C TYR C 490 6.41 -9.60 -28.58
N LEU C 491 6.68 -10.76 -29.17
CA LEU C 491 6.24 -12.02 -28.57
C LEU C 491 6.80 -12.19 -27.16
N MET C 492 8.01 -11.69 -26.92
CA MET C 492 8.64 -11.85 -25.62
C MET C 492 7.92 -11.04 -24.55
N ILE C 493 7.28 -9.93 -24.94
CA ILE C 493 6.48 -9.17 -24.00
C ILE C 493 5.05 -9.71 -23.92
N LYS C 494 4.55 -10.32 -25.01
CA LYS C 494 3.23 -10.96 -24.96
C LYS C 494 3.15 -11.94 -23.79
N HIS C 495 4.22 -12.71 -23.57
CA HIS C 495 4.22 -13.67 -22.48
C HIS C 495 4.27 -12.97 -21.12
N THR C 496 4.96 -11.82 -21.05
CA THR C 496 5.09 -11.13 -19.77
C THR C 496 3.75 -10.56 -19.32
N GLN C 497 3.04 -9.85 -20.21
CA GLN C 497 1.78 -9.25 -19.82
C GLN C 497 0.64 -10.26 -19.74
N LYS C 498 0.75 -11.39 -20.45
CA LYS C 498 -0.26 -12.43 -20.31
C LYS C 498 -0.15 -13.13 -18.95
N SER C 499 1.08 -13.34 -18.47
CA SER C 499 1.27 -13.94 -17.16
C SER C 499 0.83 -13.00 -16.05
N LEU C 500 0.91 -11.70 -16.27
CA LEU C 500 0.59 -10.72 -15.25
C LEU C 500 -0.89 -10.37 -15.18
N PHE C 501 -1.55 -10.25 -16.35
CA PHE C 501 -2.90 -9.73 -16.40
C PHE C 501 -3.90 -10.66 -17.10
N LYS C 502 -3.44 -11.59 -17.94
CA LYS C 502 -4.31 -12.58 -18.54
C LYS C 502 -5.48 -11.93 -19.31
N SER C 503 -5.19 -10.81 -19.96
CA SER C 503 -6.20 -10.10 -20.74
C SER C 503 -5.64 -9.85 -22.14
N ASP C 504 -6.20 -8.86 -22.83
CA ASP C 504 -5.77 -8.56 -24.18
C ASP C 504 -4.41 -7.88 -24.20
N TYR C 505 -3.66 -8.12 -25.28
CA TYR C 505 -2.33 -7.57 -25.42
C TYR C 505 -2.38 -6.06 -25.51
N VAL C 506 -1.31 -5.42 -25.05
CA VAL C 506 -1.18 -3.96 -25.05
C VAL C 506 0.19 -3.61 -25.59
N GLY C 507 0.23 -2.80 -26.65
CA GLY C 507 1.46 -2.39 -27.30
C GLY C 507 2.43 -3.51 -27.59
N THR C 508 1.96 -4.61 -28.16
CA THR C 508 2.83 -5.74 -28.48
C THR C 508 2.55 -6.43 -29.81
N ASP C 509 1.35 -6.32 -30.38
CA ASP C 509 1.07 -6.86 -31.71
C ASP C 509 0.25 -5.85 -32.48
N ARG C 510 -0.10 -6.21 -33.72
CA ARG C 510 -0.77 -5.27 -34.61
C ARG C 510 -2.05 -4.73 -34.00
N LYS C 511 -2.88 -5.61 -33.43
CA LYS C 511 -4.13 -5.16 -32.81
C LYS C 511 -3.87 -4.14 -31.71
N SER C 512 -2.74 -4.26 -31.01
CA SER C 512 -2.47 -3.43 -29.85
C SER C 512 -1.54 -2.26 -30.14
N GLY C 513 -1.18 -2.03 -31.40
CA GLY C 513 -0.48 -0.84 -31.82
C GLY C 513 0.97 -1.00 -32.23
N VAL C 514 1.43 -2.22 -32.49
CA VAL C 514 2.81 -2.49 -32.88
C VAL C 514 2.77 -3.42 -34.09
N SER C 515 3.14 -2.89 -35.24
CA SER C 515 3.20 -3.67 -36.47
C SER C 515 4.59 -3.55 -37.08
N CYS C 516 4.90 -4.48 -37.98
CA CYS C 516 6.18 -4.50 -38.66
C CYS C 516 5.96 -4.66 -40.15
N PRO C 517 6.90 -4.21 -40.98
CA PRO C 517 6.71 -4.28 -42.43
C PRO C 517 7.07 -5.66 -42.99
N ASP C 518 6.69 -5.85 -44.26
CA ASP C 518 6.98 -7.07 -44.99
C ASP C 518 8.47 -7.05 -45.37
N PHE C 519 9.30 -7.70 -44.56
CA PHE C 519 10.74 -7.60 -44.74
C PHE C 519 11.21 -8.17 -46.07
N SER C 520 10.38 -8.94 -46.76
CA SER C 520 10.75 -9.43 -48.09
C SER C 520 10.61 -8.32 -49.13
N ARG C 521 9.47 -7.63 -49.12
CA ARG C 521 9.31 -6.48 -50.01
C ARG C 521 10.33 -5.40 -49.69
N LEU C 522 10.64 -5.22 -48.41
CA LEU C 522 11.63 -4.22 -48.01
C LEU C 522 13.02 -4.61 -48.53
N ALA C 523 13.32 -5.91 -48.54
CA ALA C 523 14.61 -6.37 -49.05
C ALA C 523 14.74 -6.07 -50.54
N ALA C 524 13.65 -6.23 -51.28
CA ALA C 524 13.68 -5.91 -52.71
C ALA C 524 13.91 -4.42 -52.94
N ALA C 525 13.53 -3.57 -51.98
CA ALA C 525 13.77 -2.14 -52.11
C ALA C 525 15.24 -1.81 -51.87
N PHE C 526 15.93 -2.56 -51.02
CA PHE C 526 17.35 -2.41 -50.81
C PHE C 526 18.18 -3.25 -51.79
N ASP C 527 17.53 -3.86 -52.79
CA ASP C 527 18.22 -4.69 -53.77
C ASP C 527 18.84 -5.92 -53.10
N ILE C 528 18.15 -6.46 -52.10
CA ILE C 528 18.62 -7.62 -51.34
C ILE C 528 17.74 -8.81 -51.72
N PRO C 529 18.33 -9.95 -52.09
CA PRO C 529 17.51 -11.13 -52.38
C PRO C 529 16.86 -11.67 -51.11
N ALA C 530 15.57 -11.99 -51.20
CA ALA C 530 14.77 -12.34 -50.03
C ALA C 530 14.08 -13.67 -50.24
N TYR C 531 13.95 -14.42 -49.15
CA TYR C 531 13.26 -15.70 -49.13
C TYR C 531 12.29 -15.73 -47.94
N GLN C 532 11.40 -16.71 -47.95
CA GLN C 532 10.45 -16.91 -46.87
C GLN C 532 10.36 -18.38 -46.54
N ILE C 533 10.41 -18.70 -45.24
CA ILE C 533 10.27 -20.07 -44.76
C ILE C 533 9.01 -20.13 -43.90
N ARG C 534 7.96 -20.75 -44.43
CA ARG C 534 6.71 -20.94 -43.71
C ARG C 534 6.46 -22.39 -43.31
N GLY C 535 7.01 -23.35 -44.06
CA GLY C 535 6.81 -24.76 -43.77
C GLY C 535 8.09 -25.54 -43.95
N TRP C 536 8.02 -26.83 -43.62
CA TRP C 536 9.19 -27.69 -43.68
C TRP C 536 9.54 -28.12 -45.10
N ASP C 537 8.58 -28.09 -46.02
CA ASP C 537 8.84 -28.57 -47.38
C ASP C 537 9.97 -27.80 -48.03
N GLU C 538 9.90 -26.46 -47.99
CA GLU C 538 10.89 -25.62 -48.66
C GLU C 538 12.05 -25.23 -47.75
N CYS C 539 12.10 -25.75 -46.53
CA CYS C 539 13.08 -25.30 -45.55
C CYS C 539 14.50 -25.62 -45.99
N ASP C 540 14.80 -26.89 -46.25
CA ASP C 540 16.18 -27.29 -46.52
C ASP C 540 16.70 -26.67 -47.81
N ALA C 541 15.84 -26.56 -48.83
CA ALA C 541 16.27 -25.95 -50.08
C ALA C 541 16.55 -24.46 -49.89
N THR C 542 15.65 -23.76 -49.19
CA THR C 542 15.87 -22.34 -48.92
C THR C 542 17.16 -22.12 -48.14
N LEU C 543 17.34 -22.86 -47.04
CA LEU C 543 18.54 -22.68 -46.22
C LEU C 543 19.81 -22.93 -47.02
N ALA C 544 19.74 -23.78 -48.06
CA ALA C 544 20.91 -24.02 -48.88
C ALA C 544 21.19 -22.84 -49.79
N LYS C 545 20.15 -22.19 -50.31
CA LYS C 545 20.35 -21.00 -51.12
C LYS C 545 20.90 -19.86 -50.28
N VAL C 546 20.35 -19.66 -49.07
CA VAL C 546 20.80 -18.55 -48.23
C VAL C 546 22.28 -18.70 -47.90
N GLN C 547 22.73 -19.90 -47.56
CA GLN C 547 24.14 -20.10 -47.24
C GLN C 547 25.03 -20.05 -48.47
N ALA C 548 24.47 -20.25 -49.66
CA ALA C 548 25.25 -20.25 -50.88
C ALA C 548 25.43 -18.86 -51.48
N HIS C 549 24.62 -17.89 -51.06
CA HIS C 549 24.74 -16.54 -51.58
C HIS C 549 26.08 -15.93 -51.22
N THR C 550 26.58 -15.07 -52.11
CA THR C 550 27.82 -14.34 -51.86
C THR C 550 27.57 -12.98 -51.22
N GLY C 551 26.40 -12.40 -51.42
CA GLY C 551 26.08 -11.10 -50.87
C GLY C 551 25.08 -11.21 -49.74
N PRO C 552 24.49 -10.08 -49.34
CA PRO C 552 23.50 -10.11 -48.27
C PRO C 552 22.23 -10.83 -48.69
N VAL C 553 21.57 -11.44 -47.70
CA VAL C 553 20.34 -12.20 -47.92
C VAL C 553 19.43 -12.01 -46.73
N ILE C 554 18.13 -11.91 -47.00
CA ILE C 554 17.10 -11.84 -45.96
C ILE C 554 16.21 -13.06 -46.11
N CYS C 555 15.90 -13.72 -44.99
CA CYS C 555 15.02 -14.88 -44.98
C CYS C 555 14.01 -14.69 -43.86
N GLU C 556 12.76 -14.43 -44.23
CA GLU C 556 11.70 -14.32 -43.24
C GLU C 556 11.29 -15.71 -42.77
N VAL C 557 11.26 -15.90 -41.45
CA VAL C 557 10.86 -17.16 -40.85
C VAL C 557 9.60 -16.89 -40.04
N PHE C 558 8.48 -17.45 -40.49
CA PHE C 558 7.19 -17.22 -39.87
C PHE C 558 6.91 -18.27 -38.80
N MET C 559 6.59 -17.82 -37.59
CA MET C 559 6.29 -18.68 -36.47
C MET C 559 4.95 -18.28 -35.87
N HIS C 560 4.46 -19.09 -34.94
CA HIS C 560 3.18 -18.82 -34.32
C HIS C 560 3.24 -17.49 -33.57
N PRO C 561 2.22 -16.63 -33.71
CA PRO C 561 2.27 -15.31 -33.06
C PRO C 561 2.21 -15.39 -31.54
N GLN C 562 2.04 -16.57 -30.96
CA GLN C 562 1.97 -16.72 -29.51
C GLN C 562 2.79 -17.90 -29.01
N GLN C 563 3.79 -18.33 -29.78
CA GLN C 563 4.56 -19.51 -29.40
C GLN C 563 5.20 -19.30 -28.03
N LEU C 564 5.18 -20.35 -27.23
CA LEU C 564 5.82 -20.30 -25.91
C LEU C 564 7.34 -20.32 -26.06
N PHE C 565 8.01 -19.66 -25.13
CA PHE C 565 9.44 -19.79 -24.94
C PHE C 565 9.65 -20.74 -23.76
N SER C 566 10.23 -21.89 -24.03
CA SER C 566 10.42 -22.91 -23.01
C SER C 566 11.64 -23.74 -23.37
N PRO C 567 12.32 -24.33 -22.38
CA PRO C 567 12.03 -24.28 -20.93
C PRO C 567 12.33 -22.91 -20.32
N LYS C 568 11.59 -22.51 -19.29
CA LYS C 568 11.73 -21.19 -18.69
C LYS C 568 11.31 -21.26 -17.22
N LEU C 569 12.04 -20.56 -16.36
CA LEU C 569 11.70 -20.48 -14.94
C LEU C 569 10.64 -19.41 -14.77
N GLY C 570 9.39 -19.82 -14.58
CA GLY C 570 8.28 -18.88 -14.52
C GLY C 570 7.46 -19.05 -13.25
N VAL C 571 6.72 -17.99 -12.93
CA VAL C 571 5.84 -18.00 -11.77
C VAL C 571 4.67 -18.95 -12.03
N VAL C 572 4.33 -19.75 -11.03
CA VAL C 572 3.26 -20.73 -11.12
C VAL C 572 2.28 -20.50 -9.98
N SER C 573 1.00 -20.63 -10.28
CA SER C 573 -0.06 -20.48 -9.27
C SER C 573 -0.27 -21.82 -8.58
N ARG C 574 -0.22 -21.80 -7.24
CA ARG C 574 -0.31 -23.02 -6.46
C ARG C 574 -1.72 -23.61 -6.52
N THR C 578 -2.19 -19.21 -4.41
CA THR C 578 -1.09 -18.28 -4.21
C THR C 578 -0.04 -18.46 -5.31
N LEU C 579 0.78 -17.44 -5.51
CA LEU C 579 1.83 -17.47 -6.51
C LEU C 579 3.14 -17.93 -5.89
N VAL C 580 3.92 -18.69 -6.66
CA VAL C 580 5.18 -19.26 -6.20
C VAL C 580 6.23 -19.09 -7.29
N SER C 581 7.44 -18.71 -6.89
CA SER C 581 8.59 -18.74 -7.79
C SER C 581 9.36 -20.02 -7.53
N PRO C 582 9.26 -21.03 -8.38
CA PRO C 582 9.86 -22.33 -8.07
C PRO C 582 11.39 -22.25 -8.09
N PRO C 583 12.07 -23.24 -7.52
CA PRO C 583 13.54 -23.25 -7.58
C PRO C 583 14.03 -23.38 -9.02
N LEU C 584 15.34 -23.25 -9.17
CA LEU C 584 15.94 -23.15 -10.49
C LEU C 584 15.77 -24.43 -11.31
N GLU C 585 15.64 -25.59 -10.66
CA GLU C 585 15.52 -26.84 -11.39
C GLU C 585 14.10 -27.09 -11.90
N ASP C 586 13.11 -26.38 -11.36
CA ASP C 586 11.71 -26.67 -11.68
C ASP C 586 11.22 -25.70 -12.75
N LEU C 587 11.74 -25.92 -13.97
CA LEU C 587 11.38 -25.08 -15.10
C LEU C 587 9.97 -25.38 -15.58
N SER C 588 9.38 -24.38 -16.28
CA SER C 588 8.05 -24.49 -16.85
C SER C 588 8.13 -24.73 -18.36
N PRO C 589 7.22 -25.51 -18.96
CA PRO C 589 6.09 -26.24 -18.35
C PRO C 589 6.58 -27.28 -17.36
N LEU C 590 5.89 -27.40 -16.23
CA LEU C 590 6.38 -28.26 -15.16
C LEU C 590 6.31 -29.73 -15.57
N ILE C 591 7.30 -30.50 -15.13
CA ILE C 591 7.31 -31.94 -15.34
C ILE C 591 6.53 -32.58 -14.21
N PRO C 592 6.04 -33.82 -14.37
CA PRO C 592 5.31 -34.46 -13.27
C PRO C 592 6.16 -34.56 -12.01
N ARG C 593 5.50 -34.44 -10.86
CA ARG C 593 6.22 -34.34 -9.60
C ARG C 593 7.04 -35.59 -9.32
N ASP C 594 6.53 -36.77 -9.70
CA ASP C 594 7.28 -37.99 -9.43
C ASP C 594 8.53 -38.08 -10.30
N VAL C 595 8.50 -37.45 -11.48
CA VAL C 595 9.70 -37.40 -12.32
C VAL C 595 10.73 -36.46 -11.71
N LEU C 596 10.27 -35.28 -11.25
CA LEU C 596 11.19 -34.34 -10.62
C LEU C 596 11.81 -34.94 -9.36
N GLU C 597 11.03 -35.73 -8.61
CA GLU C 597 11.56 -36.37 -7.41
C GLU C 597 12.73 -37.29 -7.77
N GLN C 598 12.57 -38.11 -8.80
CA GLN C 598 13.63 -39.02 -9.20
C GLN C 598 14.82 -38.28 -9.81
N ALA C 599 14.62 -37.06 -10.31
CA ALA C 599 15.70 -36.31 -10.92
C ALA C 599 16.55 -35.56 -9.90
N MET C 600 16.01 -35.31 -8.71
CA MET C 600 16.73 -34.60 -7.66
C MET C 600 17.37 -35.60 -6.70
N ILE C 601 18.68 -35.44 -6.46
CA ILE C 601 19.41 -36.40 -5.66
C ILE C 601 18.89 -36.40 -4.22
N GLY C 602 18.67 -35.23 -3.65
CA GLY C 602 18.11 -35.14 -2.32
C GLY C 602 16.60 -35.04 -2.27
N GLY C 603 15.92 -35.15 -3.40
CA GLY C 603 14.50 -34.91 -3.46
C GLY C 603 14.17 -33.46 -3.77
N MET C 604 12.94 -33.26 -4.25
CA MET C 604 12.54 -31.94 -4.72
C MET C 604 12.43 -30.95 -3.56
N HIS C 605 12.53 -29.67 -3.91
CA HIS C 605 12.40 -28.59 -2.95
C HIS C 605 10.98 -28.55 -2.39
N GLU C 606 10.85 -27.92 -1.21
CA GLU C 606 9.53 -27.80 -0.59
C GLU C 606 8.56 -27.05 -1.51
N LYS C 607 9.03 -25.98 -2.15
CA LYS C 607 8.18 -25.24 -3.07
C LYS C 607 7.60 -26.14 -4.15
N SER C 608 8.41 -27.08 -4.66
CA SER C 608 8.01 -27.86 -5.83
C SER C 608 6.92 -28.88 -5.50
N LYS C 609 6.69 -29.19 -4.23
CA LYS C 609 5.79 -30.27 -3.87
C LYS C 609 4.31 -29.91 -4.02
N THR C 610 3.97 -28.62 -4.07
CA THR C 610 2.59 -28.18 -4.13
C THR C 610 2.16 -27.73 -5.51
N LEU C 611 3.03 -27.81 -6.51
CA LEU C 611 2.72 -27.36 -7.85
C LEU C 611 2.02 -28.47 -8.64
N ASP D 4 -9.81 -4.87 1.62
CA ASP D 4 -8.61 -4.51 0.87
C ASP D 4 -8.85 -3.23 0.07
N ASN D 5 -8.55 -2.09 0.68
CA ASN D 5 -8.81 -0.78 0.09
C ASN D 5 -7.55 -0.18 -0.53
N LYS D 6 -6.73 -0.99 -1.19
CA LYS D 6 -5.49 -0.53 -1.79
C LYS D 6 -5.58 -0.60 -3.31
N VAL D 7 -4.95 0.36 -3.98
CA VAL D 7 -4.99 0.48 -5.43
C VAL D 7 -3.57 0.38 -5.98
N LYS D 8 -3.43 -0.28 -7.13
CA LYS D 8 -2.13 -0.40 -7.77
C LYS D 8 -1.58 0.98 -8.07
N VAL D 9 -0.27 1.15 -7.81
CA VAL D 9 0.36 2.44 -8.06
C VAL D 9 0.28 2.80 -9.54
N ALA D 10 0.44 1.81 -10.42
CA ALA D 10 0.35 2.08 -11.85
C ALA D 10 -1.01 2.66 -12.22
N GLU D 11 -2.07 2.18 -11.57
CA GLU D 11 -3.40 2.71 -11.85
C GLU D 11 -3.55 4.14 -11.33
N LEU D 12 -2.87 4.47 -10.22
CA LEU D 12 -2.90 5.84 -9.72
C LEU D 12 -2.09 6.78 -10.61
N VAL D 13 -1.01 6.27 -11.20
CA VAL D 13 -0.26 7.05 -12.18
C VAL D 13 -1.13 7.33 -13.40
N ALA D 14 -1.77 6.28 -13.94
CA ALA D 14 -2.66 6.47 -15.07
C ALA D 14 -3.75 7.48 -14.74
N GLU D 15 -4.28 7.44 -13.52
CA GLU D 15 -5.26 8.44 -13.11
C GLU D 15 -4.65 9.83 -13.07
N ALA D 16 -3.40 9.93 -12.59
CA ALA D 16 -2.76 11.23 -12.49
C ALA D 16 -2.50 11.83 -13.86
N LEU D 17 -2.15 10.99 -14.84
CA LEU D 17 -1.95 11.50 -16.20
C LEU D 17 -3.24 12.16 -16.72
N GLU D 18 -4.40 11.57 -16.40
CA GLU D 18 -5.66 12.18 -16.82
C GLU D 18 -5.89 13.51 -16.12
N ASN D 19 -5.69 13.55 -14.80
CA ASN D 19 -5.86 14.82 -14.09
C ASN D 19 -4.91 15.88 -14.61
N LEU D 20 -3.75 15.47 -15.13
CA LEU D 20 -2.78 16.41 -15.67
C LEU D 20 -3.09 16.83 -17.10
N GLY D 21 -4.06 16.19 -17.75
CA GLY D 21 -4.40 16.53 -19.12
C GLY D 21 -3.47 15.94 -20.16
N ILE D 22 -2.70 14.92 -19.80
CA ILE D 22 -1.82 14.26 -20.76
C ILE D 22 -2.66 13.22 -21.51
N GLN D 23 -2.87 13.47 -22.81
CA GLN D 23 -3.71 12.62 -23.63
C GLN D 23 -2.92 11.73 -24.59
N HIS D 24 -1.62 11.92 -24.71
CA HIS D 24 -0.78 11.11 -25.59
C HIS D 24 0.55 10.81 -24.93
N ALA D 25 0.98 9.57 -25.09
CA ALA D 25 2.27 9.10 -24.60
C ALA D 25 2.96 8.32 -25.70
N PHE D 26 4.25 8.55 -25.86
CA PHE D 26 5.05 7.90 -26.89
C PHE D 26 6.13 7.07 -26.22
N GLY D 27 6.30 5.82 -26.65
CA GLY D 27 7.33 4.99 -26.07
C GLY D 27 7.25 3.57 -26.59
N ILE D 28 8.08 2.72 -25.98
CA ILE D 28 8.16 1.30 -26.29
C ILE D 28 8.01 0.52 -25.00
N ILE D 29 7.27 -0.59 -25.08
CA ILE D 29 6.95 -1.36 -23.88
C ILE D 29 8.16 -2.20 -23.47
N GLY D 30 8.15 -2.64 -22.22
CA GLY D 30 9.17 -3.53 -21.71
C GLY D 30 8.82 -3.93 -20.29
N ALA D 31 9.59 -4.90 -19.78
CA ALA D 31 9.35 -5.37 -18.42
C ALA D 31 9.44 -4.22 -17.42
N GLY D 32 10.20 -3.17 -17.74
CA GLY D 32 10.35 -2.04 -16.84
C GLY D 32 9.12 -1.15 -16.75
N ASN D 33 8.25 -1.17 -17.76
CA ASN D 33 7.06 -0.33 -17.74
C ASN D 33 5.81 -1.08 -18.18
N VAL D 34 5.83 -2.42 -18.18
CA VAL D 34 4.64 -3.18 -18.59
C VAL D 34 3.46 -2.88 -17.67
N HIS D 35 3.72 -2.61 -16.40
CA HIS D 35 2.64 -2.26 -15.48
C HIS D 35 2.03 -0.90 -15.84
N LEU D 36 2.84 0.03 -16.36
CA LEU D 36 2.32 1.34 -16.71
C LEU D 36 1.58 1.29 -18.05
N PHE D 37 2.09 0.52 -19.01
CA PHE D 37 1.35 0.32 -20.25
C PHE D 37 -0.03 -0.25 -19.99
N GLU D 38 -0.12 -1.24 -19.10
CA GLU D 38 -1.40 -1.86 -18.80
C GLU D 38 -2.35 -0.87 -18.13
N ALA D 39 -1.90 -0.21 -17.07
CA ALA D 39 -2.77 0.70 -16.34
C ALA D 39 -3.26 1.84 -17.23
N ILE D 40 -2.39 2.39 -18.07
CA ILE D 40 -2.79 3.48 -18.95
C ILE D 40 -3.77 2.98 -20.01
N ALA D 41 -3.48 1.84 -20.62
CA ALA D 41 -4.37 1.31 -21.64
C ALA D 41 -5.75 1.00 -21.06
N ARG D 42 -5.79 0.36 -19.89
CA ARG D 42 -7.08 -0.02 -19.30
C ARG D 42 -7.90 1.20 -18.89
N ARG D 43 -7.27 2.35 -18.66
CA ARG D 43 -8.02 3.54 -18.31
C ARG D 43 -8.56 4.25 -19.56
N GLY D 44 -7.88 4.10 -20.69
CA GLY D 44 -8.40 4.58 -21.96
C GLY D 44 -8.42 6.08 -22.16
N TYR D 45 -7.76 6.85 -21.29
CA TYR D 45 -7.72 8.31 -21.46
C TYR D 45 -6.48 8.77 -22.21
N THR D 46 -5.33 8.16 -21.95
CA THR D 46 -4.09 8.49 -22.63
C THR D 46 -3.82 7.45 -23.71
N GLU D 47 -3.74 7.89 -24.96
CA GLU D 47 -3.43 6.97 -26.05
C GLU D 47 -1.92 6.77 -26.10
N ILE D 48 -1.48 5.52 -26.02
CA ILE D 48 -0.07 5.19 -26.15
C ILE D 48 0.23 4.97 -27.62
N VAL D 49 1.11 5.81 -28.16
CA VAL D 49 1.59 5.66 -29.53
C VAL D 49 2.91 4.89 -29.47
N CYS D 50 2.88 3.65 -29.93
CA CYS D 50 4.07 2.81 -29.92
C CYS D 50 4.98 3.21 -31.08
N VAL D 51 6.22 3.55 -30.76
CA VAL D 51 7.22 3.88 -31.77
C VAL D 51 8.20 2.71 -31.88
N HIS D 52 9.08 2.80 -32.88
CA HIS D 52 10.05 1.74 -33.13
C HIS D 52 11.46 2.14 -32.74
N HIS D 53 11.62 3.28 -32.07
CA HIS D 53 12.88 3.64 -31.44
C HIS D 53 12.57 4.71 -30.41
N GLU D 54 13.01 4.49 -29.17
CA GLU D 54 12.68 5.42 -28.10
C GLU D 54 13.11 6.85 -28.45
N GLN D 55 14.15 6.99 -29.29
CA GLN D 55 14.56 8.32 -29.72
C GLN D 55 13.42 9.07 -30.41
N ALA D 56 12.59 8.35 -31.16
CA ALA D 56 11.45 9.00 -31.81
C ALA D 56 10.41 9.46 -30.80
N ALA D 57 10.26 8.72 -29.71
CA ALA D 57 9.26 9.08 -28.71
C ALA D 57 9.64 10.40 -28.02
N CYS D 58 10.90 10.55 -27.64
CA CYS D 58 11.34 11.77 -26.97
C CYS D 58 11.34 12.98 -27.90
N MET D 59 11.41 12.76 -29.22
CA MET D 59 11.33 13.87 -30.15
C MET D 59 9.87 14.26 -30.40
N ALA D 60 9.00 13.26 -30.62
CA ALA D 60 7.61 13.55 -30.95
C ALA D 60 6.95 14.42 -29.91
N VAL D 61 7.25 14.18 -28.62
CA VAL D 61 6.61 14.93 -27.55
C VAL D 61 6.92 16.42 -27.64
N GLN D 62 8.02 16.79 -28.31
CA GLN D 62 8.35 18.20 -28.46
C GLN D 62 7.36 18.89 -29.38
N THR D 63 7.34 18.49 -30.66
CA THR D 63 6.44 19.09 -31.62
C THR D 63 4.98 18.90 -31.22
N TYR D 64 4.67 17.81 -30.51
CA TYR D 64 3.33 17.63 -29.99
C TYR D 64 2.92 18.85 -29.16
N TYR D 65 3.77 19.23 -28.20
CA TYR D 65 3.43 20.36 -27.35
C TYR D 65 3.36 21.66 -28.15
N ARG D 66 4.34 21.90 -29.02
CA ARG D 66 4.41 23.14 -29.76
C ARG D 66 3.20 23.35 -30.66
N THR D 67 2.41 22.30 -30.91
CA THR D 67 1.26 22.41 -31.80
C THR D 67 0.10 23.12 -31.11
N ASN D 68 -0.37 22.58 -29.98
CA ASN D 68 -1.53 23.14 -29.29
C ASN D 68 -1.28 23.46 -27.83
N GLY D 69 -0.06 23.29 -27.33
CA GLY D 69 0.25 23.64 -25.95
C GLY D 69 -0.08 22.57 -24.93
N ARG D 70 -0.34 21.34 -25.35
CA ARG D 70 -0.61 20.25 -24.44
C ARG D 70 0.65 19.39 -24.32
N ILE D 71 1.11 19.19 -23.09
CA ILE D 71 2.32 18.41 -22.87
C ILE D 71 2.03 16.93 -23.14
N ALA D 72 3.03 16.23 -23.65
CA ALA D 72 2.96 14.79 -23.85
C ALA D 72 3.96 14.12 -22.92
N ALA D 73 3.96 12.79 -22.92
CA ALA D 73 4.85 12.01 -22.09
C ALA D 73 5.56 10.98 -22.94
N ALA D 74 6.81 10.70 -22.57
CA ALA D 74 7.60 9.63 -23.19
C ALA D 74 7.67 8.48 -22.19
N LEU D 75 7.26 7.30 -22.62
CA LEU D 75 7.14 6.14 -21.74
C LEU D 75 8.24 5.15 -22.12
N LEU D 76 9.33 5.19 -21.37
CA LEU D 76 10.51 4.37 -21.64
C LEU D 76 10.62 3.24 -20.62
N THR D 77 11.36 2.20 -21.01
CA THR D 77 11.57 1.03 -20.17
C THR D 77 13.03 1.00 -19.69
N THR D 78 13.39 -0.09 -19.03
CA THR D 78 14.70 -0.25 -18.44
C THR D 78 15.79 -0.37 -19.51
N GLY D 79 17.02 -0.02 -19.11
CA GLY D 79 18.16 -0.26 -19.97
C GLY D 79 18.07 0.52 -21.26
N ALA D 80 18.19 -0.18 -22.38
CA ALA D 80 18.22 0.46 -23.68
C ALA D 80 16.97 1.28 -23.96
N GLY D 81 15.86 1.00 -23.28
CA GLY D 81 14.69 1.82 -23.44
C GLY D 81 14.95 3.27 -23.07
N SER D 82 15.81 3.51 -22.07
CA SER D 82 16.07 4.86 -21.61
C SER D 82 17.25 5.50 -22.32
N THR D 83 18.32 4.75 -22.58
CA THR D 83 19.47 5.31 -23.28
C THR D 83 19.13 5.71 -24.70
N ASN D 84 18.16 5.03 -25.32
CA ASN D 84 17.77 5.36 -26.68
C ASN D 84 17.13 6.74 -26.77
N GLY D 85 16.40 7.16 -25.73
CA GLY D 85 15.73 8.43 -25.74
C GLY D 85 16.57 9.64 -25.36
N VAL D 86 17.84 9.45 -25.02
CA VAL D 86 18.65 10.56 -24.53
C VAL D 86 18.72 11.68 -25.56
N THR D 87 18.91 11.33 -26.83
CA THR D 87 19.06 12.36 -27.86
C THR D 87 17.86 13.29 -27.88
N GLY D 88 16.64 12.73 -27.81
CA GLY D 88 15.46 13.57 -27.81
C GLY D 88 15.34 14.45 -26.59
N VAL D 89 15.85 13.99 -25.45
CA VAL D 89 15.85 14.82 -24.24
C VAL D 89 16.73 16.04 -24.45
N VAL D 90 17.85 15.87 -25.15
CA VAL D 90 18.79 16.98 -25.32
C VAL D 90 18.23 18.03 -26.26
N SER D 91 17.60 17.61 -27.36
CA SER D 91 17.03 18.59 -28.28
C SER D 91 15.92 19.38 -27.61
N ALA D 92 15.04 18.70 -26.87
CA ALA D 92 14.03 19.42 -26.10
C ALA D 92 14.68 20.36 -25.09
N TRP D 93 15.79 19.92 -24.48
CA TRP D 93 16.55 20.77 -23.57
C TRP D 93 17.09 22.00 -24.29
N ALA D 94 17.62 21.82 -25.50
CA ALA D 94 18.25 22.93 -26.21
C ALA D 94 17.23 23.92 -26.76
N ASP D 95 16.03 23.46 -27.10
CA ASP D 95 15.01 24.32 -27.69
C ASP D 95 13.94 24.77 -26.69
N SER D 96 14.12 24.46 -25.41
CA SER D 96 13.24 25.00 -24.36
C SER D 96 11.81 24.51 -24.54
N ILE D 97 11.65 23.24 -24.87
CA ILE D 97 10.34 22.63 -25.14
C ILE D 97 9.98 21.75 -23.96
N PRO D 98 8.80 21.93 -23.35
CA PRO D 98 8.44 21.11 -22.19
C PRO D 98 7.94 19.72 -22.58
N CYS D 99 8.24 18.75 -21.73
CA CYS D 99 7.81 17.38 -21.88
C CYS D 99 8.32 16.62 -20.65
N ILE D 100 7.74 15.44 -20.41
CA ILE D 100 8.10 14.62 -19.27
C ILE D 100 8.38 13.22 -19.75
N VAL D 101 9.50 12.65 -19.30
CA VAL D 101 9.86 11.27 -19.58
C VAL D 101 9.59 10.45 -18.33
N ILE D 102 8.76 9.43 -18.46
CA ILE D 102 8.50 8.47 -17.38
C ILE D 102 9.21 7.19 -17.75
N ALA D 103 10.31 6.91 -17.07
CA ALA D 103 11.16 5.77 -17.37
C ALA D 103 11.05 4.73 -16.27
N GLY D 104 10.94 3.46 -16.65
CA GLY D 104 11.01 2.38 -15.71
C GLY D 104 12.44 2.00 -15.38
N ASN D 105 12.59 1.05 -14.47
CA ASN D 105 13.90 0.52 -14.12
C ASN D 105 13.70 -0.79 -13.36
N GLU D 106 14.82 -1.40 -12.97
CA GLU D 106 14.81 -2.66 -12.24
C GLU D 106 14.11 -2.50 -10.89
N ASN D 107 14.14 -3.54 -10.06
N ASN D 107 14.13 -3.55 -10.07
CA ASN D 107 13.59 -3.44 -8.72
CA ASN D 107 13.56 -3.44 -8.73
C ASN D 107 14.33 -2.37 -7.94
C ASN D 107 14.33 -2.40 -7.91
N SER D 108 13.59 -1.67 -7.06
CA SER D 108 14.18 -0.58 -6.31
C SER D 108 15.28 -1.04 -5.34
N LYS D 109 15.41 -2.34 -5.08
CA LYS D 109 16.51 -2.79 -4.24
C LYS D 109 17.85 -2.76 -4.99
N PHE D 110 17.83 -2.57 -6.30
CA PHE D 110 19.06 -2.41 -7.07
C PHE D 110 19.35 -0.97 -7.47
N THR D 111 18.38 -0.06 -7.35
CA THR D 111 18.48 1.26 -7.95
C THR D 111 18.95 2.26 -6.91
N PHE D 112 20.27 2.30 -6.71
CA PHE D 112 20.89 3.28 -5.84
C PHE D 112 22.32 3.49 -6.32
N PRO D 113 22.79 4.74 -6.41
CA PRO D 113 24.12 4.98 -7.01
C PRO D 113 25.27 4.34 -6.26
N GLU D 114 25.12 4.02 -4.97
CA GLU D 114 26.20 3.37 -4.24
C GLU D 114 26.46 1.94 -4.72
N ASN D 115 25.57 1.39 -5.55
CA ASN D 115 25.72 0.03 -6.05
C ASN D 115 27.09 -0.13 -6.71
N PRO D 116 27.96 -1.02 -6.20
CA PRO D 116 29.31 -1.13 -6.76
C PRO D 116 29.37 -1.84 -8.10
N LEU D 117 28.28 -2.41 -8.59
CA LEU D 117 28.30 -3.17 -9.83
C LEU D 117 28.14 -2.26 -11.04
N ARG D 118 28.57 -2.76 -12.20
CA ARG D 118 28.51 -1.96 -13.41
C ARG D 118 27.08 -1.67 -13.84
N MET D 119 26.17 -2.60 -13.57
CA MET D 119 24.76 -2.41 -13.91
C MET D 119 23.91 -2.78 -12.70
N TRP D 120 22.68 -2.30 -12.74
CA TRP D 120 21.71 -2.52 -11.67
C TRP D 120 20.83 -3.70 -12.02
N GLY D 121 20.67 -4.63 -11.08
CA GLY D 121 19.80 -5.76 -11.33
C GLY D 121 20.21 -6.50 -12.58
N VAL D 122 19.26 -6.68 -13.50
CA VAL D 122 19.49 -7.44 -14.72
C VAL D 122 20.07 -6.57 -15.83
N GLN D 123 19.51 -5.37 -16.04
CA GLN D 123 19.96 -4.54 -17.15
C GLN D 123 19.60 -3.08 -16.96
N GLY D 124 19.69 -2.58 -15.73
CA GLY D 124 19.36 -1.21 -15.42
C GLY D 124 20.60 -0.36 -15.12
N TYR D 125 20.36 0.95 -15.03
CA TYR D 125 21.41 1.91 -14.76
C TYR D 125 20.77 3.18 -14.23
N ASP D 126 21.62 4.12 -13.80
CA ASP D 126 21.15 5.38 -13.24
C ASP D 126 20.74 6.30 -14.38
N SER D 127 19.50 6.15 -14.83
CA SER D 127 18.99 6.92 -15.96
C SER D 127 18.78 8.39 -15.61
N CYS D 128 18.74 8.73 -14.33
CA CYS D 128 18.68 10.14 -13.95
C CYS D 128 20.03 10.81 -14.11
N GLN D 129 21.09 10.15 -13.64
CA GLN D 129 22.43 10.71 -13.75
C GLN D 129 22.80 10.96 -15.21
N MET D 130 22.30 10.15 -16.14
CA MET D 130 22.72 10.29 -17.53
C MET D 130 22.16 11.56 -18.16
N VAL D 131 20.99 12.03 -17.69
CA VAL D 131 20.39 13.26 -18.20
C VAL D 131 20.46 14.38 -17.15
N GLU D 132 21.37 14.25 -16.18
CA GLU D 132 21.45 15.21 -15.09
C GLU D 132 21.74 16.61 -15.61
N ARG D 133 22.57 16.73 -16.64
CA ARG D 133 23.01 18.02 -17.15
C ARG D 133 22.26 18.45 -18.41
N VAL D 134 21.25 17.69 -18.83
CA VAL D 134 20.51 18.01 -20.04
C VAL D 134 19.01 17.92 -19.77
N SER D 135 18.60 18.20 -18.54
CA SER D 135 17.18 18.18 -18.18
C SER D 135 16.98 19.07 -16.97
N LYS D 136 15.73 19.51 -16.78
CA LYS D 136 15.42 20.44 -15.71
C LYS D 136 15.29 19.76 -14.35
N TYR D 137 14.83 18.52 -14.30
CA TYR D 137 14.58 17.84 -13.04
C TYR D 137 14.63 16.34 -13.27
N GLN D 138 15.31 15.63 -12.37
CA GLN D 138 15.36 14.18 -12.39
C GLN D 138 15.08 13.67 -10.99
N MET D 139 14.26 12.63 -10.90
CA MET D 139 13.95 12.04 -9.61
C MET D 139 13.55 10.58 -9.81
N ARG D 140 14.10 9.73 -8.95
CA ARG D 140 13.72 8.31 -8.92
C ARG D 140 12.75 8.12 -7.77
N VAL D 141 11.59 7.56 -8.07
CA VAL D 141 10.54 7.35 -7.08
C VAL D 141 10.88 6.07 -6.31
N THR D 142 11.22 6.22 -5.03
CA THR D 142 11.53 5.08 -4.18
C THR D 142 10.41 4.75 -3.20
N LYS D 143 9.47 5.67 -2.98
CA LYS D 143 8.31 5.44 -2.12
C LYS D 143 7.05 5.49 -2.96
N MET D 144 6.19 4.48 -2.81
CA MET D 144 4.98 4.41 -3.61
C MET D 144 4.10 5.64 -3.40
N GLU D 145 4.02 6.14 -2.16
CA GLU D 145 3.14 7.25 -1.83
C GLU D 145 3.51 8.54 -2.56
N ARG D 146 4.68 8.62 -3.19
CA ARG D 146 5.13 9.83 -3.85
C ARG D 146 5.25 9.68 -5.35
N ALA D 147 4.68 8.63 -5.93
CA ALA D 147 4.79 8.43 -7.37
C ALA D 147 4.02 9.51 -8.13
N VAL D 148 2.79 9.81 -7.70
CA VAL D 148 2.03 10.86 -8.34
C VAL D 148 2.62 12.23 -8.01
N TYR D 149 3.24 12.35 -6.82
CA TYR D 149 3.83 13.62 -6.43
C TYR D 149 4.90 14.05 -7.42
N GLU D 150 5.80 13.13 -7.78
CA GLU D 150 6.90 13.48 -8.67
C GLU D 150 6.42 13.74 -10.09
N LEU D 151 5.43 12.97 -10.56
CA LEU D 151 4.86 13.23 -11.87
C LEU D 151 4.28 14.63 -11.94
N GLU D 152 3.45 15.01 -10.96
CA GLU D 152 2.93 16.37 -10.91
C GLU D 152 4.07 17.38 -10.83
N LYS D 153 5.08 17.09 -10.01
CA LYS D 153 6.22 17.99 -9.89
C LYS D 153 7.02 18.04 -11.18
N GLY D 154 7.24 16.89 -11.81
CA GLY D 154 7.97 16.88 -13.08
C GLY D 154 7.29 17.68 -14.16
N VAL D 155 5.97 17.58 -14.24
CA VAL D 155 5.24 18.33 -15.27
C VAL D 155 5.30 19.82 -14.99
N HIS D 156 5.10 20.22 -13.73
CA HIS D 156 5.12 21.65 -13.42
C HIS D 156 6.49 22.26 -13.69
N LEU D 157 7.55 21.56 -13.30
CA LEU D 157 8.89 22.07 -13.56
C LEU D 157 9.21 22.07 -15.05
N ALA D 158 8.68 21.11 -15.80
CA ALA D 158 8.91 21.10 -17.24
C ALA D 158 8.32 22.34 -17.90
N LEU D 159 7.27 22.91 -17.32
CA LEU D 159 6.53 24.01 -17.94
C LEU D 159 6.89 25.38 -17.38
N GLU D 160 7.44 25.47 -16.18
CA GLU D 160 7.67 26.75 -15.55
C GLU D 160 8.89 27.45 -16.16
N GLY D 161 8.92 28.77 -15.99
CA GLY D 161 10.07 29.54 -16.43
C GLY D 161 10.45 29.22 -17.86
N ARG D 162 11.72 28.85 -18.06
CA ARG D 162 12.20 28.38 -19.36
C ARG D 162 11.86 26.91 -19.51
N PRO D 163 10.88 26.55 -20.33
CA PRO D 163 10.46 25.14 -20.39
C PRO D 163 11.61 24.20 -20.71
N GLY D 164 11.37 22.92 -20.45
CA GLY D 164 12.34 21.89 -20.71
C GLY D 164 11.86 20.52 -20.29
N PRO D 165 12.65 19.50 -20.58
CA PRO D 165 12.26 18.13 -20.24
C PRO D 165 12.61 17.77 -18.80
N THR D 166 11.76 16.94 -18.20
CA THR D 166 12.00 16.35 -16.90
C THR D 166 12.00 14.84 -17.02
N TRP D 167 12.64 14.18 -16.07
CA TRP D 167 12.89 12.74 -16.13
C TRP D 167 12.45 12.11 -14.81
N ILE D 168 11.30 11.43 -14.82
CA ILE D 168 10.78 10.76 -13.64
C ILE D 168 10.97 9.26 -13.83
N GLU D 169 11.80 8.66 -12.99
CA GLU D 169 12.06 7.23 -13.03
C GLU D 169 11.25 6.53 -11.95
N ILE D 170 10.62 5.42 -12.33
CA ILE D 170 9.78 4.63 -11.42
C ILE D 170 10.15 3.16 -11.53
N PRO D 171 10.87 2.60 -10.55
CA PRO D 171 11.21 1.17 -10.62
C PRO D 171 10.00 0.26 -10.76
N MET D 172 10.24 -0.98 -11.24
CA MET D 172 9.16 -1.94 -11.44
C MET D 172 8.32 -2.09 -10.18
N ASP D 173 8.96 -2.49 -9.07
CA ASP D 173 8.22 -2.83 -7.86
C ASP D 173 7.39 -1.66 -7.35
N ILE D 174 7.75 -0.43 -7.71
CA ILE D 174 6.93 0.71 -7.32
C ILE D 174 5.67 0.76 -8.16
N GLN D 175 5.75 0.37 -9.43
CA GLN D 175 4.59 0.38 -10.30
C GLN D 175 3.58 -0.68 -9.90
N SER D 176 4.06 -1.88 -9.56
CA SER D 176 3.18 -2.99 -9.22
C SER D 176 2.73 -2.97 -7.76
N GLY D 177 3.27 -2.07 -6.94
CA GLY D 177 2.85 -1.97 -5.57
C GLY D 177 1.42 -1.49 -5.43
N ARG D 178 0.88 -1.67 -4.24
CA ARG D 178 -0.50 -1.32 -3.93
C ARG D 178 -0.53 -0.52 -2.62
N ILE D 179 -1.22 0.61 -2.63
CA ILE D 179 -1.32 1.48 -1.46
C ILE D 179 -2.76 2.00 -1.36
N ASP D 180 -3.07 2.53 -0.18
CA ASP D 180 -4.35 3.19 0.04
C ASP D 180 -4.35 4.53 -0.69
N PRO D 181 -5.30 4.78 -1.62
CA PRO D 181 -5.30 6.06 -2.35
C PRO D 181 -5.30 7.27 -1.43
N ALA D 182 -5.77 7.09 -0.19
CA ALA D 182 -5.81 8.20 0.75
C ALA D 182 -4.43 8.63 1.20
N THR D 183 -3.43 7.75 1.10
CA THR D 183 -2.05 8.07 1.47
C THR D 183 -1.28 8.76 0.36
N LEU D 184 -1.91 9.02 -0.79
CA LEU D 184 -1.19 9.55 -1.93
C LEU D 184 -0.84 11.01 -1.72
N GLU D 185 0.45 11.32 -1.72
CA GLU D 185 0.90 12.70 -1.60
C GLU D 185 0.78 13.40 -2.96
N HIS D 186 0.52 14.71 -2.91
CA HIS D 186 0.32 15.50 -4.10
C HIS D 186 1.21 16.74 -4.05
N TYR D 187 1.60 17.21 -5.22
CA TYR D 187 2.52 18.34 -5.35
C TYR D 187 1.74 19.63 -5.49
N VAL D 188 2.12 20.63 -4.71
CA VAL D 188 1.50 21.96 -4.74
C VAL D 188 2.54 22.93 -5.29
N ALA D 189 2.29 23.44 -6.49
CA ALA D 189 3.25 24.32 -7.14
C ALA D 189 3.41 25.61 -6.35
N PRO D 190 4.64 26.09 -6.14
CA PRO D 190 4.82 27.36 -5.45
C PRO D 190 4.18 28.50 -6.23
N PRO D 191 4.04 29.67 -5.61
CA PRO D 191 3.41 30.79 -6.32
C PRO D 191 4.23 31.22 -7.53
N ALA D 192 3.53 31.53 -8.62
CA ALA D 192 4.22 31.97 -9.82
C ALA D 192 4.94 33.29 -9.55
N PRO D 193 6.11 33.50 -10.14
CA PRO D 193 6.86 34.71 -9.86
C PRO D 193 6.26 35.95 -10.52
N ASP D 194 6.53 37.10 -9.91
CA ASP D 194 6.14 38.40 -10.45
C ASP D 194 7.38 39.03 -11.05
N TYR D 195 7.53 38.88 -12.37
CA TYR D 195 8.73 39.39 -13.03
C TYR D 195 8.78 40.91 -13.02
N LEU D 196 7.62 41.56 -13.07
CA LEU D 196 7.56 43.01 -13.26
C LEU D 196 7.84 43.70 -11.92
N THR D 197 9.09 43.59 -11.49
CA THR D 197 9.56 44.28 -10.30
C THR D 197 9.80 45.75 -10.62
N PRO D 198 10.08 46.58 -9.59
CA PRO D 198 10.39 47.99 -9.88
C PRO D 198 11.61 48.16 -10.78
N ALA D 199 12.61 47.30 -10.64
CA ALA D 199 13.78 47.39 -11.51
C ALA D 199 13.43 47.01 -12.94
N VAL D 200 12.78 45.85 -13.12
CA VAL D 200 12.35 45.44 -14.45
C VAL D 200 11.40 46.48 -15.04
N ALA D 201 10.52 47.05 -14.21
CA ALA D 201 9.58 48.05 -14.70
C ALA D 201 10.31 49.31 -15.15
N ALA D 202 11.47 49.59 -14.57
CA ALA D 202 12.27 50.72 -15.03
C ALA D 202 12.93 50.43 -16.37
N GLN D 203 13.29 49.16 -16.61
CA GLN D 203 13.86 48.79 -17.90
C GLN D 203 12.83 48.85 -19.02
N VAL D 204 11.58 48.51 -18.73
CA VAL D 204 10.54 48.66 -19.74
C VAL D 204 10.39 50.11 -20.14
N ASP D 205 10.48 51.02 -19.16
CA ASP D 205 10.46 52.45 -19.47
C ASP D 205 11.70 52.85 -20.26
N SER D 206 12.85 52.22 -19.98
CA SER D 206 14.05 52.50 -20.74
C SER D 206 13.92 52.03 -22.18
N VAL D 207 13.24 50.89 -22.38
CA VAL D 207 13.04 50.38 -23.74
C VAL D 207 12.07 51.27 -24.50
N LEU D 208 10.99 51.70 -23.85
CA LEU D 208 10.03 52.56 -24.54
C LEU D 208 10.66 53.90 -24.93
N ALA D 209 11.50 54.45 -24.04
CA ALA D 209 12.23 55.66 -24.40
C ALA D 209 13.10 55.44 -25.62
N ALA D 210 13.76 54.28 -25.70
CA ALA D 210 14.62 53.99 -26.83
C ALA D 210 13.82 53.79 -28.12
N LEU D 211 12.63 53.18 -28.01
CA LEU D 211 11.80 52.97 -29.18
C LEU D 211 11.25 54.29 -29.71
N ALA D 212 10.85 55.19 -28.81
CA ALA D 212 10.30 56.47 -29.24
C ALA D 212 11.37 57.37 -29.87
N LYS D 213 12.64 57.18 -29.49
CA LYS D 213 13.72 58.02 -29.98
C LYS D 213 14.40 57.44 -31.22
N ALA D 214 14.34 56.12 -31.40
CA ALA D 214 15.10 55.47 -32.45
C ALA D 214 14.55 55.80 -33.83
N GLU D 215 15.45 56.06 -34.78
CA GLU D 215 15.07 56.30 -36.16
C GLU D 215 15.09 55.04 -37.01
N ARG D 216 15.86 54.02 -36.61
CA ARG D 216 15.99 52.79 -37.38
C ARG D 216 15.90 51.58 -36.45
N PRO D 217 14.77 51.40 -35.78
CA PRO D 217 14.63 50.28 -34.85
C PRO D 217 14.36 48.97 -35.55
N VAL D 218 14.74 47.88 -34.87
CA VAL D 218 14.56 46.53 -35.39
C VAL D 218 14.25 45.58 -34.23
N LEU D 219 13.02 45.09 -34.17
CA LEU D 219 12.65 44.10 -33.17
C LEU D 219 13.02 42.71 -33.67
N TRP D 220 13.59 41.91 -32.78
CA TRP D 220 14.04 40.56 -33.10
C TRP D 220 13.24 39.58 -32.23
N LEU D 221 12.26 38.93 -32.83
CA LEU D 221 11.26 38.15 -32.10
C LEU D 221 11.59 36.66 -32.18
N GLY D 222 11.60 36.00 -31.02
CA GLY D 222 11.96 34.60 -30.93
C GLY D 222 10.84 33.73 -30.36
N ASN D 223 11.07 32.42 -30.40
CA ASN D 223 10.05 31.46 -29.99
C ASN D 223 9.66 31.62 -28.52
N GLY D 224 10.50 32.26 -27.71
CA GLY D 224 10.14 32.48 -26.32
C GLY D 224 8.81 33.19 -26.16
N ILE D 225 8.41 33.97 -27.16
CA ILE D 225 7.11 34.64 -27.11
C ILE D 225 5.99 33.60 -27.20
N ARG D 226 6.12 32.63 -28.09
CA ARG D 226 5.08 31.61 -28.23
C ARG D 226 5.07 30.66 -27.05
N LEU D 227 6.25 30.34 -26.49
CA LEU D 227 6.29 29.56 -25.27
C LEU D 227 5.62 30.28 -24.11
N ALA D 228 5.65 31.61 -24.12
CA ALA D 228 4.99 32.40 -23.09
C ALA D 228 3.51 32.63 -23.38
N GLY D 229 3.05 32.38 -24.60
CA GLY D 229 1.66 32.61 -24.95
C GLY D 229 1.33 34.04 -25.26
N GLY D 230 2.25 34.78 -25.87
CA GLY D 230 2.02 36.17 -26.20
C GLY D 230 2.25 36.48 -27.66
N GLU D 231 2.05 35.49 -28.54
CA GLU D 231 2.27 35.72 -29.96
C GLU D 231 1.19 36.61 -30.56
N ARG D 232 -0.02 36.60 -29.98
CA ARG D 232 -1.10 37.42 -30.51
C ARG D 232 -0.93 38.90 -30.19
N LEU D 233 0.08 39.27 -29.42
CA LEU D 233 0.33 40.66 -29.09
C LEU D 233 1.35 41.31 -30.03
N LEU D 234 1.91 40.56 -30.97
CA LEU D 234 2.95 41.11 -31.83
C LEU D 234 2.39 42.02 -32.90
N LYS D 235 1.28 41.63 -33.54
CA LYS D 235 0.69 42.49 -34.57
C LYS D 235 0.33 43.86 -34.01
N PRO D 236 -0.34 43.99 -32.86
CA PRO D 236 -0.63 45.34 -32.35
C PRO D 236 0.58 46.06 -31.78
N LEU D 237 1.61 45.33 -31.33
CA LEU D 237 2.82 45.98 -30.85
C LEU D 237 3.58 46.63 -31.99
N LEU D 238 3.77 45.90 -33.09
CA LEU D 238 4.52 46.45 -34.22
C LEU D 238 3.78 47.60 -34.88
N GLU D 239 2.47 47.47 -35.06
CA GLU D 239 1.71 48.53 -35.71
C GLU D 239 1.63 49.78 -34.84
N LYS D 240 1.66 49.62 -33.51
CA LYS D 240 1.63 50.76 -32.62
C LYS D 240 2.97 51.48 -32.56
N LEU D 241 4.08 50.74 -32.65
CA LEU D 241 5.40 51.35 -32.67
C LEU D 241 5.81 51.81 -34.06
N GLY D 242 5.32 51.14 -35.11
CA GLY D 242 5.76 51.44 -36.46
C GLY D 242 7.17 50.98 -36.75
N SER D 243 7.63 49.93 -36.08
CA SER D 243 9.03 49.51 -36.18
C SER D 243 9.15 48.23 -36.99
N PRO D 244 10.09 48.15 -37.93
CA PRO D 244 10.34 46.87 -38.59
C PRO D 244 10.73 45.80 -37.57
N ALA D 245 10.53 44.55 -37.96
CA ALA D 245 10.78 43.43 -37.07
C ALA D 245 11.34 42.24 -37.84
N LEU D 246 12.31 41.58 -37.22
CA LEU D 246 12.84 40.32 -37.72
C LEU D 246 12.39 39.20 -36.79
N VAL D 247 12.33 37.99 -37.34
CA VAL D 247 11.90 36.80 -36.61
C VAL D 247 13.03 35.79 -36.62
N SER D 248 13.19 35.07 -35.52
CA SER D 248 14.15 33.99 -35.47
C SER D 248 13.64 32.81 -36.28
N TRP D 249 14.53 31.86 -36.56
CA TRP D 249 14.12 30.68 -37.32
C TRP D 249 13.08 29.88 -36.55
N ALA D 250 13.15 29.87 -35.22
CA ALA D 250 12.17 29.15 -34.43
C ALA D 250 10.84 29.88 -34.32
N GLY D 251 10.83 31.20 -34.53
CA GLY D 251 9.60 31.97 -34.40
C GLY D 251 9.05 32.50 -35.70
N ILE D 252 9.36 31.82 -36.81
CA ILE D 252 8.93 32.33 -38.12
C ILE D 252 7.42 32.37 -38.21
N ASP D 253 6.74 31.39 -37.63
CA ASP D 253 5.30 31.27 -37.76
C ASP D 253 4.53 32.09 -36.73
N MET D 254 5.20 33.00 -36.01
CA MET D 254 4.50 33.87 -35.07
C MET D 254 3.86 35.07 -35.75
N LEU D 255 4.35 35.45 -36.93
CA LEU D 255 3.83 36.60 -37.65
C LEU D 255 3.76 36.28 -39.14
N ASP D 256 2.75 36.84 -39.80
CA ASP D 256 2.63 36.69 -41.25
C ASP D 256 3.87 37.23 -41.93
N SER D 257 4.63 36.35 -42.59
CA SER D 257 5.86 36.78 -43.24
C SER D 257 5.64 37.92 -44.22
N SER D 258 4.41 38.11 -44.69
CA SER D 258 4.08 39.17 -45.62
C SER D 258 3.55 40.43 -44.95
N HIS D 259 3.60 40.48 -43.62
CA HIS D 259 3.17 41.68 -42.91
C HIS D 259 4.06 42.86 -43.31
N PRO D 260 3.51 44.07 -43.47
CA PRO D 260 4.32 45.18 -43.97
C PRO D 260 5.52 45.53 -43.10
N LEU D 261 5.56 45.07 -41.85
CA LEU D 261 6.64 45.40 -40.93
C LEU D 261 7.51 44.20 -40.57
N VAL D 262 7.28 43.04 -41.15
CA VAL D 262 8.09 41.85 -40.92
C VAL D 262 9.01 41.67 -42.13
N PHE D 263 10.31 41.71 -41.89
CA PHE D 263 11.30 41.75 -42.97
C PHE D 263 12.26 40.57 -42.92
N GLY D 264 11.79 39.42 -42.45
CA GLY D 264 12.52 38.18 -42.65
C GLY D 264 13.34 37.69 -41.48
N ARG D 265 14.43 36.98 -41.81
CA ARG D 265 15.25 36.27 -40.85
C ARG D 265 16.71 36.62 -41.11
N ALA D 266 17.44 36.98 -40.06
CA ALA D 266 18.85 37.33 -40.16
C ALA D 266 19.70 36.25 -39.49
N GLY D 267 20.97 36.22 -39.87
CA GLY D 267 21.91 35.30 -39.27
C GLY D 267 23.01 34.92 -40.26
N VAL D 268 23.79 33.93 -39.86
CA VAL D 268 24.85 33.41 -40.73
C VAL D 268 24.26 32.79 -41.98
N TYR D 269 23.08 32.19 -41.87
CA TYR D 269 22.29 31.77 -43.01
C TYR D 269 21.10 32.70 -43.25
N GLY D 270 21.28 33.97 -42.96
CA GLY D 270 20.20 34.92 -43.06
C GLY D 270 19.99 35.40 -44.49
N GLN D 271 18.88 36.10 -44.68
CA GLN D 271 18.57 36.71 -45.95
C GLN D 271 19.34 38.01 -46.09
N ARG D 272 19.83 38.28 -47.31
CA ARG D 272 20.66 39.46 -47.53
C ARG D 272 19.96 40.73 -47.05
N ALA D 273 18.66 40.86 -47.35
CA ALA D 273 17.94 42.04 -46.91
C ALA D 273 17.81 42.10 -45.39
N ALA D 274 17.60 40.94 -44.75
CA ALA D 274 17.42 40.94 -43.30
C ALA D 274 18.70 41.32 -42.56
N ASN D 275 19.86 40.92 -43.10
CA ASN D 275 21.12 41.28 -42.47
C ASN D 275 21.43 42.75 -42.65
N PHE D 276 21.14 43.30 -43.83
CA PHE D 276 21.35 44.74 -44.02
C PHE D 276 20.46 45.56 -43.10
N ILE D 277 19.25 45.06 -42.84
CA ILE D 277 18.34 45.78 -41.93
C ILE D 277 18.87 45.71 -40.50
N LEU D 278 19.45 44.58 -40.11
CA LEU D 278 19.98 44.45 -38.75
C LEU D 278 21.24 45.27 -38.59
N GLN D 279 22.16 45.17 -39.54
CA GLN D 279 23.48 45.80 -39.41
C GLN D 279 23.45 47.30 -39.67
N ASN D 280 22.32 47.86 -40.13
CA ASN D 280 22.20 49.30 -40.34
C ASN D 280 21.18 49.93 -39.40
N SER D 281 20.71 49.21 -38.39
CA SER D 281 19.78 49.76 -37.42
C SER D 281 20.52 50.63 -36.42
N ASP D 282 19.74 51.38 -35.62
CA ASP D 282 20.27 52.14 -34.50
C ASP D 282 19.74 51.67 -33.16
N TYR D 283 18.87 50.64 -33.15
CA TYR D 283 18.36 50.07 -31.90
C TYR D 283 17.71 48.73 -32.18
N VAL D 284 18.17 47.68 -31.48
CA VAL D 284 17.69 46.32 -31.66
C VAL D 284 17.08 45.84 -30.37
N LEU D 285 15.80 45.45 -30.41
CA LEU D 285 15.09 44.95 -29.25
C LEU D 285 14.81 43.46 -29.47
N ALA D 286 15.61 42.62 -28.81
CA ALA D 286 15.44 41.17 -28.88
C ALA D 286 14.46 40.74 -27.79
N ILE D 287 13.37 40.10 -28.20
CA ILE D 287 12.35 39.60 -27.27
C ILE D 287 12.21 38.11 -27.52
N GLY D 288 12.43 37.32 -26.47
CA GLY D 288 12.21 35.89 -26.55
C GLY D 288 13.07 35.16 -27.55
N THR D 289 14.15 35.78 -28.01
CA THR D 289 15.12 35.11 -28.88
C THR D 289 16.43 34.94 -28.13
N ARG D 290 17.04 33.75 -28.31
CA ARG D 290 18.26 33.39 -27.61
C ARG D 290 19.50 34.05 -28.19
N LEU D 291 19.41 34.69 -29.36
CA LEU D 291 20.56 35.30 -30.01
C LEU D 291 21.74 34.33 -30.02
N ALA D 292 21.50 33.16 -30.61
CA ALA D 292 22.52 32.12 -30.68
C ALA D 292 23.61 32.54 -31.68
N ILE D 293 24.66 31.72 -31.75
CA ILE D 293 25.77 32.04 -32.67
C ILE D 293 25.28 32.11 -34.11
N PRO D 294 24.50 31.15 -34.61
CA PRO D 294 24.02 31.25 -36.00
C PRO D 294 23.23 32.52 -36.28
N GLN D 295 22.75 33.21 -35.24
CA GLN D 295 21.96 34.42 -35.44
C GLN D 295 22.82 35.69 -35.49
N ILE D 296 23.83 35.79 -34.65
CA ILE D 296 24.57 37.04 -34.47
C ILE D 296 25.97 37.00 -35.08
N GLY D 297 26.43 35.85 -35.54
CA GLY D 297 27.78 35.76 -36.07
C GLY D 297 28.78 35.37 -34.99
N TYR D 298 30.04 35.73 -35.24
CA TYR D 298 31.14 35.29 -34.38
C TYR D 298 31.88 36.43 -33.70
N ASP D 299 31.35 37.65 -33.74
CA ASP D 299 32.02 38.79 -33.13
C ASP D 299 30.96 39.79 -32.69
N LEU D 300 30.80 39.97 -31.38
CA LEU D 300 29.79 40.89 -30.88
C LEU D 300 30.08 42.34 -31.25
N ASN D 301 31.36 42.67 -31.46
CA ASN D 301 31.72 44.03 -31.85
C ASN D 301 31.43 44.31 -33.32
N GLU D 302 31.03 43.31 -34.09
CA GLU D 302 30.65 43.48 -35.48
C GLU D 302 29.14 43.50 -35.69
N LEU D 303 28.36 43.31 -34.63
CA LEU D 303 26.91 43.15 -34.73
C LEU D 303 26.22 44.50 -34.50
N ALA D 304 25.45 44.93 -35.49
CA ALA D 304 24.69 46.18 -35.43
C ALA D 304 25.55 47.28 -34.82
N ARG D 305 26.67 47.55 -35.48
CA ARG D 305 27.70 48.40 -34.90
C ARG D 305 27.21 49.79 -34.56
N LEU D 306 26.12 50.25 -35.17
CA LEU D 306 25.59 51.58 -34.91
C LEU D 306 24.49 51.60 -33.86
N ALA D 307 24.14 50.46 -33.28
CA ALA D 307 22.89 50.31 -32.55
C ALA D 307 23.12 49.87 -31.11
N ARG D 308 22.21 50.31 -30.25
CA ARG D 308 22.06 49.75 -28.91
C ARG D 308 21.18 48.52 -29.00
N ILE D 309 21.49 47.52 -28.17
CA ILE D 309 20.83 46.22 -28.23
C ILE D 309 20.31 45.84 -26.84
N ASP D 310 18.99 45.73 -26.72
CA ASP D 310 18.35 45.27 -25.50
C ASP D 310 17.82 43.85 -25.73
N VAL D 311 17.86 43.03 -24.67
CA VAL D 311 17.52 41.62 -24.75
C VAL D 311 16.54 41.28 -23.63
N VAL D 312 15.44 40.61 -23.98
CA VAL D 312 14.45 40.13 -23.03
C VAL D 312 14.44 38.61 -23.09
N ASP D 313 14.56 37.96 -21.93
CA ASP D 313 14.69 36.51 -21.89
C ASP D 313 14.41 36.04 -20.47
N ILE D 314 13.53 35.04 -20.34
CA ILE D 314 13.14 34.52 -19.03
C ILE D 314 14.27 33.79 -18.32
N ASP D 315 15.36 33.50 -19.02
CA ASP D 315 16.53 32.84 -18.45
C ASP D 315 17.59 33.90 -18.19
N GLY D 316 17.94 34.09 -16.92
CA GLY D 316 18.93 35.10 -16.59
C GLY D 316 20.27 34.86 -17.27
N ASP D 317 20.68 33.59 -17.36
CA ASP D 317 21.98 33.28 -17.95
C ASP D 317 22.01 33.64 -19.43
N GLU D 318 20.91 33.39 -20.15
CA GLU D 318 20.85 33.74 -21.55
C GLU D 318 20.72 35.24 -21.74
N ALA D 319 20.11 35.93 -20.78
CA ALA D 319 19.86 37.36 -20.93
C ALA D 319 21.12 38.20 -20.81
N ILE D 320 22.15 37.70 -20.12
CA ILE D 320 23.37 38.45 -19.86
C ILE D 320 24.57 37.89 -20.59
N LYS D 321 24.41 36.80 -21.35
CA LYS D 321 25.58 36.19 -21.97
C LYS D 321 26.28 37.16 -22.91
N HIS D 322 25.52 38.05 -23.54
CA HIS D 322 26.06 39.10 -24.40
C HIS D 322 26.15 40.44 -23.66
N ALA D 323 26.53 40.41 -22.38
CA ALA D 323 26.52 41.62 -21.57
C ALA D 323 27.59 42.61 -22.01
N LYS D 324 28.71 42.13 -22.57
CA LYS D 324 29.75 43.03 -23.05
C LYS D 324 29.25 43.93 -24.17
N ARG D 325 28.16 43.57 -24.83
CA ARG D 325 27.65 44.28 -26.00
C ARG D 325 26.28 44.91 -25.77
N THR D 326 25.41 44.26 -25.01
CA THR D 326 24.06 44.74 -24.83
C THR D 326 24.01 45.79 -23.72
N GLN D 327 22.85 46.47 -23.62
CA GLN D 327 22.64 47.46 -22.58
C GLN D 327 21.62 46.95 -21.55
N GLU D 328 20.35 46.95 -21.90
CA GLU D 328 19.29 46.49 -21.00
C GLU D 328 19.13 44.97 -21.15
N ASN D 329 19.54 44.23 -20.12
CA ASN D 329 19.37 42.79 -20.07
C ASN D 329 18.21 42.50 -19.13
N ILE D 330 17.03 42.29 -19.71
CA ILE D 330 15.79 42.20 -18.98
C ILE D 330 15.49 40.73 -18.75
N VAL D 331 15.30 40.33 -17.49
CA VAL D 331 14.96 38.95 -17.15
C VAL D 331 13.48 38.89 -16.79
N CYS D 332 12.64 38.63 -17.79
CA CYS D 332 11.20 38.66 -17.61
C CYS D 332 10.56 37.72 -18.62
N ASP D 333 9.31 37.37 -18.35
CA ASP D 333 8.53 36.59 -19.31
C ASP D 333 8.17 37.44 -20.53
N ALA D 334 8.22 36.83 -21.71
CA ALA D 334 8.01 37.58 -22.93
C ALA D 334 6.61 38.19 -22.98
N ARG D 335 5.61 37.46 -22.50
CA ARG D 335 4.25 37.98 -22.52
C ARG D 335 4.06 39.09 -21.49
N VAL D 336 4.64 38.91 -20.29
CA VAL D 336 4.55 39.96 -19.29
C VAL D 336 5.26 41.22 -19.77
N PHE D 337 6.40 41.06 -20.45
CA PHE D 337 7.10 42.21 -21.01
C PHE D 337 6.24 42.93 -22.03
N ILE D 338 5.77 42.20 -23.05
CA ILE D 338 5.00 42.84 -24.13
C ILE D 338 3.77 43.53 -23.56
N GLU D 339 3.08 42.88 -22.61
CA GLU D 339 1.92 43.52 -21.99
C GLU D 339 2.33 44.77 -21.23
N ALA D 340 3.46 44.72 -20.53
CA ALA D 340 3.96 45.91 -19.85
C ALA D 340 4.32 46.99 -20.86
N LEU D 341 4.88 46.61 -22.00
CA LEU D 341 5.27 47.58 -23.02
C LEU D 341 4.05 48.14 -23.76
N LEU D 342 2.98 47.34 -23.90
CA LEU D 342 1.76 47.85 -24.51
C LEU D 342 1.02 48.77 -23.56
N ALA D 343 1.07 48.50 -22.26
CA ALA D 343 0.41 49.36 -21.29
C ALA D 343 1.06 50.74 -21.26
N ARG D 344 2.40 50.78 -21.21
CA ARG D 344 3.11 52.06 -21.18
C ARG D 344 2.94 52.84 -22.48
N LEU D 345 2.60 52.16 -23.58
CA LEU D 345 2.30 52.88 -24.82
C LEU D 345 0.98 53.63 -24.73
N ASN D 346 0.14 53.31 -23.75
CA ASN D 346 -1.13 54.00 -23.52
C ASN D 346 -1.10 54.83 -22.24
N ALA D 347 0.07 54.98 -21.61
CA ALA D 347 0.17 55.72 -20.37
C ALA D 347 -0.09 57.21 -20.60
N ALA D 348 -0.49 57.89 -19.53
CA ALA D 348 -0.72 59.33 -19.61
C ALA D 348 0.57 60.07 -19.98
N ASP D 349 1.71 59.60 -19.46
CA ASP D 349 3.02 60.18 -19.75
C ASP D 349 3.76 59.39 -20.81
N ALA D 350 3.04 58.86 -21.80
CA ALA D 350 3.66 58.06 -22.85
C ALA D 350 4.38 58.96 -23.85
N PRO D 351 5.65 58.70 -24.16
CA PRO D 351 6.38 59.61 -25.05
C PRO D 351 5.86 59.53 -26.47
N ALA D 352 6.00 60.65 -27.19
CA ALA D 352 5.66 60.67 -28.60
C ALA D 352 6.61 59.77 -29.37
N ILE D 353 6.05 58.93 -30.24
CA ILE D 353 6.84 58.01 -31.05
C ILE D 353 7.28 58.75 -32.31
N ALA D 354 8.57 58.99 -32.44
CA ALA D 354 9.09 59.60 -33.66
C ALA D 354 8.86 58.67 -34.85
N SER D 355 8.63 59.27 -36.01
CA SER D 355 8.30 58.50 -37.20
C SER D 355 9.50 57.66 -37.66
N LYS D 356 9.22 56.43 -38.09
CA LYS D 356 10.21 55.55 -38.69
C LYS D 356 9.96 55.35 -40.18
N ALA D 357 9.18 56.24 -40.82
CA ALA D 357 8.79 56.05 -42.21
C ALA D 357 10.02 55.84 -43.09
N ASP D 358 11.01 56.74 -42.96
CA ASP D 358 12.21 56.62 -43.80
C ASP D 358 12.89 55.28 -43.61
N TRP D 359 12.99 54.80 -42.37
CA TRP D 359 13.63 53.52 -42.12
C TRP D 359 12.84 52.37 -42.71
N VAL D 360 11.50 52.41 -42.56
CA VAL D 360 10.68 51.35 -43.15
C VAL D 360 10.83 51.34 -44.66
N ALA D 361 10.81 52.54 -45.28
CA ALA D 361 11.01 52.61 -46.72
C ALA D 361 12.35 52.01 -47.12
N LYS D 362 13.40 52.26 -46.33
CA LYS D 362 14.71 51.69 -46.63
C LYS D 362 14.72 50.18 -46.43
N CYS D 363 13.91 49.68 -45.49
CA CYS D 363 13.82 48.24 -45.31
C CYS D 363 13.17 47.57 -46.51
N ARG D 364 12.16 48.21 -47.10
CA ARG D 364 11.54 47.66 -48.30
C ARG D 364 12.46 47.77 -49.51
N ALA D 365 13.27 48.84 -49.57
CA ALA D 365 14.26 48.94 -50.64
C ALA D 365 15.29 47.81 -50.55
N TYR D 366 15.61 47.38 -49.33
CA TYR D 366 16.53 46.25 -49.17
C TYR D 366 15.93 44.96 -49.71
N GLU D 367 14.62 44.76 -49.53
CA GLU D 367 13.99 43.55 -50.01
C GLU D 367 13.87 43.55 -51.53
N GLU D 368 13.57 44.71 -52.12
CA GLU D 368 13.51 44.80 -53.57
C GLU D 368 14.87 44.56 -54.20
N GLN D 369 15.93 45.09 -53.58
CA GLN D 369 17.27 44.93 -54.13
C GLN D 369 17.80 43.51 -53.94
N PHE D 370 17.39 42.84 -52.86
CA PHE D 370 17.88 41.51 -52.52
C PHE D 370 16.69 40.60 -52.20
N PRO D 371 16.05 40.03 -53.23
CA PRO D 371 14.96 39.09 -52.97
C PRO D 371 15.50 37.81 -52.33
N TRP D 372 14.61 37.10 -51.64
CA TRP D 372 15.02 35.88 -50.95
C TRP D 372 15.50 34.83 -51.94
N VAL D 373 14.85 34.74 -53.09
CA VAL D 373 15.25 33.84 -54.18
C VAL D 373 15.72 34.71 -55.32
N GLY D 374 17.04 34.85 -55.47
CA GLY D 374 17.61 35.71 -56.50
C GLY D 374 18.39 34.97 -57.55
N ALA D 375 19.23 35.70 -58.29
CA ALA D 375 20.02 35.08 -59.34
C ALA D 375 20.93 33.98 -58.79
N GLU D 376 21.45 34.18 -57.57
CA GLU D 376 22.34 33.20 -56.98
C GLU D 376 21.70 31.82 -56.87
N HIS D 377 20.37 31.72 -56.98
CA HIS D 377 19.65 30.47 -56.82
C HIS D 377 19.17 29.92 -58.16
N ALA D 378 19.89 30.20 -59.24
CA ALA D 378 19.53 29.66 -60.54
C ALA D 378 19.60 28.14 -60.51
N ASP D 379 18.94 27.51 -61.47
CA ASP D 379 18.98 26.05 -61.58
C ASP D 379 20.39 25.62 -61.98
N PRO D 380 21.12 24.87 -61.14
CA PRO D 380 22.48 24.45 -61.48
C PRO D 380 22.47 23.26 -62.43
N GLU D 381 22.91 23.50 -63.67
CA GLU D 381 23.02 22.44 -64.67
C GLU D 381 21.67 21.76 -64.91
N GLY D 382 20.60 22.56 -64.96
CA GLY D 382 19.28 22.05 -65.22
C GLY D 382 18.61 21.33 -64.07
N PHE D 383 19.31 21.11 -62.96
CA PHE D 383 18.69 20.54 -61.78
C PHE D 383 17.74 21.54 -61.14
N ILE D 384 16.77 21.01 -60.40
CA ILE D 384 15.93 21.86 -59.56
C ILE D 384 16.79 22.48 -58.48
N ASN D 385 16.70 23.80 -58.33
CA ASN D 385 17.35 24.49 -57.22
C ASN D 385 16.44 24.47 -56.02
N SER D 386 16.95 23.97 -54.89
CA SER D 386 16.11 23.75 -53.72
C SER D 386 15.41 25.05 -53.29
N TYR D 387 16.12 26.18 -53.39
CA TYR D 387 15.52 27.44 -52.98
C TYR D 387 14.35 27.81 -53.87
N ARG D 388 14.48 27.58 -55.18
CA ARG D 388 13.37 27.81 -56.08
C ARG D 388 12.23 26.82 -55.85
N PHE D 389 12.56 25.59 -55.47
CA PHE D 389 11.52 24.60 -55.19
C PHE D 389 10.69 24.99 -53.99
N MET D 390 11.34 25.49 -52.93
CA MET D 390 10.61 25.94 -51.75
C MET D 390 9.60 27.03 -52.13
N GLU D 391 10.04 28.00 -52.92
CA GLU D 391 9.13 29.07 -53.33
C GLU D 391 7.95 28.51 -54.09
N ARG D 392 8.17 27.47 -54.90
CA ARG D 392 7.07 26.84 -55.63
C ARG D 392 6.19 26.04 -54.69
N LEU D 393 6.81 25.27 -53.79
CA LEU D 393 6.04 24.50 -52.80
C LEU D 393 5.25 25.40 -51.87
N ASN D 394 5.75 26.61 -51.60
CA ASN D 394 5.02 27.53 -50.72
C ASN D 394 3.62 27.81 -51.25
N GLY D 395 3.47 27.90 -52.58
CA GLY D 395 2.17 28.18 -53.16
C GLY D 395 1.13 27.13 -52.90
N PHE D 396 1.55 25.93 -52.48
CA PHE D 396 0.64 24.81 -52.26
C PHE D 396 0.32 24.57 -50.79
N PHE D 397 0.77 25.47 -49.90
CA PHE D 397 0.40 25.36 -48.49
C PHE D 397 -1.10 25.47 -48.31
N LYS D 398 -1.63 24.69 -47.38
CA LYS D 398 -3.03 24.80 -47.00
C LYS D 398 -3.19 25.88 -45.94
N ASP D 399 -4.44 26.32 -45.75
CA ASP D 399 -4.72 27.41 -44.83
C ASP D 399 -4.22 27.09 -43.43
N ASP D 400 -4.31 25.83 -43.01
CA ASP D 400 -3.86 25.39 -41.69
C ASP D 400 -2.59 24.55 -41.78
N GLN D 401 -1.79 24.78 -42.81
CA GLN D 401 -0.61 23.96 -43.06
C GLN D 401 0.32 23.96 -41.86
N VAL D 402 0.89 22.79 -41.56
CA VAL D 402 1.96 22.64 -40.58
C VAL D 402 3.13 21.99 -41.28
N VAL D 403 4.31 22.59 -41.13
CA VAL D 403 5.53 22.13 -41.79
C VAL D 403 6.59 21.85 -40.73
N VAL D 404 7.16 20.67 -40.78
CA VAL D 404 8.31 20.30 -39.96
C VAL D 404 9.45 19.98 -40.91
N THR D 405 10.69 20.10 -40.41
CA THR D 405 11.85 19.85 -41.24
C THR D 405 12.89 19.03 -40.47
N ASP D 406 13.66 18.27 -41.22
CA ASP D 406 14.89 17.67 -40.71
C ASP D 406 15.98 18.72 -40.84
N MET D 407 17.24 18.30 -40.95
CA MET D 407 18.34 19.25 -41.06
C MET D 407 18.64 19.51 -42.54
N GLY D 408 19.82 20.03 -42.84
CA GLY D 408 20.27 20.08 -44.23
C GLY D 408 19.41 20.95 -45.12
N THR D 409 19.22 20.49 -46.36
CA THR D 409 18.51 21.27 -47.37
C THR D 409 17.12 21.67 -46.89
N ALA D 410 16.40 20.75 -46.24
CA ALA D 410 15.08 21.09 -45.73
C ALA D 410 15.16 22.23 -44.73
N LEU D 411 16.11 22.17 -43.80
CA LEU D 411 16.26 23.21 -42.79
C LEU D 411 16.66 24.54 -43.43
N LEU D 412 17.75 24.53 -44.21
CA LEU D 412 18.28 25.77 -44.77
C LEU D 412 17.30 26.40 -45.76
N SER D 413 17.07 25.72 -46.89
CA SER D 413 16.20 26.30 -47.92
C SER D 413 14.81 26.57 -47.38
N GLY D 414 14.34 25.76 -46.43
CA GLY D 414 13.03 26.00 -45.87
C GLY D 414 12.96 27.33 -45.13
N HIS D 415 13.88 27.53 -44.19
CA HIS D 415 13.86 28.71 -43.33
C HIS D 415 14.35 29.97 -44.04
N GLN D 416 14.99 29.85 -45.20
CA GLN D 416 15.47 31.01 -45.95
C GLN D 416 14.50 31.48 -47.02
N VAL D 417 13.37 30.79 -47.21
CA VAL D 417 12.46 31.10 -48.31
C VAL D 417 11.01 31.06 -47.85
N LEU D 418 10.66 30.02 -47.09
CA LEU D 418 9.24 29.75 -46.84
C LEU D 418 8.57 30.89 -46.07
N ARG D 419 7.40 31.28 -46.56
CA ARG D 419 6.56 32.29 -45.93
C ARG D 419 5.36 31.63 -45.29
N PHE D 420 4.92 32.20 -44.16
CA PHE D 420 3.82 31.63 -43.39
C PHE D 420 2.87 32.74 -42.97
N LYS D 421 1.58 32.41 -42.92
CA LYS D 421 0.55 33.32 -42.48
C LYS D 421 -0.17 32.72 -41.27
N GLU D 422 -0.96 33.56 -40.60
CA GLU D 422 -1.68 33.11 -39.42
C GLU D 422 -2.44 31.81 -39.72
N GLY D 423 -2.36 30.87 -38.78
CA GLY D 423 -2.96 29.57 -38.94
C GLY D 423 -2.00 28.49 -39.38
N GLN D 424 -0.84 28.86 -39.91
CA GLN D 424 0.18 27.92 -40.34
C GLN D 424 1.30 27.87 -39.32
N ARG D 425 2.03 26.76 -39.32
CA ARG D 425 3.09 26.52 -38.34
C ARG D 425 4.35 26.01 -39.03
N PHE D 426 5.47 26.23 -38.36
CA PHE D 426 6.79 25.85 -38.88
C PHE D 426 7.64 25.43 -37.69
N MET D 427 8.15 24.19 -37.72
CA MET D 427 8.85 23.63 -36.57
C MET D 427 10.08 22.86 -37.03
N THR D 428 10.98 22.64 -36.09
CA THR D 428 12.19 21.86 -36.30
C THR D 428 13.03 21.91 -35.04
N SER D 429 14.16 21.21 -35.01
CA SER D 429 15.07 21.20 -33.88
C SER D 429 16.34 21.94 -34.28
N THR D 430 16.44 23.21 -33.86
CA THR D 430 17.60 24.03 -34.19
C THR D 430 18.61 24.13 -33.07
N GLY D 431 18.18 23.97 -31.81
CA GLY D 431 19.10 24.00 -30.70
C GLY D 431 20.16 22.93 -30.82
N LEU D 432 19.73 21.67 -30.92
CA LEU D 432 20.67 20.57 -31.07
C LEU D 432 20.98 20.28 -32.53
N GLY D 433 20.03 20.52 -33.44
CA GLY D 433 20.24 20.31 -34.85
C GLY D 433 20.58 18.88 -35.22
N GLU D 434 19.78 17.94 -34.75
CA GLU D 434 20.05 16.53 -34.97
C GLU D 434 19.39 16.03 -36.26
N MET D 435 20.06 15.10 -36.92
CA MET D 435 19.50 14.43 -38.07
C MET D 435 18.46 13.42 -37.62
N GLY D 436 17.40 13.28 -38.42
CA GLY D 436 16.33 12.36 -38.07
C GLY D 436 15.28 12.95 -37.17
N TYR D 437 15.15 14.28 -37.12
CA TYR D 437 14.10 14.93 -36.35
C TYR D 437 12.82 15.09 -37.16
N GLY D 438 12.89 15.02 -38.49
CA GLY D 438 11.73 15.29 -39.31
C GLY D 438 10.59 14.31 -39.09
N LEU D 439 10.88 13.01 -39.21
CA LEU D 439 9.82 12.01 -39.08
C LEU D 439 9.19 12.04 -37.69
N PRO D 440 9.94 11.89 -36.59
CA PRO D 440 9.29 11.98 -35.28
C PRO D 440 8.58 13.29 -35.06
N ALA D 441 9.08 14.37 -35.64
CA ALA D 441 8.40 15.67 -35.53
C ALA D 441 7.03 15.63 -36.19
N ALA D 442 6.92 14.93 -37.32
CA ALA D 442 5.62 14.83 -38.00
C ALA D 442 4.65 13.96 -37.21
N LEU D 443 5.15 12.92 -36.55
CA LEU D 443 4.29 12.09 -35.71
C LEU D 443 3.67 12.94 -34.59
N GLY D 444 4.50 13.68 -33.87
CA GLY D 444 3.98 14.49 -32.77
C GLY D 444 2.90 15.45 -33.21
N VAL D 445 3.13 16.17 -34.31
CA VAL D 445 2.17 17.15 -34.78
C VAL D 445 0.87 16.45 -35.19
N SER D 446 0.97 15.29 -35.84
CA SER D 446 -0.22 14.62 -36.34
C SER D 446 -1.10 14.14 -35.19
N PHE D 447 -0.49 13.52 -34.18
CA PHE D 447 -1.28 13.06 -33.04
C PHE D 447 -1.75 14.21 -32.17
N ALA D 448 -1.09 15.37 -32.24
CA ALA D 448 -1.57 16.53 -31.51
C ALA D 448 -2.84 17.11 -32.14
N ASN D 449 -2.97 17.00 -33.46
CA ASN D 449 -4.16 17.46 -34.18
C ASN D 449 -5.09 16.29 -34.53
N ASP D 450 -5.11 15.26 -33.71
CA ASP D 450 -5.97 14.09 -33.91
C ASP D 450 -5.79 13.51 -35.31
N ARG D 451 -4.59 12.99 -35.53
N ARG D 451 -4.61 12.95 -35.53
CA ARG D 451 -4.21 12.41 -36.82
CA ARG D 451 -4.24 12.40 -36.84
C ARG D 451 -4.34 13.46 -37.93
C ARG D 451 -4.34 13.46 -37.93
N GLY D 452 -3.89 14.68 -37.62
CA GLY D 452 -3.98 15.78 -38.56
C GLY D 452 -2.83 15.81 -39.54
N GLU D 453 -3.04 16.55 -40.62
CA GLU D 453 -2.08 16.57 -41.72
C GLU D 453 -0.83 17.36 -41.35
N VAL D 454 0.30 16.90 -41.86
CA VAL D 454 1.60 17.52 -41.62
C VAL D 454 2.44 17.37 -42.88
N MET D 455 3.23 18.39 -43.18
CA MET D 455 4.23 18.34 -44.24
C MET D 455 5.60 18.23 -43.61
N CYS D 456 6.36 17.21 -44.02
CA CYS D 456 7.68 16.94 -43.47
C CYS D 456 8.70 17.10 -44.58
N LEU D 457 9.52 18.15 -44.48
CA LEU D 457 10.60 18.39 -45.43
C LEU D 457 11.85 17.70 -44.90
N ASN D 458 12.28 16.63 -45.57
CA ASN D 458 13.35 15.79 -45.07
C ASN D 458 14.43 15.66 -46.14
N CYS D 459 15.47 14.89 -45.80
CA CYS D 459 16.63 14.73 -46.65
C CYS D 459 17.03 13.27 -46.70
N ASP D 460 17.82 12.92 -47.72
CA ASP D 460 18.20 11.53 -47.91
C ASP D 460 19.00 10.98 -46.72
N GLY D 461 19.89 11.79 -46.16
CA GLY D 461 20.71 11.33 -45.05
C GLY D 461 20.01 11.41 -43.71
N GLY D 462 19.23 12.48 -43.48
CA GLY D 462 18.47 12.57 -42.25
C GLY D 462 17.35 11.54 -42.16
N MET D 463 16.84 11.10 -43.32
CA MET D 463 15.79 10.08 -43.32
C MET D 463 16.24 8.80 -42.64
N MET D 464 17.55 8.51 -42.66
CA MET D 464 18.03 7.21 -42.19
C MET D 464 18.06 7.11 -40.67
N MET D 465 18.29 8.22 -39.97
CA MET D 465 18.44 8.14 -38.51
C MET D 465 17.21 7.53 -37.85
N ASN D 466 16.02 7.94 -38.28
CA ASN D 466 14.75 7.40 -37.78
C ASN D 466 13.91 6.86 -38.92
N LEU D 467 14.56 6.14 -39.84
CA LEU D 467 13.84 5.54 -40.96
C LEU D 467 12.73 4.61 -40.49
N GLN D 468 12.92 3.95 -39.35
CA GLN D 468 11.95 2.97 -38.89
C GLN D 468 10.58 3.57 -38.61
N GLU D 469 10.49 4.89 -38.47
CA GLU D 469 9.22 5.52 -38.12
C GLU D 469 8.27 5.60 -39.29
N LEU D 470 8.69 5.19 -40.49
CA LEU D 470 7.74 5.02 -41.59
C LEU D 470 6.68 3.98 -41.23
N GLN D 471 7.08 2.92 -40.53
CA GLN D 471 6.15 1.89 -40.11
C GLN D 471 5.08 2.48 -39.19
N THR D 472 5.50 3.23 -38.17
CA THR D 472 4.54 3.91 -37.30
C THR D 472 3.60 4.79 -38.11
N MET D 473 4.11 5.38 -39.19
CA MET D 473 3.29 6.26 -40.02
C MET D 473 2.23 5.46 -40.78
N VAL D 474 2.63 4.34 -41.38
CA VAL D 474 1.69 3.51 -42.10
C VAL D 474 0.69 2.86 -41.15
N HIS D 475 1.16 2.38 -40.00
CA HIS D 475 0.28 1.72 -39.05
C HIS D 475 -0.91 2.59 -38.68
N HIS D 476 -0.67 3.86 -38.41
CA HIS D 476 -1.72 4.79 -37.99
C HIS D 476 -2.30 5.58 -39.15
N ASN D 477 -1.83 5.35 -40.39
CA ASN D 477 -2.38 6.03 -41.57
C ASN D 477 -2.33 7.55 -41.39
N LEU D 478 -1.18 8.04 -40.97
CA LEU D 478 -1.03 9.46 -40.68
C LEU D 478 -0.90 10.24 -41.99
N PRO D 479 -1.70 11.31 -42.19
CA PRO D 479 -1.55 12.12 -43.41
C PRO D 479 -0.27 12.94 -43.40
N ILE D 480 0.88 12.26 -43.42
CA ILE D 480 2.18 12.92 -43.37
C ILE D 480 2.72 13.00 -44.79
N LYS D 481 2.84 14.21 -45.32
CA LYS D 481 3.36 14.44 -46.67
C LYS D 481 4.87 14.60 -46.57
N LEU D 482 5.60 13.56 -46.93
CA LEU D 482 7.05 13.48 -46.70
C LEU D 482 7.79 13.79 -48.00
N PHE D 483 8.42 14.96 -48.06
CA PHE D 483 9.33 15.31 -49.14
C PHE D 483 10.76 14.98 -48.74
N ILE D 484 11.51 14.39 -49.67
CA ILE D 484 12.87 13.94 -49.40
C ILE D 484 13.78 14.52 -50.48
N PHE D 485 14.74 15.35 -50.06
CA PHE D 485 15.69 15.96 -50.99
C PHE D 485 16.85 15.00 -51.18
N ASN D 486 17.01 14.49 -52.40
CA ASN D 486 18.14 13.64 -52.76
C ASN D 486 19.26 14.49 -53.32
N ASN D 487 20.46 14.36 -52.73
CA ASN D 487 21.63 15.10 -53.21
C ASN D 487 22.91 14.29 -53.07
N ASP D 488 22.82 12.98 -53.15
CA ASP D 488 24.00 12.11 -53.11
C ASP D 488 24.75 12.28 -51.78
N GLY D 489 23.99 12.24 -50.68
CA GLY D 489 24.60 12.21 -49.36
C GLY D 489 24.48 13.47 -48.53
N TYR D 490 25.56 13.84 -47.84
CA TYR D 490 25.57 14.95 -46.89
C TYR D 490 26.09 16.19 -47.60
N LEU D 491 25.20 16.86 -48.35
CA LEU D 491 25.60 18.07 -49.06
C LEU D 491 26.13 19.13 -48.11
N MET D 492 25.55 19.22 -46.91
CA MET D 492 25.98 20.23 -45.94
C MET D 492 27.44 20.02 -45.55
N ILE D 493 27.84 18.76 -45.35
CA ILE D 493 29.22 18.48 -44.99
C ILE D 493 30.13 18.57 -46.20
N LYS D 494 29.63 18.29 -47.41
CA LYS D 494 30.43 18.45 -48.62
C LYS D 494 31.02 19.84 -48.68
N HIS D 495 30.18 20.87 -48.48
CA HIS D 495 30.66 22.24 -48.51
C HIS D 495 31.65 22.50 -47.38
N THR D 496 31.39 21.94 -46.20
CA THR D 496 32.27 22.19 -45.05
C THR D 496 33.69 21.70 -45.33
N GLN D 497 33.83 20.46 -45.78
CA GLN D 497 35.16 19.91 -46.04
C GLN D 497 35.77 20.45 -47.32
N LYS D 498 34.94 20.90 -48.28
CA LYS D 498 35.48 21.50 -49.49
C LYS D 498 36.07 22.88 -49.20
N SER D 499 35.49 23.62 -48.26
CA SER D 499 36.02 24.93 -47.88
C SER D 499 37.24 24.82 -46.98
N LEU D 500 37.40 23.70 -46.28
CA LEU D 500 38.54 23.51 -45.39
C LEU D 500 39.74 22.92 -46.10
N PHE D 501 39.53 21.94 -46.98
CA PHE D 501 40.63 21.18 -47.57
C PHE D 501 40.73 21.28 -49.08
N LYS D 502 39.63 21.56 -49.78
CA LYS D 502 39.65 21.69 -51.24
C LYS D 502 40.25 20.44 -51.90
N SER D 503 39.75 19.28 -51.49
CA SER D 503 40.21 18.00 -52.03
C SER D 503 38.98 17.12 -52.27
N ASP D 504 39.19 15.81 -52.30
CA ASP D 504 38.11 14.87 -52.58
C ASP D 504 37.25 14.64 -51.34
N TYR D 505 35.94 14.50 -51.56
CA TYR D 505 35.02 14.29 -50.47
C TYR D 505 35.42 13.06 -49.65
N VAL D 506 35.00 13.07 -48.38
CA VAL D 506 35.33 12.00 -47.43
C VAL D 506 34.10 11.73 -46.59
N GLY D 507 33.57 10.51 -46.67
CA GLY D 507 32.41 10.14 -45.88
C GLY D 507 31.24 11.08 -46.05
N THR D 508 30.93 11.47 -47.29
CA THR D 508 29.80 12.36 -47.54
C THR D 508 28.98 12.04 -48.77
N ASP D 509 29.47 11.24 -49.73
CA ASP D 509 28.68 10.82 -50.88
C ASP D 509 28.96 9.35 -51.17
N ARG D 510 28.29 8.82 -52.19
CA ARG D 510 28.39 7.40 -52.49
C ARG D 510 29.84 6.99 -52.78
N LYS D 511 30.58 7.83 -53.50
CA LYS D 511 31.96 7.50 -53.81
C LYS D 511 32.83 7.48 -52.56
N SER D 512 32.46 8.25 -51.53
CA SER D 512 33.26 8.39 -50.34
C SER D 512 32.71 7.60 -49.14
N GLY D 513 31.71 6.75 -49.36
CA GLY D 513 31.28 5.79 -48.37
C GLY D 513 29.92 5.98 -47.78
N VAL D 514 29.13 6.94 -48.28
CA VAL D 514 27.81 7.23 -47.75
C VAL D 514 26.82 7.19 -48.91
N SER D 515 25.96 6.19 -48.92
CA SER D 515 24.92 6.05 -49.92
C SER D 515 23.55 5.98 -49.23
N CYS D 516 22.51 6.20 -50.03
CA CYS D 516 21.15 6.21 -49.54
C CYS D 516 20.26 5.41 -50.48
N PRO D 517 19.22 4.76 -49.97
CA PRO D 517 18.37 3.91 -50.80
C PRO D 517 17.38 4.73 -51.61
N ASP D 518 16.79 4.05 -52.60
CA ASP D 518 15.70 4.64 -53.37
C ASP D 518 14.46 4.74 -52.48
N PHE D 519 14.12 5.96 -52.07
CA PHE D 519 13.01 6.13 -51.14
C PHE D 519 11.65 5.93 -51.80
N SER D 520 11.58 5.98 -53.14
CA SER D 520 10.36 5.59 -53.81
C SER D 520 10.16 4.08 -53.75
N ARG D 521 11.24 3.32 -53.90
CA ARG D 521 11.15 1.87 -53.78
C ARG D 521 10.84 1.46 -52.34
N LEU D 522 11.41 2.17 -51.36
CA LEU D 522 11.08 1.89 -49.97
C LEU D 522 9.61 2.16 -49.69
N ALA D 523 9.09 3.29 -50.18
CA ALA D 523 7.69 3.61 -49.97
C ALA D 523 6.79 2.49 -50.47
N ALA D 524 7.09 1.95 -51.64
CA ALA D 524 6.30 0.83 -52.15
C ALA D 524 6.32 -0.34 -51.17
N ALA D 525 7.47 -0.57 -50.53
CA ALA D 525 7.56 -1.69 -49.59
C ALA D 525 6.68 -1.45 -48.37
N PHE D 526 6.57 -0.20 -47.93
CA PHE D 526 5.72 0.17 -46.81
C PHE D 526 4.28 0.43 -47.21
N ASP D 527 3.94 0.30 -48.49
CA ASP D 527 2.60 0.58 -48.99
C ASP D 527 2.29 2.08 -48.92
N ILE D 528 3.30 2.90 -49.19
CA ILE D 528 3.19 4.35 -49.15
C ILE D 528 3.20 4.86 -50.60
N PRO D 529 2.19 5.59 -51.05
CA PRO D 529 2.25 6.16 -52.40
C PRO D 529 3.44 7.11 -52.53
N ALA D 530 4.14 7.02 -53.66
CA ALA D 530 5.38 7.73 -53.86
C ALA D 530 5.40 8.42 -55.22
N TYR D 531 5.95 9.64 -55.24
CA TYR D 531 6.14 10.43 -56.44
C TYR D 531 7.60 10.84 -56.53
N GLN D 532 8.00 11.33 -57.71
N GLN D 532 7.99 11.33 -57.70
CA GLN D 532 9.35 11.83 -57.94
CA GLN D 532 9.34 11.82 -57.93
C GLN D 532 9.27 13.12 -58.74
C GLN D 532 9.27 13.12 -58.74
N ILE D 533 10.00 14.13 -58.29
CA ILE D 533 10.06 15.43 -58.96
C ILE D 533 11.51 15.64 -59.38
N ARG D 534 11.83 15.29 -60.63
CA ARG D 534 13.18 15.46 -61.16
C ARG D 534 13.35 16.76 -61.93
N GLY D 535 12.26 17.33 -62.45
CA GLY D 535 12.32 18.59 -63.17
C GLY D 535 11.04 19.39 -62.98
N TRP D 536 11.04 20.60 -63.55
CA TRP D 536 9.89 21.47 -63.42
C TRP D 536 8.67 20.97 -64.20
N ASP D 537 8.87 20.04 -65.13
CA ASP D 537 7.79 19.62 -66.00
C ASP D 537 6.61 19.06 -65.20
N GLU D 538 6.89 18.17 -64.26
CA GLU D 538 5.85 17.50 -63.50
C GLU D 538 5.69 18.07 -62.09
N CYS D 539 6.26 19.24 -61.83
CA CYS D 539 6.32 19.76 -60.46
C CYS D 539 4.92 20.12 -59.95
N ASP D 540 4.26 21.05 -60.62
CA ASP D 540 2.96 21.53 -60.14
C ASP D 540 1.96 20.38 -60.00
N ALA D 541 1.88 19.53 -61.02
CA ALA D 541 0.91 18.44 -60.98
C ALA D 541 1.19 17.50 -59.80
N THR D 542 2.45 17.20 -59.53
CA THR D 542 2.78 16.31 -58.42
C THR D 542 2.44 16.96 -57.08
N LEU D 543 2.84 18.22 -56.89
CA LEU D 543 2.58 18.89 -55.63
C LEU D 543 1.08 18.94 -55.32
N ALA D 544 0.25 19.17 -56.34
CA ALA D 544 -1.19 19.19 -56.12
C ALA D 544 -1.69 17.81 -55.67
N LYS D 545 -1.16 16.74 -56.28
CA LYS D 545 -1.57 15.40 -55.88
C LYS D 545 -1.13 15.10 -54.46
N VAL D 546 0.10 15.47 -54.10
CA VAL D 546 0.60 15.17 -52.76
C VAL D 546 -0.29 15.82 -51.70
N GLN D 547 -0.63 17.10 -51.90
CA GLN D 547 -1.47 17.79 -50.94
C GLN D 547 -2.88 17.20 -50.90
N ALA D 548 -3.33 16.61 -52.01
CA ALA D 548 -4.67 16.04 -52.06
C ALA D 548 -4.80 14.73 -51.30
N HIS D 549 -3.69 14.02 -51.09
CA HIS D 549 -3.76 12.74 -50.40
C HIS D 549 -4.30 12.90 -48.98
N THR D 550 -5.00 11.88 -48.51
CA THR D 550 -5.48 11.84 -47.13
C THR D 550 -4.63 10.96 -46.24
N GLY D 551 -3.79 10.10 -46.82
CA GLY D 551 -2.90 9.24 -46.06
C GLY D 551 -1.45 9.63 -46.24
N PRO D 552 -0.54 8.78 -45.79
CA PRO D 552 0.90 9.07 -45.97
C PRO D 552 1.28 9.03 -47.44
N VAL D 553 2.29 9.82 -47.78
CA VAL D 553 2.77 9.92 -49.16
C VAL D 553 4.20 10.44 -49.13
N ILE D 554 5.03 9.89 -50.00
CA ILE D 554 6.43 10.26 -50.11
C ILE D 554 6.64 10.93 -51.46
N CYS D 555 7.48 11.97 -51.47
CA CYS D 555 7.77 12.71 -52.70
C CYS D 555 9.27 12.99 -52.75
N GLU D 556 9.99 12.25 -53.57
CA GLU D 556 11.40 12.51 -53.76
C GLU D 556 11.61 13.76 -54.62
N VAL D 557 12.54 14.60 -54.21
CA VAL D 557 12.92 15.80 -54.95
C VAL D 557 14.42 15.73 -55.21
N PHE D 558 14.80 15.68 -56.49
CA PHE D 558 16.17 15.49 -56.89
C PHE D 558 16.82 16.84 -57.19
N MET D 559 17.97 17.08 -56.56
CA MET D 559 18.70 18.33 -56.70
C MET D 559 20.15 18.03 -57.04
N HIS D 560 20.88 19.08 -57.41
CA HIS D 560 22.27 18.92 -57.78
C HIS D 560 23.07 18.40 -56.59
N PRO D 561 23.86 17.34 -56.75
CA PRO D 561 24.59 16.77 -55.61
C PRO D 561 25.67 17.68 -55.03
N GLN D 562 25.82 18.89 -55.56
CA GLN D 562 26.79 19.85 -55.04
C GLN D 562 26.20 21.26 -54.98
N GLN D 563 24.87 21.38 -55.06
CA GLN D 563 24.24 22.69 -55.04
C GLN D 563 24.76 23.52 -53.87
N LEU D 564 24.91 24.82 -54.10
CA LEU D 564 25.37 25.72 -53.07
C LEU D 564 24.24 26.07 -52.11
N PHE D 565 24.62 26.28 -50.84
CA PHE D 565 23.72 26.83 -49.84
C PHE D 565 24.09 28.30 -49.64
N SER D 566 23.23 29.19 -50.13
CA SER D 566 23.47 30.63 -50.01
C SER D 566 22.13 31.32 -49.88
N PRO D 567 22.11 32.55 -49.33
CA PRO D 567 23.23 33.32 -48.78
C PRO D 567 23.82 32.66 -47.54
N LYS D 568 25.13 32.79 -47.33
CA LYS D 568 25.78 32.19 -46.17
C LYS D 568 26.99 33.02 -45.80
N LEU D 569 27.17 33.26 -44.50
CA LEU D 569 28.37 33.90 -43.98
C LEU D 569 29.48 32.86 -43.93
N GLY D 570 30.44 32.98 -44.82
CA GLY D 570 31.53 32.02 -44.91
C GLY D 570 32.86 32.72 -44.96
N VAL D 571 33.92 31.94 -44.69
CA VAL D 571 35.27 32.45 -44.81
C VAL D 571 35.53 32.80 -46.26
N VAL D 572 36.31 33.86 -46.47
CA VAL D 572 36.69 34.30 -47.80
C VAL D 572 38.16 34.69 -47.76
N SER D 573 38.81 34.63 -48.92
CA SER D 573 40.24 34.89 -49.03
C SER D 573 40.48 36.32 -49.52
N ARG D 574 41.31 37.05 -48.78
CA ARG D 574 41.72 38.39 -49.20
C ARG D 574 42.51 38.32 -50.50
N ALA D 575 42.64 39.47 -51.16
CA ALA D 575 43.48 39.53 -52.35
C ALA D 575 44.86 38.98 -52.08
N ASP D 576 45.42 39.28 -50.90
CA ASP D 576 46.73 38.75 -50.54
C ASP D 576 46.72 37.22 -50.47
N GLY D 577 45.66 36.65 -49.88
CA GLY D 577 45.59 35.22 -49.67
C GLY D 577 45.15 34.88 -48.26
N THR D 578 45.22 35.87 -47.37
CA THR D 578 44.81 35.66 -46.00
C THR D 578 43.32 35.31 -45.94
N LEU D 579 42.98 34.39 -45.03
CA LEU D 579 41.59 34.01 -44.83
C LEU D 579 40.94 35.00 -43.88
N VAL D 580 39.73 35.44 -44.22
CA VAL D 580 39.04 36.51 -43.49
C VAL D 580 37.62 36.06 -43.21
N SER D 581 37.18 36.18 -41.96
CA SER D 581 35.79 35.97 -41.59
C SER D 581 35.07 37.31 -41.68
N PRO D 582 34.30 37.55 -42.74
CA PRO D 582 33.72 38.88 -42.95
C PRO D 582 32.67 39.19 -41.90
N PRO D 583 32.24 40.44 -41.81
CA PRO D 583 31.16 40.79 -40.88
C PRO D 583 29.83 40.23 -41.35
N LEU D 584 28.85 40.29 -40.44
CA LEU D 584 27.58 39.60 -40.67
C LEU D 584 26.90 40.03 -41.96
N GLU D 585 27.04 41.31 -42.35
CA GLU D 585 26.31 41.79 -43.52
C GLU D 585 26.91 41.30 -44.82
N ASP D 586 28.19 40.90 -44.82
CA ASP D 586 28.89 40.55 -46.05
C ASP D 586 28.78 39.04 -46.29
N LEU D 587 27.57 38.63 -46.70
CA LEU D 587 27.28 37.24 -46.96
C LEU D 587 27.87 36.80 -48.30
N SER D 588 28.16 35.46 -48.41
CA SER D 588 28.68 34.90 -49.65
C SER D 588 27.58 34.19 -50.42
N PRO D 589 27.66 34.15 -51.76
CA PRO D 589 28.67 34.74 -52.64
C PRO D 589 28.65 36.27 -52.56
N LEU D 590 29.81 36.89 -52.39
CA LEU D 590 29.86 38.31 -52.06
C LEU D 590 29.30 39.14 -53.20
N ILE D 591 28.60 40.21 -52.84
CA ILE D 591 28.08 41.18 -53.82
C ILE D 591 29.21 42.10 -54.20
N PRO D 592 29.15 42.78 -55.36
CA PRO D 592 30.22 43.72 -55.70
C PRO D 592 30.41 44.77 -54.62
N ARG D 593 31.67 45.17 -54.44
CA ARG D 593 32.00 46.05 -53.31
C ARG D 593 31.26 47.38 -53.39
N ASP D 594 31.19 47.97 -54.59
CA ASP D 594 30.53 49.27 -54.71
C ASP D 594 29.06 49.21 -54.32
N VAL D 595 28.44 48.03 -54.45
CA VAL D 595 27.05 47.88 -54.02
C VAL D 595 26.98 47.73 -52.50
N LEU D 596 27.97 47.07 -51.90
CA LEU D 596 28.02 46.97 -50.45
C LEU D 596 28.22 48.33 -49.82
N GLU D 597 29.07 49.17 -50.42
CA GLU D 597 29.33 50.50 -49.88
C GLU D 597 28.05 51.32 -49.79
N GLN D 598 27.24 51.32 -50.85
CA GLN D 598 26.00 52.08 -50.85
C GLN D 598 24.93 51.46 -49.98
N ALA D 599 25.09 50.20 -49.57
CA ALA D 599 24.11 49.53 -48.72
C ALA D 599 24.37 49.75 -47.24
N MET D 600 25.60 50.09 -46.86
CA MET D 600 25.95 50.35 -45.47
C MET D 600 25.94 51.84 -45.22
N ILE D 601 25.33 52.26 -44.11
CA ILE D 601 25.13 53.68 -43.83
C ILE D 601 26.47 54.41 -43.81
N GLY D 602 27.41 53.93 -43.00
CA GLY D 602 28.69 54.59 -42.89
C GLY D 602 29.80 53.95 -43.71
N GLY D 603 29.42 53.37 -44.85
CA GLY D 603 30.37 52.63 -45.65
C GLY D 603 30.52 51.20 -45.16
N MET D 604 31.40 50.45 -45.83
CA MET D 604 31.59 49.06 -45.49
C MET D 604 32.67 48.89 -44.43
N HIS D 605 32.57 47.78 -43.69
CA HIS D 605 33.56 47.45 -42.67
C HIS D 605 34.94 47.33 -43.30
N GLU D 606 35.96 47.47 -42.46
CA GLU D 606 37.33 47.39 -42.96
C GLU D 606 37.61 46.03 -43.58
N LYS D 607 37.10 44.95 -42.96
CA LYS D 607 37.34 43.61 -43.49
C LYS D 607 36.83 43.46 -44.90
N SER D 608 35.73 44.13 -45.25
CA SER D 608 35.09 43.96 -46.55
C SER D 608 35.81 44.68 -47.69
N LYS D 609 36.76 45.57 -47.39
CA LYS D 609 37.33 46.41 -48.44
C LYS D 609 38.27 45.64 -49.34
N THR D 610 39.01 44.68 -48.81
CA THR D 610 40.02 43.95 -49.56
C THR D 610 39.58 42.54 -49.96
N LEU D 611 38.29 42.24 -49.89
CA LEU D 611 37.80 40.91 -50.25
C LEU D 611 37.59 40.79 -51.75
N ASP E 4 -14.43 17.88 -19.88
CA ASP E 4 -15.58 17.05 -19.57
C ASP E 4 -15.79 17.00 -18.05
N ASN E 5 -16.74 17.80 -17.57
CA ASN E 5 -17.06 17.88 -16.15
C ASN E 5 -18.15 16.91 -15.73
N LYS E 6 -18.33 15.82 -16.47
CA LYS E 6 -19.39 14.86 -16.16
C LYS E 6 -18.88 13.76 -15.25
N VAL E 7 -19.77 13.28 -14.38
CA VAL E 7 -19.45 12.23 -13.42
C VAL E 7 -20.47 11.12 -13.58
N LYS E 8 -20.02 9.88 -13.37
CA LYS E 8 -20.90 8.73 -13.44
C LYS E 8 -21.96 8.81 -12.35
N VAL E 9 -23.18 8.40 -12.69
CA VAL E 9 -24.28 8.48 -11.72
C VAL E 9 -24.01 7.55 -10.55
N ALA E 10 -23.53 6.34 -10.82
CA ALA E 10 -23.21 5.41 -9.74
C ALA E 10 -22.25 6.06 -8.74
N GLU E 11 -21.27 6.82 -9.23
CA GLU E 11 -20.31 7.46 -8.33
C GLU E 11 -20.96 8.59 -7.55
N LEU E 12 -21.95 9.27 -8.13
CA LEU E 12 -22.70 10.26 -7.37
C LEU E 12 -23.58 9.58 -6.32
N VAL E 13 -24.11 8.40 -6.63
CA VAL E 13 -24.82 7.61 -5.62
C VAL E 13 -23.89 7.27 -4.48
N ALA E 14 -22.70 6.76 -4.79
CA ALA E 14 -21.73 6.44 -3.75
C ALA E 14 -21.45 7.67 -2.89
N GLU E 15 -21.33 8.84 -3.50
CA GLU E 15 -21.13 10.06 -2.72
C GLU E 15 -22.34 10.35 -1.86
N ALA E 16 -23.55 10.11 -2.38
CA ALA E 16 -24.76 10.40 -1.62
C ALA E 16 -24.86 9.48 -0.40
N LEU E 17 -24.47 8.21 -0.56
CA LEU E 17 -24.53 7.29 0.57
C LEU E 17 -23.66 7.75 1.72
N GLU E 18 -22.47 8.29 1.41
CA GLU E 18 -21.61 8.82 2.46
C GLU E 18 -22.27 10.01 3.15
N ASN E 19 -22.69 11.01 2.37
CA ASN E 19 -23.33 12.18 2.96
C ASN E 19 -24.55 11.82 3.79
N LEU E 20 -25.19 10.69 3.52
CA LEU E 20 -26.33 10.23 4.29
C LEU E 20 -25.93 9.45 5.53
N GLY E 21 -24.65 9.12 5.69
CA GLY E 21 -24.18 8.37 6.83
C GLY E 21 -24.25 6.87 6.70
N ILE E 22 -24.60 6.36 5.53
CA ILE E 22 -24.72 4.91 5.32
C ILE E 22 -23.33 4.32 5.20
N GLN E 23 -22.90 3.59 6.22
CA GLN E 23 -21.56 3.03 6.28
C GLN E 23 -21.51 1.54 5.94
N HIS E 24 -22.66 0.89 5.77
CA HIS E 24 -22.70 -0.51 5.42
C HIS E 24 -23.81 -0.75 4.41
N ALA E 25 -23.62 -1.79 3.60
CA ALA E 25 -24.61 -2.19 2.61
C ALA E 25 -24.56 -3.69 2.48
N PHE E 26 -25.73 -4.33 2.50
CA PHE E 26 -25.85 -5.77 2.36
C PHE E 26 -26.54 -6.10 1.04
N GLY E 27 -26.03 -7.08 0.33
CA GLY E 27 -26.66 -7.49 -0.91
C GLY E 27 -25.82 -8.51 -1.65
N ILE E 28 -26.23 -8.78 -2.88
CA ILE E 28 -25.51 -9.67 -3.78
C ILE E 28 -25.32 -8.96 -5.11
N ILE E 29 -24.12 -9.10 -5.69
CA ILE E 29 -23.80 -8.41 -6.92
C ILE E 29 -24.56 -9.03 -8.09
N GLY E 30 -24.63 -8.28 -9.17
CA GLY E 30 -25.27 -8.75 -10.39
C GLY E 30 -25.13 -7.70 -11.46
N ALA E 31 -25.47 -8.11 -12.69
CA ALA E 31 -25.40 -7.17 -13.80
C ALA E 31 -26.18 -5.90 -13.50
N GLY E 32 -27.30 -6.02 -12.79
CA GLY E 32 -28.18 -4.89 -12.56
C GLY E 32 -27.62 -3.85 -11.61
N ASN E 33 -26.62 -4.21 -10.80
CA ASN E 33 -26.04 -3.27 -9.85
C ASN E 33 -24.52 -3.32 -9.84
N VAL E 34 -23.91 -3.88 -10.89
CA VAL E 34 -22.45 -3.98 -10.92
C VAL E 34 -21.82 -2.59 -10.91
N HIS E 35 -22.49 -1.60 -11.50
CA HIS E 35 -21.96 -0.24 -11.48
C HIS E 35 -22.02 0.35 -10.08
N LEU E 36 -23.08 0.03 -9.32
CA LEU E 36 -23.17 0.51 -7.94
C LEU E 36 -22.15 -0.18 -7.05
N PHE E 37 -21.98 -1.49 -7.21
CA PHE E 37 -20.95 -2.20 -6.47
C PHE E 37 -19.58 -1.60 -6.72
N GLU E 38 -19.26 -1.31 -7.98
CA GLU E 38 -17.94 -0.79 -8.31
C GLU E 38 -17.74 0.61 -7.72
N ALA E 39 -18.73 1.49 -7.89
CA ALA E 39 -18.58 2.86 -7.43
C ALA E 39 -18.46 2.92 -5.90
N ILE E 40 -19.26 2.11 -5.19
CA ILE E 40 -19.23 2.15 -3.73
C ILE E 40 -17.90 1.61 -3.21
N ALA E 41 -17.38 0.55 -3.83
CA ALA E 41 -16.14 -0.05 -3.35
C ALA E 41 -14.95 0.86 -3.62
N ARG E 42 -14.94 1.55 -4.76
CA ARG E 42 -13.82 2.43 -5.09
C ARG E 42 -13.79 3.66 -4.20
N ARG E 43 -14.95 4.07 -3.67
CA ARG E 43 -14.97 5.23 -2.78
C ARG E 43 -14.40 4.89 -1.41
N GLY E 44 -14.76 3.73 -0.87
CA GLY E 44 -14.15 3.21 0.34
C GLY E 44 -14.87 3.55 1.63
N TYR E 45 -15.94 4.35 1.58
CA TYR E 45 -16.62 4.74 2.81
C TYR E 45 -17.63 3.69 3.27
N THR E 46 -18.47 3.21 2.36
CA THR E 46 -19.51 2.24 2.68
C THR E 46 -18.97 0.84 2.47
N GLU E 47 -18.93 0.04 3.54
CA GLU E 47 -18.48 -1.33 3.44
C GLU E 47 -19.61 -2.20 2.89
N ILE E 48 -19.35 -2.89 1.78
CA ILE E 48 -20.31 -3.82 1.21
C ILE E 48 -20.10 -5.19 1.86
N VAL E 49 -21.19 -5.74 2.40
CA VAL E 49 -21.18 -7.08 2.99
C VAL E 49 -21.91 -8.00 2.02
N CYS E 50 -21.21 -8.99 1.49
CA CYS E 50 -21.76 -9.90 0.49
C CYS E 50 -22.41 -11.07 1.20
N VAL E 51 -23.72 -11.18 1.07
CA VAL E 51 -24.47 -12.29 1.62
C VAL E 51 -24.68 -13.34 0.52
N HIS E 52 -25.21 -14.49 0.90
CA HIS E 52 -25.45 -15.57 -0.03
C HIS E 52 -26.94 -15.76 -0.35
N HIS E 53 -27.80 -14.87 0.16
CA HIS E 53 -29.20 -14.84 -0.23
C HIS E 53 -29.73 -13.45 0.08
N GLU E 54 -30.33 -12.80 -0.93
CA GLU E 54 -30.76 -11.42 -0.75
C GLU E 54 -31.68 -11.26 0.46
N GLN E 55 -32.43 -12.30 0.81
CA GLN E 55 -33.28 -12.24 1.99
C GLN E 55 -32.47 -11.87 3.23
N ALA E 56 -31.29 -12.45 3.39
CA ALA E 56 -30.44 -12.13 4.53
C ALA E 56 -30.09 -10.65 4.55
N ALA E 57 -29.85 -10.06 3.38
CA ALA E 57 -29.47 -8.66 3.31
C ALA E 57 -30.61 -7.76 3.79
N CYS E 58 -31.83 -8.01 3.32
CA CYS E 58 -32.97 -7.19 3.72
C CYS E 58 -33.37 -7.43 5.16
N MET E 59 -32.88 -8.50 5.79
CA MET E 59 -33.09 -8.69 7.22
C MET E 59 -31.97 -8.04 8.03
N ALA E 60 -30.71 -8.23 7.63
CA ALA E 60 -29.60 -7.71 8.41
C ALA E 60 -29.66 -6.18 8.54
N VAL E 61 -30.21 -5.49 7.54
CA VAL E 61 -30.32 -4.04 7.64
C VAL E 61 -31.27 -3.63 8.76
N GLN E 62 -32.12 -4.54 9.25
CA GLN E 62 -33.06 -4.20 10.31
C GLN E 62 -32.37 -4.09 11.66
N THR E 63 -31.78 -5.19 12.13
CA THR E 63 -31.10 -5.16 13.42
C THR E 63 -29.90 -4.24 13.41
N TYR E 64 -29.30 -4.01 12.24
CA TYR E 64 -28.21 -3.05 12.15
C TYR E 64 -28.66 -1.66 12.59
N TYR E 65 -29.82 -1.21 12.11
CA TYR E 65 -30.32 0.09 12.54
C TYR E 65 -30.72 0.09 14.01
N ARG E 66 -31.39 -0.97 14.45
CA ARG E 66 -31.82 -1.05 15.84
C ARG E 66 -30.65 -1.02 16.81
N THR E 67 -29.45 -1.39 16.37
CA THR E 67 -28.30 -1.43 17.26
C THR E 67 -27.90 -0.02 17.68
N ASN E 68 -27.42 0.80 16.74
CA ASN E 68 -26.87 2.11 17.07
C ASN E 68 -27.61 3.26 16.38
N GLY E 69 -28.75 2.98 15.74
CA GLY E 69 -29.54 4.04 15.14
C GLY E 69 -29.10 4.50 13.78
N ARG E 70 -28.13 3.83 13.16
CA ARG E 70 -27.65 4.19 11.83
C ARG E 70 -28.34 3.31 10.78
N ILE E 71 -28.93 3.95 9.78
CA ILE E 71 -29.63 3.20 8.74
C ILE E 71 -28.62 2.47 7.87
N ALA E 72 -29.05 1.33 7.33
CA ALA E 72 -28.26 0.56 6.39
C ALA E 72 -29.05 0.38 5.10
N ALA E 73 -28.34 0.01 4.04
CA ALA E 73 -28.94 -0.13 2.71
C ALA E 73 -28.79 -1.55 2.22
N ALA E 74 -29.80 -2.01 1.49
CA ALA E 74 -29.80 -3.33 0.86
C ALA E 74 -29.61 -3.13 -0.65
N LEU E 75 -28.58 -3.76 -1.21
CA LEU E 75 -28.17 -3.54 -2.59
C LEU E 75 -28.50 -4.81 -3.39
N LEU E 76 -29.62 -4.77 -4.10
CA LEU E 76 -30.13 -5.92 -4.83
C LEU E 76 -30.00 -5.71 -6.34
N THR E 77 -29.98 -6.83 -7.06
CA THR E 77 -29.83 -6.83 -8.51
C THR E 77 -31.17 -7.14 -9.18
N THR E 78 -31.13 -7.21 -10.51
CA THR E 78 -32.33 -7.43 -11.30
C THR E 78 -32.92 -8.81 -11.01
N GLY E 79 -34.22 -8.96 -11.29
CA GLY E 79 -34.84 -10.26 -11.25
C GLY E 79 -34.82 -10.86 -9.87
N ALA E 80 -34.34 -12.11 -9.77
CA ALA E 80 -34.35 -12.82 -8.51
C ALA E 80 -33.65 -12.05 -7.42
N GLY E 81 -32.69 -11.19 -7.78
CA GLY E 81 -32.06 -10.36 -6.77
C GLY E 81 -33.07 -9.56 -5.97
N SER E 82 -34.13 -9.09 -6.63
CA SER E 82 -35.14 -8.28 -5.96
C SER E 82 -36.23 -9.12 -5.32
N THR E 83 -36.62 -10.23 -5.94
CA THR E 83 -37.67 -11.06 -5.36
C THR E 83 -37.20 -11.79 -4.11
N ASN E 84 -35.92 -12.18 -4.07
CA ASN E 84 -35.40 -12.86 -2.90
C ASN E 84 -35.42 -12.00 -1.64
N GLY E 85 -35.45 -10.68 -1.79
CA GLY E 85 -35.44 -9.78 -0.66
C GLY E 85 -36.78 -9.35 -0.14
N VAL E 86 -37.88 -9.85 -0.70
CA VAL E 86 -39.20 -9.37 -0.32
C VAL E 86 -39.50 -9.72 1.14
N THR E 87 -39.09 -10.91 1.58
CA THR E 87 -39.41 -11.32 2.95
C THR E 87 -38.79 -10.37 3.96
N GLY E 88 -37.56 -9.94 3.72
CA GLY E 88 -36.94 -8.98 4.63
C GLY E 88 -37.68 -7.65 4.66
N VAL E 89 -38.20 -7.23 3.51
CA VAL E 89 -38.92 -5.96 3.43
C VAL E 89 -40.19 -6.01 4.28
N VAL E 90 -40.89 -7.15 4.27
CA VAL E 90 -42.15 -7.23 4.99
C VAL E 90 -41.92 -7.29 6.50
N SER E 91 -40.84 -7.93 6.93
CA SER E 91 -40.56 -7.99 8.37
C SER E 91 -40.18 -6.63 8.92
N ALA E 92 -39.46 -5.82 8.14
CA ALA E 92 -39.20 -4.44 8.56
C ALA E 92 -40.47 -3.61 8.48
N TRP E 93 -41.31 -3.87 7.48
CA TRP E 93 -42.58 -3.18 7.37
C TRP E 93 -43.48 -3.47 8.57
N ALA E 94 -43.48 -4.71 9.04
CA ALA E 94 -44.37 -5.11 10.12
C ALA E 94 -43.84 -4.68 11.49
N ASP E 95 -42.53 -4.52 11.64
CA ASP E 95 -41.92 -4.13 12.91
C ASP E 95 -41.50 -2.67 12.94
N SER E 96 -41.87 -1.88 11.93
CA SER E 96 -41.59 -0.44 11.90
C SER E 96 -40.10 -0.17 12.05
N ILE E 97 -39.29 -0.82 11.22
CA ILE E 97 -37.84 -0.69 11.24
C ILE E 97 -37.41 0.04 9.97
N PRO E 98 -36.63 1.12 10.06
CA PRO E 98 -36.23 1.84 8.86
C PRO E 98 -35.03 1.23 8.17
N CYS E 99 -34.98 1.44 6.86
CA CYS E 99 -33.93 0.94 5.99
C CYS E 99 -34.33 1.31 4.57
N ILE E 100 -33.39 1.16 3.65
CA ILE E 100 -33.60 1.54 2.25
C ILE E 100 -33.06 0.41 1.37
N VAL E 101 -33.84 0.03 0.37
CA VAL E 101 -33.45 -0.99 -0.59
C VAL E 101 -33.11 -0.28 -1.90
N ILE E 102 -31.90 -0.48 -2.39
CA ILE E 102 -31.47 0.02 -3.69
C ILE E 102 -31.40 -1.18 -4.62
N ALA E 103 -32.36 -1.26 -5.54
CA ALA E 103 -32.49 -2.40 -6.44
C ALA E 103 -32.15 -1.97 -7.87
N GLY E 104 -31.33 -2.76 -8.54
CA GLY E 104 -31.08 -2.54 -9.95
C GLY E 104 -32.17 -3.14 -10.81
N ASN E 105 -32.09 -2.88 -12.11
CA ASN E 105 -33.06 -3.44 -13.05
C ASN E 105 -32.50 -3.27 -14.46
N GLU E 106 -33.28 -3.77 -15.44
CA GLU E 106 -32.89 -3.71 -16.84
C GLU E 106 -32.79 -2.27 -17.33
N ASN E 107 -32.43 -2.10 -18.60
N ASN E 107 -32.43 -2.10 -18.60
CA ASN E 107 -32.36 -0.77 -19.18
CA ASN E 107 -32.34 -0.77 -19.17
C ASN E 107 -33.70 -0.05 -19.01
C ASN E 107 -33.68 -0.04 -19.06
N SER E 108 -33.62 1.26 -18.80
CA SER E 108 -34.82 2.05 -18.55
C SER E 108 -35.80 2.04 -19.72
N LYS E 109 -35.38 1.59 -20.90
CA LYS E 109 -36.31 1.52 -22.04
C LYS E 109 -37.27 0.35 -21.93
N PHE E 110 -37.03 -0.59 -21.02
CA PHE E 110 -37.96 -1.68 -20.76
C PHE E 110 -38.80 -1.49 -19.51
N THR E 111 -38.36 -0.64 -18.58
CA THR E 111 -38.93 -0.60 -17.23
C THR E 111 -40.08 0.39 -17.18
N PHE E 112 -41.27 -0.08 -17.54
CA PHE E 112 -42.48 0.72 -17.37
C PHE E 112 -43.69 -0.20 -17.30
N PRO E 113 -44.69 0.09 -16.46
CA PRO E 113 -45.77 -0.88 -16.24
C PRO E 113 -46.56 -1.21 -17.49
N GLU E 114 -46.60 -0.30 -18.47
CA GLU E 114 -47.38 -0.54 -19.68
C GLU E 114 -46.73 -1.56 -20.61
N ASN E 115 -45.56 -2.07 -20.27
CA ASN E 115 -44.89 -3.06 -21.10
C ASN E 115 -45.76 -4.30 -21.23
N PRO E 116 -46.20 -4.67 -22.43
CA PRO E 116 -47.15 -5.79 -22.55
C PRO E 116 -46.55 -7.15 -22.27
N LEU E 117 -45.24 -7.27 -22.15
CA LEU E 117 -44.61 -8.58 -22.00
C LEU E 117 -44.60 -9.01 -20.55
N ARG E 118 -44.53 -10.33 -20.34
CA ARG E 118 -44.51 -10.87 -18.99
C ARG E 118 -43.30 -10.40 -18.20
N MET E 119 -42.17 -10.18 -18.87
CA MET E 119 -40.96 -9.72 -18.21
C MET E 119 -40.40 -8.51 -18.95
N TRP E 120 -39.52 -7.80 -18.27
CA TRP E 120 -38.86 -6.62 -18.81
C TRP E 120 -37.45 -6.98 -19.25
N GLY E 121 -37.11 -6.67 -20.49
CA GLY E 121 -35.77 -6.93 -20.97
C GLY E 121 -35.44 -8.41 -20.94
N VAL E 122 -34.35 -8.75 -20.27
CA VAL E 122 -33.90 -10.14 -20.19
C VAL E 122 -34.56 -10.87 -19.03
N GLN E 123 -34.52 -10.28 -17.82
CA GLN E 123 -35.02 -10.96 -16.64
C GLN E 123 -35.49 -9.97 -15.58
N GLY E 124 -36.06 -8.83 -15.98
CA GLY E 124 -36.53 -7.83 -15.05
C GLY E 124 -38.03 -7.85 -14.85
N TYR E 125 -38.47 -7.04 -13.89
CA TYR E 125 -39.90 -6.94 -13.56
C TYR E 125 -40.10 -5.64 -12.77
N ASP E 126 -41.34 -5.41 -12.34
CA ASP E 126 -41.72 -4.17 -11.66
C ASP E 126 -41.53 -4.37 -10.15
N SER E 127 -40.28 -4.23 -9.71
CA SER E 127 -39.95 -4.49 -8.31
C SER E 127 -40.64 -3.51 -7.36
N CYS E 128 -41.06 -2.34 -7.85
CA CYS E 128 -41.76 -1.40 -6.98
C CYS E 128 -43.17 -1.87 -6.70
N GLN E 129 -43.86 -2.41 -7.71
CA GLN E 129 -45.23 -2.87 -7.53
C GLN E 129 -45.30 -4.02 -6.54
N MET E 130 -44.27 -4.86 -6.50
CA MET E 130 -44.31 -6.07 -5.67
C MET E 130 -44.27 -5.73 -4.18
N VAL E 131 -43.59 -4.65 -3.81
CA VAL E 131 -43.53 -4.22 -2.43
C VAL E 131 -44.42 -2.98 -2.21
N GLU E 132 -45.39 -2.75 -3.09
CA GLU E 132 -46.18 -1.54 -3.05
C GLU E 132 -47.02 -1.45 -1.78
N ARG E 133 -47.47 -2.58 -1.25
CA ARG E 133 -48.32 -2.62 -0.07
C ARG E 133 -47.56 -3.04 1.18
N VAL E 134 -46.23 -3.18 1.10
CA VAL E 134 -45.43 -3.60 2.24
C VAL E 134 -44.17 -2.74 2.29
N SER E 135 -44.34 -1.44 2.08
CA SER E 135 -43.23 -0.49 2.16
C SER E 135 -43.80 0.91 2.18
N LYS E 136 -43.02 1.84 2.75
CA LYS E 136 -43.50 3.21 2.89
C LYS E 136 -43.43 3.99 1.59
N TYR E 137 -42.43 3.71 0.74
CA TYR E 137 -42.21 4.49 -0.46
C TYR E 137 -41.51 3.63 -1.51
N GLN E 138 -41.96 3.76 -2.76
CA GLN E 138 -41.33 3.08 -3.88
C GLN E 138 -41.21 4.05 -5.05
N MET E 139 -40.04 4.13 -5.65
CA MET E 139 -39.84 4.99 -6.81
C MET E 139 -38.83 4.36 -7.75
N ARG E 140 -39.09 4.48 -9.05
CA ARG E 140 -38.15 4.11 -10.09
C ARG E 140 -37.50 5.37 -10.64
N VAL E 141 -36.17 5.40 -10.62
CA VAL E 141 -35.42 6.57 -11.10
C VAL E 141 -35.28 6.46 -12.61
N THR E 142 -36.02 7.29 -13.33
CA THR E 142 -35.95 7.32 -14.79
C THR E 142 -35.12 8.48 -15.34
N LYS E 143 -34.67 9.40 -14.47
CA LYS E 143 -33.84 10.52 -14.89
C LYS E 143 -32.58 10.52 -14.04
N MET E 144 -31.43 10.58 -14.72
CA MET E 144 -30.15 10.54 -14.02
C MET E 144 -30.04 11.65 -12.99
N GLU E 145 -30.66 12.80 -13.25
CA GLU E 145 -30.54 13.94 -12.36
C GLU E 145 -31.37 13.77 -11.09
N ARG E 146 -32.17 12.72 -10.99
CA ARG E 146 -33.00 12.46 -9.83
C ARG E 146 -32.51 11.28 -9.01
N ALA E 147 -31.38 10.68 -9.38
CA ALA E 147 -30.90 9.50 -8.67
C ALA E 147 -30.59 9.83 -7.20
N VAL E 148 -29.85 10.91 -6.97
CA VAL E 148 -29.53 11.28 -5.59
C VAL E 148 -30.76 11.85 -4.89
N TYR E 149 -31.65 12.50 -5.64
CA TYR E 149 -32.87 13.04 -5.03
C TYR E 149 -33.68 11.94 -4.37
N GLU E 150 -33.93 10.85 -5.11
CA GLU E 150 -34.79 9.79 -4.58
C GLU E 150 -34.15 9.06 -3.41
N LEU E 151 -32.83 8.87 -3.45
CA LEU E 151 -32.17 8.22 -2.32
C LEU E 151 -32.31 9.04 -1.05
N GLU E 152 -32.15 10.37 -1.16
CA GLU E 152 -32.34 11.23 0.00
C GLU E 152 -33.79 11.21 0.46
N LYS E 153 -34.74 11.18 -0.48
CA LYS E 153 -36.15 11.08 -0.11
C LYS E 153 -36.46 9.72 0.50
N GLY E 154 -35.83 8.67 0.01
CA GLY E 154 -36.10 7.33 0.53
C GLY E 154 -35.63 7.16 1.96
N VAL E 155 -34.45 7.69 2.28
CA VAL E 155 -33.95 7.56 3.65
C VAL E 155 -34.79 8.39 4.61
N HIS E 156 -35.31 9.54 4.16
CA HIS E 156 -36.11 10.37 5.06
C HIS E 156 -37.46 9.74 5.33
N LEU E 157 -38.13 9.26 4.29
CA LEU E 157 -39.42 8.62 4.46
C LEU E 157 -39.30 7.31 5.21
N ALA E 158 -38.13 6.66 5.18
CA ALA E 158 -37.93 5.46 5.98
C ALA E 158 -37.87 5.80 7.46
N LEU E 159 -37.31 6.95 7.82
CA LEU E 159 -37.18 7.36 9.21
C LEU E 159 -38.35 8.17 9.72
N GLU E 160 -39.10 8.81 8.83
CA GLU E 160 -40.14 9.74 9.23
C GLU E 160 -41.31 9.01 9.89
N GLY E 161 -41.94 9.70 10.83
CA GLY E 161 -43.16 9.18 11.43
C GLY E 161 -42.98 7.79 11.96
N ARG E 162 -43.87 6.87 11.54
CA ARG E 162 -43.71 5.46 11.84
C ARG E 162 -42.69 4.88 10.87
N PRO E 163 -41.48 4.52 11.32
CA PRO E 163 -40.44 4.09 10.39
C PRO E 163 -40.87 2.89 9.57
N GLY E 164 -40.06 2.59 8.55
CA GLY E 164 -40.30 1.46 7.69
C GLY E 164 -39.35 1.43 6.50
N PRO E 165 -39.44 0.39 5.69
CA PRO E 165 -38.55 0.27 4.53
C PRO E 165 -39.00 1.12 3.36
N THR E 166 -38.04 1.46 2.51
CA THR E 166 -38.30 2.16 1.26
C THR E 166 -37.54 1.47 0.13
N TRP E 167 -38.12 1.51 -1.06
CA TRP E 167 -37.63 0.77 -2.21
C TRP E 167 -37.31 1.76 -3.34
N ILE E 168 -36.03 1.92 -3.64
CA ILE E 168 -35.58 2.79 -4.72
C ILE E 168 -34.96 1.91 -5.80
N GLU E 169 -35.58 1.89 -6.96
CA GLU E 169 -35.12 1.11 -8.10
C GLU E 169 -34.36 2.02 -9.06
N ILE E 170 -33.14 1.63 -9.42
CA ILE E 170 -32.33 2.39 -10.35
C ILE E 170 -32.00 1.51 -11.54
N PRO E 171 -32.57 1.77 -12.71
CA PRO E 171 -32.25 0.94 -13.88
C PRO E 171 -30.76 0.93 -14.18
N MET E 172 -30.36 -0.10 -14.93
CA MET E 172 -28.96 -0.33 -15.23
C MET E 172 -28.32 0.88 -15.92
N ASP E 173 -28.95 1.35 -17.01
CA ASP E 173 -28.36 2.44 -17.78
C ASP E 173 -28.30 3.73 -16.98
N ILE E 174 -29.25 3.94 -16.06
CA ILE E 174 -29.23 5.14 -15.24
C ILE E 174 -28.00 5.15 -14.33
N GLN E 175 -27.52 3.97 -13.93
CA GLN E 175 -26.34 3.91 -13.08
C GLN E 175 -25.08 4.24 -13.87
N SER E 176 -24.99 3.76 -15.11
CA SER E 176 -23.82 3.96 -15.95
C SER E 176 -23.87 5.26 -16.73
N GLY E 177 -24.88 6.09 -16.51
CA GLY E 177 -24.91 7.38 -17.17
C GLY E 177 -23.93 8.37 -16.56
N ARG E 178 -23.68 9.44 -17.30
CA ARG E 178 -22.76 10.49 -16.87
C ARG E 178 -23.45 11.84 -17.00
N ILE E 179 -23.35 12.66 -15.95
CA ILE E 179 -23.97 13.98 -15.93
C ILE E 179 -23.06 14.94 -15.18
N ASP E 180 -23.30 16.23 -15.36
CA ASP E 180 -22.57 17.25 -14.62
C ASP E 180 -23.10 17.29 -13.19
N PRO E 181 -22.23 17.16 -12.17
CA PRO E 181 -22.74 17.11 -10.79
C PRO E 181 -23.58 18.30 -10.40
N ALA E 182 -23.39 19.45 -11.05
CA ALA E 182 -24.18 20.63 -10.72
C ALA E 182 -25.64 20.47 -11.12
N THR E 183 -25.97 19.50 -11.95
CA THR E 183 -27.34 19.27 -12.39
C THR E 183 -28.13 18.37 -11.43
N LEU E 184 -27.48 17.83 -10.40
CA LEU E 184 -28.17 16.93 -9.47
C LEU E 184 -29.20 17.70 -8.65
N GLU E 185 -30.42 17.18 -8.61
CA GLU E 185 -31.45 17.69 -7.73
C GLU E 185 -31.32 17.02 -6.36
N HIS E 186 -31.62 17.77 -5.31
CA HIS E 186 -31.49 17.29 -3.94
C HIS E 186 -32.81 17.49 -3.19
N TYR E 187 -33.15 16.50 -2.37
CA TYR E 187 -34.41 16.50 -1.64
C TYR E 187 -34.23 17.21 -0.30
N VAL E 188 -35.17 18.11 0.01
CA VAL E 188 -35.16 18.86 1.26
C VAL E 188 -36.34 18.39 2.09
N ALA E 189 -36.06 17.81 3.24
CA ALA E 189 -37.12 17.28 4.09
C ALA E 189 -37.99 18.41 4.62
N PRO E 190 -39.31 18.30 4.58
CA PRO E 190 -40.16 19.31 5.20
C PRO E 190 -39.94 19.36 6.70
N PRO E 191 -40.35 20.45 7.36
CA PRO E 191 -40.20 20.50 8.82
C PRO E 191 -40.98 19.40 9.51
N ALA E 192 -40.42 18.91 10.62
CA ALA E 192 -41.09 17.86 11.37
C ALA E 192 -42.40 18.39 11.96
N PRO E 193 -43.47 17.60 11.95
CA PRO E 193 -44.74 18.09 12.48
C PRO E 193 -44.67 18.33 13.98
N ASP E 194 -45.50 19.26 14.45
CA ASP E 194 -45.62 19.57 15.87
C ASP E 194 -46.88 18.87 16.38
N TYR E 195 -46.70 17.81 17.15
CA TYR E 195 -47.83 17.01 17.60
C TYR E 195 -48.57 17.61 18.77
N LEU E 196 -47.97 18.56 19.49
CA LEU E 196 -48.58 19.12 20.69
C LEU E 196 -49.50 20.30 20.33
N THR E 197 -50.53 19.98 19.55
CA THR E 197 -51.61 20.91 19.34
C THR E 197 -52.39 21.09 20.64
N PRO E 198 -53.19 22.16 20.75
CA PRO E 198 -54.04 22.29 21.93
C PRO E 198 -54.85 21.03 22.21
N ALA E 199 -55.32 20.37 21.16
CA ALA E 199 -56.11 19.16 21.33
C ALA E 199 -55.26 18.02 21.91
N VAL E 200 -54.05 17.83 21.38
CA VAL E 200 -53.16 16.81 21.94
C VAL E 200 -52.73 17.19 23.34
N ALA E 201 -52.49 18.48 23.59
CA ALA E 201 -52.14 18.93 24.93
C ALA E 201 -53.24 18.61 25.92
N ALA E 202 -54.50 18.69 25.49
CA ALA E 202 -55.62 18.31 26.35
C ALA E 202 -55.62 16.82 26.65
N GLN E 203 -55.16 16.00 25.71
CA GLN E 203 -55.08 14.57 25.96
C GLN E 203 -54.02 14.25 26.99
N VAL E 204 -52.88 14.94 26.93
CA VAL E 204 -51.82 14.72 27.92
C VAL E 204 -52.32 15.09 29.31
N ASP E 205 -53.02 16.21 29.43
CA ASP E 205 -53.60 16.59 30.71
C ASP E 205 -54.63 15.57 31.18
N SER E 206 -55.43 15.06 30.25
CA SER E 206 -56.38 14.00 30.61
C SER E 206 -55.66 12.76 31.12
N VAL E 207 -54.55 12.40 30.47
CA VAL E 207 -53.77 11.24 30.91
C VAL E 207 -53.16 11.50 32.29
N LEU E 208 -52.62 12.70 32.49
CA LEU E 208 -51.98 13.00 33.77
C LEU E 208 -52.99 13.00 34.91
N ALA E 209 -54.21 13.49 34.65
CA ALA E 209 -55.23 13.47 35.69
C ALA E 209 -55.61 12.03 36.05
N ALA E 210 -55.66 11.14 35.06
CA ALA E 210 -56.01 9.75 35.32
C ALA E 210 -54.90 9.04 36.09
N LEU E 211 -53.64 9.31 35.74
CA LEU E 211 -52.52 8.71 36.47
C LEU E 211 -52.52 9.19 37.92
N ALA E 212 -52.74 10.48 38.14
CA ALA E 212 -52.74 11.02 39.49
C ALA E 212 -53.79 10.35 40.37
N LYS E 213 -54.95 10.04 39.80
CA LYS E 213 -56.06 9.48 40.56
C LYS E 213 -56.03 7.95 40.61
N ALA E 214 -55.47 7.30 39.61
CA ALA E 214 -55.52 5.84 39.53
C ALA E 214 -54.84 5.22 40.75
N GLU E 215 -55.47 4.20 41.32
CA GLU E 215 -54.90 3.46 42.44
C GLU E 215 -54.05 2.29 41.98
N ARG E 216 -54.35 1.73 40.81
CA ARG E 216 -53.65 0.55 40.29
C ARG E 216 -53.28 0.77 38.84
N PRO E 217 -52.42 1.75 38.55
CA PRO E 217 -52.04 2.02 37.15
C PRO E 217 -50.99 1.04 36.65
N VAL E 218 -50.97 0.88 35.32
CA VAL E 218 -50.01 0.02 34.64
C VAL E 218 -49.62 0.70 33.33
N LEU E 219 -48.33 0.96 33.14
CA LEU E 219 -47.82 1.48 31.88
C LEU E 219 -47.35 0.33 31.01
N TRP E 220 -47.77 0.32 29.75
CA TRP E 220 -47.35 -0.68 28.78
C TRP E 220 -46.46 0.01 27.75
N LEU E 221 -45.16 -0.24 27.83
CA LEU E 221 -44.17 0.45 27.03
C LEU E 221 -43.74 -0.43 25.86
N GLY E 222 -43.72 0.15 24.66
CA GLY E 222 -43.40 -0.57 23.44
C GLY E 222 -42.18 -0.02 22.74
N ASN E 223 -41.81 -0.71 21.66
CA ASN E 223 -40.61 -0.35 20.91
C ASN E 223 -40.76 0.97 20.16
N GLY E 224 -41.95 1.56 20.14
CA GLY E 224 -42.09 2.88 19.54
C GLY E 224 -41.36 3.95 20.31
N ILE E 225 -41.15 3.75 21.61
CA ILE E 225 -40.38 4.70 22.40
C ILE E 225 -38.93 4.71 21.95
N ARG E 226 -38.32 3.53 21.81
CA ARG E 226 -36.95 3.47 21.35
C ARG E 226 -36.81 4.02 19.93
N LEU E 227 -37.82 3.79 19.08
CA LEU E 227 -37.77 4.30 17.71
C LEU E 227 -37.89 5.82 17.69
N ALA E 228 -38.54 6.41 18.68
CA ALA E 228 -38.67 7.85 18.79
C ALA E 228 -37.51 8.49 19.53
N GLY E 229 -36.59 7.68 20.06
CA GLY E 229 -35.47 8.21 20.82
C GLY E 229 -35.81 8.68 22.21
N GLY E 230 -36.74 8.02 22.89
CA GLY E 230 -37.15 8.46 24.21
C GLY E 230 -37.02 7.40 25.29
N GLU E 231 -36.22 6.36 25.05
CA GLU E 231 -36.08 5.31 26.05
C GLU E 231 -35.36 5.80 27.29
N ARG E 232 -34.62 6.91 27.20
CA ARG E 232 -33.91 7.44 28.36
C ARG E 232 -34.83 8.19 29.31
N LEU E 233 -36.00 8.60 28.85
CA LEU E 233 -36.97 9.30 29.69
C LEU E 233 -37.83 8.36 30.53
N LEU E 234 -37.65 7.05 30.39
CA LEU E 234 -38.55 6.11 31.06
C LEU E 234 -38.26 6.05 32.55
N LYS E 235 -36.99 5.90 32.92
CA LYS E 235 -36.64 5.88 34.34
C LYS E 235 -37.12 7.10 35.09
N PRO E 236 -36.84 8.33 34.66
CA PRO E 236 -37.41 9.48 35.37
C PRO E 236 -38.93 9.53 35.33
N LEU E 237 -39.54 8.96 34.29
CA LEU E 237 -41.01 8.97 34.21
C LEU E 237 -41.62 8.00 35.21
N LEU E 238 -41.04 6.83 35.26
CA LEU E 238 -41.54 5.86 36.15
C LEU E 238 -41.42 6.31 37.57
N GLU E 239 -40.29 6.83 37.96
CA GLU E 239 -40.15 7.21 39.34
C GLU E 239 -41.04 8.38 39.70
N LYS E 240 -41.24 9.26 38.75
CA LYS E 240 -42.10 10.39 38.96
C LYS E 240 -43.51 9.97 39.21
N LEU E 241 -43.95 8.86 38.63
CA LEU E 241 -45.33 8.41 38.76
C LEU E 241 -45.52 7.36 39.85
N GLY E 242 -44.46 6.63 40.19
CA GLY E 242 -44.60 5.56 41.16
C GLY E 242 -45.54 4.46 40.72
N SER E 243 -45.71 4.27 39.41
CA SER E 243 -46.64 3.30 38.86
C SER E 243 -45.89 2.12 38.25
N PRO E 244 -46.42 0.90 38.38
CA PRO E 244 -45.78 -0.23 37.71
C PRO E 244 -45.82 -0.09 36.19
N ALA E 245 -44.97 -0.86 35.52
CA ALA E 245 -44.85 -0.81 34.08
C ALA E 245 -44.58 -2.21 33.54
N LEU E 246 -45.22 -2.52 32.42
CA LEU E 246 -44.92 -3.71 31.64
C LEU E 246 -44.25 -3.28 30.34
N VAL E 247 -43.45 -4.18 29.77
CA VAL E 247 -42.77 -3.93 28.50
C VAL E 247 -43.24 -4.96 27.49
N SER E 248 -43.38 -4.53 26.24
CA SER E 248 -43.68 -5.46 25.16
C SER E 248 -42.44 -6.30 24.85
N TRP E 249 -42.65 -7.35 24.05
CA TRP E 249 -41.54 -8.21 23.70
C TRP E 249 -40.48 -7.45 22.90
N ALA E 250 -40.90 -6.48 22.09
CA ALA E 250 -39.95 -5.73 21.29
C ALA E 250 -39.22 -4.66 22.10
N GLY E 251 -39.81 -4.19 23.20
CA GLY E 251 -39.20 -3.17 24.03
C GLY E 251 -38.71 -3.68 25.37
N ILE E 252 -38.30 -4.95 25.42
CA ILE E 252 -37.84 -5.53 26.69
C ILE E 252 -36.58 -4.83 27.15
N ASP E 253 -35.69 -4.48 26.22
CA ASP E 253 -34.38 -3.95 26.59
C ASP E 253 -34.39 -2.45 26.84
N MET E 254 -35.57 -1.82 26.90
CA MET E 254 -35.63 -0.39 27.18
C MET E 254 -35.48 -0.08 28.66
N LEU E 255 -35.81 -1.02 29.53
CA LEU E 255 -35.69 -0.85 30.98
C LEU E 255 -35.12 -2.13 31.57
N ASP E 256 -34.28 -1.98 32.58
CA ASP E 256 -33.76 -3.14 33.29
C ASP E 256 -34.92 -3.99 33.79
N SER E 257 -34.88 -5.28 33.46
CA SER E 257 -35.95 -6.19 33.88
C SER E 257 -36.10 -6.25 35.39
N SER E 258 -35.06 -5.87 36.14
CA SER E 258 -35.09 -5.90 37.60
C SER E 258 -35.38 -4.53 38.21
N HIS E 259 -35.82 -3.57 37.40
CA HIS E 259 -36.21 -2.27 37.94
C HIS E 259 -37.37 -2.46 38.91
N PRO E 260 -37.39 -1.75 40.04
CA PRO E 260 -38.44 -1.99 41.05
C PRO E 260 -39.86 -1.78 40.55
N LEU E 261 -40.04 -1.17 39.38
CA LEU E 261 -41.37 -0.88 38.85
C LEU E 261 -41.63 -1.58 37.51
N VAL E 262 -40.72 -2.44 37.06
CA VAL E 262 -40.92 -3.22 35.84
C VAL E 262 -41.26 -4.64 36.26
N PHE E 263 -42.36 -5.17 35.71
CA PHE E 263 -42.92 -6.44 36.15
C PHE E 263 -43.17 -7.38 34.97
N GLY E 264 -42.31 -7.33 33.96
CA GLY E 264 -42.35 -8.34 32.91
C GLY E 264 -43.22 -7.96 31.72
N ARG E 265 -43.64 -9.01 30.99
CA ARG E 265 -44.39 -8.87 29.75
C ARG E 265 -45.62 -9.76 29.79
N ALA E 266 -46.75 -9.22 29.33
CA ALA E 266 -48.03 -9.91 29.32
C ALA E 266 -48.46 -10.19 27.89
N GLY E 267 -49.43 -11.09 27.75
CA GLY E 267 -49.96 -11.45 26.45
C GLY E 267 -50.34 -12.92 26.39
N VAL E 268 -50.60 -13.37 25.17
CA VAL E 268 -50.97 -14.77 24.95
C VAL E 268 -49.85 -15.68 25.44
N TYR E 269 -48.60 -15.33 25.14
CA TYR E 269 -47.43 -15.96 25.72
C TYR E 269 -46.84 -15.10 26.83
N GLY E 270 -47.69 -14.44 27.61
CA GLY E 270 -47.22 -13.59 28.68
C GLY E 270 -46.87 -14.38 29.93
N GLN E 271 -46.24 -13.67 30.86
CA GLN E 271 -45.91 -14.25 32.16
C GLN E 271 -47.13 -14.18 33.08
N ARG E 272 -47.32 -15.23 33.88
CA ARG E 272 -48.51 -15.30 34.72
C ARG E 272 -48.66 -14.06 35.58
N ALA E 273 -47.58 -13.67 36.26
CA ALA E 273 -47.65 -12.48 37.11
C ALA E 273 -48.01 -11.25 36.31
N ALA E 274 -47.44 -11.10 35.12
CA ALA E 274 -47.69 -9.91 34.31
C ALA E 274 -49.16 -9.83 33.90
N ASN E 275 -49.75 -10.95 33.50
CA ASN E 275 -51.15 -10.94 33.08
C ASN E 275 -52.07 -10.58 34.24
N PHE E 276 -51.74 -11.06 35.45
CA PHE E 276 -52.54 -10.69 36.62
C PHE E 276 -52.40 -9.19 36.91
N ILE E 277 -51.20 -8.63 36.68
CA ILE E 277 -51.02 -7.20 36.89
C ILE E 277 -51.78 -6.41 35.82
N LEU E 278 -51.79 -6.92 34.59
CA LEU E 278 -52.52 -6.23 33.53
C LEU E 278 -54.03 -6.31 33.75
N GLN E 279 -54.53 -7.50 34.08
CA GLN E 279 -55.97 -7.72 34.15
C GLN E 279 -56.60 -7.13 35.41
N ASN E 280 -55.82 -6.86 36.46
CA ASN E 280 -56.35 -6.34 37.70
C ASN E 280 -56.13 -4.84 37.88
N SER E 281 -55.65 -4.15 36.84
CA SER E 281 -55.40 -2.73 36.95
C SER E 281 -56.70 -1.95 36.79
N ASP E 282 -56.64 -0.67 37.15
CA ASP E 282 -57.75 0.26 36.95
C ASP E 282 -57.42 1.35 35.94
N TYR E 283 -56.20 1.37 35.41
CA TYR E 283 -55.84 2.33 34.36
C TYR E 283 -54.60 1.80 33.65
N VAL E 284 -54.67 1.74 32.32
CA VAL E 284 -53.59 1.24 31.48
C VAL E 284 -53.23 2.34 30.48
N LEU E 285 -51.95 2.70 30.45
CA LEU E 285 -51.44 3.72 29.53
C LEU E 285 -50.42 3.05 28.62
N ALA E 286 -50.83 2.78 27.39
CA ALA E 286 -49.95 2.20 26.39
C ALA E 286 -49.20 3.32 25.67
N ILE E 287 -47.88 3.24 25.65
CA ILE E 287 -47.03 4.20 24.96
C ILE E 287 -46.13 3.42 24.01
N GLY E 288 -46.30 3.66 22.71
CA GLY E 288 -45.42 3.08 21.72
C GLY E 288 -45.53 1.59 21.54
N THR E 289 -46.59 0.96 22.03
CA THR E 289 -46.82 -0.46 21.84
C THR E 289 -48.04 -0.67 20.95
N ARG E 290 -47.90 -1.57 19.98
CA ARG E 290 -48.93 -1.78 18.97
C ARG E 290 -50.18 -2.47 19.51
N LEU E 291 -50.12 -3.01 20.73
CA LEU E 291 -51.25 -3.73 21.31
C LEU E 291 -51.78 -4.79 20.33
N ALA E 292 -50.84 -5.55 19.77
CA ALA E 292 -51.16 -6.57 18.78
C ALA E 292 -51.98 -7.69 19.43
N ILE E 293 -52.41 -8.64 18.59
CA ILE E 293 -53.24 -9.75 19.08
C ILE E 293 -52.48 -10.59 20.10
N PRO E 294 -51.23 -11.02 19.84
CA PRO E 294 -50.49 -11.79 20.86
C PRO E 294 -50.27 -11.03 22.16
N GLN E 295 -50.66 -9.76 22.25
CA GLN E 295 -50.53 -8.97 23.48
C GLN E 295 -51.84 -8.89 24.25
N ILE E 296 -52.93 -8.55 23.57
CA ILE E 296 -54.20 -8.28 24.25
C ILE E 296 -55.17 -9.45 24.20
N GLY E 297 -54.84 -10.52 23.48
CA GLY E 297 -55.74 -11.64 23.37
C GLY E 297 -56.72 -11.49 22.23
N TYR E 298 -57.89 -12.11 22.35
CA TYR E 298 -58.85 -12.19 21.26
C TYR E 298 -60.20 -11.55 21.59
N ASP E 299 -60.27 -10.72 22.62
CA ASP E 299 -61.54 -10.06 22.97
C ASP E 299 -61.24 -8.81 23.76
N LEU E 300 -61.50 -7.64 23.16
CA LEU E 300 -61.25 -6.38 23.85
C LEU E 300 -62.10 -6.25 25.11
N ASN E 301 -63.29 -6.88 25.14
CA ASN E 301 -64.15 -6.79 26.32
C ASN E 301 -63.60 -7.57 27.50
N GLU E 302 -62.61 -8.43 27.29
CA GLU E 302 -61.99 -9.20 28.36
C GLU E 302 -60.65 -8.63 28.80
N LEU E 303 -60.21 -7.52 28.20
CA LEU E 303 -58.88 -6.96 28.48
C LEU E 303 -59.00 -5.92 29.60
N ALA E 304 -58.26 -6.15 30.69
CA ALA E 304 -58.27 -5.25 31.84
C ALA E 304 -59.69 -4.74 32.12
N ARG E 305 -60.56 -5.65 32.55
CA ARG E 305 -61.98 -5.33 32.65
C ARG E 305 -62.28 -4.22 33.66
N LEU E 306 -61.32 -3.84 34.50
CA LEU E 306 -61.54 -2.83 35.52
C LEU E 306 -60.86 -1.51 35.21
N ALA E 307 -60.24 -1.37 34.04
CA ALA E 307 -59.34 -0.26 33.75
C ALA E 307 -59.77 0.52 32.52
N ARG E 308 -59.60 1.84 32.59
CA ARG E 308 -59.62 2.69 31.40
C ARG E 308 -58.28 2.56 30.69
N ILE E 309 -58.32 2.49 29.36
CA ILE E 309 -57.13 2.25 28.54
C ILE E 309 -56.94 3.44 27.62
N ASP E 310 -55.77 4.08 27.72
CA ASP E 310 -55.35 5.14 26.81
C ASP E 310 -54.16 4.64 26.00
N VAL E 311 -54.06 5.11 24.76
CA VAL E 311 -53.06 4.63 23.82
C VAL E 311 -52.34 5.81 23.19
N VAL E 312 -51.02 5.68 23.03
CA VAL E 312 -50.19 6.67 22.35
C VAL E 312 -49.46 5.95 21.22
N ASP E 313 -49.57 6.48 20.01
CA ASP E 313 -49.04 5.82 18.82
C ASP E 313 -48.96 6.83 17.70
N ILE E 314 -47.80 6.91 17.04
CA ILE E 314 -47.61 7.89 15.98
C ILE E 314 -48.43 7.57 14.74
N ASP E 315 -48.93 6.35 14.64
CA ASP E 315 -49.72 5.90 13.49
C ASP E 315 -51.20 6.06 13.85
N GLY E 316 -51.87 7.02 13.22
CA GLY E 316 -53.28 7.25 13.52
C GLY E 316 -54.10 5.96 13.47
N ASP E 317 -53.84 5.12 12.46
CA ASP E 317 -54.63 3.91 12.29
C ASP E 317 -54.40 2.92 13.43
N GLU E 318 -53.15 2.82 13.91
CA GLU E 318 -52.87 1.93 15.03
C GLU E 318 -53.43 2.48 16.33
N ALA E 319 -53.57 3.80 16.43
CA ALA E 319 -53.99 4.42 17.68
C ALA E 319 -55.49 4.25 17.94
N ILE E 320 -56.29 4.07 16.89
CA ILE E 320 -57.74 4.04 17.03
C ILE E 320 -58.32 2.67 16.69
N LYS E 321 -57.48 1.67 16.43
CA LYS E 321 -58.00 0.37 16.03
C LYS E 321 -58.77 -0.32 17.17
N HIS E 322 -58.55 0.09 18.41
CA HIS E 322 -59.27 -0.43 19.56
C HIS E 322 -60.20 0.63 20.15
N ALA E 323 -60.67 1.55 19.31
CA ALA E 323 -61.46 2.69 19.79
C ALA E 323 -62.73 2.27 20.51
N LYS E 324 -63.23 1.06 20.26
CA LYS E 324 -64.42 0.60 20.97
C LYS E 324 -64.14 0.39 22.45
N ARG E 325 -62.88 0.12 22.80
CA ARG E 325 -62.47 -0.16 24.16
C ARG E 325 -61.70 0.97 24.82
N THR E 326 -60.78 1.59 24.09
CA THR E 326 -59.91 2.62 24.64
C THR E 326 -60.68 3.93 24.80
N GLN E 327 -60.03 4.89 25.46
CA GLN E 327 -60.62 6.20 25.74
C GLN E 327 -59.85 7.31 25.04
N GLU E 328 -58.65 7.65 25.52
CA GLU E 328 -57.83 8.67 24.88
C GLU E 328 -56.95 8.00 23.84
N ASN E 329 -57.16 8.34 22.58
CA ASN E 329 -56.38 7.82 21.46
C ASN E 329 -55.47 8.93 20.97
N ILE E 330 -54.23 8.93 21.46
CA ILE E 330 -53.29 10.03 21.26
C ILE E 330 -52.39 9.67 20.07
N VAL E 331 -52.51 10.43 18.99
CA VAL E 331 -51.64 10.26 17.82
C VAL E 331 -50.47 11.22 18.03
N CYS E 332 -49.38 10.71 18.59
CA CYS E 332 -48.25 11.56 18.93
C CYS E 332 -46.99 10.72 19.02
N ASP E 333 -45.87 11.36 18.70
CA ASP E 333 -44.57 10.74 18.85
C ASP E 333 -44.33 10.35 20.31
N ALA E 334 -43.68 9.21 20.51
CA ALA E 334 -43.52 8.69 21.87
C ALA E 334 -42.67 9.60 22.73
N ARG E 335 -41.61 10.18 22.15
CA ARG E 335 -40.74 11.05 22.93
C ARG E 335 -41.43 12.37 23.23
N VAL E 336 -42.04 12.99 22.22
CA VAL E 336 -42.74 14.24 22.43
C VAL E 336 -43.81 14.07 23.50
N PHE E 337 -44.50 12.93 23.50
CA PHE E 337 -45.54 12.70 24.49
C PHE E 337 -44.94 12.53 25.89
N ILE E 338 -43.81 11.83 25.99
CA ILE E 338 -43.20 11.61 27.31
C ILE E 338 -42.64 12.91 27.85
N GLU E 339 -41.99 13.71 26.99
CA GLU E 339 -41.50 15.01 27.42
C GLU E 339 -42.64 15.90 27.91
N ALA E 340 -43.72 16.00 27.12
CA ALA E 340 -44.85 16.81 27.53
C ALA E 340 -45.40 16.35 28.88
N LEU E 341 -45.38 15.03 29.12
CA LEU E 341 -45.91 14.52 30.38
C LEU E 341 -44.95 14.80 31.53
N LEU E 342 -43.64 14.75 31.27
CA LEU E 342 -42.67 15.10 32.30
C LEU E 342 -42.68 16.59 32.59
N ALA E 343 -42.86 17.41 31.55
CA ALA E 343 -42.95 18.85 31.76
C ALA E 343 -44.12 19.19 32.69
N ARG E 344 -45.23 18.48 32.56
CA ARG E 344 -46.38 18.72 33.41
C ARG E 344 -46.19 18.12 34.80
N LEU E 345 -45.39 17.07 34.92
CA LEU E 345 -45.10 16.49 36.24
C LEU E 345 -44.10 17.34 37.02
N ASN E 346 -43.23 18.07 36.34
CA ASN E 346 -42.23 18.92 36.97
C ASN E 346 -42.68 20.36 37.12
N ALA E 347 -43.87 20.71 36.64
CA ALA E 347 -44.36 22.07 36.76
C ALA E 347 -44.66 22.40 38.23
N ALA E 348 -44.62 23.69 38.54
CA ALA E 348 -44.97 24.13 39.89
C ALA E 348 -46.42 23.81 40.22
N ASP E 349 -47.31 23.89 39.23
CA ASP E 349 -48.72 23.56 39.41
C ASP E 349 -49.02 22.11 39.05
N ALA E 350 -48.09 21.20 39.32
CA ALA E 350 -48.32 19.79 39.00
C ALA E 350 -49.33 19.19 39.96
N PRO E 351 -50.28 18.38 39.46
CA PRO E 351 -51.29 17.80 40.36
C PRO E 351 -50.70 16.75 41.28
N ALA E 352 -51.31 16.63 42.46
CA ALA E 352 -50.87 15.65 43.43
C ALA E 352 -51.08 14.24 42.89
N ILE E 353 -50.05 13.41 43.01
CA ILE E 353 -50.07 12.03 42.53
C ILE E 353 -50.40 11.12 43.72
N ALA E 354 -51.57 10.49 43.66
CA ALA E 354 -51.96 9.58 44.74
C ALA E 354 -50.96 8.44 44.86
N SER E 355 -50.87 7.88 46.06
CA SER E 355 -49.92 6.80 46.31
C SER E 355 -50.36 5.52 45.61
N LYS E 356 -49.41 4.84 44.98
CA LYS E 356 -49.63 3.53 44.39
C LYS E 356 -48.97 2.42 45.21
N ALA E 357 -48.55 2.72 46.44
CA ALA E 357 -47.74 1.78 47.21
C ALA E 357 -48.46 0.44 47.39
N ASP E 358 -49.74 0.48 47.74
CA ASP E 358 -50.49 -0.77 47.90
C ASP E 358 -50.47 -1.58 46.62
N TRP E 359 -50.66 -0.92 45.48
CA TRP E 359 -50.65 -1.62 44.19
C TRP E 359 -49.27 -2.20 43.90
N VAL E 360 -48.22 -1.39 44.03
CA VAL E 360 -46.88 -1.88 43.76
C VAL E 360 -46.57 -3.09 44.64
N ALA E 361 -47.03 -3.06 45.89
CA ALA E 361 -46.82 -4.19 46.79
C ALA E 361 -47.54 -5.44 46.28
N LYS E 362 -48.72 -5.26 45.68
CA LYS E 362 -49.47 -6.41 45.17
C LYS E 362 -48.83 -6.97 43.90
N CYS E 363 -48.17 -6.12 43.10
CA CYS E 363 -47.43 -6.62 41.96
C CYS E 363 -46.29 -7.52 42.39
N ARG E 364 -45.53 -7.10 43.41
CA ARG E 364 -44.44 -7.93 43.90
C ARG E 364 -44.95 -9.26 44.42
N ALA E 365 -46.11 -9.25 45.08
CA ALA E 365 -46.71 -10.50 45.53
C ALA E 365 -47.07 -11.40 44.35
N TYR E 366 -47.57 -10.80 43.26
CA TYR E 366 -47.87 -11.58 42.08
C TYR E 366 -46.62 -12.27 41.53
N GLU E 367 -45.50 -11.54 41.47
CA GLU E 367 -44.26 -12.16 41.05
C GLU E 367 -43.77 -13.16 42.09
N GLU E 368 -44.01 -12.89 43.38
CA GLU E 368 -43.68 -13.85 44.42
C GLU E 368 -44.42 -15.15 44.21
N GLN E 369 -45.73 -15.07 43.95
CA GLN E 369 -46.55 -16.26 43.85
C GLN E 369 -46.33 -17.00 42.54
N PHE E 370 -46.05 -16.27 41.45
CA PHE E 370 -45.93 -16.85 40.11
C PHE E 370 -44.58 -16.47 39.52
N PRO E 371 -43.53 -17.23 39.85
CA PRO E 371 -42.22 -16.95 39.24
C PRO E 371 -42.22 -17.25 37.75
N TRP E 372 -41.30 -16.60 37.05
CA TRP E 372 -41.23 -16.79 35.60
C TRP E 372 -40.90 -18.24 35.24
N VAL E 373 -39.96 -18.84 35.94
CA VAL E 373 -39.61 -20.25 35.78
C VAL E 373 -40.18 -20.98 36.99
N GLY E 374 -41.30 -21.67 36.80
CA GLY E 374 -41.98 -22.33 37.89
C GLY E 374 -42.03 -23.85 37.76
N ALA E 375 -42.89 -24.48 38.57
CA ALA E 375 -42.97 -25.93 38.58
C ALA E 375 -43.40 -26.47 37.21
N GLU E 376 -44.14 -25.67 36.44
CA GLU E 376 -44.54 -26.06 35.10
C GLU E 376 -43.36 -26.26 34.16
N HIS E 377 -42.17 -25.80 34.55
CA HIS E 377 -40.99 -25.84 33.69
C HIS E 377 -39.97 -26.87 34.16
N ALA E 378 -40.42 -27.95 34.79
CA ALA E 378 -39.51 -28.97 35.27
C ALA E 378 -38.83 -29.67 34.10
N ASP E 379 -37.73 -30.34 34.39
CA ASP E 379 -36.98 -31.07 33.37
C ASP E 379 -37.77 -32.30 32.96
N PRO E 380 -38.28 -32.38 31.73
CA PRO E 380 -39.13 -33.52 31.37
C PRO E 380 -38.35 -34.74 30.90
N GLU E 381 -38.56 -35.87 31.57
CA GLU E 381 -38.07 -37.18 31.11
C GLU E 381 -36.58 -37.12 30.78
N GLY E 382 -35.80 -36.58 31.71
CA GLY E 382 -34.36 -36.57 31.55
C GLY E 382 -33.83 -35.61 30.50
N PHE E 383 -34.68 -34.75 29.95
CA PHE E 383 -34.26 -33.69 29.05
C PHE E 383 -34.21 -32.36 29.79
N ILE E 384 -33.29 -31.49 29.37
CA ILE E 384 -33.27 -30.14 29.91
C ILE E 384 -34.49 -29.37 29.42
N ASN E 385 -35.14 -28.65 30.32
CA ASN E 385 -36.26 -27.80 29.97
C ASN E 385 -35.75 -26.48 29.43
N SER E 386 -36.23 -26.09 28.25
CA SER E 386 -35.71 -24.90 27.60
C SER E 386 -35.85 -23.66 28.48
N TYR E 387 -36.97 -23.54 29.19
CA TYR E 387 -37.17 -22.38 30.05
C TYR E 387 -36.11 -22.32 31.15
N ARG E 388 -35.81 -23.47 31.77
CA ARG E 388 -34.75 -23.48 32.76
C ARG E 388 -33.40 -23.16 32.13
N PHE E 389 -33.13 -23.71 30.94
CA PHE E 389 -31.87 -23.42 30.27
C PHE E 389 -31.70 -21.92 30.02
N MET E 390 -32.78 -21.24 29.61
CA MET E 390 -32.68 -19.80 29.42
C MET E 390 -32.27 -19.10 30.72
N GLU E 391 -32.84 -19.53 31.84
CA GLU E 391 -32.47 -18.92 33.12
C GLU E 391 -30.98 -19.12 33.41
N ARG E 392 -30.48 -20.33 33.19
CA ARG E 392 -29.05 -20.57 33.38
C ARG E 392 -28.22 -19.78 32.39
N LEU E 393 -28.60 -19.80 31.11
CA LEU E 393 -27.87 -19.03 30.11
C LEU E 393 -27.90 -17.54 30.43
N ASN E 394 -28.97 -17.08 31.09
CA ASN E 394 -29.06 -15.66 31.44
C ASN E 394 -27.90 -15.23 32.31
N GLY E 395 -27.46 -16.10 33.23
CA GLY E 395 -26.37 -15.77 34.11
C GLY E 395 -25.03 -15.58 33.42
N PHE E 396 -24.94 -15.91 32.13
CA PHE E 396 -23.68 -15.81 31.38
C PHE E 396 -23.66 -14.63 30.42
N PHE E 397 -24.63 -13.71 30.51
CA PHE E 397 -24.64 -12.54 29.64
C PHE E 397 -23.47 -11.62 29.97
N LYS E 398 -22.89 -11.03 28.94
CA LYS E 398 -21.86 -10.02 29.13
C LYS E 398 -22.51 -8.65 29.37
N ASP E 399 -21.70 -7.72 29.91
CA ASP E 399 -22.26 -6.44 30.34
C ASP E 399 -22.86 -5.66 29.19
N ASP E 400 -22.37 -5.87 27.97
CA ASP E 400 -22.92 -5.22 26.77
C ASP E 400 -23.51 -6.26 25.82
N GLN E 401 -24.07 -7.33 26.37
CA GLN E 401 -24.55 -8.45 25.56
C GLN E 401 -25.68 -7.99 24.64
N VAL E 402 -25.67 -8.51 23.42
CA VAL E 402 -26.79 -8.40 22.50
C VAL E 402 -27.29 -9.80 22.19
N VAL E 403 -28.62 -9.97 22.19
CA VAL E 403 -29.24 -11.26 21.96
C VAL E 403 -30.30 -11.10 20.88
N VAL E 404 -30.16 -11.87 19.80
CA VAL E 404 -31.19 -11.97 18.77
C VAL E 404 -31.71 -13.40 18.79
N THR E 405 -32.95 -13.58 18.35
CA THR E 405 -33.56 -14.90 18.36
C THR E 405 -34.30 -15.16 17.06
N ASP E 406 -34.31 -16.42 16.64
CA ASP E 406 -35.18 -16.88 15.57
C ASP E 406 -36.60 -16.98 16.14
N MET E 407 -37.41 -17.88 15.60
CA MET E 407 -38.76 -18.08 16.11
C MET E 407 -38.73 -19.24 17.11
N GLY E 408 -39.90 -19.82 17.39
CA GLY E 408 -39.92 -21.10 18.08
C GLY E 408 -39.41 -21.03 19.51
N THR E 409 -38.72 -22.11 19.91
CA THR E 409 -38.23 -22.23 21.28
C THR E 409 -37.41 -21.00 21.68
N ALA E 410 -36.50 -20.58 20.80
CA ALA E 410 -35.71 -19.38 21.08
C ALA E 410 -36.61 -18.18 21.30
N LEU E 411 -37.69 -18.06 20.53
CA LEU E 411 -38.58 -16.91 20.66
C LEU E 411 -39.37 -16.97 21.96
N LEU E 412 -40.04 -18.09 22.21
CA LEU E 412 -40.94 -18.19 23.35
C LEU E 412 -40.17 -18.24 24.67
N SER E 413 -39.32 -19.26 24.83
CA SER E 413 -38.56 -19.38 26.07
C SER E 413 -37.70 -18.15 26.33
N GLY E 414 -37.27 -17.47 25.27
CA GLY E 414 -36.39 -16.33 25.44
C GLY E 414 -37.09 -15.10 25.96
N HIS E 415 -38.24 -14.77 25.38
CA HIS E 415 -38.98 -13.59 25.78
C HIS E 415 -39.79 -13.79 27.07
N GLN E 416 -39.93 -15.03 27.52
CA GLN E 416 -40.69 -15.34 28.72
C GLN E 416 -39.82 -15.49 29.96
N VAL E 417 -38.50 -15.49 29.81
CA VAL E 417 -37.60 -15.81 30.92
C VAL E 417 -36.46 -14.81 31.02
N LEU E 418 -35.86 -14.46 29.89
CA LEU E 418 -34.62 -13.69 29.92
C LEU E 418 -34.82 -12.32 30.55
N ARG E 419 -33.83 -11.88 31.32
CA ARG E 419 -33.78 -10.57 31.92
C ARG E 419 -32.60 -9.79 31.36
N PHE E 420 -32.77 -8.49 31.21
CA PHE E 420 -31.76 -7.64 30.59
C PHE E 420 -31.49 -6.42 31.46
N LYS E 421 -30.22 -6.04 31.54
CA LYS E 421 -29.80 -4.82 32.21
C LYS E 421 -29.62 -3.71 31.19
N GLU E 422 -29.50 -2.49 31.70
CA GLU E 422 -29.17 -1.36 30.84
C GLU E 422 -27.85 -1.64 30.13
N GLY E 423 -27.84 -1.40 28.82
CA GLY E 423 -26.70 -1.71 27.99
C GLY E 423 -26.80 -3.02 27.24
N GLN E 424 -27.74 -3.88 27.62
CA GLN E 424 -28.00 -5.12 26.91
C GLN E 424 -29.20 -4.95 25.97
N ARG E 425 -29.20 -5.71 24.88
CA ARG E 425 -30.16 -5.54 23.82
C ARG E 425 -30.77 -6.88 23.44
N PHE E 426 -32.04 -6.83 23.02
CA PHE E 426 -32.82 -8.01 22.69
C PHE E 426 -33.64 -7.70 21.44
N MET E 427 -33.42 -8.46 20.37
CA MET E 427 -34.04 -8.17 19.09
C MET E 427 -34.58 -9.45 18.45
N THR E 428 -35.63 -9.28 17.66
CA THR E 428 -36.15 -10.36 16.83
C THR E 428 -37.25 -9.78 15.96
N SER E 429 -37.75 -10.60 15.04
CA SER E 429 -38.84 -10.22 14.13
C SER E 429 -40.14 -10.77 14.69
N THR E 430 -40.96 -9.91 15.26
CA THR E 430 -42.25 -10.32 15.82
C THR E 430 -43.43 -9.91 14.95
N GLY E 431 -43.31 -8.83 14.18
CA GLY E 431 -44.42 -8.42 13.35
C GLY E 431 -44.78 -9.47 12.32
N LEU E 432 -43.79 -9.95 11.58
CA LEU E 432 -43.99 -11.00 10.57
C LEU E 432 -43.73 -12.39 11.13
N GLY E 433 -42.79 -12.52 12.05
CA GLY E 433 -42.52 -13.80 12.68
C GLY E 433 -42.02 -14.86 11.73
N GLU E 434 -41.09 -14.50 10.84
CA GLU E 434 -40.60 -15.43 9.86
C GLU E 434 -39.48 -16.30 10.43
N MET E 435 -39.39 -17.51 9.93
CA MET E 435 -38.28 -18.38 10.29
C MET E 435 -37.05 -18.03 9.48
N GLY E 436 -35.89 -18.23 10.08
CA GLY E 436 -34.64 -17.85 9.44
C GLY E 436 -34.27 -16.40 9.62
N TYR E 437 -34.82 -15.74 10.63
CA TYR E 437 -34.46 -14.37 10.95
C TYR E 437 -33.29 -14.28 11.91
N GLY E 438 -32.94 -15.39 12.57
CA GLY E 438 -31.87 -15.38 13.55
C GLY E 438 -30.51 -15.05 12.98
N LEU E 439 -30.00 -15.87 12.07
CA LEU E 439 -28.66 -15.63 11.54
C LEU E 439 -28.54 -14.28 10.85
N PRO E 440 -29.41 -13.90 9.91
CA PRO E 440 -29.28 -12.55 9.34
C PRO E 440 -29.31 -11.46 10.40
N ALA E 441 -30.10 -11.64 11.46
CA ALA E 441 -30.14 -10.65 12.53
C ALA E 441 -28.80 -10.54 13.23
N ALA E 442 -28.14 -11.67 13.48
CA ALA E 442 -26.81 -11.62 14.09
C ALA E 442 -25.82 -10.88 13.20
N LEU E 443 -25.95 -11.04 11.88
CA LEU E 443 -25.05 -10.33 10.97
C LEU E 443 -25.23 -8.82 11.11
N GLY E 444 -26.48 -8.35 11.10
CA GLY E 444 -26.72 -6.93 11.21
C GLY E 444 -26.13 -6.34 12.47
N VAL E 445 -26.31 -7.03 13.60
CA VAL E 445 -25.80 -6.53 14.88
C VAL E 445 -24.28 -6.47 14.86
N SER E 446 -23.64 -7.54 14.40
CA SER E 446 -22.19 -7.60 14.41
C SER E 446 -21.57 -6.48 13.58
N PHE E 447 -22.03 -6.31 12.34
CA PHE E 447 -21.45 -5.30 11.47
C PHE E 447 -21.77 -3.88 11.94
N ALA E 448 -22.81 -3.71 12.74
CA ALA E 448 -23.09 -2.39 13.31
C ALA E 448 -22.08 -2.02 14.38
N ASN E 449 -21.68 -2.99 15.19
CA ASN E 449 -20.73 -2.77 16.28
C ASN E 449 -19.29 -3.13 15.87
N ASP E 450 -18.95 -2.91 14.59
CA ASP E 450 -17.59 -3.14 14.11
C ASP E 450 -17.19 -4.61 14.28
N ARG E 451 -18.03 -5.50 13.76
CA ARG E 451 -17.84 -6.94 13.91
C ARG E 451 -17.85 -7.33 15.38
N GLY E 452 -18.89 -6.88 16.08
CA GLY E 452 -19.02 -7.15 17.49
C GLY E 452 -19.65 -8.49 17.77
N GLU E 453 -19.65 -8.85 19.05
CA GLU E 453 -20.15 -10.14 19.50
C GLU E 453 -21.67 -10.14 19.60
N VAL E 454 -22.28 -11.27 19.28
CA VAL E 454 -23.73 -11.42 19.32
C VAL E 454 -24.06 -12.84 19.73
N MET E 455 -25.14 -13.00 20.48
CA MET E 455 -25.67 -14.31 20.84
C MET E 455 -26.95 -14.53 20.04
N CYS E 456 -26.97 -15.59 19.25
CA CYS E 456 -28.11 -15.92 18.39
C CYS E 456 -28.76 -17.19 18.92
N LEU E 457 -29.95 -17.03 19.50
CA LEU E 457 -30.73 -18.16 19.98
C LEU E 457 -31.59 -18.64 18.81
N ASN E 458 -31.27 -19.81 18.27
CA ASN E 458 -31.89 -20.31 17.06
C ASN E 458 -32.46 -21.70 17.30
N CYS E 459 -33.02 -22.28 16.24
CA CYS E 459 -33.73 -23.54 16.32
C CYS E 459 -33.33 -24.43 15.15
N ASP E 460 -33.52 -25.74 15.33
CA ASP E 460 -33.09 -26.69 14.32
C ASP E 460 -33.77 -26.41 12.98
N GLY E 461 -35.02 -25.97 13.00
CA GLY E 461 -35.74 -25.70 11.76
C GLY E 461 -35.52 -24.29 11.25
N GLY E 462 -35.56 -23.30 12.15
CA GLY E 462 -35.28 -21.93 11.74
C GLY E 462 -33.90 -21.77 11.15
N MET E 463 -32.95 -22.62 11.56
CA MET E 463 -31.61 -22.56 11.00
C MET E 463 -31.58 -22.85 9.50
N MET E 464 -32.58 -23.55 8.98
CA MET E 464 -32.50 -24.04 7.61
C MET E 464 -32.88 -22.96 6.59
N MET E 465 -33.71 -21.99 6.98
CA MET E 465 -34.16 -20.99 6.01
C MET E 465 -32.99 -20.19 5.45
N ASN E 466 -32.07 -19.76 6.30
CA ASN E 466 -30.91 -18.98 5.91
C ASN E 466 -29.62 -19.67 6.35
N LEU E 467 -29.61 -21.00 6.24
CA LEU E 467 -28.43 -21.78 6.62
C LEU E 467 -27.18 -21.28 5.92
N GLN E 468 -27.32 -20.84 4.65
CA GLN E 468 -26.16 -20.43 3.87
C GLN E 468 -25.36 -19.31 4.52
N GLU E 469 -25.98 -18.53 5.41
CA GLU E 469 -25.27 -17.39 5.98
C GLU E 469 -24.20 -17.80 6.99
N LEU E 470 -24.05 -19.09 7.26
CA LEU E 470 -22.91 -19.54 8.04
C LEU E 470 -21.60 -19.24 7.32
N GLN E 471 -21.62 -19.27 5.98
CA GLN E 471 -20.41 -18.95 5.22
C GLN E 471 -20.05 -17.47 5.37
N THR E 472 -21.05 -16.59 5.35
CA THR E 472 -20.80 -15.18 5.60
C THR E 472 -20.25 -14.96 7.00
N MET E 473 -20.61 -15.83 7.95
N MET E 473 -20.60 -15.84 7.94
CA MET E 473 -20.11 -15.70 9.31
CA MET E 473 -20.12 -15.72 9.31
C MET E 473 -18.63 -16.09 9.38
C MET E 473 -18.66 -16.13 9.44
N VAL E 474 -18.27 -17.21 8.76
CA VAL E 474 -16.88 -17.66 8.83
C VAL E 474 -15.99 -16.79 7.96
N HIS E 475 -16.51 -16.31 6.83
CA HIS E 475 -15.73 -15.45 5.95
C HIS E 475 -15.23 -14.22 6.70
N HIS E 476 -16.11 -13.55 7.44
CA HIS E 476 -15.76 -12.36 8.19
C HIS E 476 -15.37 -12.66 9.63
N ASN E 477 -15.25 -13.93 10.00
CA ASN E 477 -14.85 -14.33 11.34
C ASN E 477 -15.62 -13.54 12.40
N LEU E 478 -16.94 -13.54 12.26
CA LEU E 478 -17.79 -12.76 13.16
C LEU E 478 -17.97 -13.52 14.48
N PRO E 479 -17.77 -12.87 15.63
CA PRO E 479 -17.94 -13.57 16.91
C PRO E 479 -19.40 -13.79 17.28
N ILE E 480 -20.09 -14.61 16.47
CA ILE E 480 -21.49 -14.92 16.70
C ILE E 480 -21.55 -16.24 17.45
N LYS E 481 -22.18 -16.21 18.63
CA LYS E 481 -22.38 -17.41 19.44
C LYS E 481 -23.78 -17.93 19.17
N LEU E 482 -23.87 -19.02 18.40
CA LEU E 482 -25.12 -19.49 17.82
C LEU E 482 -25.61 -20.70 18.61
N PHE E 483 -26.71 -20.52 19.34
CA PHE E 483 -27.36 -21.60 20.08
C PHE E 483 -28.50 -22.16 19.25
N ILE E 484 -28.57 -23.48 19.14
CA ILE E 484 -29.55 -24.16 18.30
C ILE E 484 -30.31 -25.16 19.18
N PHE E 485 -31.62 -25.00 19.26
CA PHE E 485 -32.47 -25.88 20.05
C PHE E 485 -32.96 -27.01 19.15
N ASN E 486 -32.42 -28.22 19.37
CA ASN E 486 -32.85 -29.40 18.65
C ASN E 486 -34.04 -30.01 19.38
N ASN E 487 -35.13 -30.25 18.65
CA ASN E 487 -36.31 -30.85 19.24
C ASN E 487 -37.10 -31.66 18.21
N ASP E 488 -36.41 -32.25 17.24
CA ASP E 488 -37.03 -33.12 16.26
C ASP E 488 -38.09 -32.37 15.45
N GLY E 489 -37.68 -31.23 14.88
CA GLY E 489 -38.53 -30.52 13.94
C GLY E 489 -39.23 -29.29 14.47
N TYR E 490 -40.51 -29.15 14.10
CA TYR E 490 -41.29 -27.94 14.36
C TYR E 490 -42.11 -28.15 15.62
N LEU E 491 -41.45 -28.05 16.78
CA LEU E 491 -42.15 -28.24 18.04
C LEU E 491 -43.31 -27.27 18.19
N MET E 492 -43.18 -26.04 17.67
CA MET E 492 -44.25 -25.07 17.76
C MET E 492 -45.50 -25.55 17.04
N ILE E 493 -45.32 -26.18 15.87
CA ILE E 493 -46.47 -26.67 15.12
C ILE E 493 -46.97 -27.99 15.71
N LYS E 494 -46.10 -28.78 16.32
CA LYS E 494 -46.53 -30.02 16.97
C LYS E 494 -47.67 -29.74 17.94
N HIS E 495 -47.55 -28.68 18.72
CA HIS E 495 -48.59 -28.36 19.69
C HIS E 495 -49.84 -27.81 19.02
N THR E 496 -49.69 -27.17 17.87
CA THR E 496 -50.86 -26.61 17.19
C THR E 496 -51.72 -27.71 16.57
N GLN E 497 -51.09 -28.70 15.93
CA GLN E 497 -51.85 -29.80 15.33
C GLN E 497 -52.25 -30.86 16.35
N LYS E 498 -51.56 -30.94 17.50
CA LYS E 498 -51.97 -31.89 18.54
C LYS E 498 -53.18 -31.37 19.31
N SER E 499 -53.34 -30.05 19.42
CA SER E 499 -54.53 -29.50 20.05
C SER E 499 -55.74 -29.59 19.14
N LEU E 500 -55.54 -29.50 17.83
CA LEU E 500 -56.66 -29.50 16.88
C LEU E 500 -57.14 -30.91 16.61
N PHE E 501 -56.22 -31.85 16.33
CA PHE E 501 -56.58 -33.17 15.85
C PHE E 501 -56.30 -34.29 16.84
N LYS E 502 -55.31 -34.13 17.71
CA LYS E 502 -54.96 -35.16 18.70
C LYS E 502 -54.63 -36.49 18.02
N SER E 503 -53.84 -36.43 16.95
CA SER E 503 -53.44 -37.61 16.22
C SER E 503 -51.93 -37.54 15.98
N ASP E 504 -51.46 -38.29 14.99
CA ASP E 504 -50.04 -38.34 14.70
C ASP E 504 -49.58 -37.05 14.04
N TYR E 505 -48.30 -36.71 14.24
CA TYR E 505 -47.75 -35.50 13.68
C TYR E 505 -47.70 -35.57 12.15
N VAL E 506 -47.80 -34.40 11.53
CA VAL E 506 -47.80 -34.30 10.07
C VAL E 506 -46.89 -33.12 9.69
N GLY E 507 -45.89 -33.39 8.88
CA GLY E 507 -44.95 -32.36 8.44
C GLY E 507 -44.33 -31.57 9.58
N THR E 508 -43.97 -32.25 10.68
CA THR E 508 -43.38 -31.54 11.81
C THR E 508 -42.22 -32.27 12.48
N ASP E 509 -42.03 -33.58 12.29
CA ASP E 509 -40.89 -34.30 12.84
C ASP E 509 -40.33 -35.23 11.79
N ARG E 510 -39.27 -35.97 12.16
CA ARG E 510 -38.57 -36.81 11.18
C ARG E 510 -39.53 -37.79 10.52
N LYS E 511 -40.38 -38.45 11.31
CA LYS E 511 -41.29 -39.44 10.73
C LYS E 511 -42.20 -38.81 9.70
N SER E 512 -42.78 -37.65 10.03
CA SER E 512 -43.80 -37.03 9.21
C SER E 512 -43.23 -36.17 8.10
N GLY E 513 -41.91 -36.16 7.91
CA GLY E 513 -41.32 -35.61 6.70
C GLY E 513 -40.42 -34.40 6.88
N VAL E 514 -40.03 -34.08 8.12
CA VAL E 514 -39.20 -32.91 8.39
C VAL E 514 -38.05 -33.34 9.29
N SER E 515 -36.83 -33.25 8.76
CA SER E 515 -35.63 -33.63 9.50
C SER E 515 -34.57 -32.53 9.37
N CYS E 516 -33.73 -32.43 10.39
CA CYS E 516 -32.66 -31.44 10.42
C CYS E 516 -31.31 -32.12 10.57
N PRO E 517 -30.25 -31.55 9.98
CA PRO E 517 -28.94 -32.19 10.03
C PRO E 517 -28.27 -32.02 11.39
N ASP E 518 -27.17 -32.72 11.55
CA ASP E 518 -26.35 -32.65 12.76
C ASP E 518 -25.55 -31.35 12.70
N PHE E 519 -26.02 -30.33 13.41
CA PHE E 519 -25.41 -29.02 13.31
C PHE E 519 -24.01 -28.96 13.89
N SER E 520 -23.61 -29.96 14.68
CA SER E 520 -22.23 -30.03 15.12
C SER E 520 -21.33 -30.51 13.99
N ARG E 521 -21.73 -31.58 13.30
CA ARG E 521 -20.97 -32.04 12.14
C ARG E 521 -20.98 -31.00 11.04
N LEU E 522 -22.10 -30.29 10.88
CA LEU E 522 -22.17 -29.23 9.88
C LEU E 522 -21.24 -28.08 10.23
N ALA E 523 -21.13 -27.74 11.51
CA ALA E 523 -20.21 -26.70 11.93
C ALA E 523 -18.78 -27.06 11.58
N ALA E 524 -18.37 -28.30 11.86
CA ALA E 524 -17.01 -28.73 11.55
C ALA E 524 -16.69 -28.53 10.08
N ALA E 525 -17.67 -28.77 9.20
CA ALA E 525 -17.47 -28.55 7.78
C ALA E 525 -17.23 -27.09 7.46
N PHE E 526 -17.85 -26.18 8.21
CA PHE E 526 -17.66 -24.74 8.05
C PHE E 526 -16.46 -24.21 8.82
N ASP E 527 -15.69 -25.08 9.47
CA ASP E 527 -14.56 -24.66 10.32
C ASP E 527 -15.04 -23.82 11.50
N ILE E 528 -16.19 -24.17 12.05
CA ILE E 528 -16.76 -23.50 13.21
C ILE E 528 -16.68 -24.45 14.40
N PRO E 529 -16.15 -24.03 15.55
CA PRO E 529 -16.16 -24.90 16.73
C PRO E 529 -17.58 -25.17 17.19
N ALA E 530 -17.82 -26.41 17.63
CA ALA E 530 -19.15 -26.84 18.01
C ALA E 530 -19.14 -27.48 19.39
N TYR E 531 -20.22 -27.27 20.13
CA TYR E 531 -20.42 -27.87 21.44
C TYR E 531 -21.85 -28.41 21.51
N GLN E 532 -22.07 -29.33 22.46
CA GLN E 532 -23.39 -29.91 22.70
C GLN E 532 -23.70 -29.88 24.19
N ILE E 533 -24.91 -29.48 24.53
CA ILE E 533 -25.38 -29.42 25.91
C ILE E 533 -26.60 -30.34 26.01
N ARG E 534 -26.41 -31.51 26.63
CA ARG E 534 -27.49 -32.45 26.84
C ARG E 534 -27.96 -32.54 28.28
N GLY E 535 -27.05 -32.34 29.25
CA GLY E 535 -27.40 -32.39 30.64
C GLY E 535 -26.80 -31.23 31.41
N TRP E 536 -27.23 -31.11 32.67
CA TRP E 536 -26.79 -30.00 33.51
C TRP E 536 -25.32 -30.13 33.92
N ASP E 537 -24.72 -31.32 33.77
CA ASP E 537 -23.35 -31.51 34.21
C ASP E 537 -22.39 -30.62 33.42
N GLU E 538 -22.48 -30.65 32.09
CA GLU E 538 -21.56 -29.91 31.24
C GLU E 538 -22.10 -28.55 30.83
N CYS E 539 -23.15 -28.05 31.48
CA CYS E 539 -23.79 -26.82 31.02
C CYS E 539 -22.92 -25.61 31.34
N ASP E 540 -22.59 -25.39 32.60
CA ASP E 540 -21.83 -24.20 32.98
C ASP E 540 -20.47 -24.17 32.30
N ALA E 541 -19.80 -25.33 32.24
CA ALA E 541 -18.50 -25.38 31.59
C ALA E 541 -18.63 -25.06 30.10
N THR E 542 -19.64 -25.62 29.43
CA THR E 542 -19.83 -25.35 28.01
C THR E 542 -20.16 -23.88 27.78
N LEU E 543 -21.15 -23.36 28.50
CA LEU E 543 -21.55 -21.96 28.31
C LEU E 543 -20.39 -21.00 28.54
N ALA E 544 -19.48 -21.34 29.44
CA ALA E 544 -18.32 -20.47 29.67
C ALA E 544 -17.37 -20.50 28.48
N LYS E 545 -17.18 -21.67 27.87
CA LYS E 545 -16.29 -21.76 26.73
C LYS E 545 -16.89 -21.10 25.49
N VAL E 546 -18.21 -21.21 25.32
CA VAL E 546 -18.86 -20.53 24.19
C VAL E 546 -18.68 -19.03 24.29
N GLN E 547 -18.90 -18.47 25.49
CA GLN E 547 -18.77 -17.03 25.68
C GLN E 547 -17.34 -16.55 25.61
N ALA E 548 -16.35 -17.42 25.80
CA ALA E 548 -14.97 -17.00 25.78
C ALA E 548 -14.36 -16.97 24.39
N HIS E 549 -14.99 -17.64 23.42
CA HIS E 549 -14.42 -17.71 22.08
C HIS E 549 -14.32 -16.33 21.43
N THR E 550 -13.35 -16.19 20.55
CA THR E 550 -13.13 -14.95 19.81
C THR E 550 -13.84 -14.95 18.46
N GLY E 551 -14.10 -16.13 17.89
CA GLY E 551 -14.78 -16.23 16.62
C GLY E 551 -16.12 -16.92 16.76
N PRO E 552 -16.73 -17.28 15.64
CA PRO E 552 -18.07 -17.88 15.68
C PRO E 552 -18.06 -19.24 16.38
N VAL E 553 -19.18 -19.56 17.00
CA VAL E 553 -19.34 -20.80 17.76
C VAL E 553 -20.76 -21.31 17.59
N ILE E 554 -20.90 -22.63 17.55
CA ILE E 554 -22.20 -23.29 17.52
C ILE E 554 -22.32 -24.14 18.77
N CYS E 555 -23.52 -24.16 19.36
CA CYS E 555 -23.79 -24.93 20.57
C CYS E 555 -25.20 -25.51 20.46
N GLU E 556 -25.28 -26.80 20.13
CA GLU E 556 -26.57 -27.48 20.09
C GLU E 556 -27.08 -27.70 21.50
N VAL E 557 -28.35 -27.34 21.73
CA VAL E 557 -29.02 -27.56 23.00
C VAL E 557 -30.17 -28.53 22.75
N PHE E 558 -30.09 -29.71 23.35
CA PHE E 558 -31.06 -30.76 23.11
C PHE E 558 -32.16 -30.69 24.16
N MET E 559 -33.41 -30.71 23.69
CA MET E 559 -34.58 -30.64 24.54
C MET E 559 -35.56 -31.73 24.16
N HIS E 560 -36.58 -31.90 24.99
CA HIS E 560 -37.56 -32.95 24.75
C HIS E 560 -38.31 -32.66 23.45
N PRO E 561 -38.43 -33.63 22.54
CA PRO E 561 -39.05 -33.34 21.24
C PRO E 561 -40.51 -32.93 21.34
N GLN E 562 -41.09 -32.96 22.54
CA GLN E 562 -42.49 -32.59 22.73
C GLN E 562 -42.68 -31.70 23.95
N GLN E 563 -41.64 -31.01 24.40
CA GLN E 563 -41.76 -30.16 25.57
C GLN E 563 -42.84 -29.10 25.35
N LEU E 564 -43.57 -28.80 26.42
CA LEU E 564 -44.63 -27.80 26.34
C LEU E 564 -44.04 -26.40 26.28
N PHE E 565 -44.84 -25.47 25.75
CA PHE E 565 -44.57 -24.04 25.79
C PHE E 565 -45.60 -23.43 26.72
N SER E 566 -45.20 -23.14 27.96
CA SER E 566 -46.09 -22.58 28.95
C SER E 566 -45.35 -21.51 29.74
N PRO E 567 -46.07 -20.54 30.33
CA PRO E 567 -47.52 -20.35 30.28
C PRO E 567 -47.99 -19.84 28.92
N LYS E 568 -49.21 -20.22 28.51
CA LYS E 568 -49.73 -19.88 27.20
C LYS E 568 -51.25 -19.85 27.29
N LEU E 569 -51.86 -18.87 26.63
CA LEU E 569 -53.32 -18.76 26.60
C LEU E 569 -53.84 -19.74 25.56
N GLY E 570 -54.29 -20.91 26.02
CA GLY E 570 -54.71 -21.96 25.12
C GLY E 570 -56.16 -22.35 25.29
N VAL E 571 -56.72 -22.98 24.26
CA VAL E 571 -58.10 -23.44 24.31
C VAL E 571 -58.20 -24.60 25.29
N VAL E 572 -59.31 -24.67 26.01
CA VAL E 572 -59.54 -25.69 27.01
C VAL E 572 -60.92 -26.29 26.78
N SER E 573 -61.00 -27.62 26.83
CA SER E 573 -62.27 -28.32 26.66
C SER E 573 -63.02 -28.29 27.99
N ARG E 574 -64.22 -27.72 27.97
CA ARG E 574 -65.03 -27.60 29.18
C ARG E 574 -65.44 -28.98 29.70
N THR E 578 -67.60 -28.79 25.62
CA THR E 578 -67.41 -27.73 24.63
C THR E 578 -66.03 -27.11 24.78
N LEU E 579 -65.63 -26.32 23.78
CA LEU E 579 -64.35 -25.62 23.79
C LEU E 579 -64.56 -24.18 24.24
N VAL E 580 -63.59 -23.65 24.98
CA VAL E 580 -63.67 -22.32 25.56
C VAL E 580 -62.33 -21.62 25.41
N SER E 581 -62.36 -20.36 25.00
CA SER E 581 -61.17 -19.51 24.96
C SER E 581 -61.14 -18.71 26.25
N PRO E 582 -60.35 -19.11 27.25
CA PRO E 582 -60.40 -18.43 28.56
C PRO E 582 -59.94 -17.00 28.44
N PRO E 583 -60.20 -16.17 29.46
CA PRO E 583 -59.70 -14.79 29.44
C PRO E 583 -58.19 -14.76 29.51
N LEU E 584 -57.64 -13.55 29.33
CA LEU E 584 -56.19 -13.40 29.23
C LEU E 584 -55.48 -13.86 30.50
N GLU E 585 -56.09 -13.66 31.66
CA GLU E 585 -55.42 -13.99 32.91
C GLU E 585 -55.34 -15.49 33.16
N ASP E 586 -56.20 -16.28 32.53
CA ASP E 586 -56.30 -17.71 32.84
C ASP E 586 -55.45 -18.51 31.86
N LEU E 587 -54.14 -18.38 32.05
CA LEU E 587 -53.18 -19.07 31.18
C LEU E 587 -53.15 -20.56 31.48
N SER E 588 -52.66 -21.32 30.50
CA SER E 588 -52.54 -22.76 30.62
C SER E 588 -51.08 -23.16 30.84
N PRO E 589 -50.81 -24.22 31.62
CA PRO E 589 -51.75 -25.09 32.36
C PRO E 589 -52.55 -24.32 33.40
N LEU E 590 -53.84 -24.59 33.48
CA LEU E 590 -54.72 -23.83 34.36
C LEU E 590 -54.35 -24.05 35.82
N ILE E 591 -54.38 -22.97 36.59
CA ILE E 591 -54.16 -23.04 38.04
C ILE E 591 -55.48 -23.40 38.70
N PRO E 592 -55.48 -23.96 39.91
CA PRO E 592 -56.75 -24.28 40.56
C PRO E 592 -57.67 -23.09 40.63
N ARG E 593 -58.97 -23.35 40.52
CA ARG E 593 -59.95 -22.26 40.42
C ARG E 593 -59.90 -21.37 41.66
N ASP E 594 -59.75 -21.97 42.84
CA ASP E 594 -59.74 -21.17 44.06
C ASP E 594 -58.54 -20.24 44.11
N VAL E 595 -57.41 -20.65 43.53
CA VAL E 595 -56.25 -19.76 43.48
C VAL E 595 -56.52 -18.59 42.54
N LEU E 596 -57.07 -18.88 41.36
CA LEU E 596 -57.39 -17.82 40.42
C LEU E 596 -58.42 -16.86 41.00
N GLU E 597 -59.34 -17.35 41.82
CA GLU E 597 -60.32 -16.47 42.46
C GLU E 597 -59.64 -15.47 43.37
N GLN E 598 -58.63 -15.90 44.12
CA GLN E 598 -57.92 -15.01 45.02
C GLN E 598 -56.98 -14.07 44.28
N ALA E 599 -56.49 -14.47 43.11
CA ALA E 599 -55.59 -13.63 42.34
C ALA E 599 -56.33 -12.53 41.58
N MET E 600 -57.64 -12.64 41.41
CA MET E 600 -58.42 -11.66 40.66
C MET E 600 -59.14 -10.73 41.63
N ILE E 601 -58.86 -9.44 41.51
CA ILE E 601 -59.43 -8.46 42.43
C ILE E 601 -60.95 -8.59 42.50
N GLY E 602 -61.59 -8.65 41.34
CA GLY E 602 -63.03 -8.77 41.27
C GLY E 602 -63.56 -10.19 41.16
N GLY E 603 -62.70 -11.20 41.29
CA GLY E 603 -63.11 -12.57 41.07
C GLY E 603 -62.93 -12.99 39.63
N MET E 604 -62.93 -14.30 39.41
CA MET E 604 -62.63 -14.83 38.10
C MET E 604 -63.77 -14.56 37.12
N HIS E 605 -63.44 -14.55 35.84
CA HIS E 605 -64.42 -14.35 34.79
C HIS E 605 -65.41 -15.50 34.76
N GLU E 606 -66.58 -15.25 34.15
CA GLU E 606 -67.58 -16.30 34.02
C GLU E 606 -67.01 -17.52 33.29
N LYS E 607 -66.17 -17.28 32.28
CA LYS E 607 -65.59 -18.39 31.53
C LYS E 607 -64.72 -19.28 32.40
N SER E 608 -64.00 -18.69 33.35
CA SER E 608 -63.01 -19.43 34.13
C SER E 608 -63.65 -20.36 35.16
N LYS E 609 -64.92 -20.14 35.50
CA LYS E 609 -65.53 -20.88 36.61
C LYS E 609 -65.81 -22.33 36.27
N THR E 610 -65.88 -22.68 34.98
CA THR E 610 -66.26 -24.02 34.57
C THR E 610 -65.07 -24.87 34.12
N LEU E 611 -63.88 -24.29 34.04
CA LEU E 611 -62.72 -25.00 33.54
C LEU E 611 -62.12 -25.90 34.62
N ASP F 4 -75.94 -34.46 11.07
CA ASP F 4 -74.82 -33.56 10.74
C ASP F 4 -74.12 -34.03 9.47
N ASN F 5 -74.65 -33.62 8.31
CA ASN F 5 -74.11 -34.02 7.01
C ASN F 5 -73.16 -32.97 6.45
N LYS F 6 -72.27 -32.43 7.28
CA LYS F 6 -71.30 -31.43 6.87
C LYS F 6 -69.89 -32.00 6.90
N VAL F 7 -69.08 -31.56 5.94
CA VAL F 7 -67.69 -32.01 5.80
C VAL F 7 -66.78 -30.81 5.89
N LYS F 8 -65.62 -31.01 6.52
CA LYS F 8 -64.61 -29.96 6.60
C LYS F 8 -64.20 -29.53 5.19
N VAL F 9 -63.97 -28.23 5.02
CA VAL F 9 -63.60 -27.71 3.70
C VAL F 9 -62.23 -28.25 3.29
N ALA F 10 -61.30 -28.35 4.25
CA ALA F 10 -59.98 -28.87 3.93
C ALA F 10 -60.06 -30.29 3.37
N GLU F 11 -60.95 -31.10 3.92
CA GLU F 11 -61.14 -32.45 3.38
C GLU F 11 -61.68 -32.41 1.96
N LEU F 12 -62.56 -31.45 1.66
CA LEU F 12 -63.06 -31.32 0.29
C LEU F 12 -61.97 -30.82 -0.65
N VAL F 13 -61.04 -30.00 -0.14
CA VAL F 13 -59.91 -29.59 -0.96
C VAL F 13 -59.02 -30.78 -1.28
N ALA F 14 -58.71 -31.59 -0.27
CA ALA F 14 -57.90 -32.79 -0.50
C ALA F 14 -58.57 -33.71 -1.51
N GLU F 15 -59.89 -33.86 -1.43
CA GLU F 15 -60.60 -34.65 -2.43
C GLU F 15 -60.46 -34.00 -3.81
N ALA F 16 -60.51 -32.68 -3.87
CA ALA F 16 -60.42 -31.99 -5.15
C ALA F 16 -59.03 -32.14 -5.77
N LEU F 17 -57.99 -32.15 -4.94
CA LEU F 17 -56.64 -32.36 -5.47
C LEU F 17 -56.52 -33.72 -6.14
N GLU F 18 -57.12 -34.75 -5.53
CA GLU F 18 -57.08 -36.07 -6.13
C GLU F 18 -57.83 -36.11 -7.45
N ASN F 19 -59.03 -35.51 -7.49
CA ASN F 19 -59.80 -35.50 -8.72
C ASN F 19 -59.09 -34.73 -9.84
N LEU F 20 -58.23 -33.78 -9.47
CA LEU F 20 -57.48 -33.02 -10.45
C LEU F 20 -56.22 -33.73 -10.91
N GLY F 21 -55.85 -34.84 -10.26
CA GLY F 21 -54.64 -35.54 -10.61
C GLY F 21 -53.38 -34.97 -10.02
N ILE F 22 -53.48 -34.18 -8.96
CA ILE F 22 -52.31 -33.60 -8.30
C ILE F 22 -51.85 -34.61 -7.24
N GLN F 23 -50.70 -35.25 -7.51
CA GLN F 23 -50.19 -36.32 -6.66
C GLN F 23 -49.04 -35.87 -5.77
N HIS F 24 -48.53 -34.65 -5.95
CA HIS F 24 -47.42 -34.16 -5.16
C HIS F 24 -47.62 -32.69 -4.85
N ALA F 25 -47.42 -32.32 -3.58
CA ALA F 25 -47.51 -30.94 -3.12
C ALA F 25 -46.26 -30.61 -2.33
N PHE F 26 -45.60 -29.52 -2.70
CA PHE F 26 -44.42 -29.04 -2.00
C PHE F 26 -44.78 -27.83 -1.15
N GLY F 27 -44.20 -27.75 0.04
CA GLY F 27 -44.45 -26.61 0.89
C GLY F 27 -43.96 -26.86 2.30
N ILE F 28 -44.20 -25.86 3.15
CA ILE F 28 -43.86 -25.92 4.56
C ILE F 28 -45.13 -25.70 5.36
N ILE F 29 -45.23 -26.39 6.49
CA ILE F 29 -46.44 -26.32 7.30
C ILE F 29 -46.44 -25.04 8.12
N GLY F 30 -47.63 -24.66 8.57
CA GLY F 30 -47.79 -23.50 9.42
C GLY F 30 -49.25 -23.33 9.78
N ALA F 31 -49.49 -22.52 10.81
CA ALA F 31 -50.84 -22.32 11.31
C ALA F 31 -51.83 -21.95 10.20
N GLY F 32 -51.34 -21.39 9.10
CA GLY F 32 -52.22 -20.95 8.02
C GLY F 32 -52.67 -22.05 7.09
N ASN F 33 -51.98 -23.20 7.08
CA ASN F 33 -52.36 -24.33 6.25
C ASN F 33 -52.33 -25.65 7.01
N VAL F 34 -52.25 -25.61 8.35
CA VAL F 34 -52.19 -26.85 9.12
C VAL F 34 -53.41 -27.73 8.83
N HIS F 35 -54.57 -27.11 8.61
CA HIS F 35 -55.77 -27.88 8.30
C HIS F 35 -55.67 -28.51 6.92
N LEU F 36 -54.88 -27.93 6.02
CA LEU F 36 -54.71 -28.53 4.69
C LEU F 36 -53.70 -29.68 4.74
N PHE F 37 -52.57 -29.46 5.41
CA PHE F 37 -51.62 -30.55 5.60
C PHE F 37 -52.30 -31.78 6.17
N GLU F 38 -53.14 -31.58 7.18
CA GLU F 38 -53.84 -32.70 7.82
C GLU F 38 -54.73 -33.42 6.82
N ALA F 39 -55.64 -32.68 6.19
CA ALA F 39 -56.61 -33.31 5.29
C ALA F 39 -55.92 -34.03 4.15
N ILE F 40 -54.87 -33.43 3.58
CA ILE F 40 -54.14 -34.08 2.49
C ILE F 40 -53.45 -35.34 2.99
N ALA F 41 -52.81 -35.27 4.16
CA ALA F 41 -52.11 -36.42 4.69
C ALA F 41 -53.07 -37.57 4.99
N ARG F 42 -54.22 -37.27 5.60
CA ARG F 42 -55.14 -38.32 6.00
C ARG F 42 -55.80 -38.97 4.78
N ARG F 43 -55.96 -38.24 3.67
CA ARG F 43 -56.52 -38.85 2.48
C ARG F 43 -55.54 -39.78 1.78
N GLY F 44 -54.25 -39.48 1.89
CA GLY F 44 -53.21 -40.38 1.43
C GLY F 44 -52.98 -40.42 -0.07
N TYR F 45 -53.67 -39.60 -0.85
CA TYR F 45 -53.46 -39.61 -2.30
C TYR F 45 -52.29 -38.70 -2.70
N THR F 46 -52.28 -37.46 -2.20
CA THR F 46 -51.23 -36.51 -2.55
C THR F 46 -50.12 -36.59 -1.51
N GLU F 47 -48.89 -36.74 -1.99
CA GLU F 47 -47.72 -36.79 -1.12
C GLU F 47 -47.22 -35.37 -0.87
N ILE F 48 -47.11 -35.01 0.40
CA ILE F 48 -46.58 -33.70 0.78
C ILE F 48 -45.08 -33.84 0.95
N VAL F 49 -44.33 -33.11 0.13
CA VAL F 49 -42.87 -33.06 0.22
C VAL F 49 -42.51 -31.79 0.99
N CYS F 50 -42.04 -31.96 2.21
CA CYS F 50 -41.66 -30.82 3.03
C CYS F 50 -40.27 -30.33 2.61
N VAL F 51 -40.19 -29.07 2.23
CA VAL F 51 -38.92 -28.43 1.92
C VAL F 51 -38.51 -27.59 3.11
N HIS F 52 -37.32 -26.99 3.05
CA HIS F 52 -36.83 -26.13 4.11
C HIS F 52 -36.84 -24.65 3.74
N HIS F 53 -37.40 -24.31 2.59
CA HIS F 53 -37.61 -22.92 2.20
C HIS F 53 -38.66 -22.89 1.10
N GLU F 54 -39.72 -22.10 1.32
CA GLU F 54 -40.84 -22.10 0.38
C GLU F 54 -40.40 -21.75 -1.04
N GLN F 55 -39.27 -21.07 -1.20
CA GLN F 55 -38.75 -20.81 -2.54
C GLN F 55 -38.54 -22.11 -3.32
N ALA F 56 -37.97 -23.12 -2.66
CA ALA F 56 -37.71 -24.39 -3.34
C ALA F 56 -39.00 -25.09 -3.73
N ALA F 57 -40.06 -24.94 -2.93
CA ALA F 57 -41.33 -25.57 -3.27
C ALA F 57 -41.90 -24.99 -4.56
N CYS F 58 -41.84 -23.67 -4.71
CA CYS F 58 -42.36 -23.02 -5.91
C CYS F 58 -41.45 -23.20 -7.13
N MET F 59 -40.23 -23.70 -6.94
CA MET F 59 -39.37 -24.06 -8.06
C MET F 59 -39.52 -25.53 -8.43
N ALA F 60 -39.69 -26.40 -7.43
CA ALA F 60 -39.80 -27.83 -7.71
C ALA F 60 -41.03 -28.14 -8.57
N VAL F 61 -42.13 -27.42 -8.32
CA VAL F 61 -43.36 -27.66 -9.08
C VAL F 61 -43.18 -27.37 -10.57
N GLN F 62 -42.15 -26.60 -10.93
CA GLN F 62 -41.93 -26.27 -12.34
C GLN F 62 -41.37 -27.48 -13.07
N THR F 63 -40.16 -27.90 -12.72
CA THR F 63 -39.57 -29.07 -13.37
C THR F 63 -40.37 -30.34 -13.11
N TYR F 64 -41.18 -30.36 -12.05
CA TYR F 64 -42.06 -31.51 -11.83
C TYR F 64 -43.04 -31.67 -12.99
N TYR F 65 -43.62 -30.57 -13.47
CA TYR F 65 -44.56 -30.66 -14.57
C TYR F 65 -43.83 -30.90 -15.90
N ARG F 66 -42.72 -30.20 -16.12
CA ARG F 66 -41.98 -30.38 -17.36
C ARG F 66 -41.58 -31.83 -17.58
N THR F 67 -41.48 -32.63 -16.51
CA THR F 67 -40.99 -33.99 -16.63
C THR F 67 -42.01 -34.89 -17.34
N ASN F 68 -43.24 -34.95 -16.82
CA ASN F 68 -44.24 -35.86 -17.34
C ASN F 68 -45.58 -35.20 -17.64
N GLY F 69 -45.70 -33.90 -17.47
CA GLY F 69 -46.93 -33.19 -17.80
C GLY F 69 -47.98 -33.17 -16.71
N ARG F 70 -47.64 -33.56 -15.49
CA ARG F 70 -48.58 -33.52 -14.36
C ARG F 70 -48.28 -32.30 -13.51
N ILE F 71 -49.33 -31.55 -13.16
CA ILE F 71 -49.17 -30.31 -12.41
C ILE F 71 -49.01 -30.63 -10.93
N ALA F 72 -48.20 -29.82 -10.25
CA ALA F 72 -47.98 -29.94 -8.82
C ALA F 72 -48.49 -28.68 -8.14
N ALA F 73 -48.67 -28.76 -6.82
CA ALA F 73 -49.14 -27.64 -6.03
C ALA F 73 -48.08 -27.25 -5.01
N ALA F 74 -48.00 -25.95 -4.73
CA ALA F 74 -47.14 -25.41 -3.68
C ALA F 74 -48.02 -25.02 -2.50
N LEU F 75 -47.77 -25.61 -1.34
CA LEU F 75 -48.63 -25.46 -0.17
C LEU F 75 -47.91 -24.57 0.84
N LEU F 76 -48.21 -23.26 0.78
CA LEU F 76 -47.57 -22.26 1.60
C LEU F 76 -48.49 -21.81 2.74
N THR F 77 -47.90 -21.17 3.73
CA THR F 77 -48.61 -20.70 4.91
C THR F 77 -48.63 -19.17 4.95
N THR F 78 -49.16 -18.63 6.04
CA THR F 78 -49.34 -17.19 6.19
C THR F 78 -47.99 -16.49 6.33
N GLY F 79 -47.96 -15.23 5.88
CA GLY F 79 -46.82 -14.37 6.10
C GLY F 79 -45.59 -14.74 5.31
N ALA F 80 -44.48 -15.00 6.01
CA ALA F 80 -43.24 -15.35 5.33
C ALA F 80 -43.37 -16.62 4.51
N GLY F 81 -44.29 -17.51 4.89
CA GLY F 81 -44.53 -18.69 4.08
C GLY F 81 -44.88 -18.34 2.65
N SER F 82 -45.61 -17.25 2.45
CA SER F 82 -46.02 -16.86 1.10
C SER F 82 -44.99 -15.97 0.42
N THR F 83 -44.35 -15.06 1.15
CA THR F 83 -43.38 -14.17 0.53
C THR F 83 -42.13 -14.92 0.09
N ASN F 84 -41.76 -15.99 0.80
CA ASN F 84 -40.55 -16.73 0.46
C ASN F 84 -40.66 -17.40 -0.90
N GLY F 85 -41.87 -17.80 -1.30
CA GLY F 85 -42.06 -18.46 -2.57
C GLY F 85 -42.22 -17.56 -3.77
N VAL F 86 -42.20 -16.24 -3.56
CA VAL F 86 -42.43 -15.32 -4.67
C VAL F 86 -41.41 -15.54 -5.79
N THR F 87 -40.14 -15.75 -5.43
CA THR F 87 -39.12 -15.94 -6.45
C THR F 87 -39.47 -17.10 -7.37
N GLY F 88 -39.96 -18.20 -6.80
CA GLY F 88 -40.33 -19.34 -7.62
C GLY F 88 -41.51 -19.06 -8.53
N VAL F 89 -42.46 -18.24 -8.06
CA VAL F 89 -43.61 -17.88 -8.88
C VAL F 89 -43.16 -17.10 -10.12
N VAL F 90 -42.19 -16.19 -9.94
CA VAL F 90 -41.76 -15.36 -11.06
C VAL F 90 -41.03 -16.18 -12.11
N SER F 91 -40.21 -17.15 -11.67
CA SER F 91 -39.50 -18.00 -12.63
C SER F 91 -40.47 -18.81 -13.47
N ALA F 92 -41.50 -19.39 -12.84
CA ALA F 92 -42.54 -20.06 -13.61
C ALA F 92 -43.26 -19.07 -14.51
N TRP F 93 -43.52 -17.86 -14.00
CA TRP F 93 -44.20 -16.84 -14.80
C TRP F 93 -43.39 -16.45 -16.02
N ALA F 94 -42.05 -16.48 -15.92
CA ALA F 94 -41.20 -16.05 -17.01
C ALA F 94 -40.95 -17.15 -18.04
N ASP F 95 -40.96 -18.41 -17.62
CA ASP F 95 -40.70 -19.53 -18.52
C ASP F 95 -41.97 -20.18 -19.06
N SER F 96 -43.14 -19.73 -18.61
CA SER F 96 -44.42 -20.26 -19.09
C SER F 96 -44.61 -21.71 -18.63
N ILE F 97 -44.37 -21.95 -17.35
CA ILE F 97 -44.52 -23.27 -16.73
C ILE F 97 -45.76 -23.25 -15.85
N PRO F 98 -46.66 -24.22 -15.97
CA PRO F 98 -47.87 -24.21 -15.16
C PRO F 98 -47.67 -24.82 -13.79
N CYS F 99 -48.36 -24.24 -12.82
CA CYS F 99 -48.34 -24.69 -11.43
C CYS F 99 -49.35 -23.86 -10.65
N ILE F 100 -49.76 -24.39 -9.50
CA ILE F 100 -50.73 -23.73 -8.64
C ILE F 100 -50.16 -23.62 -7.23
N VAL F 101 -50.30 -22.45 -6.63
CA VAL F 101 -49.88 -22.19 -5.26
C VAL F 101 -51.13 -22.11 -4.39
N ILE F 102 -51.16 -22.89 -3.33
CA ILE F 102 -52.26 -22.87 -2.36
C ILE F 102 -51.69 -22.29 -1.08
N ALA F 103 -52.02 -21.02 -0.81
CA ALA F 103 -51.43 -20.26 0.29
C ALA F 103 -52.49 -19.99 1.34
N GLY F 104 -52.14 -20.24 2.61
CA GLY F 104 -53.02 -19.92 3.72
C GLY F 104 -52.85 -18.48 4.18
N ASN F 105 -53.76 -18.05 5.05
CA ASN F 105 -53.71 -16.69 5.55
C ASN F 105 -54.55 -16.60 6.83
N GLU F 106 -54.46 -15.45 7.48
CA GLU F 106 -55.17 -15.21 8.73
C GLU F 106 -56.67 -15.40 8.56
N ASN F 107 -57.43 -15.22 9.64
N ASN F 107 -57.44 -15.23 9.64
CA ASN F 107 -58.88 -15.34 9.56
CA ASN F 107 -58.88 -15.37 9.54
C ASN F 107 -59.42 -14.38 8.50
C ASN F 107 -59.45 -14.38 8.53
N SER F 108 -60.50 -14.80 7.84
CA SER F 108 -61.06 -14.00 6.75
C SER F 108 -61.53 -12.63 7.22
N LYS F 109 -61.82 -12.45 8.51
CA LYS F 109 -62.27 -11.15 8.99
C LYS F 109 -61.17 -10.10 8.92
N PHE F 110 -59.90 -10.51 8.77
CA PHE F 110 -58.80 -9.59 8.61
C PHE F 110 -58.36 -9.41 7.17
N THR F 111 -58.75 -10.32 6.27
CA THR F 111 -58.18 -10.38 4.92
C THR F 111 -59.05 -9.59 3.96
N PHE F 112 -58.81 -8.28 3.91
CA PHE F 112 -59.45 -7.42 2.92
C PHE F 112 -58.56 -6.20 2.67
N PRO F 113 -58.38 -5.80 1.41
CA PRO F 113 -57.41 -4.73 1.12
C PRO F 113 -57.73 -3.41 1.81
N GLU F 114 -59.00 -3.14 2.10
CA GLU F 114 -59.37 -1.90 2.77
C GLU F 114 -58.86 -1.84 4.21
N ASN F 115 -58.18 -2.88 4.69
CA ASN F 115 -57.65 -2.93 6.05
C ASN F 115 -56.62 -1.83 6.25
N PRO F 116 -56.89 -0.82 7.08
CA PRO F 116 -55.97 0.31 7.19
C PRO F 116 -54.65 -0.03 7.88
N LEU F 117 -54.56 -1.18 8.56
CA LEU F 117 -53.35 -1.53 9.28
C LEU F 117 -52.30 -2.08 8.32
N ARG F 118 -51.03 -2.01 8.76
CA ARG F 118 -49.94 -2.44 7.90
C ARG F 118 -50.02 -3.93 7.61
N MET F 119 -50.41 -4.72 8.59
CA MET F 119 -50.52 -6.17 8.45
C MET F 119 -51.92 -6.63 8.79
N TRP F 120 -52.25 -7.84 8.30
CA TRP F 120 -53.54 -8.46 8.55
C TRP F 120 -53.42 -9.44 9.72
N GLY F 121 -54.37 -9.37 10.64
CA GLY F 121 -54.35 -10.28 11.77
C GLY F 121 -53.01 -10.24 12.49
N VAL F 122 -52.43 -11.42 12.72
CA VAL F 122 -51.21 -11.52 13.48
C VAL F 122 -49.99 -11.27 12.59
N GLN F 123 -49.96 -11.87 11.40
CA GLN F 123 -48.79 -11.78 10.54
C GLN F 123 -49.14 -12.08 9.09
N GLY F 124 -50.30 -11.59 8.63
CA GLY F 124 -50.75 -11.82 7.28
C GLY F 124 -50.66 -10.56 6.44
N TYR F 125 -50.82 -10.76 5.13
CA TYR F 125 -50.78 -9.66 4.17
C TYR F 125 -51.54 -10.08 2.93
N ASP F 126 -51.61 -9.17 1.95
CA ASP F 126 -52.33 -9.44 0.70
C ASP F 126 -51.37 -10.20 -0.21
N SER F 127 -51.41 -11.54 -0.10
CA SER F 127 -50.51 -12.37 -0.90
C SER F 127 -50.88 -12.35 -2.37
N CYS F 128 -52.15 -12.12 -2.69
CA CYS F 128 -52.54 -12.04 -4.10
C CYS F 128 -51.96 -10.78 -4.75
N GLN F 129 -52.01 -9.65 -4.05
CA GLN F 129 -51.51 -8.41 -4.61
C GLN F 129 -50.02 -8.49 -4.92
N MET F 130 -49.27 -9.26 -4.14
CA MET F 130 -47.83 -9.32 -4.32
C MET F 130 -47.42 -10.08 -5.57
N VAL F 131 -48.30 -10.92 -6.10
CA VAL F 131 -48.04 -11.68 -7.31
C VAL F 131 -48.99 -11.28 -8.43
N GLU F 132 -49.62 -10.11 -8.30
CA GLU F 132 -50.62 -9.66 -9.26
C GLU F 132 -50.05 -9.55 -10.67
N ARG F 133 -48.79 -9.12 -10.79
CA ARG F 133 -48.17 -8.87 -12.09
C ARG F 133 -47.19 -9.96 -12.48
N VAL F 134 -47.20 -11.10 -11.79
CA VAL F 134 -46.27 -12.19 -12.09
C VAL F 134 -46.98 -13.53 -11.96
N SER F 135 -48.28 -13.55 -12.28
CA SER F 135 -49.05 -14.78 -12.28
C SER F 135 -50.26 -14.57 -13.17
N LYS F 136 -50.85 -15.67 -13.62
CA LYS F 136 -51.97 -15.60 -14.54
C LYS F 136 -53.29 -15.35 -13.85
N TYR F 137 -53.41 -15.69 -12.57
CA TYR F 137 -54.68 -15.59 -11.86
C TYR F 137 -54.39 -15.60 -10.37
N GLN F 138 -55.10 -14.74 -9.62
CA GLN F 138 -55.05 -14.75 -8.17
C GLN F 138 -56.47 -14.64 -7.66
N MET F 139 -56.74 -15.30 -6.53
CA MET F 139 -58.06 -15.23 -5.94
C MET F 139 -58.00 -15.64 -4.48
N ARG F 140 -58.69 -14.87 -3.64
CA ARG F 140 -58.85 -15.19 -2.23
C ARG F 140 -60.24 -15.78 -2.04
N VAL F 141 -60.29 -16.99 -1.49
CA VAL F 141 -61.56 -17.67 -1.23
C VAL F 141 -62.13 -17.10 0.07
N THR F 142 -63.25 -16.38 -0.04
CA THR F 142 -63.94 -15.84 1.12
C THR F 142 -65.23 -16.58 1.44
N LYS F 143 -65.73 -17.41 0.54
CA LYS F 143 -66.90 -18.25 0.77
C LYS F 143 -66.47 -19.71 0.71
N MET F 144 -66.89 -20.49 1.71
CA MET F 144 -66.46 -21.88 1.79
C MET F 144 -66.93 -22.67 0.57
N GLU F 145 -68.12 -22.36 0.06
CA GLU F 145 -68.70 -23.15 -1.03
C GLU F 145 -67.89 -23.04 -2.31
N ARG F 146 -67.04 -22.02 -2.44
CA ARG F 146 -66.26 -21.79 -3.65
C ARG F 146 -64.79 -22.16 -3.47
N ALA F 147 -64.46 -22.94 -2.44
CA ALA F 147 -63.07 -23.31 -2.21
C ALA F 147 -62.57 -24.26 -3.29
N VAL F 148 -63.38 -25.24 -3.69
CA VAL F 148 -62.98 -26.13 -4.77
C VAL F 148 -63.15 -25.44 -6.12
N TYR F 149 -64.13 -24.55 -6.25
CA TYR F 149 -64.33 -23.83 -7.50
C TYR F 149 -63.06 -23.11 -7.94
N GLU F 150 -62.42 -22.40 -7.00
CA GLU F 150 -61.25 -21.61 -7.37
C GLU F 150 -60.02 -22.48 -7.62
N LEU F 151 -59.93 -23.63 -6.96
CA LEU F 151 -58.83 -24.56 -7.24
C LEU F 151 -58.96 -25.14 -8.63
N GLU F 152 -60.18 -25.58 -8.99
CA GLU F 152 -60.41 -26.06 -10.35
C GLU F 152 -60.14 -24.96 -11.37
N LYS F 153 -60.59 -23.73 -11.06
CA LYS F 153 -60.34 -22.61 -11.97
C LYS F 153 -58.86 -22.24 -12.01
N GLY F 154 -58.17 -22.33 -10.87
CA GLY F 154 -56.75 -22.03 -10.84
C GLY F 154 -55.94 -23.01 -11.66
N VAL F 155 -56.29 -24.29 -11.59
CA VAL F 155 -55.53 -25.30 -12.34
C VAL F 155 -55.75 -25.13 -13.84
N HIS F 156 -56.98 -24.86 -14.25
CA HIS F 156 -57.25 -24.71 -15.67
C HIS F 156 -56.57 -23.47 -16.22
N LEU F 157 -56.70 -22.34 -15.52
CA LEU F 157 -56.07 -21.12 -15.99
C LEU F 157 -54.55 -21.22 -16.01
N ALA F 158 -53.97 -22.10 -15.19
CA ALA F 158 -52.52 -22.30 -15.21
C ALA F 158 -52.08 -23.04 -16.47
N LEU F 159 -52.94 -23.92 -17.00
CA LEU F 159 -52.59 -24.77 -18.13
C LEU F 159 -53.02 -24.21 -19.48
N GLU F 160 -54.08 -23.40 -19.52
CA GLU F 160 -54.61 -22.94 -20.78
C GLU F 160 -53.66 -21.95 -21.46
N GLY F 161 -53.82 -21.82 -22.77
CA GLY F 161 -53.04 -20.84 -23.51
C GLY F 161 -51.57 -20.94 -23.18
N ARG F 162 -50.94 -19.78 -22.97
CA ARG F 162 -49.58 -19.74 -22.48
C ARG F 162 -49.56 -20.14 -21.02
N PRO F 163 -48.96 -21.26 -20.63
CA PRO F 163 -49.03 -21.69 -19.24
C PRO F 163 -48.37 -20.69 -18.29
N GLY F 164 -48.64 -20.87 -17.01
CA GLY F 164 -48.10 -20.02 -15.98
C GLY F 164 -48.64 -20.36 -14.60
N PRO F 165 -48.09 -19.70 -13.58
CA PRO F 165 -48.53 -19.98 -12.21
C PRO F 165 -49.83 -19.26 -11.87
N THR F 166 -50.55 -19.83 -10.91
CA THR F 166 -51.77 -19.24 -10.36
C THR F 166 -51.71 -19.31 -8.84
N TRP F 167 -52.33 -18.33 -8.19
CA TRP F 167 -52.23 -18.14 -6.75
C TRP F 167 -53.62 -18.15 -6.13
N ILE F 168 -53.93 -19.21 -5.38
CA ILE F 168 -55.22 -19.33 -4.70
C ILE F 168 -54.97 -19.25 -3.20
N GLU F 169 -55.51 -18.22 -2.57
CA GLU F 169 -55.35 -18.00 -1.13
C GLU F 169 -56.60 -18.45 -0.40
N ILE F 170 -56.42 -19.21 0.67
CA ILE F 170 -57.54 -19.70 1.48
C ILE F 170 -57.29 -19.35 2.94
N PRO F 171 -58.05 -18.43 3.54
CA PRO F 171 -57.87 -18.14 4.97
C PRO F 171 -58.11 -19.37 5.84
N MET F 172 -57.57 -19.31 7.06
CA MET F 172 -57.71 -20.42 8.00
C MET F 172 -59.17 -20.81 8.18
N ASP F 173 -59.98 -19.87 8.64
CA ASP F 173 -61.37 -20.19 9.01
C ASP F 173 -62.13 -20.80 7.84
N ILE F 174 -61.71 -20.50 6.61
CA ILE F 174 -62.33 -21.13 5.45
C ILE F 174 -61.93 -22.60 5.37
N GLN F 175 -60.69 -22.91 5.74
CA GLN F 175 -60.24 -24.30 5.70
C GLN F 175 -60.96 -25.12 6.76
N SER F 176 -60.99 -24.64 8.00
CA SER F 176 -61.59 -25.40 9.09
C SER F 176 -63.12 -25.37 9.04
N GLY F 177 -63.71 -24.58 8.17
CA GLY F 177 -65.16 -24.55 8.07
C GLY F 177 -65.73 -25.90 7.67
N ARG F 178 -67.03 -26.04 7.90
CA ARG F 178 -67.76 -27.27 7.59
C ARG F 178 -69.02 -26.93 6.83
N ILE F 179 -69.23 -27.60 5.69
CA ILE F 179 -70.37 -27.35 4.82
C ILE F 179 -70.91 -28.67 4.31
N ASP F 180 -72.12 -28.62 3.76
CA ASP F 180 -72.72 -29.77 3.09
C ASP F 180 -72.05 -29.98 1.74
N PRO F 181 -71.46 -31.15 1.46
CA PRO F 181 -70.76 -31.34 0.18
C PRO F 181 -71.64 -31.08 -1.03
N ALA F 182 -72.96 -31.17 -0.90
CA ALA F 182 -73.83 -30.91 -2.04
C ALA F 182 -73.80 -29.44 -2.46
N THR F 183 -73.48 -28.55 -1.51
CA THR F 183 -73.45 -27.12 -1.79
C THR F 183 -72.16 -26.68 -2.48
N LEU F 184 -71.18 -27.57 -2.65
CA LEU F 184 -69.93 -27.19 -3.27
C LEU F 184 -70.16 -26.78 -4.72
N GLU F 185 -69.67 -25.60 -5.07
CA GLU F 185 -69.70 -25.12 -6.45
C GLU F 185 -68.48 -25.63 -7.19
N HIS F 186 -68.69 -26.01 -8.44
CA HIS F 186 -67.63 -26.54 -9.30
C HIS F 186 -67.48 -25.66 -10.53
N TYR F 187 -66.23 -25.47 -10.95
CA TYR F 187 -65.91 -24.62 -12.10
C TYR F 187 -65.83 -25.48 -13.35
N VAL F 188 -66.51 -25.04 -14.41
CA VAL F 188 -66.62 -25.79 -15.65
C VAL F 188 -65.66 -25.18 -16.66
N ALA F 189 -64.74 -25.99 -17.17
CA ALA F 189 -63.71 -25.49 -18.07
C ALA F 189 -64.35 -25.06 -19.40
N PRO F 190 -64.04 -23.88 -19.91
CA PRO F 190 -64.59 -23.46 -21.21
C PRO F 190 -63.98 -24.24 -22.35
N PRO F 191 -64.48 -24.06 -23.58
CA PRO F 191 -63.97 -24.83 -24.71
C PRO F 191 -62.64 -24.29 -25.21
N ALA F 192 -61.73 -25.21 -25.55
CA ALA F 192 -60.45 -24.79 -26.08
C ALA F 192 -60.68 -24.01 -27.38
N PRO F 193 -59.95 -22.93 -27.61
CA PRO F 193 -60.17 -22.13 -28.82
C PRO F 193 -59.65 -22.83 -30.05
N ASP F 194 -60.32 -22.61 -31.18
CA ASP F 194 -59.89 -23.13 -32.48
C ASP F 194 -59.04 -22.05 -33.13
N TYR F 195 -57.74 -22.08 -32.87
CA TYR F 195 -56.85 -21.04 -33.37
C TYR F 195 -56.86 -20.98 -34.89
N LEU F 196 -57.06 -22.12 -35.56
CA LEU F 196 -56.95 -22.17 -37.02
C LEU F 196 -58.12 -21.44 -37.67
N THR F 197 -58.11 -20.11 -37.55
CA THR F 197 -59.11 -19.28 -38.22
C THR F 197 -58.72 -19.07 -39.67
N PRO F 198 -59.65 -18.56 -40.49
CA PRO F 198 -59.29 -18.29 -41.90
C PRO F 198 -58.10 -17.38 -42.06
N ALA F 199 -57.90 -16.43 -41.15
CA ALA F 199 -56.72 -15.56 -41.23
C ALA F 199 -55.45 -16.34 -40.93
N VAL F 200 -55.45 -17.10 -39.83
CA VAL F 200 -54.28 -17.89 -39.46
C VAL F 200 -54.01 -18.95 -40.53
N ALA F 201 -55.05 -19.64 -40.97
CA ALA F 201 -54.87 -20.65 -42.02
C ALA F 201 -54.20 -20.04 -43.24
N ALA F 202 -54.54 -18.79 -43.57
CA ALA F 202 -53.88 -18.11 -44.69
C ALA F 202 -52.40 -17.89 -44.40
N GLN F 203 -52.05 -17.65 -43.13
CA GLN F 203 -50.64 -17.45 -42.80
C GLN F 203 -49.86 -18.76 -42.92
N VAL F 204 -50.47 -19.86 -42.56
CA VAL F 204 -49.72 -21.05 -42.74
C VAL F 204 -49.42 -21.13 -44.20
N ASP F 205 -50.45 -21.03 -45.02
CA ASP F 205 -50.20 -21.14 -46.46
C ASP F 205 -49.05 -20.23 -46.87
N SER F 206 -48.95 -19.04 -46.28
CA SER F 206 -47.85 -18.14 -46.60
C SER F 206 -46.52 -18.68 -46.10
N VAL F 207 -46.53 -19.45 -45.01
CA VAL F 207 -45.29 -20.05 -44.50
C VAL F 207 -44.84 -21.17 -45.43
N LEU F 208 -45.77 -22.03 -45.85
CA LEU F 208 -45.40 -23.12 -46.76
C LEU F 208 -44.90 -22.58 -48.09
N ALA F 209 -45.43 -21.43 -48.53
CA ALA F 209 -44.97 -20.84 -49.78
C ALA F 209 -43.60 -20.20 -49.66
N ALA F 210 -43.20 -19.79 -48.45
CA ALA F 210 -41.86 -19.25 -48.23
C ALA F 210 -40.85 -20.37 -48.01
N LEU F 211 -41.26 -21.44 -47.31
CA LEU F 211 -40.45 -22.64 -47.27
C LEU F 211 -40.24 -23.23 -48.66
N ALA F 212 -41.08 -22.85 -49.62
CA ALA F 212 -40.93 -23.33 -50.99
C ALA F 212 -39.95 -22.48 -51.80
N LYS F 213 -40.00 -21.15 -51.66
CA LYS F 213 -39.28 -20.25 -52.55
C LYS F 213 -38.02 -19.66 -51.92
N ALA F 214 -37.79 -19.83 -50.61
CA ALA F 214 -36.55 -19.34 -50.02
C ALA F 214 -35.42 -20.33 -50.29
N TRP F 220 -35.66 -21.88 -36.45
CA TRP F 220 -35.77 -21.70 -35.00
C TRP F 220 -36.83 -22.65 -34.43
N LEU F 221 -36.64 -23.13 -33.21
CA LEU F 221 -37.64 -23.90 -32.49
C LEU F 221 -37.76 -23.36 -31.06
N GLY F 222 -38.86 -23.70 -30.40
CA GLY F 222 -39.14 -23.19 -29.08
C GLY F 222 -39.74 -24.26 -28.18
N ASN F 223 -39.85 -23.91 -26.90
CA ASN F 223 -40.40 -24.84 -25.92
C ASN F 223 -41.92 -24.87 -25.94
N GLY F 224 -42.56 -23.84 -26.48
CA GLY F 224 -44.00 -23.89 -26.65
C GLY F 224 -44.46 -25.16 -27.32
N ILE F 225 -43.62 -25.73 -28.19
CA ILE F 225 -43.97 -26.99 -28.85
C ILE F 225 -44.19 -28.09 -27.81
N ARG F 226 -43.21 -28.30 -26.92
CA ARG F 226 -43.37 -29.32 -25.89
C ARG F 226 -44.52 -28.97 -24.96
N LEU F 227 -44.60 -27.71 -24.53
CA LEU F 227 -45.77 -27.24 -23.80
C LEU F 227 -47.04 -27.47 -24.60
N ALA F 228 -46.97 -27.25 -25.92
CA ALA F 228 -48.12 -27.44 -26.79
C ALA F 228 -48.50 -28.91 -26.93
N GLY F 229 -47.54 -29.82 -26.71
CA GLY F 229 -47.79 -31.24 -26.81
C GLY F 229 -47.19 -31.89 -28.04
N GLY F 230 -46.98 -31.12 -29.11
CA GLY F 230 -46.45 -31.67 -30.34
C GLY F 230 -44.94 -31.67 -30.39
N GLU F 231 -44.31 -32.26 -29.37
CA GLU F 231 -42.86 -32.41 -29.39
C GLU F 231 -42.44 -33.37 -30.50
N ARG F 232 -43.28 -34.37 -30.76
CA ARG F 232 -42.92 -35.50 -31.60
C ARG F 232 -42.86 -35.13 -33.08
N LEU F 233 -43.53 -34.07 -33.49
CA LEU F 233 -43.84 -33.88 -34.89
C LEU F 233 -42.65 -33.25 -35.63
N LEU F 234 -42.82 -33.11 -36.93
CA LEU F 234 -41.73 -32.74 -37.83
C LEU F 234 -41.87 -31.28 -38.26
N LEU F 246 -32.71 -24.51 -35.69
CA LEU F 246 -32.04 -24.09 -34.46
C LEU F 246 -32.99 -24.24 -33.28
N VAL F 247 -32.47 -24.73 -32.16
CA VAL F 247 -33.26 -25.05 -30.97
C VAL F 247 -32.98 -24.03 -29.89
N SER F 248 -34.03 -23.57 -29.21
CA SER F 248 -33.87 -22.65 -28.10
C SER F 248 -33.36 -23.41 -26.88
N TRP F 249 -32.45 -22.77 -26.14
CA TRP F 249 -31.85 -23.40 -24.96
C TRP F 249 -32.88 -24.17 -24.13
N ALA F 250 -34.13 -23.70 -24.12
CA ALA F 250 -35.18 -24.40 -23.40
C ALA F 250 -35.69 -25.62 -24.16
N GLY F 251 -35.62 -25.59 -25.48
CA GLY F 251 -36.12 -26.69 -26.29
C GLY F 251 -35.02 -27.53 -26.91
N ILE F 252 -33.91 -27.70 -26.18
CA ILE F 252 -32.81 -28.52 -26.68
C ILE F 252 -33.20 -29.99 -26.70
N ASP F 253 -33.87 -30.45 -25.65
CA ASP F 253 -34.20 -31.87 -25.50
C ASP F 253 -35.39 -32.31 -26.35
N MET F 254 -35.83 -31.49 -27.31
CA MET F 254 -36.96 -31.88 -28.15
C MET F 254 -36.51 -32.76 -29.32
N LEU F 255 -35.31 -32.53 -29.85
CA LEU F 255 -34.81 -33.29 -30.99
C LEU F 255 -33.47 -33.95 -30.67
N ARG F 265 -27.68 -24.36 -31.44
CA ARG F 265 -28.19 -23.25 -30.63
C ARG F 265 -27.47 -21.95 -30.97
N ALA F 266 -28.26 -20.90 -31.21
CA ALA F 266 -27.73 -19.58 -31.55
C ALA F 266 -28.19 -18.56 -30.52
N GLY F 267 -27.43 -17.48 -30.43
CA GLY F 267 -27.73 -16.41 -29.49
C GLY F 267 -26.47 -15.70 -29.09
N VAL F 268 -26.60 -14.82 -28.09
CA VAL F 268 -25.44 -14.09 -27.59
C VAL F 268 -24.42 -15.05 -27.00
N TYR F 269 -24.88 -16.20 -26.49
CA TYR F 269 -24.00 -17.28 -26.06
C TYR F 269 -24.17 -18.50 -26.97
N GLY F 270 -24.53 -18.27 -28.23
CA GLY F 270 -24.76 -19.36 -29.16
C GLY F 270 -23.47 -19.87 -29.78
N GLN F 271 -23.60 -21.02 -30.44
CA GLN F 271 -22.46 -21.65 -31.08
C GLN F 271 -22.11 -20.93 -32.38
N ARG F 272 -20.84 -20.78 -32.72
CA ARG F 272 -20.52 -19.98 -33.91
C ARG F 272 -21.14 -20.60 -35.15
N ALA F 273 -21.09 -21.91 -35.29
CA ALA F 273 -21.76 -22.46 -36.47
C ALA F 273 -23.22 -22.04 -36.51
N ALA F 274 -23.92 -22.18 -35.39
CA ALA F 274 -25.35 -21.85 -35.35
C ALA F 274 -25.60 -20.39 -35.70
N ASN F 275 -24.73 -19.49 -35.23
CA ASN F 275 -24.91 -18.08 -35.54
C ASN F 275 -24.72 -17.81 -37.02
N PHE F 276 -23.71 -18.42 -37.63
CA PHE F 276 -23.49 -18.24 -39.06
C PHE F 276 -24.66 -18.81 -39.86
N ILE F 277 -25.20 -19.95 -39.42
CA ILE F 277 -26.36 -20.53 -40.10
C ILE F 277 -27.54 -19.58 -40.01
N LEU F 278 -27.72 -18.93 -38.86
CA LEU F 278 -28.85 -18.03 -38.68
C LEU F 278 -28.68 -16.76 -39.50
N GLN F 279 -27.50 -16.15 -39.45
CA GLN F 279 -27.28 -14.86 -40.08
C GLN F 279 -27.12 -14.93 -41.59
N ASN F 280 -26.94 -16.13 -42.16
CA ASN F 280 -26.82 -16.29 -43.59
C ASN F 280 -28.16 -16.52 -44.29
N SER F 281 -29.25 -16.65 -43.53
CA SER F 281 -30.57 -16.89 -44.12
C SER F 281 -31.63 -16.01 -43.47
N ALA F 286 -43.23 -16.33 -35.72
CA ALA F 286 -44.17 -16.99 -34.85
C ALA F 286 -43.84 -18.43 -34.71
N ILE F 287 -42.54 -18.71 -34.72
CA ILE F 287 -41.93 -20.06 -34.70
C ILE F 287 -42.10 -21.06 -33.54
N GLY F 288 -42.21 -20.61 -32.29
CA GLY F 288 -42.39 -21.51 -31.17
C GLY F 288 -41.52 -21.12 -30.01
N THR F 289 -40.60 -20.23 -30.27
CA THR F 289 -39.70 -19.69 -29.26
C THR F 289 -40.05 -18.24 -28.97
N ARG F 290 -39.58 -17.74 -27.84
CA ARG F 290 -39.86 -16.36 -27.46
C ARG F 290 -38.95 -15.36 -28.15
N LEU F 291 -37.85 -15.81 -28.75
CA LEU F 291 -36.86 -14.92 -29.35
C LEU F 291 -36.46 -13.82 -28.37
N ALA F 292 -36.01 -14.25 -27.20
CA ALA F 292 -35.59 -13.32 -26.17
C ALA F 292 -34.33 -12.58 -26.63
N ILE F 293 -33.93 -11.59 -25.82
CA ILE F 293 -32.73 -10.82 -26.16
C ILE F 293 -31.50 -11.70 -26.24
N PRO F 294 -31.25 -12.64 -25.33
CA PRO F 294 -30.09 -13.52 -25.47
C PRO F 294 -30.12 -14.40 -26.72
N GLN F 295 -31.23 -14.44 -27.45
CA GLN F 295 -31.33 -15.24 -28.66
C GLN F 295 -31.05 -14.46 -29.93
N ILE F 296 -31.54 -13.23 -30.03
CA ILE F 296 -31.46 -12.45 -31.26
C ILE F 296 -30.44 -11.33 -31.21
N GLY F 297 -29.95 -10.97 -30.02
CA GLY F 297 -29.01 -9.88 -29.90
C GLY F 297 -29.67 -8.61 -29.43
N TYR F 298 -29.10 -7.46 -29.79
CA TYR F 298 -29.58 -6.17 -29.30
C TYR F 298 -30.00 -5.24 -30.43
N ASP F 299 -30.11 -5.73 -31.66
CA ASP F 299 -30.52 -4.91 -32.79
C ASP F 299 -31.23 -5.82 -33.79
N LEU F 300 -32.53 -5.58 -33.99
CA LEU F 300 -33.28 -6.42 -34.93
C LEU F 300 -32.76 -6.23 -36.35
N ASN F 301 -32.36 -4.99 -36.71
CA ASN F 301 -31.88 -4.72 -38.06
C ASN F 301 -30.60 -5.46 -38.40
N GLU F 302 -29.91 -6.03 -37.40
CA GLU F 302 -28.72 -6.84 -37.64
C GLU F 302 -29.01 -8.33 -37.62
N LEU F 303 -30.28 -8.72 -37.45
CA LEU F 303 -30.64 -10.12 -37.34
C LEU F 303 -30.96 -10.71 -38.71
N ASP F 313 -46.34 -18.17 -32.12
CA ASP F 313 -46.37 -18.04 -30.67
C ASP F 313 -47.81 -17.84 -30.17
N ILE F 314 -48.21 -18.66 -29.20
CA ILE F 314 -49.58 -18.62 -28.71
C ILE F 314 -49.89 -17.30 -28.00
N ASP F 315 -48.88 -16.58 -27.54
CA ASP F 315 -49.08 -15.29 -26.89
C ASP F 315 -49.06 -14.20 -27.94
N GLY F 316 -50.18 -13.48 -28.06
CA GLY F 316 -50.25 -12.42 -29.05
C GLY F 316 -49.22 -11.34 -28.83
N ASP F 317 -48.97 -10.98 -27.56
CA ASP F 317 -47.99 -9.95 -27.25
C ASP F 317 -46.58 -10.39 -27.63
N GLU F 318 -46.23 -11.64 -27.33
CA GLU F 318 -44.90 -12.13 -27.67
C GLU F 318 -44.74 -12.31 -29.18
N ALA F 319 -45.84 -12.59 -29.89
CA ALA F 319 -45.77 -12.85 -31.32
C ALA F 319 -45.53 -11.58 -32.14
N ILE F 320 -45.84 -10.40 -31.58
CA ILE F 320 -45.74 -9.15 -32.32
C ILE F 320 -44.74 -8.18 -31.72
N LYS F 321 -43.99 -8.59 -30.70
CA LYS F 321 -43.02 -7.66 -30.10
C LYS F 321 -41.92 -7.30 -31.08
N HIS F 322 -41.64 -8.18 -32.05
CA HIS F 322 -40.68 -7.92 -33.12
C HIS F 322 -41.36 -7.58 -34.43
N ALA F 323 -42.46 -6.84 -34.37
CA ALA F 323 -43.24 -6.56 -35.57
C ALA F 323 -42.49 -5.67 -36.56
N LYS F 324 -41.57 -4.84 -36.07
CA LYS F 324 -40.80 -3.97 -36.94
C LYS F 324 -39.84 -4.76 -37.85
N ARG F 325 -39.63 -6.05 -37.60
CA ARG F 325 -38.70 -6.86 -38.35
C ARG F 325 -39.33 -8.11 -38.95
N THR F 326 -40.28 -8.73 -38.26
CA THR F 326 -40.90 -9.96 -38.74
C THR F 326 -41.98 -9.65 -39.76
N GLN F 327 -42.36 -10.66 -40.53
CA GLN F 327 -43.40 -10.54 -41.55
C GLN F 327 -44.69 -11.21 -41.08
N GLU F 328 -44.73 -12.55 -41.00
CA GLU F 328 -45.93 -13.26 -40.59
C GLU F 328 -45.89 -13.48 -39.09
N ASN F 329 -46.78 -12.81 -38.37
CA ASN F 329 -46.93 -12.98 -36.92
C ASN F 329 -48.16 -13.85 -36.68
N ILE F 330 -47.91 -15.13 -36.45
CA ILE F 330 -48.94 -16.15 -36.33
C ILE F 330 -49.21 -16.41 -34.85
N VAL F 331 -50.40 -16.02 -34.39
CA VAL F 331 -50.83 -16.26 -33.01
C VAL F 331 -51.60 -17.58 -33.01
N CYS F 332 -50.92 -18.66 -32.62
CA CYS F 332 -51.52 -19.99 -32.71
C CYS F 332 -50.75 -20.96 -31.83
N ASP F 333 -51.43 -22.02 -31.42
CA ASP F 333 -50.79 -23.07 -30.64
C ASP F 333 -49.80 -23.84 -31.51
N ALA F 334 -48.62 -24.09 -30.97
CA ALA F 334 -47.55 -24.69 -31.75
C ALA F 334 -48.00 -26.00 -32.40
N ARG F 335 -48.56 -26.91 -31.60
CA ARG F 335 -48.97 -28.21 -32.13
C ARG F 335 -50.02 -28.04 -33.22
N VAL F 336 -50.96 -27.11 -33.03
CA VAL F 336 -51.98 -26.87 -34.04
C VAL F 336 -51.34 -26.33 -35.31
N PHE F 337 -50.38 -25.46 -35.14
CA PHE F 337 -49.75 -24.82 -36.28
C PHE F 337 -48.80 -25.72 -36.97
N ILE F 338 -48.21 -26.65 -36.24
CA ILE F 338 -47.35 -27.59 -36.92
C ILE F 338 -48.18 -28.49 -37.77
N GLU F 339 -49.38 -28.86 -37.32
CA GLU F 339 -50.23 -29.75 -38.11
C GLU F 339 -50.63 -29.26 -39.48
N ALA F 340 -50.64 -27.97 -39.75
CA ALA F 340 -50.79 -27.54 -41.11
C ALA F 340 -49.38 -27.62 -41.75
N ASP F 379 -7.60 -26.41 -22.19
CA ASP F 379 -7.45 -26.28 -20.74
C ASP F 379 -6.37 -25.26 -20.41
N PRO F 380 -6.61 -24.41 -19.40
CA PRO F 380 -5.59 -23.42 -19.03
C PRO F 380 -4.85 -23.75 -17.75
N GLU F 381 -3.52 -23.86 -17.83
CA GLU F 381 -2.66 -23.93 -16.65
C GLU F 381 -3.12 -25.01 -15.67
N GLY F 382 -3.15 -26.25 -16.16
CA GLY F 382 -3.47 -27.38 -15.30
C GLY F 382 -4.86 -27.38 -14.74
N PHE F 383 -5.80 -26.66 -15.37
CA PHE F 383 -7.18 -26.61 -14.94
C PHE F 383 -8.07 -27.21 -16.02
N ILE F 384 -8.99 -28.10 -15.62
CA ILE F 384 -9.97 -28.64 -16.55
C ILE F 384 -10.80 -27.50 -17.13
N ASN F 385 -10.99 -27.53 -18.44
CA ASN F 385 -11.88 -26.55 -19.09
C ASN F 385 -13.31 -27.06 -19.02
N SER F 386 -14.21 -26.20 -18.54
CA SER F 386 -15.60 -26.64 -18.32
C SER F 386 -16.24 -27.15 -19.59
N TYR F 387 -16.02 -26.46 -20.72
CA TYR F 387 -16.59 -26.91 -21.98
C TYR F 387 -16.11 -28.32 -22.32
N ARG F 388 -14.81 -28.56 -22.16
CA ARG F 388 -14.29 -29.91 -22.39
C ARG F 388 -14.87 -30.90 -21.40
N PHE F 389 -15.05 -30.49 -20.14
CA PHE F 389 -15.62 -31.39 -19.15
C PHE F 389 -17.06 -31.75 -19.51
N MET F 390 -17.83 -30.79 -20.02
CA MET F 390 -19.18 -31.10 -20.47
C MET F 390 -19.15 -32.12 -21.61
N GLU F 391 -18.20 -31.97 -22.54
CA GLU F 391 -18.07 -32.93 -23.62
C GLU F 391 -17.76 -34.32 -23.08
N ARG F 392 -16.87 -34.41 -22.10
CA ARG F 392 -16.54 -35.71 -21.51
C ARG F 392 -17.68 -36.23 -20.65
N LEU F 393 -18.32 -35.34 -19.87
CA LEU F 393 -19.48 -35.75 -19.09
C LEU F 393 -20.60 -36.24 -19.99
N ASN F 394 -20.71 -35.69 -21.19
CA ASN F 394 -21.80 -36.07 -22.09
C ASN F 394 -21.79 -37.57 -22.37
N GLY F 395 -20.61 -38.17 -22.46
CA GLY F 395 -20.51 -39.58 -22.79
C GLY F 395 -21.01 -40.53 -21.73
N PHE F 396 -21.26 -40.05 -20.51
CA PHE F 396 -21.72 -40.89 -19.42
C PHE F 396 -23.23 -40.78 -19.19
N PHE F 397 -23.94 -40.04 -20.03
CA PHE F 397 -25.39 -39.95 -19.90
C PHE F 397 -26.03 -41.32 -20.03
N LYS F 398 -27.05 -41.56 -19.22
CA LYS F 398 -27.85 -42.76 -19.36
C LYS F 398 -28.90 -42.56 -20.45
N ASP F 399 -29.56 -43.65 -20.83
CA ASP F 399 -30.54 -43.58 -21.91
C ASP F 399 -31.73 -42.71 -21.54
N ASP F 400 -32.09 -42.65 -20.26
CA ASP F 400 -33.18 -41.82 -19.76
C ASP F 400 -32.64 -40.70 -18.88
N GLN F 401 -31.50 -40.13 -19.25
CA GLN F 401 -30.87 -39.11 -18.42
C GLN F 401 -31.72 -37.84 -18.39
N VAL F 402 -31.81 -37.23 -17.21
CA VAL F 402 -32.44 -35.93 -17.04
C VAL F 402 -31.41 -35.00 -16.41
N VAL F 403 -31.19 -33.85 -17.05
CA VAL F 403 -30.14 -32.91 -16.64
C VAL F 403 -30.81 -31.58 -16.31
N VAL F 404 -30.61 -31.12 -15.06
CA VAL F 404 -31.05 -29.80 -14.62
C VAL F 404 -29.80 -29.01 -14.23
N THR F 405 -29.82 -27.71 -14.50
CA THR F 405 -28.66 -26.87 -14.26
C THR F 405 -29.06 -25.63 -13.46
N ASP F 406 -28.09 -25.11 -12.71
CA ASP F 406 -28.20 -23.79 -12.10
C ASP F 406 -27.73 -22.77 -13.14
N MET F 407 -27.30 -21.59 -12.70
CA MET F 407 -26.83 -20.56 -13.63
C MET F 407 -25.33 -20.71 -13.86
N GLY F 408 -24.65 -19.61 -14.19
CA GLY F 408 -23.20 -19.63 -14.24
C GLY F 408 -22.66 -20.65 -15.22
N THR F 409 -21.62 -21.36 -14.78
CA THR F 409 -20.92 -22.30 -15.66
C THR F 409 -21.84 -23.42 -16.12
N ALA F 410 -22.58 -24.03 -15.19
CA ALA F 410 -23.48 -25.12 -15.56
C ALA F 410 -24.46 -24.68 -16.64
N LEU F 411 -24.92 -23.43 -16.58
CA LEU F 411 -25.85 -22.94 -17.59
C LEU F 411 -25.14 -22.73 -18.92
N LEU F 412 -24.05 -21.96 -18.92
CA LEU F 412 -23.41 -21.57 -20.16
C LEU F 412 -22.73 -22.77 -20.83
N SER F 413 -21.84 -23.46 -20.10
CA SER F 413 -21.12 -24.57 -20.70
C SER F 413 -22.05 -25.74 -21.01
N GLY F 414 -23.10 -25.92 -20.20
CA GLY F 414 -24.02 -27.02 -20.46
C GLY F 414 -24.80 -26.84 -21.76
N HIS F 415 -25.39 -25.65 -21.95
CA HIS F 415 -26.22 -25.40 -23.12
C HIS F 415 -25.41 -25.11 -24.38
N GLN F 416 -24.10 -24.94 -24.28
CA GLN F 416 -23.25 -24.70 -25.42
C GLN F 416 -22.51 -25.94 -25.89
N VAL F 417 -22.74 -27.09 -25.26
CA VAL F 417 -21.95 -28.29 -25.54
C VAL F 417 -22.83 -29.53 -25.51
N LEU F 418 -23.64 -29.66 -24.46
CA LEU F 418 -24.31 -30.93 -24.19
C LEU F 418 -25.24 -31.33 -25.34
N ARG F 419 -25.16 -32.60 -25.73
CA ARG F 419 -26.00 -33.18 -26.77
C ARG F 419 -26.97 -34.18 -26.14
N PHE F 420 -28.17 -34.24 -26.70
CA PHE F 420 -29.22 -35.09 -26.16
C PHE F 420 -29.90 -35.86 -27.29
N LYS F 421 -30.48 -37.00 -26.94
CA LYS F 421 -31.25 -37.83 -27.85
C LYS F 421 -32.60 -38.11 -27.23
N GLU F 422 -33.52 -38.64 -28.03
CA GLU F 422 -34.85 -38.97 -27.53
C GLU F 422 -34.75 -39.81 -26.27
N GLY F 423 -35.52 -39.43 -25.26
CA GLY F 423 -35.50 -40.09 -23.97
C GLY F 423 -34.77 -39.33 -22.89
N GLN F 424 -33.97 -38.34 -23.27
CA GLN F 424 -33.22 -37.52 -22.32
C GLN F 424 -33.82 -36.11 -22.28
N ARG F 425 -33.66 -35.45 -21.14
CA ARG F 425 -34.29 -34.16 -20.90
C ARG F 425 -33.25 -33.15 -20.40
N PHE F 426 -33.57 -31.87 -20.60
CA PHE F 426 -32.69 -30.77 -20.20
C PHE F 426 -33.57 -29.63 -19.72
N MET F 427 -33.38 -29.22 -18.47
CA MET F 427 -34.24 -28.22 -17.84
C MET F 427 -33.39 -27.21 -17.07
N THR F 428 -33.93 -26.00 -16.95
CA THR F 428 -33.36 -24.95 -16.12
C THR F 428 -34.33 -23.78 -16.16
N SER F 429 -33.98 -22.70 -15.46
CA SER F 429 -34.78 -21.49 -15.44
C SER F 429 -34.01 -20.41 -16.21
N THR F 430 -34.48 -20.13 -17.42
CA THR F 430 -33.85 -19.12 -18.28
C THR F 430 -34.62 -17.82 -18.33
N GLY F 431 -35.94 -17.85 -18.13
CA GLY F 431 -36.72 -16.61 -18.14
C GLY F 431 -36.27 -15.65 -17.05
N LEU F 432 -36.21 -16.13 -15.81
CA LEU F 432 -35.73 -15.32 -14.71
C LEU F 432 -34.23 -15.49 -14.47
N GLY F 433 -33.69 -16.68 -14.73
CA GLY F 433 -32.28 -16.91 -14.57
C GLY F 433 -31.80 -16.63 -13.15
N GLU F 434 -32.42 -17.30 -12.18
CA GLU F 434 -32.09 -17.10 -10.79
C GLU F 434 -31.10 -18.15 -10.32
N MET F 435 -30.18 -17.73 -9.45
CA MET F 435 -29.28 -18.67 -8.82
C MET F 435 -30.05 -19.54 -7.83
N GLY F 436 -29.52 -20.74 -7.57
CA GLY F 436 -30.17 -21.64 -6.65
C GLY F 436 -31.40 -22.33 -7.21
N TYR F 437 -31.53 -22.41 -8.53
CA TYR F 437 -32.60 -23.16 -9.16
C TYR F 437 -32.26 -24.63 -9.33
N GLY F 438 -30.97 -24.98 -9.36
CA GLY F 438 -30.58 -26.35 -9.66
C GLY F 438 -31.16 -27.34 -8.68
N LEU F 439 -30.92 -27.13 -7.38
CA LEU F 439 -31.34 -28.12 -6.39
C LEU F 439 -32.86 -28.29 -6.34
N PRO F 440 -33.67 -27.24 -6.21
CA PRO F 440 -35.12 -27.45 -6.27
C PRO F 440 -35.57 -28.09 -7.57
N ALA F 441 -34.88 -27.77 -8.68
CA ALA F 441 -35.22 -28.39 -9.95
C ALA F 441 -35.00 -29.89 -9.90
N ALA F 442 -33.90 -30.33 -9.28
CA ALA F 442 -33.65 -31.76 -9.15
C ALA F 442 -34.72 -32.42 -8.30
N LEU F 443 -35.18 -31.75 -7.25
CA LEU F 443 -36.23 -32.31 -6.40
C LEU F 443 -37.51 -32.54 -7.21
N GLY F 444 -37.94 -31.54 -7.97
CA GLY F 444 -39.17 -31.68 -8.73
C GLY F 444 -39.13 -32.81 -9.73
N VAL F 445 -37.99 -32.96 -10.42
CA VAL F 445 -37.84 -34.05 -11.38
C VAL F 445 -37.85 -35.40 -10.68
N SER F 446 -37.13 -35.50 -9.57
CA SER F 446 -37.02 -36.78 -8.87
C SER F 446 -38.40 -37.28 -8.44
N PHE F 447 -39.19 -36.40 -7.82
CA PHE F 447 -40.50 -36.81 -7.35
C PHE F 447 -41.49 -37.02 -8.49
N ALA F 448 -41.25 -36.43 -9.66
CA ALA F 448 -42.12 -36.66 -10.80
C ALA F 448 -41.93 -38.05 -11.38
N ASN F 449 -40.71 -38.58 -11.30
CA ASN F 449 -40.40 -39.93 -11.76
C ASN F 449 -40.30 -40.92 -10.61
N ASP F 450 -41.06 -40.69 -9.54
CA ASP F 450 -41.12 -41.59 -8.40
C ASP F 450 -39.72 -41.87 -7.85
N ARG F 451 -39.11 -40.79 -7.34
N ARG F 451 -39.11 -40.81 -7.31
CA ARG F 451 -37.77 -40.85 -6.76
CA ARG F 451 -37.76 -40.88 -6.75
C ARG F 451 -36.75 -41.24 -7.81
C ARG F 451 -36.74 -41.26 -7.83
N GLY F 452 -36.95 -40.76 -9.04
CA GLY F 452 -36.07 -41.08 -10.14
C GLY F 452 -34.74 -40.36 -10.06
N GLU F 453 -33.82 -40.78 -10.92
CA GLU F 453 -32.48 -40.22 -10.93
C GLU F 453 -32.46 -38.91 -11.71
N VAL F 454 -31.68 -37.95 -11.20
CA VAL F 454 -31.52 -36.66 -11.82
C VAL F 454 -30.06 -36.23 -11.69
N MET F 455 -29.50 -35.70 -12.77
CA MET F 455 -28.18 -35.11 -12.76
C MET F 455 -28.32 -33.60 -12.64
N CYS F 456 -27.71 -33.03 -11.61
CA CYS F 456 -27.84 -31.60 -11.31
C CYS F 456 -26.49 -30.94 -11.50
N LEU F 457 -26.37 -30.15 -12.56
CA LEU F 457 -25.16 -29.36 -12.82
C LEU F 457 -25.28 -28.04 -12.07
N ASN F 458 -24.50 -27.89 -11.01
CA ASN F 458 -24.60 -26.75 -10.11
C ASN F 458 -23.26 -26.04 -10.01
N CYS F 459 -23.29 -24.86 -9.41
CA CYS F 459 -22.12 -24.03 -9.23
C CYS F 459 -21.95 -23.70 -7.76
N ASP F 460 -20.78 -23.16 -7.41
CA ASP F 460 -20.50 -22.84 -6.01
C ASP F 460 -21.37 -21.69 -5.53
N GLY F 461 -21.54 -20.65 -6.35
CA GLY F 461 -22.42 -19.56 -5.99
C GLY F 461 -23.86 -20.01 -5.85
N GLY F 462 -24.42 -20.55 -6.93
CA GLY F 462 -25.83 -20.92 -6.93
C GLY F 462 -26.19 -21.94 -5.88
N MET F 463 -25.24 -22.78 -5.48
CA MET F 463 -25.52 -23.77 -4.44
C MET F 463 -25.96 -23.11 -3.15
N MET F 464 -25.50 -21.89 -2.88
CA MET F 464 -25.74 -21.28 -1.58
C MET F 464 -27.18 -20.81 -1.43
N MET F 465 -27.80 -20.32 -2.51
CA MET F 465 -29.15 -19.76 -2.40
C MET F 465 -30.10 -20.75 -1.74
N ASN F 466 -30.10 -21.99 -2.20
CA ASN F 466 -30.96 -23.03 -1.63
C ASN F 466 -30.13 -24.20 -1.13
N LEU F 467 -29.07 -23.91 -0.39
CA LEU F 467 -28.22 -24.96 0.17
C LEU F 467 -29.01 -25.88 1.08
N GLN F 468 -30.03 -25.35 1.76
CA GLN F 468 -30.76 -26.13 2.76
C GLN F 468 -31.48 -27.33 2.17
N GLU F 469 -31.64 -27.39 0.85
CA GLU F 469 -32.37 -28.50 0.25
C GLU F 469 -31.53 -29.77 0.17
N LEU F 470 -30.24 -29.71 0.51
CA LEU F 470 -29.48 -30.93 0.68
C LEU F 470 -30.09 -31.81 1.77
N GLN F 471 -30.69 -31.21 2.78
CA GLN F 471 -31.38 -31.99 3.81
C GLN F 471 -32.59 -32.71 3.23
N THR F 472 -33.34 -32.02 2.36
CA THR F 472 -34.48 -32.65 1.71
C THR F 472 -34.01 -33.79 0.80
N MET F 473 -32.86 -33.60 0.15
CA MET F 473 -32.30 -34.63 -0.72
C MET F 473 -31.90 -35.87 0.08
N VAL F 474 -31.30 -35.67 1.25
CA VAL F 474 -30.85 -36.81 2.06
C VAL F 474 -32.03 -37.47 2.75
N HIS F 475 -32.99 -36.69 3.22
CA HIS F 475 -34.13 -37.25 3.95
C HIS F 475 -34.88 -38.27 3.10
N HIS F 476 -35.04 -37.98 1.81
CA HIS F 476 -35.76 -38.86 0.90
C HIS F 476 -34.85 -39.74 0.05
N ASN F 477 -33.54 -39.68 0.27
CA ASN F 477 -32.58 -40.54 -0.43
C ASN F 477 -32.76 -40.44 -1.93
N LEU F 478 -32.86 -39.22 -2.42
CA LEU F 478 -33.12 -39.01 -3.85
C LEU F 478 -31.84 -39.27 -4.64
N PRO F 479 -31.90 -40.05 -5.71
CA PRO F 479 -30.71 -40.27 -6.53
C PRO F 479 -30.31 -39.04 -7.34
N ILE F 480 -29.88 -37.99 -6.66
CA ILE F 480 -29.50 -36.74 -7.30
C ILE F 480 -27.99 -36.71 -7.42
N LYS F 481 -27.49 -36.66 -8.66
CA LYS F 481 -26.07 -36.57 -8.94
C LYS F 481 -25.71 -35.10 -9.08
N LEU F 482 -25.20 -34.53 -8.00
CA LEU F 482 -25.00 -33.08 -7.89
C LEU F 482 -23.55 -32.74 -8.20
N PHE F 483 -23.32 -32.15 -9.37
CA PHE F 483 -22.01 -31.63 -9.72
C PHE F 483 -21.94 -30.16 -9.35
N ILE F 484 -20.79 -29.73 -8.84
CA ILE F 484 -20.58 -28.36 -8.39
C ILE F 484 -19.28 -27.87 -9.03
N PHE F 485 -19.38 -26.80 -9.81
CA PHE F 485 -18.21 -26.19 -10.46
C PHE F 485 -17.63 -25.14 -9.51
N ASN F 486 -16.47 -25.44 -8.95
CA ASN F 486 -15.78 -24.51 -8.05
C ASN F 486 -14.87 -23.61 -8.87
N ASN F 487 -15.07 -22.30 -8.76
CA ASN F 487 -14.24 -21.34 -9.47
C ASN F 487 -14.02 -20.06 -8.65
N ASP F 488 -14.07 -20.18 -7.33
CA ASP F 488 -13.76 -19.08 -6.42
C ASP F 488 -14.72 -17.91 -6.60
N GLY F 489 -16.02 -18.22 -6.57
CA GLY F 489 -17.03 -17.19 -6.56
C GLY F 489 -17.87 -17.07 -7.81
N TYR F 490 -18.21 -15.83 -8.16
CA TYR F 490 -19.12 -15.55 -9.28
C TYR F 490 -18.30 -15.28 -10.54
N LEU F 491 -17.85 -16.36 -11.18
CA LEU F 491 -17.06 -16.21 -12.40
C LEU F 491 -17.81 -15.41 -13.46
N MET F 492 -19.11 -15.66 -13.60
CA MET F 492 -19.88 -14.97 -14.62
C MET F 492 -19.84 -13.46 -14.42
N ILE F 493 -19.92 -13.01 -13.18
CA ILE F 493 -19.85 -11.57 -12.90
C ILE F 493 -18.42 -11.05 -12.99
N LYS F 494 -17.41 -11.91 -12.78
CA LYS F 494 -16.04 -11.47 -12.94
C LYS F 494 -15.80 -10.91 -14.34
N HIS F 495 -16.24 -11.65 -15.36
CA HIS F 495 -16.10 -11.16 -16.73
C HIS F 495 -16.90 -9.88 -16.96
N THR F 496 -18.05 -9.75 -16.29
CA THR F 496 -18.88 -8.58 -16.49
C THR F 496 -18.19 -7.31 -15.99
N GLN F 497 -17.66 -7.34 -14.77
CA GLN F 497 -17.00 -6.16 -14.22
C GLN F 497 -15.57 -5.99 -14.74
N LYS F 498 -14.95 -7.07 -15.24
CA LYS F 498 -13.64 -6.93 -15.85
C LYS F 498 -13.74 -6.26 -17.21
N SER F 499 -14.82 -6.49 -17.94
CA SER F 499 -15.01 -5.85 -19.24
C SER F 499 -15.42 -4.39 -19.10
N LEU F 500 -16.07 -4.04 -17.99
CA LEU F 500 -16.63 -2.70 -17.83
C LEU F 500 -15.64 -1.73 -17.19
N PHE F 501 -14.81 -2.21 -16.27
CA PHE F 501 -13.92 -1.33 -15.50
C PHE F 501 -12.45 -1.71 -15.60
N LYS F 502 -12.13 -2.97 -15.90
CA LYS F 502 -10.75 -3.40 -16.09
C LYS F 502 -9.89 -3.11 -14.85
N SER F 503 -10.45 -3.37 -13.68
CA SER F 503 -9.75 -3.15 -12.42
C SER F 503 -9.85 -4.43 -11.58
N ASP F 504 -9.68 -4.29 -10.26
CA ASP F 504 -9.77 -5.43 -9.38
C ASP F 504 -11.22 -5.88 -9.21
N TYR F 505 -11.38 -7.15 -8.82
CA TYR F 505 -12.71 -7.71 -8.62
C TYR F 505 -13.38 -7.10 -7.39
N VAL F 506 -14.71 -7.04 -7.44
CA VAL F 506 -15.52 -6.48 -6.36
C VAL F 506 -16.68 -7.44 -6.11
N GLY F 507 -16.77 -7.95 -4.89
CA GLY F 507 -17.88 -8.83 -4.52
C GLY F 507 -18.08 -10.00 -5.44
N THR F 508 -17.00 -10.64 -5.87
CA THR F 508 -17.10 -11.76 -6.80
C THR F 508 -16.17 -12.93 -6.50
N ASP F 509 -15.12 -12.75 -5.70
CA ASP F 509 -14.24 -13.85 -5.30
C ASP F 509 -13.90 -13.69 -3.83
N ARG F 510 -13.14 -14.64 -3.31
CA ARG F 510 -12.83 -14.62 -1.87
C ARG F 510 -12.11 -13.35 -1.47
N LYS F 511 -11.20 -12.86 -2.32
CA LYS F 511 -10.46 -11.64 -1.98
C LYS F 511 -11.39 -10.42 -1.93
N SER F 512 -12.51 -10.46 -2.65
CA SER F 512 -13.39 -9.31 -2.76
C SER F 512 -14.69 -9.47 -1.98
N GLY F 513 -14.82 -10.53 -1.17
CA GLY F 513 -15.89 -10.59 -0.19
C GLY F 513 -16.88 -11.73 -0.33
N VAL F 514 -16.65 -12.64 -1.26
CA VAL F 514 -17.55 -13.77 -1.50
C VAL F 514 -16.73 -15.05 -1.48
N SER F 515 -17.02 -15.93 -0.52
CA SER F 515 -16.34 -17.22 -0.40
C SER F 515 -17.38 -18.32 -0.31
N CYS F 516 -17.00 -19.51 -0.79
CA CYS F 516 -17.85 -20.68 -0.73
C CYS F 516 -17.17 -21.76 0.11
N PRO F 517 -17.94 -22.64 0.72
CA PRO F 517 -17.36 -23.68 1.58
C PRO F 517 -16.87 -24.87 0.76
N ASP F 518 -16.21 -25.79 1.47
CA ASP F 518 -15.75 -27.05 0.89
C ASP F 518 -16.94 -27.99 0.84
N PHE F 519 -17.58 -28.09 -0.34
CA PHE F 519 -18.81 -28.86 -0.47
C PHE F 519 -18.60 -30.35 -0.24
N SER F 520 -17.37 -30.85 -0.42
CA SER F 520 -17.11 -32.24 -0.06
C SER F 520 -17.20 -32.45 1.44
N ARG F 521 -16.75 -31.46 2.22
CA ARG F 521 -16.86 -31.55 3.67
C ARG F 521 -18.30 -31.35 4.14
N LEU F 522 -19.07 -30.52 3.42
CA LEU F 522 -20.49 -30.41 3.72
C LEU F 522 -21.23 -31.70 3.40
N ALA F 523 -20.87 -32.34 2.27
CA ALA F 523 -21.47 -33.61 1.93
C ALA F 523 -21.29 -34.62 3.06
N ALA F 524 -20.09 -34.67 3.63
CA ALA F 524 -19.83 -35.60 4.72
C ALA F 524 -20.65 -35.27 5.95
N ALA F 525 -20.98 -33.99 6.15
CA ALA F 525 -21.83 -33.61 7.28
C ALA F 525 -23.28 -34.05 7.06
N PHE F 526 -23.73 -34.05 5.81
CA PHE F 526 -25.08 -34.50 5.47
C PHE F 526 -25.16 -35.98 5.16
N ASP F 527 -24.06 -36.72 5.33
CA ASP F 527 -24.02 -38.16 5.03
C ASP F 527 -24.19 -38.41 3.53
N ILE F 528 -23.54 -37.60 2.71
CA ILE F 528 -23.60 -37.71 1.26
C ILE F 528 -22.22 -38.13 0.77
N PRO F 529 -22.10 -39.17 -0.05
CA PRO F 529 -20.80 -39.49 -0.64
C PRO F 529 -20.33 -38.37 -1.55
N ALA F 530 -19.07 -37.97 -1.41
CA ALA F 530 -18.53 -36.86 -2.16
C ALA F 530 -17.25 -37.26 -2.88
N TYR F 531 -17.10 -36.75 -4.10
CA TYR F 531 -15.91 -36.96 -4.91
C TYR F 531 -15.37 -35.62 -5.36
N GLN F 532 -14.16 -35.63 -5.89
N GLN F 532 -14.16 -35.64 -5.90
CA GLN F 532 -13.51 -34.43 -6.40
CA GLN F 532 -13.51 -34.43 -6.40
C GLN F 532 -12.80 -34.76 -7.71
C GLN F 532 -12.82 -34.76 -7.71
N ILE F 533 -13.00 -33.90 -8.70
CA ILE F 533 -12.37 -34.05 -10.02
C ILE F 533 -11.51 -32.80 -10.22
N ARG F 534 -10.24 -32.88 -9.85
CA ARG F 534 -9.32 -31.76 -10.01
C ARG F 534 -8.59 -31.81 -11.34
N GLY F 535 -8.43 -32.99 -11.93
CA GLY F 535 -7.74 -33.13 -13.20
C GLY F 535 -8.24 -34.32 -13.97
N TRP F 536 -7.86 -34.38 -15.25
CA TRP F 536 -8.31 -35.45 -16.13
C TRP F 536 -7.89 -36.83 -15.65
N ASP F 537 -6.94 -36.92 -14.71
CA ASP F 537 -6.42 -38.21 -14.30
C ASP F 537 -7.54 -39.10 -13.74
N GLU F 538 -8.36 -38.54 -12.85
CA GLU F 538 -9.41 -39.30 -12.17
C GLU F 538 -10.80 -39.00 -12.72
N CYS F 539 -10.88 -38.41 -13.91
CA CYS F 539 -12.17 -37.95 -14.43
C CYS F 539 -13.08 -39.12 -14.81
N ASP F 540 -12.63 -39.97 -15.73
CA ASP F 540 -13.50 -41.02 -16.26
C ASP F 540 -13.89 -42.02 -15.18
N ALA F 541 -12.95 -42.35 -14.28
CA ALA F 541 -13.26 -43.31 -13.23
C ALA F 541 -14.23 -42.73 -12.20
N THR F 542 -14.11 -41.43 -11.92
CA THR F 542 -15.03 -40.79 -10.97
C THR F 542 -16.44 -40.70 -11.56
N LEU F 543 -16.56 -40.18 -12.78
CA LEU F 543 -17.86 -40.06 -13.42
C LEU F 543 -18.59 -41.39 -13.43
N ALA F 544 -17.86 -42.47 -13.74
CA ALA F 544 -18.48 -43.80 -13.77
C ALA F 544 -19.02 -44.18 -12.41
N LYS F 545 -18.35 -43.79 -11.33
CA LYS F 545 -18.83 -44.10 -9.99
C LYS F 545 -20.04 -43.24 -9.63
N VAL F 546 -20.04 -41.98 -10.06
CA VAL F 546 -21.16 -41.09 -9.76
C VAL F 546 -22.43 -41.60 -10.42
N GLN F 547 -22.34 -42.01 -11.70
CA GLN F 547 -23.50 -42.55 -12.39
C GLN F 547 -23.94 -43.90 -11.81
N ALA F 548 -23.05 -44.62 -11.14
CA ALA F 548 -23.38 -45.91 -10.58
C ALA F 548 -24.02 -45.83 -9.20
N HIS F 549 -23.95 -44.68 -8.54
CA HIS F 549 -24.61 -44.51 -7.25
C HIS F 549 -26.12 -44.59 -7.40
N THR F 550 -26.77 -45.18 -6.39
CA THR F 550 -28.22 -45.24 -6.35
C THR F 550 -28.83 -44.14 -5.50
N GLY F 551 -28.08 -43.59 -4.55
CA GLY F 551 -28.56 -42.51 -3.72
C GLY F 551 -27.93 -41.19 -4.10
N PRO F 552 -28.10 -40.18 -3.26
CA PRO F 552 -27.50 -38.88 -3.55
C PRO F 552 -25.97 -38.95 -3.53
N VAL F 553 -25.37 -38.05 -4.30
CA VAL F 553 -23.91 -38.02 -4.41
C VAL F 553 -23.51 -36.63 -4.90
N ILE F 554 -22.40 -36.13 -4.36
CA ILE F 554 -21.84 -34.83 -4.74
C ILE F 554 -20.49 -35.06 -5.39
N CYS F 555 -20.16 -34.24 -6.37
CA CYS F 555 -18.89 -34.33 -7.08
C CYS F 555 -18.42 -32.93 -7.41
N GLU F 556 -17.35 -32.49 -6.77
CA GLU F 556 -16.79 -31.17 -7.02
C GLU F 556 -15.90 -31.21 -8.27
N VAL F 557 -16.07 -30.22 -9.14
CA VAL F 557 -15.28 -30.07 -10.34
C VAL F 557 -14.55 -28.74 -10.26
N PHE F 558 -13.22 -28.79 -10.27
CA PHE F 558 -12.40 -27.60 -10.09
C PHE F 558 -11.94 -27.09 -11.45
N MET F 559 -12.22 -25.82 -11.72
CA MET F 559 -11.84 -25.15 -12.94
C MET F 559 -11.02 -23.92 -12.62
N HIS F 560 -10.50 -23.26 -13.64
CA HIS F 560 -9.69 -22.08 -13.44
C HIS F 560 -10.56 -20.93 -12.93
N PRO F 561 -10.15 -20.21 -11.88
CA PRO F 561 -11.00 -19.15 -11.33
C PRO F 561 -11.21 -17.96 -12.26
N GLN F 562 -10.64 -17.99 -13.47
CA GLN F 562 -10.81 -16.89 -14.41
C GLN F 562 -11.08 -17.42 -15.83
N GLN F 563 -11.54 -18.66 -15.96
CA GLN F 563 -11.77 -19.24 -17.28
C GLN F 563 -12.73 -18.36 -18.08
N LEU F 564 -12.51 -18.30 -19.39
CA LEU F 564 -13.35 -17.49 -20.26
C LEU F 564 -14.62 -18.26 -20.63
N PHE F 565 -15.72 -17.52 -20.73
CA PHE F 565 -16.98 -18.04 -21.22
C PHE F 565 -17.09 -17.66 -22.69
N SER F 566 -16.98 -18.66 -23.57
CA SER F 566 -16.99 -18.41 -25.00
C SER F 566 -17.59 -19.60 -25.71
N PRO F 567 -18.15 -19.42 -26.92
CA PRO F 567 -18.31 -18.14 -27.64
C PRO F 567 -19.30 -17.19 -26.97
N LYS F 568 -19.10 -15.88 -27.09
CA LYS F 568 -19.98 -14.90 -26.45
C LYS F 568 -19.95 -13.61 -27.24
N LEU F 569 -21.12 -13.00 -27.42
CA LEU F 569 -21.23 -11.71 -28.11
C LEU F 569 -20.85 -10.62 -27.12
N GLY F 570 -19.61 -10.15 -27.20
CA GLY F 570 -19.12 -9.17 -26.25
C GLY F 570 -18.67 -7.87 -26.90
N VAL F 571 -18.65 -6.80 -26.11
CA VAL F 571 -18.26 -5.48 -26.60
C VAL F 571 -16.81 -5.52 -27.06
N SER F 581 -20.34 -2.89 -30.11
CA SER F 581 -21.19 -4.08 -30.02
C SER F 581 -21.34 -4.72 -31.40
N PRO F 582 -20.61 -5.81 -31.65
CA PRO F 582 -20.59 -6.39 -33.00
C PRO F 582 -21.92 -7.05 -33.34
N PRO F 583 -22.16 -7.33 -34.63
CA PRO F 583 -23.37 -8.07 -35.00
C PRO F 583 -23.35 -9.49 -34.43
N LEU F 584 -24.49 -10.15 -34.57
CA LEU F 584 -24.70 -11.42 -33.87
C LEU F 584 -23.76 -12.52 -34.36
N GLU F 585 -23.28 -12.43 -35.60
CA GLU F 585 -22.39 -13.46 -36.11
C GLU F 585 -20.95 -13.29 -35.63
N ASP F 586 -20.55 -12.07 -35.29
CA ASP F 586 -19.16 -11.77 -34.95
C ASP F 586 -18.97 -11.93 -33.44
N LEU F 587 -18.83 -13.17 -33.01
CA LEU F 587 -18.77 -13.51 -31.60
C LEU F 587 -17.34 -13.42 -31.08
N SER F 588 -17.16 -12.68 -29.98
CA SER F 588 -15.94 -12.77 -29.20
C SER F 588 -15.89 -14.13 -28.49
N PRO F 589 -14.71 -14.75 -28.38
CA PRO F 589 -13.39 -14.36 -28.86
C PRO F 589 -13.36 -14.55 -30.36
N LEU F 590 -12.54 -13.82 -31.09
CA LEU F 590 -12.65 -13.88 -32.54
C LEU F 590 -11.84 -15.04 -33.12
N ILE F 591 -12.12 -15.25 -34.39
CA ILE F 591 -11.48 -16.23 -35.28
C ILE F 591 -10.44 -15.45 -36.10
N PRO F 592 -9.82 -16.05 -37.12
CA PRO F 592 -8.91 -15.20 -37.90
C PRO F 592 -9.78 -14.10 -38.52
N ARG F 593 -9.43 -12.83 -38.36
CA ARG F 593 -10.31 -11.68 -38.74
C ARG F 593 -10.68 -11.53 -40.19
N ASP F 594 -9.88 -12.11 -41.07
CA ASP F 594 -10.08 -12.11 -42.51
C ASP F 594 -11.36 -12.83 -42.86
N VAL F 595 -11.67 -13.90 -42.13
CA VAL F 595 -12.85 -14.70 -42.38
C VAL F 595 -14.20 -13.99 -42.22
N LEU F 596 -14.28 -12.89 -41.48
CA LEU F 596 -15.56 -12.14 -41.32
C LEU F 596 -15.98 -11.60 -42.67
N GLU F 597 -15.02 -11.12 -43.45
CA GLU F 597 -15.35 -10.69 -44.82
C GLU F 597 -15.79 -11.85 -45.71
N GLN F 598 -15.18 -13.02 -45.59
CA GLN F 598 -15.58 -14.17 -46.39
C GLN F 598 -16.81 -14.86 -45.80
N ALA F 599 -16.91 -14.93 -44.47
CA ALA F 599 -18.07 -15.55 -43.85
C ALA F 599 -19.35 -14.83 -44.25
N MET F 600 -19.40 -13.51 -44.04
CA MET F 600 -20.56 -12.73 -44.44
C MET F 600 -20.74 -12.81 -45.95
N ILE F 601 -21.86 -13.39 -46.37
CA ILE F 601 -22.10 -13.58 -47.79
C ILE F 601 -22.16 -12.23 -48.51
N GLY F 602 -22.81 -11.25 -47.91
CA GLY F 602 -22.97 -9.93 -48.50
C GLY F 602 -21.99 -8.88 -48.02
N GLY F 603 -20.93 -9.26 -47.33
CA GLY F 603 -19.97 -8.29 -46.81
C GLY F 603 -20.16 -8.02 -45.33
N MET F 604 -19.06 -7.83 -44.61
CA MET F 604 -19.15 -7.61 -43.17
C MET F 604 -19.78 -6.26 -42.86
N HIS F 605 -20.41 -6.18 -41.69
CA HIS F 605 -21.03 -4.94 -41.25
C HIS F 605 -19.95 -3.90 -40.98
N GLU F 606 -20.37 -2.63 -40.95
CA GLU F 606 -19.42 -1.53 -40.76
C GLU F 606 -18.65 -1.67 -39.47
N LYS F 607 -19.28 -2.22 -38.42
CA LYS F 607 -18.58 -2.41 -37.16
C LYS F 607 -17.56 -3.55 -37.28
N SER F 608 -17.97 -4.66 -37.86
CA SER F 608 -17.11 -5.81 -38.07
C SER F 608 -15.75 -5.42 -38.64
PA FAD G . 31.54 -7.00 19.50
O1A FAD G . 30.36 -7.24 20.37
O2A FAD G . 31.44 -5.79 18.56
O5B FAD G . 31.88 -8.27 18.65
C5B FAD G . 31.08 -9.47 18.75
C4B FAD G . 31.18 -10.21 17.44
O4B FAD G . 31.19 -11.64 17.70
C3B FAD G . 30.01 -9.95 16.49
O3B FAD G . 30.45 -9.86 15.14
C2B FAD G . 29.10 -11.17 16.72
O2B FAD G . 28.30 -11.47 15.60
C1B FAD G . 30.15 -12.25 16.96
N9A FAD G . 29.66 -13.40 17.72
C8A FAD G . 28.68 -13.39 18.67
N7A FAD G . 28.42 -14.58 19.18
C5A FAD G . 29.28 -15.42 18.49
C6A FAD G . 29.49 -16.82 18.56
N6A FAD G . 28.83 -17.63 19.38
N1A FAD G . 30.43 -17.34 17.74
C2A FAD G . 31.09 -16.53 16.91
N3A FAD G . 30.97 -15.21 16.77
C4A FAD G . 30.04 -14.71 17.58
N1 FAD G . 37.97 -1.62 20.08
C2 FAD G . 39.27 -1.97 19.82
O2 FAD G . 39.59 -3.16 19.63
N3 FAD G . 40.24 -0.99 19.74
C4 FAD G . 40.05 0.37 19.91
O4 FAD G . 41.00 1.14 19.82
C4X FAD G . 38.67 0.73 20.20
N5 FAD G . 38.40 1.99 20.38
C5X FAD G . 37.09 2.33 20.66
C6 FAD G . 36.78 3.68 20.85
C7 FAD G . 35.48 4.09 21.14
C7M FAD G . 35.20 5.56 21.33
C8 FAD G . 34.46 3.13 21.23
C8M FAD G . 33.04 3.54 21.53
C9 FAD G . 34.76 1.79 21.03
C9A FAD G . 36.06 1.38 20.74
N10 FAD G . 36.40 0.03 20.55
C10 FAD G . 37.70 -0.34 20.26
C1' FAD G . 35.39 -1.04 20.61
C2' FAD G . 35.06 -1.64 19.25
O2' FAD G . 34.79 -0.59 18.31
C3' FAD G . 33.83 -2.53 19.35
O3' FAD G . 32.75 -1.78 19.92
C4' FAD G . 34.00 -3.81 20.16
O4' FAD G . 34.26 -3.49 21.53
C5' FAD G . 35.10 -4.69 19.62
O5' FAD G . 35.14 -5.92 20.38
P FAD G . 34.31 -7.19 19.92
O1P FAD G . 34.31 -7.28 18.39
O2P FAD G . 34.78 -8.40 20.63
O3P FAD G . 32.85 -6.81 20.39
H51A FAD G . 30.19 -9.24 18.92
H52A FAD G . 31.40 -10.01 19.45
H4B FAD G . 31.97 -9.99 17.01
H3B FAD G . 29.56 -9.17 16.74
HO3A FAD G . 30.91 -10.53 14.95
H2B FAD G . 28.57 -11.05 17.48
HO2A FAD G . 28.74 -11.90 15.03
H1B FAD G . 30.49 -12.55 16.14
H8A FAD G . 28.24 -12.63 18.95
H61A FAD G . 28.24 -17.32 19.92
H62A FAD G . 28.99 -18.49 19.36
H2A FAD G . 31.73 -16.94 16.36
HN3 FAD G . 41.05 -1.26 19.57
H6 FAD G . 37.55 4.20 20.77
HM71 FAD G . 34.28 5.68 21.48
HM72 FAD G . 35.48 6.03 20.58
HM73 FAD G . 35.67 5.87 22.09
HM81 FAD G . 32.49 2.78 21.53
HM82 FAD G . 32.74 4.14 20.87
HM83 FAD G . 33.01 3.94 22.38
H9 FAD G . 33.93 1.41 20.81
H1'1 FAD G . 34.60 -0.67 20.98
H1'2 FAD G . 35.70 -1.72 21.17
H2' FAD G . 35.79 -2.16 18.96
HO2' FAD G . 35.26 -0.70 17.64
H3' FAD G . 33.59 -2.77 18.48
HO3' FAD G . 32.09 -2.27 19.99
H4' FAD G . 33.20 -4.28 20.13
HO4' FAD G . 34.59 -4.14 21.92
H5'1 FAD G . 35.93 -4.25 19.71
H5'2 FAD G . 34.94 -4.88 18.72
MG MG H . 33.74 14.39 31.97
O2 A1H2A I . 29.09 9.01 22.22
C9 A1H2A I . 31.52 7.38 22.15
C8 A1H2A I . 31.33 8.62 23.00
C7 A1H2A I . 31.39 12.25 27.69
C6 A1H2A I . 31.11 13.12 26.49
N3 A1H2A I . 29.12 11.60 23.66
S1 A1H2A I . 31.39 11.08 24.57
C5 A1H2A I . 30.53 12.35 25.33
C4 A1H2A I . 29.33 12.50 24.73
C3 A1H2A I . 30.86 10.22 21.07
C1 A1H2A I . 30.34 9.66 22.43
C2 A1H2A I . 30.18 10.74 23.45
C2' A1H2A I . 24.62 10.11 25.11
C4' A1H2A I . 26.64 9.71 24.10
C5' A1H2A I . 26.73 11.06 23.68
C6' A1H2A I . 25.66 11.86 24.05
C7' A1H2A I . 27.86 11.61 22.90
CM2 A1H2A I . 23.46 9.59 25.91
CM4 A1H2A I . 28.28 13.51 25.10
N1' A1H2A I . 24.61 11.42 24.76
N3' A1H2A I . 25.59 9.26 24.81
N4' A1H2A I . 27.59 8.82 23.82
O10 A1H2A I . 30.14 11.08 20.49
O1A A1H2A I . 31.05 11.41 30.57
O1B A1H2A I . 35.92 11.58 29.57
O2A A1H2A I . 32.14 13.62 31.22
O2B A1H2A I . 34.65 13.33 28.28
O3A A1H2A I . 33.46 11.90 29.97
O3B A1H2A I . 35.07 13.64 30.75
O7 A1H2A I . 31.63 13.12 28.83
O9 A1H2A I . 31.96 9.80 20.64
PA A1H2A I . 32.01 12.51 30.25
PB A1H2A I . 34.86 12.66 29.62
PA FAD J . -6.05 15.94 25.39
O1A FAD J . -4.75 16.49 24.92
O2A FAD J . -6.10 14.41 25.57
O5B FAD J . -7.17 16.39 24.42
C5B FAD J . -6.86 17.18 23.24
C4B FAD J . -7.86 16.82 22.18
O4B FAD J . -8.10 17.98 21.36
C3B FAD J . -7.40 15.71 21.23
O3B FAD J . -8.46 14.82 20.92
C2B FAD J . -6.90 16.49 20.01
O2B FAD J . -7.03 15.73 18.81
C1B FAD J . -7.87 17.66 20.00
N9A FAD J . -7.37 18.85 19.32
C8A FAD J . -6.07 19.23 19.15
N7A FAD J . -5.92 20.36 18.49
C5A FAD J . -7.22 20.75 18.23
C6A FAD J . -7.75 21.87 17.56
N6A FAD J . -7.01 22.83 17.02
N1A FAD J . -9.09 21.95 17.46
C2A FAD J . -9.85 21.00 17.99
N3A FAD J . -9.46 19.90 18.65
C4A FAD J . -8.12 19.84 18.73
N1 FAD J . -9.12 14.05 33.02
C2 FAD J . -10.36 14.45 33.44
O2 FAD J . -11.02 15.28 32.81
N3 FAD J . -10.89 13.92 34.61
C4 FAD J . -10.28 12.99 35.43
O4 FAD J . -10.85 12.59 36.44
C4X FAD J . -8.97 12.58 34.97
N5 FAD J . -8.33 11.69 35.68
C5X FAD J . -7.07 11.30 35.24
C6 FAD J . -6.37 10.35 35.99
C7 FAD J . -5.11 9.91 35.61
C7M FAD J . -4.39 8.90 36.46
C8 FAD J . -4.53 10.43 34.43
C8M FAD J . -3.17 9.97 33.98
C9 FAD J . -5.23 11.36 33.67
C9A FAD J . -6.49 11.80 34.07
N10 FAD J . -7.23 12.74 33.32
C10 FAD J . -8.47 13.16 33.75
C1' FAD J . -6.69 13.33 32.08
C2' FAD J . -7.37 12.77 30.83
O2' FAD J . -7.43 11.34 30.88
C3' FAD J . -6.57 13.19 29.59
O3' FAD J . -5.23 12.75 29.75
C4' FAD J . -6.58 14.69 29.28
O4' FAD J . -5.83 15.39 30.28
C5' FAD J . -7.98 15.25 29.19
O5' FAD J . -7.91 16.62 28.74
P FAD J . -7.93 16.99 27.20
O1P FAD J . -8.92 16.09 26.44
O2P FAD J . -8.15 18.44 27.02
O3P FAD J . -6.46 16.60 26.76
H51A FAD J . -5.99 16.97 22.95
H52A FAD J . -6.92 18.09 23.45
H4B FAD J . -8.67 16.57 22.56
H3B FAD J . -6.68 15.24 21.62
HO3A FAD J . -9.06 15.24 20.52
H2B FAD J . -6.02 16.78 20.13
HO2A FAD J . -7.77 15.90 18.45
H1B FAD J . -8.68 17.40 19.59
H8A FAD J . -5.35 18.73 19.47
H61A FAD J . -6.14 22.82 17.10
H62A FAD J . -7.38 23.48 16.57
H2A FAD J . -10.77 21.10 17.90
HN3 FAD J . -11.67 14.20 34.84
H6 FAD J . -6.87 10.11 36.74
HM71 FAD J . -3.57 8.68 36.05
HM72 FAD J . -4.92 8.13 36.54
HM73 FAD J . -4.22 9.26 37.30
HM81 FAD J . -2.95 10.40 33.17
HM82 FAD J . -3.17 9.04 33.86
HM83 FAD J . -2.53 10.20 34.63
H9 FAD J . -4.56 11.77 33.18
H1'1 FAD J . -5.77 13.14 32.04
H1'2 FAD J . -6.81 14.26 32.10
H2' FAD J . -8.24 13.13 30.77
HO2' FAD J . -6.78 11.03 30.47
H3' FAD J . -6.94 12.75 28.85
HO3' FAD J . -4.78 12.95 29.08
H4' FAD J . -6.15 14.81 28.46
HO4' FAD J . -6.03 16.19 30.26
H5'1 FAD J . -8.39 15.22 30.04
H5'2 FAD J . -8.48 14.75 28.57
MG MG K . 5.48 8.99 46.26
O2 A1H2A L . 1.72 5.49 35.30
C9 A1H2A L . 0.55 7.69 36.14
C8 A1H2A L . 0.23 6.43 36.92
C7 A1H2A L . 4.59 6.99 41.17
C6 A1H2A L . 4.02 5.62 41.01
N3 A1H2A L . 3.32 4.40 37.53
S1 A1H2A L . 2.08 5.88 39.03
C5 A1H2A L . 3.52 5.29 39.63
C4 A1H2A L . 4.09 4.51 38.70
C3 A1H2A L . 0.24 3.97 36.32
C1 A1H2A L . 1.11 5.22 36.54
C2 A1H2A L . 2.17 5.10 37.56
C2' A1H2A L . 7.04 5.39 34.50
C4' A1H2A L . 4.82 5.43 35.01
C5' A1H2A L . 4.93 4.24 35.72
C6' A1H2A L . 6.19 3.68 35.76
C7' A1H2A L . 3.79 3.59 36.41
CM2 A1H2A L . 8.18 6.04 33.81
CM4 A1H2A L . 5.38 3.78 38.83
N1' A1H2A L . 7.25 4.24 35.15
N3' A1H2A L . 5.88 5.98 34.41
N4' A1H2A L . 3.66 6.09 34.88
O10 A1H2A L . 0.78 2.86 36.45
O1A A1H2A L . 5.90 9.34 41.98
O1B A1H2A L . 2.19 7.73 44.22
O2A A1H2A L . 6.00 8.45 44.39
O2B A1H2A L . 3.89 8.67 45.76
O3A A1H2A L . 3.88 9.23 43.41
O3B A1H2A L . 2.13 10.09 44.81
O7 A1H2A L . 4.77 7.22 42.58
O9 A1H2A L . -0.94 4.13 36.01
PA A1H2A L . 5.29 8.60 43.10
PB A1H2A L . 2.95 8.89 44.64
PA FAD M . 29.37 -11.70 -18.77
O1A FAD M . 29.91 -10.66 -19.70
O2A FAD M . 28.14 -11.26 -17.97
O5B FAD M . 30.49 -12.22 -17.82
C5B FAD M . 31.82 -11.67 -17.87
C4B FAD M . 32.41 -11.75 -16.48
O4B FAD M . 33.82 -12.08 -16.58
C3B FAD M . 32.33 -10.45 -15.68
O3B FAD M . 32.02 -10.70 -14.32
C2B FAD M . 33.73 -9.85 -15.86
O2B FAD M . 34.10 -9.03 -14.76
C1B FAD M . 34.59 -11.11 -15.91
N9A FAD M . 35.85 -10.93 -16.63
C8A FAD M . 36.09 -10.10 -17.69
N7A FAD M . 37.33 -10.15 -18.13
C5A FAD M . 37.93 -11.07 -17.29
C6A FAD M . 39.25 -11.57 -17.23
N6A FAD M . 40.23 -11.19 -18.07
N1A FAD M . 39.53 -12.49 -16.28
C2A FAD M . 38.56 -12.88 -15.45
N3A FAD M . 37.28 -12.48 -15.42
C4A FAD M . 37.04 -11.57 -16.36
N1 FAD M . 22.78 -16.82 -19.45
C2 FAD M . 22.83 -18.13 -19.09
O2 FAD M . 23.90 -18.71 -18.83
N3 FAD M . 21.66 -18.86 -19.01
C4 FAD M . 20.39 -18.39 -19.26
O4 FAD M . 19.42 -19.13 -19.16
C4X FAD M . 20.35 -16.98 -19.64
N5 FAD M . 19.19 -16.46 -19.89
C5X FAD M . 19.15 -15.11 -20.24
C6 FAD M . 17.92 -14.54 -20.52
C7 FAD M . 17.82 -13.19 -20.89
C7M FAD M . 16.47 -12.61 -21.18
C8 FAD M . 18.99 -12.41 -20.98
C8M FAD M . 18.92 -10.96 -21.37
C9 FAD M . 20.23 -13.00 -20.71
C9A FAD M . 20.31 -14.34 -20.34
N10 FAD M . 21.56 -14.96 -20.05
C10 FAD M . 21.60 -16.28 -19.70
C1' FAD M . 22.82 -14.20 -20.12
C2' FAD M . 23.40 -13.91 -18.75
O2' FAD M . 22.40 -13.40 -17.88
C3' FAD M . 24.53 -12.88 -18.88
O3' FAD M . 24.02 -11.76 -19.59
C4' FAD M . 25.78 -13.39 -19.59
O4' FAD M . 25.50 -13.59 -20.98
C5' FAD M . 26.31 -14.69 -18.99
O5' FAD M . 27.56 -15.01 -19.61
P FAD M . 28.93 -14.49 -19.01
O1P FAD M . 28.81 -14.41 -17.49
O2P FAD M . 30.08 -15.27 -19.53
O3P FAD M . 28.98 -13.00 -19.59
H51A FAD M . 31.79 -10.77 -18.15
H52A FAD M . 32.35 -12.16 -18.47
H4B FAD M . 31.99 -12.42 -15.99
H3B FAD M . 31.68 -9.88 -16.07
HO3A FAD M . 32.51 -11.32 -14.04
H2B FAD M . 33.78 -9.36 -16.67
HO2A FAD M . 34.36 -9.51 -14.14
H1B FAD M . 34.76 -11.40 -15.03
H8A FAD M . 35.44 -9.55 -18.06
H61A FAD M . 40.06 -10.63 -18.70
H62A FAD M . 41.02 -11.51 -17.96
H2A FAD M . 38.80 -13.51 -14.81
HN3 FAD M . 21.73 -19.70 -18.78
H6 FAD M . 17.25 -15.16 -20.43
HM71 FAD M . 16.55 -11.69 -21.38
HM72 FAD M . 15.90 -12.73 -20.43
HM73 FAD M . 16.09 -13.05 -21.92
HM81 FAD M . 19.79 -10.59 -21.35
HM82 FAD M . 18.38 -10.50 -20.77
HM83 FAD M . 18.57 -10.89 -22.24
H9 FAD M . 20.76 -12.26 -20.51
H1'1 FAD M . 22.65 -13.39 -20.56
H1'2 FAD M . 23.44 -14.71 -20.61
H2' FAD M . 23.75 -14.71 -18.39
HO2' FAD M . 22.43 -12.56 -17.89
H3' FAD M . 24.78 -12.61 -18.02
HO3' FAD M . 24.63 -11.20 -19.70
H4' FAD M . 26.44 -12.74 -19.51
HO4' FAD M . 25.91 -14.25 -21.26
H5'1 FAD M . 25.69 -15.38 -19.15
H5'2 FAD M . 26.43 -14.58 -18.07
MG MG N . 9.01 -10.24 -32.81
O2 A1H2A O . 13.96 -5.37 -22.89
C9 A1H2A O . 14.58 -9.00 -23.56
C8 A1H2A O . 14.78 -7.51 -23.41
C7 A1H2A O . 10.44 -7.24 -28.77
C6 A1H2A O . 10.49 -7.98 -27.46
N3 A1H2A O . 11.94 -5.57 -24.93
S1 A1H2A O . 12.20 -8.03 -25.26
C5 A1H2A O . 11.19 -7.22 -26.37
C4 A1H2A O . 11.15 -5.90 -26.05
C3 A1H2A O . 12.71 -7.19 -21.91
C1 A1H2A O . 13.50 -6.68 -23.16
C2 A1H2A O . 12.60 -6.64 -24.37
C2' A1H2A O . 14.71 -1.60 -26.41
C4' A1H2A O . 14.36 -3.59 -25.30
C5' A1H2A O . 12.99 -3.29 -25.15
C6' A1H2A O . 12.58 -2.08 -25.68
C7' A1H2A O . 12.02 -4.18 -24.45
CM2 A1H2A O . 15.65 -0.68 -27.12
CM4 A1H2A O . 10.38 -4.85 -26.77
N1' A1H2A O . 13.41 -1.23 -26.30
N3' A1H2A O . 15.19 -2.74 -25.94
N4' A1H2A O . 14.91 -4.72 -24.84
O10 A1H2A O . 13.08 -8.26 -21.37
O1A A1H2A O . 12.62 -9.23 -31.23
O1B A1H2A O . 8.88 -11.24 -31.09
O2A A1H2A O . 10.22 -8.48 -31.66
O2B A1H2A O . 11.14 -12.36 -30.88
O3A A1H2A O . 10.70 -10.09 -29.81
O3B A1H2A O . 9.64 -12.13 -28.86
O7 A1H2A O . 11.50 -7.72 -29.63
O9 A1H2A O . 11.74 -6.51 -21.53
PA A1H2A O . 11.27 -8.88 -30.70
PB A1H2A O . 10.07 -11.54 -30.19
PA FAD P . 15.61 29.57 -29.08
O1A FAD P . 14.93 28.37 -28.54
O2A FAD P . 17.12 29.45 -29.16
O5B FAD P . 15.22 30.82 -28.26
C5B FAD P . 14.29 30.73 -27.14
C4B FAD P . 14.74 31.70 -26.08
O4B FAD P . 13.58 32.19 -25.37
C3B FAD P . 15.68 31.11 -25.03
O3B FAD P . 16.76 32.00 -24.75
C2B FAD P . 14.77 30.91 -23.81
O2B FAD P . 15.49 31.04 -22.59
C1B FAD P . 13.77 32.05 -23.99
N9A FAD P . 12.47 31.82 -23.36
C8A FAD P . 11.85 30.61 -23.16
N7A FAD P . 10.67 30.72 -22.57
C5A FAD P . 10.51 32.08 -22.39
C6A FAD P . 9.47 32.85 -21.84
N6A FAD P . 8.35 32.34 -21.32
N1A FAD P . 9.64 34.20 -21.82
C2A FAD P . 10.75 34.73 -22.32
N3A FAD P . 11.79 34.10 -22.88
C4A FAD P . 11.61 32.78 -22.88
N1 FAD P . 18.49 31.32 -36.76
C2 FAD P . 18.40 32.55 -37.33
O2 FAD P . 17.67 33.43 -36.87
N3 FAD P . 19.14 32.84 -38.46
C4 FAD P . 20.00 31.98 -39.11
O4 FAD P . 20.61 32.34 -40.11
C4X FAD P . 20.09 30.67 -38.49
N5 FAD P . 20.88 29.80 -39.04
C5X FAD P . 20.97 28.54 -38.44
C6 FAD P . 21.81 27.60 -39.02
C7 FAD P . 21.94 26.33 -38.48
C7M FAD P . 22.87 25.34 -39.13
C8 FAD P . 21.21 25.99 -37.33
C8M FAD P . 21.33 24.61 -36.72
C9 FAD P . 20.37 26.93 -36.74
C9A FAD P . 20.24 28.21 -37.30
N10 FAD P . 19.38 29.18 -36.74
C10 FAD P . 19.30 30.44 -37.32
C1' FAD P . 18.60 28.92 -35.52
C2' FAD P . 19.22 29.58 -34.29
O2' FAD P . 20.62 29.30 -34.24
C3' FAD P . 18.58 29.00 -33.03
O3' FAD P . 18.76 27.60 -33.02
C4' FAD P . 17.09 29.32 -32.86
O4' FAD P . 16.34 28.59 -33.83
C5' FAD P . 16.79 30.80 -32.99
O5' FAD P . 15.40 31.03 -32.67
P FAD P . 14.94 31.34 -31.19
O1P FAD P . 15.98 32.26 -30.55
O2P FAD P . 13.54 31.80 -31.15
O3P FAD P . 15.06 29.90 -30.53
H51A FAD P . 14.30 29.86 -26.80
H52A FAD P . 13.43 30.95 -27.43
H4B FAD P . 15.17 32.44 -26.47
H3B FAD P . 16.01 30.28 -25.32
HO3A FAD P . 16.53 32.55 -24.18
H2B FAD P . 14.33 30.07 -23.86
HO2A FAD P . 15.50 31.83 -22.36
H1B FAD P . 14.15 32.84 -23.63
H8A FAD P . 12.22 29.80 -23.39
H61A FAD P . 8.22 31.48 -21.36
H62A FAD P . 7.76 32.86 -20.97
H2A FAD P . 10.82 35.66 -22.28
HN3 FAD P . 19.06 33.64 -38.80
H6 FAD P . 22.23 27.96 -39.76
HM71 FAD P . 22.88 24.54 -38.63
HM72 FAD P . 23.73 25.71 -39.18
HM73 FAD P . 22.56 25.16 -40.01
HM81 FAD P . 20.79 24.57 -35.94
HM82 FAD P . 22.22 24.45 -36.48
HM83 FAD P . 21.04 23.96 -37.33
H9 FAD P . 19.79 26.41 -36.24
H1'1 FAD P . 18.57 28.00 -35.39
H1'2 FAD P . 17.73 29.26 -35.64
H2' FAD P . 19.07 30.50 -34.33
HO2' FAD P . 20.76 28.64 -33.75
H3' FAD P . 19.02 29.37 -32.28
HO3' FAD P . 18.39 27.28 -32.34
H4' FAD P . 16.82 29.04 -32.01
HO4' FAD P . 15.73 29.06 -34.14
H5'1 FAD P . 16.95 31.09 -33.86
H5'2 FAD P . 17.33 31.28 -32.39
MG MG Q . 21.23 15.08 -48.56
C1 PGE R . 9.77 28.02 -61.58
O1 PGE R . 10.94 27.58 -62.27
C2 PGE R . 10.09 28.63 -60.25
O2 PGE R . 8.91 29.23 -59.72
C3 PGE R . 9.12 29.94 -58.52
C4 PGE R . 7.87 30.65 -58.11
O4 PGE R . 3.37 29.60 -56.76
C6 PGE R . 4.57 29.20 -57.40
C5 PGE R . 5.60 30.27 -57.47
O3 PGE R . 6.80 29.73 -57.99
H1 PGE R . 9.18 27.24 -61.44
H12 PGE R . 9.30 28.67 -62.13
HO1 PGE R . 11.34 27.01 -61.80
H2 PGE R . 10.41 27.94 -59.63
H22 PGE R . 10.79 29.31 -60.36
H3 PGE R . 9.39 29.32 -57.81
H32 PGE R . 9.84 30.59 -58.64
H4 PGE R . 7.64 31.34 -58.78
H42 PGE R . 8.01 31.09 -57.25
HO4 PGE R . 2.83 28.95 -56.74
H6 PGE R . 4.95 28.43 -56.91
H62 PGE R . 4.37 28.90 -58.31
H5 PGE R . 5.28 31.01 -58.04
H52 PGE R . 5.76 30.64 -56.56
O2 A1H2A S . 24.69 18.69 -37.42
C9 A1H2A S . 23.51 21.26 -38.21
C8 A1H2A S . 23.85 20.13 -39.16
C7 A1H2A S . 23.23 15.67 -43.33
C6 A1H2A S . 24.61 16.23 -43.17
N3 A1H2A S . 25.60 16.81 -39.57
S1 A1H2A S . 24.48 18.27 -41.25
C5 A1H2A S . 24.91 16.69 -41.76
C4 A1H2A S . 25.50 16.03 -40.74
C3 A1H2A S . 26.35 19.97 -38.62
C1 A1H2A S . 25.01 19.20 -38.70
C2 A1H2A S . 25.08 18.08 -39.68
C2' A1H2A S . 23.83 13.51 -36.25
C4' A1H2A S . 24.13 15.66 -37.01
C5' A1H2A S . 25.36 15.32 -37.61
C6' A1H2A S . 25.74 14.00 -37.45
C7' A1H2A S . 26.22 16.27 -38.35
CM2 A1H2A S . 23.00 12.53 -35.50
CM4 A1H2A S . 26.02 14.64 -40.78
N1' A1H2A S . 25.01 13.09 -36.79
N3' A1H2A S . 23.39 14.76 -36.34
N4' A1H2A S . 23.63 16.91 -37.07
O10 A1H2A S . 26.35 21.21 -38.83
O1A A1H2A S . 20.36 15.81 -44.08
O1B A1H2A S . 22.05 18.70 -45.88
O2A A1H2A S . 21.43 14.08 -45.66
O2B A1H2A S . 23.14 17.22 -47.57
O3A A1H2A S . 21.08 16.43 -46.39
O3B A1H2A S . 20.89 18.27 -48.06
O7 A1H2A S . 22.79 15.93 -44.69
O9 A1H2A S . 27.37 19.29 -38.34
PA A1H2A S . 21.34 15.48 -45.15
PB A1H2A S . 21.83 17.73 -47.01
PA FAD T . -44.37 -3.15 17.40
O1A FAD T . -43.30 -2.89 16.41
O2A FAD T . -45.54 -4.00 16.89
O5B FAD T . -44.90 -1.81 17.97
C5B FAD T . -44.48 -0.54 17.43
C4B FAD T . -45.60 0.45 17.61
O4B FAD T . -45.03 1.74 17.92
C3B FAD T . -46.48 0.65 16.38
O3B FAD T . -47.86 0.78 16.74
C2B FAD T . -45.91 1.91 15.74
O2B FAD T . -46.89 2.64 15.00
C1B FAD T . -45.49 2.70 16.98
N9A FAD T . -44.42 3.67 16.75
C8A FAD T . -43.34 3.54 15.93
N7A FAD T . -42.55 4.59 15.92
C5A FAD T . -43.15 5.47 16.80
C6A FAD T . -42.82 6.76 17.25
N6A FAD T . -41.73 7.42 16.84
N1A FAD T . -43.64 7.36 18.14
C2A FAD T . -44.72 6.70 18.55
N3A FAD T . -45.15 5.48 18.21
C4A FAD T . -44.31 4.91 17.32
N1 FAD T . -45.63 -9.66 22.71
C2 FAD T . -45.92 -9.49 24.03
O2 FAD T . -45.83 -8.39 24.58
N3 FAD T . -46.36 -10.57 24.79
C4 FAD T . -46.52 -11.87 24.33
O4 FAD T . -46.91 -12.74 25.09
C4X FAD T . -46.20 -12.04 22.93
N5 FAD T . -46.33 -13.23 22.40
C5X FAD T . -46.02 -13.39 21.06
C6 FAD T . -46.15 -14.65 20.50
C7 FAD T . -45.86 -14.88 19.16
C7M FAD T . -46.01 -16.26 18.60
C8 FAD T . -45.42 -13.81 18.36
C8M FAD T . -45.08 -14.01 16.90
C9 FAD T . -45.29 -12.54 18.92
C9A FAD T . -45.58 -12.32 20.26
N10 FAD T . -45.46 -11.05 20.87
C10 FAD T . -45.76 -10.87 22.20
C1' FAD T . -45.01 -9.88 20.09
C2' FAD T . -46.16 -8.92 19.79
O2' FAD T . -47.30 -9.64 19.29
C3' FAD T . -45.72 -7.89 18.75
O3' FAD T . -45.23 -8.56 17.59
C4' FAD T . -44.65 -6.91 19.22
O4' FAD T . -43.42 -7.59 19.45
C5' FAD T . -45.07 -6.16 20.47
O5' FAD T . -44.10 -5.12 20.75
P FAD T . -44.27 -3.67 20.17
O1P FAD T . -45.75 -3.30 20.13
O2P FAD T . -43.38 -2.73 20.89
O3P FAD T . -43.76 -3.86 18.68
H51A FAD T . -44.29 -0.64 16.52
H52A FAD T . -43.72 -0.25 17.89
H4B FAD T . -46.15 0.19 18.32
H3B FAD T . -46.37 -0.08 15.78
HO3A FAD T . -47.98 1.54 17.06
H2B FAD T . -45.17 1.72 15.20
HO2A FAD T . -47.26 3.19 15.50
H1B FAD T . -46.24 3.15 17.34
H8A FAD T . -43.18 2.78 15.42
H61A FAD T . -41.16 7.04 16.30
H62A FAD T . -41.59 8.23 17.11
H2A FAD T . -45.26 7.15 19.17
HN3 FAD T . -46.54 -10.42 25.62
H6 FAD T . -46.45 -15.25 21.14
HM71 FAD T . -45.82 -16.25 17.68
HM72 FAD T . -46.90 -16.55 18.72
HM73 FAD T . -45.43 -16.85 19.03
HM81 FAD T . -44.84 -13.19 16.52
HM82 FAD T . -45.84 -14.35 16.46
HM83 FAD T . -44.37 -14.61 16.83
H9 FAD T . -44.71 -12.11 18.34
H1'1 FAD T . -44.65 -10.17 19.28
H1'2 FAD T . -44.36 -9.42 20.58
H2' FAD T . -46.40 -8.47 20.59
HO2' FAD T . -47.30 -9.60 18.47
H3' FAD T . -46.49 -7.39 18.50
HO3' FAD T . -44.93 -8.01 17.05
H4' FAD T . -44.51 -6.28 18.54
HO4' FAD T . -43.01 -7.24 20.08
H5'1 FAD T . -45.11 -6.76 21.19
H5'2 FAD T . -45.91 -5.77 20.34
MG MG U . -37.56 -27.06 16.35
O2 A1H2A V . -44.71 -18.67 11.86
C9 A1H2A V . -44.55 -17.49 14.54
C8 A1H2A V . -44.05 -18.87 14.17
C7 A1H2A V . -40.48 -23.78 13.44
C6 A1H2A V . -41.95 -24.09 13.38
N3 A1H2A V . -43.99 -21.52 11.49
S1 A1H2A V . -43.27 -21.67 13.87
C5 A1H2A V . -42.78 -22.94 12.85
C4 A1H2A V . -43.25 -22.72 11.60
C3 A1H2A V . -46.29 -19.77 13.33
C1 A1H2A V . -44.79 -19.54 12.98
C2 A1H2A V . -44.10 -20.82 12.67
C2' A1H2A V . -41.68 -19.55 7.56
C4' A1H2A V . -42.85 -19.34 9.54
C5' A1H2A V . -43.54 -20.54 9.28
C6' A1H2A V . -43.22 -21.17 8.10
C7' A1H2A V . -44.57 -21.10 10.21
CM2 A1H2A V . -40.66 -19.00 6.62
CM4 A1H2A V . -43.02 -23.59 10.41
N1' A1H2A V . -42.30 -20.70 7.23
N3' A1H2A V . -41.92 -18.86 8.68
N4' A1H2A V . -43.05 -18.62 10.65
O10 A1H2A V . -46.98 -20.41 12.49
O1A A1H2A V . -37.96 -23.01 14.85
O1B A1H2A V . -38.59 -25.39 18.74
O2A A1H2A V . -37.59 -25.37 13.91
O2B A1H2A V . -40.32 -26.20 17.09
O3A A1H2A V . -38.28 -25.04 16.28
O3B A1H2A V . -40.08 -23.77 17.51
O7 A1H2A V . -39.89 -24.58 14.49
O9 A1H2A V . -46.72 -19.33 14.42
PA A1H2A V . -38.34 -24.45 14.80
PB A1H2A V . -39.37 -25.10 17.47
PA FAD W . -39.32 -19.57 -23.50
O1A FAD W . -39.99 -20.19 -22.34
O2A FAD W . -38.88 -18.11 -23.33
O5B FAD W . -40.20 -19.68 -24.77
C5B FAD W . -41.57 -20.14 -24.69
C4B FAD W . -42.36 -19.39 -25.73
O4B FAD W . -43.37 -20.27 -26.29
C3B FAD W . -43.10 -18.16 -25.21
O3B FAD W . -43.08 -17.11 -26.17
C2B FAD W . -44.52 -18.70 -24.98
O2B FAD W . -45.50 -17.67 -25.08
C1B FAD W . -44.64 -19.70 -26.13
N9A FAD W . -45.61 -20.76 -25.90
C8A FAD W . -45.91 -21.37 -24.70
N7A FAD W . -46.83 -22.31 -24.81
C5A FAD W . -47.15 -22.31 -26.15
C6A FAD W . -48.05 -23.07 -26.91
N6A FAD W . -48.85 -24.02 -26.40
N1A FAD W . -48.12 -22.82 -28.24
C2A FAD W . -47.34 -21.88 -28.76
N3A FAD W . -46.46 -21.10 -28.14
C4A FAD W . -46.40 -21.37 -26.84
N1 FAD W . -31.07 -19.04 -25.46
C2 FAD W . -30.60 -19.34 -26.71
O2 FAD W . -31.30 -19.90 -27.56
N3 FAD W . -29.29 -19.00 -27.05
C4 FAD W . -28.38 -18.37 -26.22
O4 FAD W . -27.25 -18.11 -26.62
C4X FAD W . -28.90 -18.06 -24.90
N5 FAD W . -28.10 -17.46 -24.05
C5X FAD W . -28.60 -17.17 -22.79
C6 FAD W . -27.77 -16.53 -21.88
C7 FAD W . -28.20 -16.22 -20.61
C7M FAD W . -27.27 -15.53 -19.65
C8 FAD W . -29.52 -16.54 -20.22
C8M FAD W . -30.03 -16.21 -18.84
C9 FAD W . -30.36 -17.18 -21.13
C9A FAD W . -29.91 -17.50 -22.42
N10 FAD W . -30.74 -18.14 -23.36
C10 FAD W . -30.26 -18.44 -24.62
C1' FAD W . -32.13 -18.50 -23.04
C2' FAD W . -33.14 -17.58 -23.71
O2' FAD W . -32.78 -16.21 -23.49
C3' FAD W . -34.54 -17.82 -23.13
O3' FAD W . -34.49 -17.67 -21.73
C4' FAD W . -35.14 -19.18 -23.48
O4' FAD W . -34.38 -20.22 -22.86
C5' FAD W . -35.24 -19.42 -24.97
O5' FAD W . -35.98 -20.64 -25.21
P FAD W . -37.55 -20.61 -25.39
O1P FAD W . -37.96 -19.37 -26.18
O2P FAD W . -38.03 -21.90 -25.91
O3P FAD W . -38.03 -20.41 -23.89
H51A FAD W . -41.91 -19.96 -23.84
H52A FAD W . -41.61 -21.06 -24.85
H4B FAD W . -41.80 -19.13 -26.43
H3B FAD W . -42.73 -17.89 -24.40
HO3A FAD W . -43.74 -17.19 -26.68
H2B FAD W . -44.58 -19.13 -24.15
HO2A FAD W . -45.70 -17.55 -25.89
H1B FAD W . -44.88 -19.24 -26.91
H8A FAD W . -45.51 -21.14 -23.90
H61A FAD W . -48.83 -24.19 -25.55
H62A FAD W . -49.38 -24.47 -26.92
H2A FAD W . -47.43 -21.74 -29.68
HN3 FAD W . -29.02 -19.20 -27.85
H6 FAD W . -26.93 -16.38 -22.27
HM71 FAD W . -27.71 -15.34 -18.85
HM72 FAD W . -26.96 -14.73 -20.04
HM73 FAD W . -26.53 -16.09 -19.48
HM81 FAD W . -30.93 -16.47 -18.77
HM82 FAD W . -29.95 -15.29 -18.70
HM83 FAD W . -29.53 -16.68 -18.20
H9 FAD W . -31.00 -17.57 -20.58
H1'1 FAD W . -32.24 -18.46 -22.11
H1'2 FAD W . -32.29 -19.38 -23.33
H2' FAD W . -33.15 -17.75 -24.64
HO2' FAD W . -33.20 -15.93 -22.82
H3' FAD W . -35.10 -17.17 -23.49
HO3' FAD W . -35.22 -17.86 -21.40
H4' FAD W . -36.01 -19.21 -23.12
HO4' FAD W . -34.56 -20.95 -23.23
H5'1 FAD W . -34.37 -19.50 -25.33
H5'2 FAD W . -35.67 -18.69 -25.38
MG MG X . -19.08 -20.02 -9.29
O2 A1H2A Y . -28.43 -13.04 -12.72
C9 A1H2A Y . -26.88 -15.57 -15.00
C8 A1H2A Y . -27.84 -14.90 -14.03
C7 A1H2A Y . -23.20 -16.66 -10.00
C6 A1H2A Y . -22.97 -15.35 -10.67
N3 A1H2A Y . -26.11 -13.30 -11.11
S1 A1H2A Y . -24.96 -14.91 -12.62
C5 A1H2A Y . -24.23 -14.64 -11.09
C4 A1H2A Y . -24.97 -13.75 -10.40
C3 A1H2A Y . -26.83 -12.61 -14.48
C1 A1H2A Y . -27.32 -13.60 -13.38
C2 A1H2A Y . -26.25 -13.85 -12.37
C2' A1H2A Y . -29.67 -14.09 -7.72
C4' A1H2A Y . -28.84 -14.03 -9.86
C5' A1H2A Y . -27.97 -12.97 -9.53
C6' A1H2A Y . -28.04 -12.54 -8.21
C7' A1H2A Y . -27.02 -12.33 -10.49
CM2 A1H2A Y . -30.60 -14.71 -6.73
CM4 A1H2A Y . -24.69 -13.24 -9.02
N1' A1H2A Y . -28.88 -13.08 -7.30
N3' A1H2A Y . -29.67 -14.57 -8.95
N4' A1H2A Y . -28.88 -14.55 -11.10
O10 A1H2A Y . -26.15 -11.62 -14.09
O1A A1H2A Y . -23.48 -19.61 -9.91
O1B A1H2A Y . -18.95 -19.02 -11.03
O2A A1H2A Y . -21.21 -19.28 -8.74
O2B A1H2A Y . -19.78 -20.30 -13.03
O3A A1H2A Y . -21.36 -19.67 -11.21
O3B A1H2A Y . -20.45 -17.89 -12.72
O7 A1H2A Y . -22.11 -17.55 -10.35
O9 A1H2A Y . -27.13 -12.85 -15.67
PA A1H2A Y . -22.09 -19.09 -9.91
PB A1H2A Y . -20.06 -19.19 -12.04
#